data_9EK3
#
_entry.id   9EK3
#
_cell.length_a   1.00
_cell.length_b   1.00
_cell.length_c   1.00
_cell.angle_alpha   90.00
_cell.angle_beta   90.00
_cell.angle_gamma   90.00
#
_symmetry.space_group_name_H-M   'P 1'
#
loop_
_entity.id
_entity.type
_entity.pdbx_description
1 polymer 'Matrix protein p17'
2 non-polymer 'MYRISTIC ACID'
#
_entity_poly.entity_id   1
_entity_poly.type   'polypeptide(L)'
_entity_poly.pdbx_seq_one_letter_code
;GARASVLSGGELDKWEKIRLRPGGKKQYKLKHIVWASRELERFAVNPGLLETSEGCRQILGQLQPSLQTGSEELRSLYNT
IAVLYCVHQRIDVKDTKEALDKIEEEQNKSKKKAQ
;
_entity_poly.pdbx_strand_id   A,B,C,D,E,F,G,H,I,J,K,L,M,N,O,P,Q,R,S,T,U,V,W,X,Y,Z,a,b,c,d,e,f,g,h,i,j,k,l,m
#
loop_
_chem_comp.id
_chem_comp.type
_chem_comp.name
_chem_comp.formula
MYR non-polymer 'MYRISTIC ACID' 'C14 H28 O2'
#
# COMPACT_ATOMS: atom_id res chain seq x y z
N GLY A 1 6.88 -37.65 -12.10
CA GLY A 1 5.64 -37.41 -11.36
C GLY A 1 5.14 -35.99 -11.37
N ALA A 2 5.96 -34.97 -11.77
CA ALA A 2 5.59 -33.53 -11.76
C ALA A 2 4.94 -33.14 -13.08
N ARG A 3 3.86 -33.85 -13.40
CA ARG A 3 3.19 -33.64 -14.68
C ARG A 3 1.68 -33.50 -14.66
N ALA A 4 1.03 -33.55 -13.51
CA ALA A 4 -0.44 -33.52 -13.52
C ALA A 4 -1.01 -32.30 -14.20
N SER A 5 -0.31 -31.17 -14.11
CA SER A 5 -0.82 -29.94 -14.69
C SER A 5 -1.00 -29.98 -16.20
N VAL A 6 -0.32 -30.91 -16.86
CA VAL A 6 -0.40 -30.98 -18.31
C VAL A 6 -1.13 -32.22 -18.78
N LEU A 7 -1.80 -32.91 -17.86
CA LEU A 7 -2.50 -34.11 -18.25
C LEU A 7 -3.97 -33.86 -18.52
N SER A 8 -4.53 -34.73 -19.32
CA SER A 8 -5.95 -34.74 -19.64
C SER A 8 -6.65 -34.98 -18.32
N GLY A 9 -7.76 -34.28 -18.08
CA GLY A 9 -8.47 -34.38 -16.82
C GLY A 9 -7.86 -33.47 -15.74
N GLY A 10 -6.75 -32.81 -16.09
CA GLY A 10 -6.01 -31.93 -15.21
C GLY A 10 -6.24 -30.45 -15.47
N GLU A 11 -5.25 -29.67 -15.06
CA GLU A 11 -5.28 -28.21 -15.10
C GLU A 11 -5.33 -27.61 -16.49
N LEU A 12 -4.48 -28.05 -17.44
CA LEU A 12 -4.60 -27.43 -18.77
C LEU A 12 -5.89 -27.79 -19.48
N ASP A 13 -6.39 -28.99 -19.22
CA ASP A 13 -7.61 -29.44 -19.85
C ASP A 13 -8.77 -28.54 -19.42
N LYS A 14 -8.86 -28.26 -18.11
CA LYS A 14 -9.89 -27.38 -17.60
C LYS A 14 -9.63 -25.94 -18.02
N TRP A 15 -8.37 -25.55 -18.05
CA TRP A 15 -7.99 -24.18 -18.36
C TRP A 15 -8.49 -23.68 -19.71
N GLU A 16 -8.33 -24.52 -20.72
CA GLU A 16 -8.63 -24.11 -22.09
C GLU A 16 -10.12 -24.12 -22.38
N LYS A 17 -10.95 -24.50 -21.41
CA LYS A 17 -12.38 -24.48 -21.61
C LYS A 17 -13.02 -23.17 -21.10
N ILE A 18 -12.23 -22.26 -20.54
CA ILE A 18 -12.81 -21.06 -19.94
C ILE A 18 -12.70 -19.81 -20.83
N ARG A 19 -13.85 -19.25 -21.21
CA ARG A 19 -13.91 -18.07 -22.06
C ARG A 19 -13.50 -16.74 -21.46
N LEU A 20 -12.83 -15.89 -22.26
CA LEU A 20 -12.53 -14.50 -21.94
C LEU A 20 -13.78 -13.64 -21.78
N ARG A 21 -14.74 -13.80 -22.72
CA ARG A 21 -16.04 -13.16 -22.71
C ARG A 21 -16.93 -14.21 -23.39
N PRO A 22 -18.20 -14.45 -23.08
CA PRO A 22 -18.84 -15.73 -23.38
C PRO A 22 -19.17 -15.97 -24.84
N GLY A 23 -19.60 -14.94 -25.61
CA GLY A 23 -19.96 -15.10 -27.02
C GLY A 23 -18.78 -15.16 -27.96
N GLY A 24 -17.65 -14.57 -27.58
CA GLY A 24 -16.45 -14.72 -28.40
C GLY A 24 -15.84 -16.11 -28.23
N LYS A 25 -15.26 -16.65 -29.31
CA LYS A 25 -14.61 -17.95 -29.20
C LYS A 25 -13.16 -17.83 -28.78
N LYS A 26 -12.96 -17.31 -27.58
CA LYS A 26 -11.64 -17.09 -27.02
C LYS A 26 -11.59 -17.63 -25.62
N GLN A 27 -10.66 -18.54 -25.35
CA GLN A 27 -10.51 -19.13 -24.05
C GLN A 27 -9.08 -18.90 -23.60
N TYR A 28 -8.80 -18.96 -22.28
CA TYR A 28 -7.43 -18.90 -21.78
C TYR A 28 -6.57 -20.06 -22.28
N LYS A 29 -5.39 -19.78 -22.86
CA LYS A 29 -4.50 -20.82 -23.35
C LYS A 29 -3.11 -20.74 -22.72
N LEU A 30 -2.19 -21.63 -23.14
CA LEU A 30 -0.91 -21.88 -22.50
C LEU A 30 -0.01 -20.66 -22.29
N LYS A 31 0.08 -19.76 -23.30
CA LYS A 31 0.94 -18.60 -23.26
C LYS A 31 0.51 -17.54 -22.25
N HIS A 32 -0.77 -17.56 -21.82
CA HIS A 32 -1.31 -16.67 -20.81
C HIS A 32 -0.64 -16.91 -19.46
N ILE A 33 -0.39 -18.18 -19.12
CA ILE A 33 0.36 -18.61 -17.95
C ILE A 33 1.81 -18.13 -18.00
N VAL A 34 2.47 -18.26 -19.17
CA VAL A 34 3.82 -17.78 -19.41
C VAL A 34 3.94 -16.27 -19.24
N TRP A 35 2.99 -15.50 -19.83
CA TRP A 35 2.89 -14.06 -19.65
C TRP A 35 2.69 -13.64 -18.19
N ALA A 36 1.77 -14.32 -17.46
CA ALA A 36 1.53 -14.07 -16.06
C ALA A 36 2.77 -14.32 -15.21
N SER A 37 3.50 -15.42 -15.48
CA SER A 37 4.79 -15.71 -14.87
C SER A 37 5.84 -14.64 -15.14
N ARG A 38 5.96 -14.16 -16.40
CA ARG A 38 6.87 -13.08 -16.75
C ARG A 38 6.61 -11.78 -16.02
N GLU A 39 5.35 -11.31 -16.00
CA GLU A 39 4.95 -10.09 -15.32
C GLU A 39 5.14 -10.14 -13.81
N LEU A 40 4.74 -11.26 -13.17
CA LEU A 40 4.96 -11.49 -11.76
C LEU A 40 6.43 -11.54 -11.36
N GLU A 41 7.30 -12.21 -12.15
CA GLU A 41 8.75 -12.16 -12.00
C GLU A 41 9.34 -10.76 -12.17
N ARG A 42 8.87 -9.95 -13.16
CA ARG A 42 9.29 -8.55 -13.33
C ARG A 42 9.12 -7.67 -12.11
N PHE A 43 8.01 -7.84 -11.37
CA PHE A 43 7.73 -7.10 -10.15
C PHE A 43 8.18 -7.84 -8.89
N ALA A 44 8.98 -8.90 -9.06
CA ALA A 44 9.66 -9.67 -8.01
C ALA A 44 8.78 -10.47 -7.03
N VAL A 45 7.63 -10.96 -7.52
CA VAL A 45 6.77 -11.89 -6.81
C VAL A 45 7.38 -13.28 -6.71
N ASN A 46 7.16 -14.01 -5.60
CA ASN A 46 7.65 -15.35 -5.39
C ASN A 46 6.71 -16.40 -6.04
N PRO A 47 7.09 -17.15 -7.09
CA PRO A 47 6.10 -17.89 -7.88
C PRO A 47 5.61 -19.16 -7.21
N GLY A 48 6.20 -19.59 -6.07
CA GLY A 48 5.74 -20.76 -5.30
C GLY A 48 4.34 -20.60 -4.76
N LEU A 49 3.97 -19.34 -4.49
CA LEU A 49 2.67 -18.98 -3.96
C LEU A 49 1.56 -19.11 -4.99
N LEU A 50 1.92 -19.28 -6.29
CA LEU A 50 0.98 -19.43 -7.39
C LEU A 50 0.60 -20.89 -7.59
N GLU A 51 1.12 -21.80 -6.73
CA GLU A 51 0.54 -23.17 -6.56
C GLU A 51 -0.28 -23.32 -5.27
N THR A 52 0.23 -22.83 -4.16
CA THR A 52 -0.49 -22.85 -2.89
C THR A 52 -1.83 -22.12 -2.91
N SER A 53 -2.91 -22.72 -2.37
CA SER A 53 -4.25 -22.14 -2.37
C SER A 53 -4.35 -20.81 -1.65
N GLU A 54 -3.83 -20.75 -0.41
CA GLU A 54 -3.77 -19.56 0.41
C GLU A 54 -2.90 -18.46 -0.18
N GLY A 55 -1.75 -18.83 -0.81
CA GLY A 55 -0.88 -17.90 -1.51
C GLY A 55 -1.53 -17.25 -2.71
N CYS A 56 -2.33 -18.02 -3.45
CA CYS A 56 -3.12 -17.42 -4.52
C CYS A 56 -4.12 -16.41 -3.95
N ARG A 57 -4.76 -16.77 -2.83
CA ARG A 57 -5.71 -15.89 -2.18
C ARG A 57 -5.04 -14.62 -1.61
N GLN A 58 -3.84 -14.77 -1.01
CA GLN A 58 -3.12 -13.63 -0.46
C GLN A 58 -2.67 -12.70 -1.55
N ILE A 59 -2.33 -13.27 -2.70
CA ILE A 59 -1.89 -12.49 -3.86
C ILE A 59 -3.03 -11.65 -4.45
N LEU A 60 -4.25 -12.22 -4.59
CA LEU A 60 -5.45 -11.47 -4.91
C LEU A 60 -5.77 -10.42 -3.84
N GLY A 61 -5.55 -10.79 -2.55
CA GLY A 61 -5.67 -9.88 -1.40
C GLY A 61 -4.79 -8.64 -1.53
N GLN A 62 -3.51 -8.84 -1.84
CA GLN A 62 -2.62 -7.73 -2.16
C GLN A 62 -3.02 -6.88 -3.35
N LEU A 63 -3.48 -7.49 -4.46
CA LEU A 63 -3.99 -6.76 -5.63
C LEU A 63 -5.25 -5.92 -5.35
N GLN A 64 -6.12 -6.47 -4.52
CA GLN A 64 -7.41 -5.87 -4.27
C GLN A 64 -7.48 -4.34 -4.12
N PRO A 65 -6.75 -3.63 -3.23
CA PRO A 65 -6.95 -2.19 -3.06
C PRO A 65 -6.68 -1.40 -4.32
N SER A 66 -5.80 -1.89 -5.20
CA SER A 66 -5.29 -1.15 -6.35
C SER A 66 -6.00 -1.52 -7.64
N LEU A 67 -7.07 -2.34 -7.58
CA LEU A 67 -7.84 -2.76 -8.74
C LEU A 67 -8.46 -1.64 -9.54
N GLN A 68 -9.03 -0.61 -8.86
CA GLN A 68 -9.69 0.53 -9.49
C GLN A 68 -8.77 1.32 -10.40
N THR A 69 -7.52 1.54 -9.96
CA THR A 69 -6.54 2.40 -10.59
C THR A 69 -5.60 1.64 -11.49
N GLY A 70 -5.47 0.31 -11.26
CA GLY A 70 -4.74 -0.62 -12.11
C GLY A 70 -5.16 -0.67 -13.55
N SER A 71 -4.21 -0.94 -14.42
CA SER A 71 -4.44 -1.08 -15.85
C SER A 71 -5.23 -2.34 -16.24
N GLU A 72 -5.67 -2.38 -17.51
CA GLU A 72 -6.31 -3.55 -18.07
C GLU A 72 -5.49 -4.82 -17.93
N GLU A 73 -4.14 -4.72 -18.07
CA GLU A 73 -3.22 -5.80 -17.73
C GLU A 73 -3.30 -6.26 -16.28
N LEU A 74 -3.32 -5.31 -15.31
CA LEU A 74 -3.41 -5.63 -13.90
C LEU A 74 -4.70 -6.34 -13.54
N ARG A 75 -5.84 -5.82 -14.06
CA ARG A 75 -7.14 -6.49 -13.89
C ARG A 75 -7.25 -7.83 -14.65
N SER A 76 -6.76 -7.90 -15.89
CA SER A 76 -6.68 -9.15 -16.64
C SER A 76 -5.80 -10.20 -15.96
N LEU A 77 -4.67 -9.80 -15.38
CA LEU A 77 -3.85 -10.62 -14.50
C LEU A 77 -4.59 -11.08 -13.24
N TYR A 78 -5.35 -10.18 -12.59
CA TYR A 78 -6.20 -10.55 -11.47
C TYR A 78 -7.15 -11.64 -11.91
N ASN A 79 -7.78 -11.45 -13.09
CA ASN A 79 -8.72 -12.43 -13.61
C ASN A 79 -8.00 -13.74 -13.93
N THR A 80 -6.75 -13.66 -14.45
CA THR A 80 -5.94 -14.82 -14.80
C THR A 80 -5.65 -15.62 -13.54
N ILE A 81 -5.27 -14.93 -12.44
CA ILE A 81 -4.99 -15.53 -11.14
C ILE A 81 -6.26 -16.12 -10.54
N ALA A 82 -7.38 -15.40 -10.59
CA ALA A 82 -8.67 -15.92 -10.16
C ALA A 82 -9.06 -17.20 -10.91
N VAL A 83 -8.81 -17.25 -12.22
CA VAL A 83 -9.12 -18.43 -13.00
C VAL A 83 -8.15 -19.55 -12.63
N LEU A 84 -6.86 -19.24 -12.50
CA LEU A 84 -5.90 -20.27 -12.12
C LEU A 84 -6.23 -20.81 -10.75
N TYR A 85 -6.71 -19.97 -9.83
CA TYR A 85 -7.16 -20.41 -8.51
C TYR A 85 -8.31 -21.41 -8.66
N CYS A 86 -9.32 -21.08 -9.49
CA CYS A 86 -10.44 -21.97 -9.70
C CYS A 86 -9.96 -23.30 -10.29
N VAL A 87 -9.06 -23.21 -11.27
CA VAL A 87 -8.48 -24.40 -11.91
C VAL A 87 -7.68 -25.22 -10.90
N HIS A 88 -6.87 -24.57 -10.06
CA HIS A 88 -6.18 -25.22 -8.93
C HIS A 88 -7.11 -26.01 -8.01
N GLN A 89 -8.24 -25.42 -7.62
CA GLN A 89 -9.22 -26.13 -6.81
C GLN A 89 -9.94 -27.24 -7.58
N ARG A 90 -9.89 -27.18 -8.91
CA ARG A 90 -10.63 -28.01 -9.87
C ARG A 90 -12.12 -27.66 -9.95
N ILE A 91 -12.39 -26.39 -9.66
CA ILE A 91 -13.68 -25.72 -9.82
C ILE A 91 -14.04 -25.53 -11.30
N ASP A 92 -15.33 -25.69 -11.62
CA ASP A 92 -15.84 -25.69 -12.96
C ASP A 92 -16.61 -24.40 -13.23
N VAL A 93 -16.16 -23.62 -14.23
CA VAL A 93 -16.66 -22.32 -14.61
C VAL A 93 -16.48 -22.20 -16.11
N LYS A 94 -17.40 -21.52 -16.83
CA LYS A 94 -17.38 -21.53 -18.29
C LYS A 94 -16.88 -20.19 -18.83
N ASP A 95 -16.73 -19.19 -17.94
CA ASP A 95 -16.60 -17.81 -18.31
C ASP A 95 -15.75 -17.12 -17.25
N THR A 96 -15.06 -16.04 -17.65
CA THR A 96 -14.29 -15.15 -16.79
C THR A 96 -15.14 -14.49 -15.72
N LYS A 97 -16.34 -13.98 -16.07
CA LYS A 97 -17.27 -13.44 -15.10
C LYS A 97 -17.72 -14.50 -14.11
N GLU A 98 -18.04 -15.73 -14.58
CA GLU A 98 -18.46 -16.87 -13.78
C GLU A 98 -17.40 -17.24 -12.73
N ALA A 99 -16.11 -17.21 -13.11
CA ALA A 99 -14.97 -17.30 -12.20
C ALA A 99 -14.86 -16.16 -11.18
N LEU A 100 -15.03 -14.89 -11.61
CA LEU A 100 -15.09 -13.72 -10.72
C LEU A 100 -16.25 -13.78 -9.74
N ASP A 101 -17.41 -14.26 -10.19
CA ASP A 101 -18.58 -14.56 -9.37
C ASP A 101 -18.21 -15.54 -8.24
N LYS A 102 -17.36 -16.54 -8.54
CA LYS A 102 -16.93 -17.44 -7.46
C LYS A 102 -16.21 -16.64 -6.38
N ILE A 103 -15.39 -15.66 -6.79
CA ILE A 103 -14.74 -14.83 -5.77
C ILE A 103 -15.75 -14.01 -5.01
N GLU A 104 -16.71 -13.39 -5.70
CA GLU A 104 -17.69 -12.57 -4.98
C GLU A 104 -18.52 -13.43 -4.04
N GLU A 105 -18.82 -14.65 -4.46
CA GLU A 105 -19.54 -15.61 -3.64
C GLU A 105 -18.79 -16.07 -2.40
N GLU A 106 -17.46 -16.30 -2.50
CA GLU A 106 -16.59 -16.55 -1.34
C GLU A 106 -16.58 -15.33 -0.41
N GLN A 107 -16.61 -14.13 -1.00
CA GLN A 107 -16.67 -12.88 -0.27
C GLN A 107 -17.95 -12.70 0.54
N ASN A 108 -19.01 -13.49 0.27
CA ASN A 108 -20.19 -13.40 1.12
C ASN A 108 -19.83 -13.95 2.49
N LYS A 109 -19.43 -15.23 2.56
CA LYS A 109 -19.03 -15.92 3.77
C LYS A 109 -17.80 -15.31 4.46
N SER A 110 -16.81 -14.83 3.68
CA SER A 110 -15.61 -14.19 4.25
C SER A 110 -15.89 -12.87 4.99
N LYS A 111 -16.71 -12.00 4.40
CA LYS A 111 -17.04 -10.73 5.04
C LYS A 111 -17.66 -10.86 6.44
N LYS A 112 -18.46 -11.91 6.66
CA LYS A 112 -19.28 -12.07 7.85
C LYS A 112 -18.55 -12.80 8.98
N LYS A 113 -17.21 -12.94 8.90
CA LYS A 113 -16.40 -13.56 9.94
C LYS A 113 -15.22 -12.67 10.33
N ALA A 114 -15.30 -11.37 10.00
CA ALA A 114 -14.26 -10.40 10.25
C ALA A 114 -14.69 -9.32 11.23
N GLN A 115 -15.81 -9.54 11.95
CA GLN A 115 -16.48 -8.55 12.78
C GLN A 115 -15.91 -8.42 14.23
N GLY B 1 -12.29 15.87 -33.40
CA GLY B 1 -12.73 16.57 -32.19
C GLY B 1 -11.62 16.70 -31.19
N ALA B 2 -10.60 15.79 -31.25
CA ALA B 2 -9.54 15.57 -30.25
C ALA B 2 -8.60 16.78 -30.14
N ARG B 3 -8.65 17.65 -31.14
CA ARG B 3 -7.81 18.83 -31.19
C ARG B 3 -8.41 20.02 -30.43
N ALA B 4 -9.63 19.92 -29.94
CA ALA B 4 -10.21 21.10 -29.31
C ALA B 4 -9.36 21.61 -28.13
N SER B 5 -8.78 20.67 -27.39
CA SER B 5 -8.00 20.94 -26.19
C SER B 5 -6.63 21.57 -26.45
N VAL B 6 -6.19 21.58 -27.71
CA VAL B 6 -4.84 22.03 -27.94
C VAL B 6 -4.83 23.45 -28.45
N LEU B 7 -6.00 24.05 -28.59
CA LEU B 7 -6.09 25.38 -29.12
C LEU B 7 -5.92 26.39 -27.99
N SER B 8 -5.32 27.55 -28.30
CA SER B 8 -5.13 28.60 -27.32
C SER B 8 -6.46 29.06 -26.70
N GLY B 9 -6.52 29.22 -25.38
CA GLY B 9 -7.76 29.33 -24.58
C GLY B 9 -8.16 27.99 -23.89
N GLY B 10 -7.79 26.88 -24.53
CA GLY B 10 -7.96 25.51 -24.02
C GLY B 10 -6.88 25.02 -23.08
N GLU B 11 -6.84 23.69 -22.84
CA GLU B 11 -5.97 23.08 -21.84
C GLU B 11 -4.48 23.30 -22.04
N LEU B 12 -3.98 23.25 -23.27
CA LEU B 12 -2.53 23.41 -23.37
C LEU B 12 -2.08 24.83 -23.38
N ASP B 13 -3.02 25.77 -23.42
CA ASP B 13 -2.65 27.16 -23.36
C ASP B 13 -2.23 27.38 -21.94
N LYS B 14 -3.01 26.80 -21.05
CA LYS B 14 -2.71 26.94 -19.64
C LYS B 14 -1.41 26.18 -19.29
N TRP B 15 -1.20 25.02 -19.88
CA TRP B 15 -0.08 24.15 -19.56
C TRP B 15 1.28 24.82 -19.75
N GLU B 16 1.49 25.54 -20.86
CA GLU B 16 2.77 26.17 -21.16
C GLU B 16 2.80 27.63 -20.70
N LYS B 17 1.80 28.04 -19.93
CA LYS B 17 1.84 29.32 -19.23
C LYS B 17 2.11 29.19 -17.72
N ILE B 18 2.29 27.96 -17.23
CA ILE B 18 2.54 27.72 -15.81
C ILE B 18 4.00 27.45 -15.50
N ARG B 19 4.58 28.31 -14.65
CA ARG B 19 5.96 28.16 -14.19
C ARG B 19 6.20 26.85 -13.43
N LEU B 20 7.34 26.16 -13.70
CA LEU B 20 7.70 24.95 -12.96
C LEU B 20 7.91 25.22 -11.48
N ARG B 21 8.65 26.30 -11.16
CA ARG B 21 8.78 26.87 -9.84
C ARG B 21 9.13 28.32 -10.15
N PRO B 22 8.83 29.31 -9.33
CA PRO B 22 8.65 30.69 -9.80
C PRO B 22 9.96 31.35 -10.16
N GLY B 23 11.07 31.04 -9.45
CA GLY B 23 12.39 31.57 -9.75
C GLY B 23 13.01 31.05 -11.02
N GLY B 24 12.56 29.88 -11.50
CA GLY B 24 12.97 29.34 -12.81
C GLY B 24 12.16 29.94 -13.92
N LYS B 25 12.74 30.10 -15.12
CA LYS B 25 12.08 30.77 -16.23
C LYS B 25 11.45 29.78 -17.20
N LYS B 26 11.35 28.50 -16.81
CA LYS B 26 10.77 27.43 -17.58
C LYS B 26 9.33 27.12 -17.16
N GLN B 27 8.53 26.58 -18.11
CA GLN B 27 7.15 26.21 -17.91
C GLN B 27 7.00 24.74 -18.25
N TYR B 28 5.85 24.11 -17.92
CA TYR B 28 5.52 22.78 -18.40
C TYR B 28 5.49 22.66 -19.92
N LYS B 29 5.85 21.47 -20.45
CA LYS B 29 5.86 21.20 -21.89
C LYS B 29 4.96 20.05 -22.24
N LEU B 30 4.40 20.00 -23.46
CA LEU B 30 3.42 18.94 -23.84
C LEU B 30 3.96 17.51 -23.67
N LYS B 31 5.22 17.34 -23.96
CA LYS B 31 5.89 16.06 -23.81
C LYS B 31 5.92 15.55 -22.37
N HIS B 32 5.68 16.40 -21.36
CA HIS B 32 5.48 15.98 -19.97
C HIS B 32 4.26 15.10 -19.81
N ILE B 33 3.21 15.38 -20.60
CA ILE B 33 1.98 14.58 -20.63
C ILE B 33 2.28 13.22 -21.23
N VAL B 34 3.05 13.22 -22.32
CA VAL B 34 3.53 12.00 -22.97
C VAL B 34 4.39 11.14 -22.04
N TRP B 35 5.32 11.76 -21.29
CA TRP B 35 6.11 11.11 -20.25
C TRP B 35 5.26 10.53 -19.12
N ALA B 36 4.23 11.26 -18.63
CA ALA B 36 3.26 10.75 -17.68
C ALA B 36 2.48 9.56 -18.23
N SER B 37 2.02 9.62 -19.50
CA SER B 37 1.37 8.51 -20.18
C SER B 37 2.28 7.29 -20.29
N ARG B 38 3.58 7.48 -20.63
CA ARG B 38 4.57 6.41 -20.62
C ARG B 38 4.76 5.75 -19.26
N GLU B 39 4.95 6.54 -18.18
CA GLU B 39 5.54 5.96 -16.99
C GLU B 39 4.52 5.52 -15.95
N LEU B 40 3.21 5.80 -16.17
CA LEU B 40 2.13 5.11 -15.49
C LEU B 40 2.13 3.60 -15.79
N GLU B 41 2.50 3.21 -17.03
CA GLU B 41 2.68 1.83 -17.46
C GLU B 41 3.74 1.08 -16.64
N ARG B 42 4.83 1.75 -16.22
CA ARG B 42 5.89 1.16 -15.43
C ARG B 42 5.41 0.82 -14.01
N PHE B 43 4.38 1.55 -13.54
CA PHE B 43 3.82 1.47 -12.20
C PHE B 43 2.50 0.68 -12.22
N ALA B 44 2.07 0.22 -13.41
CA ALA B 44 0.89 -0.61 -13.64
C ALA B 44 -0.44 0.12 -13.51
N VAL B 45 -0.43 1.47 -13.59
CA VAL B 45 -1.60 2.32 -13.41
C VAL B 45 -2.23 2.63 -14.76
N ASN B 46 -3.57 2.66 -14.83
CA ASN B 46 -4.33 2.92 -16.04
C ASN B 46 -4.17 4.36 -16.58
N PRO B 47 -3.63 4.64 -17.77
CA PRO B 47 -3.61 5.99 -18.32
C PRO B 47 -4.99 6.40 -18.82
N GLY B 48 -5.97 5.47 -18.89
CA GLY B 48 -7.37 5.75 -19.21
C GLY B 48 -8.08 6.57 -18.16
N LEU B 49 -7.49 6.70 -16.96
CA LEU B 49 -8.03 7.54 -15.90
C LEU B 49 -7.49 8.97 -15.98
N LEU B 50 -6.63 9.30 -16.96
CA LEU B 50 -6.26 10.69 -17.23
C LEU B 50 -7.36 11.43 -17.98
N GLU B 51 -8.30 10.67 -18.55
CA GLU B 51 -9.46 11.16 -19.31
C GLU B 51 -10.43 12.03 -18.49
N THR B 52 -10.67 11.67 -17.23
CA THR B 52 -11.57 12.41 -16.34
C THR B 52 -10.79 12.93 -15.15
N SER B 53 -11.16 14.11 -14.64
CA SER B 53 -10.44 14.74 -13.54
C SER B 53 -10.53 13.96 -12.23
N GLU B 54 -11.70 13.36 -11.93
CA GLU B 54 -11.88 12.41 -10.84
C GLU B 54 -10.96 11.20 -10.93
N GLY B 55 -10.77 10.65 -12.16
CA GLY B 55 -9.74 9.64 -12.45
C GLY B 55 -8.32 10.10 -12.18
N CYS B 56 -7.98 11.36 -12.55
CA CYS B 56 -6.70 11.98 -12.23
C CYS B 56 -6.46 12.08 -10.73
N ARG B 57 -7.50 12.44 -9.94
CA ARG B 57 -7.49 12.38 -8.50
C ARG B 57 -7.24 10.98 -7.91
N GLN B 58 -7.84 9.93 -8.51
CA GLN B 58 -7.54 8.55 -8.16
C GLN B 58 -6.08 8.14 -8.39
N ILE B 59 -5.48 8.56 -9.53
CA ILE B 59 -4.05 8.40 -9.79
C ILE B 59 -3.17 9.13 -8.76
N LEU B 60 -3.53 10.39 -8.41
CA LEU B 60 -2.88 11.15 -7.35
C LEU B 60 -2.95 10.48 -5.99
N GLY B 61 -4.11 9.87 -5.65
CA GLY B 61 -4.29 9.03 -4.47
C GLY B 61 -3.33 7.89 -4.35
N GLN B 62 -3.05 7.16 -5.45
CA GLN B 62 -2.03 6.12 -5.47
C GLN B 62 -0.62 6.63 -5.15
N LEU B 63 -0.23 7.78 -5.73
CA LEU B 63 1.09 8.38 -5.58
C LEU B 63 1.29 9.08 -4.24
N GLN B 64 0.20 9.51 -3.57
CA GLN B 64 0.22 10.29 -2.35
C GLN B 64 1.00 9.73 -1.15
N PRO B 65 0.95 8.46 -0.71
CA PRO B 65 1.75 8.00 0.41
C PRO B 65 3.20 7.74 0.01
N SER B 66 3.55 7.82 -1.29
CA SER B 66 4.90 7.53 -1.75
C SER B 66 5.72 8.78 -1.94
N LEU B 67 5.14 9.98 -1.71
CA LEU B 67 5.87 11.23 -1.75
C LEU B 67 6.98 11.36 -0.70
N GLN B 68 6.73 10.85 0.53
CA GLN B 68 7.68 10.90 1.63
C GLN B 68 9.01 10.21 1.37
N THR B 69 9.00 9.01 0.76
CA THR B 69 10.22 8.33 0.31
C THR B 69 10.05 7.96 -1.15
N GLY B 70 10.77 8.67 -2.03
CA GLY B 70 10.61 8.50 -3.46
C GLY B 70 11.45 9.52 -4.16
N SER B 71 11.71 9.33 -5.46
CA SER B 71 12.49 10.24 -6.28
C SER B 71 11.82 11.59 -6.53
N GLU B 72 12.65 12.62 -6.82
CA GLU B 72 12.20 13.93 -7.24
C GLU B 72 11.40 13.90 -8.54
N GLU B 73 11.78 13.03 -9.50
CA GLU B 73 10.95 12.72 -10.67
C GLU B 73 9.58 12.11 -10.35
N LEU B 74 9.48 11.15 -9.39
CA LEU B 74 8.21 10.61 -8.91
C LEU B 74 7.30 11.67 -8.28
N ARG B 75 7.87 12.55 -7.44
CA ARG B 75 7.19 13.73 -6.93
C ARG B 75 6.75 14.70 -8.02
N SER B 76 7.62 14.93 -9.02
CA SER B 76 7.32 15.72 -10.22
C SER B 76 6.17 15.16 -11.05
N LEU B 77 6.05 13.83 -11.17
CA LEU B 77 4.88 13.18 -11.75
C LEU B 77 3.57 13.47 -11.00
N TYR B 78 3.57 13.43 -9.65
CA TYR B 78 2.45 13.87 -8.83
C TYR B 78 2.09 15.35 -9.07
N ASN B 79 3.10 16.24 -9.10
CA ASN B 79 2.93 17.65 -9.41
C ASN B 79 2.33 17.87 -10.80
N THR B 80 2.83 17.11 -11.80
CA THR B 80 2.34 17.13 -13.19
C THR B 80 0.88 16.75 -13.30
N ILE B 81 0.47 15.69 -12.59
CA ILE B 81 -0.94 15.27 -12.59
C ILE B 81 -1.82 16.28 -11.82
N ALA B 82 -1.32 16.82 -10.70
CA ALA B 82 -2.01 17.88 -9.98
C ALA B 82 -2.32 19.10 -10.86
N VAL B 83 -1.34 19.53 -11.69
CA VAL B 83 -1.55 20.53 -12.73
C VAL B 83 -2.59 20.08 -13.77
N LEU B 84 -2.55 18.79 -14.20
CA LEU B 84 -3.62 18.31 -15.09
C LEU B 84 -5.02 18.38 -14.45
N TYR B 85 -5.20 18.06 -13.18
CA TYR B 85 -6.48 18.26 -12.52
C TYR B 85 -6.96 19.71 -12.60
N CYS B 86 -6.06 20.69 -12.29
CA CYS B 86 -6.34 22.11 -12.37
C CYS B 86 -6.66 22.61 -13.79
N VAL B 87 -5.85 22.19 -14.77
CA VAL B 87 -6.04 22.45 -16.19
C VAL B 87 -7.32 21.82 -16.73
N HIS B 88 -7.64 20.59 -16.38
CA HIS B 88 -8.87 19.98 -16.87
C HIS B 88 -10.09 20.72 -16.33
N GLN B 89 -9.98 21.27 -15.12
CA GLN B 89 -11.05 22.03 -14.49
C GLN B 89 -11.07 23.50 -14.94
N ARG B 90 -10.17 23.85 -15.87
CA ARG B 90 -10.02 25.19 -16.41
C ARG B 90 -9.66 26.24 -15.37
N ILE B 91 -8.70 25.92 -14.49
CA ILE B 91 -8.23 26.85 -13.49
C ILE B 91 -6.83 27.36 -13.80
N ASP B 92 -6.74 28.65 -14.15
CA ASP B 92 -5.49 29.29 -14.49
C ASP B 92 -4.69 29.62 -13.22
N VAL B 93 -3.44 29.13 -13.12
CA VAL B 93 -2.56 29.34 -11.98
C VAL B 93 -1.24 29.85 -12.52
N LYS B 94 -0.41 30.48 -11.65
CA LYS B 94 0.87 31.03 -12.06
C LYS B 94 2.01 30.03 -12.07
N ASP B 95 1.99 29.05 -11.15
CA ASP B 95 3.08 28.13 -10.96
C ASP B 95 2.57 26.83 -10.35
N THR B 96 3.47 25.84 -10.23
CA THR B 96 3.21 24.58 -9.53
C THR B 96 2.83 24.78 -8.07
N LYS B 97 3.48 25.73 -7.36
CA LYS B 97 3.25 26.00 -5.96
C LYS B 97 1.81 26.45 -5.66
N GLU B 98 1.25 27.32 -6.49
CA GLU B 98 -0.16 27.68 -6.40
C GLU B 98 -1.09 26.50 -6.61
N ALA B 99 -0.84 25.67 -7.64
CA ALA B 99 -1.74 24.53 -7.86
C ALA B 99 -1.73 23.61 -6.64
N LEU B 100 -0.56 23.40 -6.06
CA LEU B 100 -0.49 22.52 -4.92
C LEU B 100 -1.14 23.11 -3.67
N ASP B 101 -1.03 24.43 -3.46
CA ASP B 101 -1.72 25.05 -2.34
C ASP B 101 -3.23 24.93 -2.47
N LYS B 102 -3.76 25.08 -3.70
CA LYS B 102 -5.19 24.96 -3.89
C LYS B 102 -5.66 23.57 -3.51
N ILE B 103 -4.87 22.56 -3.87
CA ILE B 103 -5.23 21.19 -3.55
C ILE B 103 -5.22 20.94 -2.05
N GLU B 104 -4.21 21.44 -1.32
CA GLU B 104 -4.21 21.20 0.13
C GLU B 104 -5.43 21.85 0.80
N GLU B 105 -5.87 23.02 0.31
CA GLU B 105 -7.10 23.63 0.82
C GLU B 105 -8.31 22.74 0.55
N GLU B 106 -8.35 22.09 -0.62
CA GLU B 106 -9.45 21.19 -0.92
C GLU B 106 -9.40 19.97 -0.01
N GLN B 107 -8.18 19.50 0.34
CA GLN B 107 -8.03 18.33 1.22
C GLN B 107 -8.61 18.64 2.60
N ASN B 108 -8.37 19.84 3.10
CA ASN B 108 -8.92 20.28 4.39
C ASN B 108 -10.45 20.32 4.39
N LYS B 109 -11.06 20.93 3.35
CA LYS B 109 -12.50 20.94 3.15
C LYS B 109 -13.13 19.57 2.98
N SER B 110 -12.45 18.69 2.24
CA SER B 110 -12.88 17.31 2.02
C SER B 110 -12.87 16.46 3.29
N LYS B 111 -11.82 16.61 4.11
CA LYS B 111 -11.69 15.85 5.34
C LYS B 111 -12.63 16.31 6.45
N LYS B 112 -13.13 17.56 6.40
CA LYS B 112 -14.19 18.04 7.29
C LYS B 112 -15.47 17.23 7.28
N LYS B 113 -15.88 16.66 6.11
CA LYS B 113 -16.96 15.69 6.04
C LYS B 113 -16.52 14.29 5.61
N ALA B 114 -15.25 13.93 5.81
CA ALA B 114 -14.78 12.56 5.80
C ALA B 114 -14.54 12.11 7.25
N GLN B 115 -15.34 12.68 8.15
CA GLN B 115 -15.47 12.35 9.54
C GLN B 115 -16.98 12.52 9.83
N GLY C 1 32.21 12.96 6.15
CA GLY C 1 31.91 11.77 6.96
C GLY C 1 32.03 10.50 6.15
N ALA C 2 31.88 10.66 4.83
CA ALA C 2 31.98 9.63 3.83
C ALA C 2 33.31 8.87 3.80
N ARG C 3 34.46 9.51 4.14
CA ARG C 3 35.76 8.87 4.00
C ARG C 3 35.95 7.74 5.01
N ALA C 4 35.21 7.74 6.13
CA ALA C 4 35.33 6.76 7.18
C ALA C 4 34.79 5.39 6.75
N SER C 5 33.99 5.38 5.66
CA SER C 5 33.39 4.14 5.15
C SER C 5 34.33 3.15 4.44
N VAL C 6 35.41 3.64 3.85
CA VAL C 6 36.33 2.76 3.12
C VAL C 6 37.42 2.18 3.99
N LEU C 7 37.74 2.84 5.12
CA LEU C 7 38.77 2.46 6.07
C LEU C 7 38.50 1.10 6.73
N SER C 8 39.55 0.34 7.10
CA SER C 8 39.37 -0.83 7.95
C SER C 8 38.76 -0.47 9.31
N GLY C 9 37.77 -1.26 9.77
CA GLY C 9 36.87 -0.92 10.87
C GLY C 9 35.72 -0.01 10.48
N GLY C 10 35.78 0.62 9.29
CA GLY C 10 34.73 1.43 8.70
C GLY C 10 33.59 0.64 8.10
N GLU C 11 32.63 1.35 7.51
CA GLU C 11 31.38 0.71 7.10
C GLU C 11 31.57 -0.40 6.07
N LEU C 12 32.48 -0.23 5.12
CA LEU C 12 32.73 -1.29 4.16
C LEU C 12 33.47 -2.44 4.77
N ASP C 13 34.46 -2.15 5.61
CA ASP C 13 35.20 -3.28 6.17
C ASP C 13 34.27 -4.10 7.07
N LYS C 14 33.34 -3.44 7.78
CA LYS C 14 32.34 -4.20 8.54
C LYS C 14 31.41 -4.99 7.62
N TRP C 15 30.96 -4.35 6.53
CA TRP C 15 30.05 -4.95 5.56
C TRP C 15 30.59 -6.27 5.04
N GLU C 16 31.85 -6.29 4.65
CA GLU C 16 32.39 -7.47 4.03
C GLU C 16 32.77 -8.60 5.00
N LYS C 17 32.56 -8.40 6.30
CA LYS C 17 32.83 -9.42 7.29
C LYS C 17 31.55 -10.07 7.82
N ILE C 18 30.40 -9.70 7.25
CA ILE C 18 29.12 -10.25 7.76
C ILE C 18 28.63 -11.44 6.93
N ARG C 19 28.41 -12.57 7.61
CA ARG C 19 28.01 -13.82 6.99
C ARG C 19 26.58 -13.92 6.41
N LEU C 20 26.43 -14.58 5.24
CA LEU C 20 25.14 -14.88 4.63
C LEU C 20 24.24 -15.81 5.46
N ARG C 21 24.81 -16.85 6.10
CA ARG C 21 24.07 -17.72 6.99
C ARG C 21 25.02 -18.01 8.13
N PRO C 22 24.60 -18.32 9.38
CA PRO C 22 25.48 -18.44 10.57
C PRO C 22 26.79 -19.27 10.43
N GLY C 23 26.75 -20.48 9.80
CA GLY C 23 27.95 -21.28 9.57
C GLY C 23 28.40 -21.19 8.13
N GLY C 24 27.73 -20.36 7.32
CA GLY C 24 28.02 -20.14 5.92
C GLY C 24 29.35 -19.50 5.64
N LYS C 25 29.98 -19.86 4.52
CA LYS C 25 31.33 -19.45 4.21
C LYS C 25 31.35 -18.23 3.30
N LYS C 26 30.16 -17.69 3.02
CA LYS C 26 29.95 -16.51 2.20
C LYS C 26 29.67 -15.29 3.06
N GLN C 27 30.19 -14.16 2.62
CA GLN C 27 30.02 -12.87 3.25
C GLN C 27 29.60 -11.85 2.20
N TYR C 28 28.98 -10.77 2.64
CA TYR C 28 28.56 -9.71 1.72
C TYR C 28 29.77 -9.06 1.07
N LYS C 29 29.62 -8.63 -0.17
CA LYS C 29 30.69 -7.95 -0.93
C LYS C 29 30.27 -6.53 -1.32
N LEU C 30 31.23 -5.65 -1.66
CA LEU C 30 30.87 -4.32 -2.14
C LEU C 30 29.91 -4.29 -3.32
N LYS C 31 30.07 -5.22 -4.29
CA LYS C 31 29.30 -5.28 -5.51
C LYS C 31 27.82 -5.61 -5.31
N HIS C 32 27.48 -6.16 -4.12
CA HIS C 32 26.11 -6.42 -3.68
C HIS C 32 25.28 -5.14 -3.64
N ILE C 33 25.91 -4.12 -3.07
CA ILE C 33 25.31 -2.80 -2.88
C ILE C 33 24.91 -2.16 -4.20
N VAL C 34 25.77 -2.26 -5.24
CA VAL C 34 25.52 -1.72 -6.57
C VAL C 34 24.31 -2.33 -7.26
N TRP C 35 24.15 -3.67 -7.17
CA TRP C 35 22.95 -4.37 -7.59
C TRP C 35 21.70 -3.92 -6.85
N ALA C 36 21.79 -3.76 -5.51
CA ALA C 36 20.71 -3.26 -4.69
C ALA C 36 20.27 -1.85 -5.04
N SER C 37 21.23 -0.91 -5.25
CA SER C 37 20.91 0.44 -5.72
C SER C 37 20.25 0.50 -7.08
N ARG C 38 20.70 -0.31 -8.06
CA ARG C 38 20.04 -0.43 -9.35
C ARG C 38 18.62 -0.99 -9.27
N GLU C 39 18.39 -2.02 -8.44
CA GLU C 39 17.05 -2.51 -8.17
C GLU C 39 16.16 -1.50 -7.46
N LEU C 40 16.69 -0.73 -6.48
CA LEU C 40 16.02 0.39 -5.85
C LEU C 40 15.59 1.49 -6.83
N GLU C 41 16.40 1.77 -7.88
CA GLU C 41 16.06 2.67 -8.98
C GLU C 41 14.77 2.26 -9.70
N ARG C 42 14.54 0.95 -9.92
CA ARG C 42 13.30 0.43 -10.49
C ARG C 42 12.06 0.77 -9.69
N PHE C 43 12.17 0.74 -8.34
CA PHE C 43 11.07 0.97 -7.42
C PHE C 43 11.01 2.41 -6.93
N ALA C 44 11.90 3.28 -7.48
CA ALA C 44 11.86 4.73 -7.37
C ALA C 44 12.21 5.30 -6.00
N VAL C 45 12.88 4.52 -5.13
CA VAL C 45 13.30 4.91 -3.80
C VAL C 45 14.37 6.00 -3.80
N ASN C 46 14.36 6.94 -2.82
CA ASN C 46 15.39 7.96 -2.69
C ASN C 46 16.69 7.38 -2.08
N PRO C 47 17.85 7.29 -2.76
CA PRO C 47 19.07 6.77 -2.14
C PRO C 47 19.73 7.78 -1.22
N GLY C 48 19.23 9.03 -1.13
CA GLY C 48 19.69 10.03 -0.17
C GLY C 48 19.40 9.64 1.27
N LEU C 49 18.39 8.77 1.47
CA LEU C 49 18.04 8.22 2.77
C LEU C 49 19.07 7.23 3.29
N LEU C 50 19.98 6.74 2.43
CA LEU C 50 21.06 5.84 2.82
C LEU C 50 22.15 6.54 3.60
N GLU C 51 22.16 7.89 3.66
CA GLU C 51 22.98 8.67 4.57
C GLU C 51 22.75 8.37 6.06
N THR C 52 21.48 8.17 6.48
CA THR C 52 21.09 8.17 7.89
C THR C 52 20.55 6.83 8.34
N SER C 53 20.71 6.51 9.64
CA SER C 53 20.04 5.37 10.28
C SER C 53 18.53 5.47 10.23
N GLU C 54 17.97 6.66 10.49
CA GLU C 54 16.56 6.98 10.36
C GLU C 54 15.99 6.78 8.95
N GLY C 55 16.72 7.22 7.91
CA GLY C 55 16.36 6.97 6.51
C GLY C 55 16.40 5.52 6.11
N CYS C 56 17.41 4.76 6.57
CA CYS C 56 17.45 3.31 6.43
C CYS C 56 16.27 2.62 7.12
N ARG C 57 15.90 3.07 8.33
CA ARG C 57 14.70 2.67 9.04
C ARG C 57 13.39 2.96 8.31
N GLN C 58 13.26 4.13 7.64
CA GLN C 58 12.18 4.42 6.71
C GLN C 58 12.10 3.46 5.53
N ILE C 59 13.25 3.10 4.91
CA ILE C 59 13.35 2.09 3.87
C ILE C 59 12.89 0.72 4.34
N LEU C 60 13.26 0.30 5.57
CA LEU C 60 12.69 -0.89 6.20
C LEU C 60 11.17 -0.81 6.37
N GLY C 61 10.64 0.35 6.81
CA GLY C 61 9.21 0.60 6.97
C GLY C 61 8.39 0.44 5.70
N GLN C 62 8.81 1.07 4.58
CA GLN C 62 8.13 0.94 3.30
C GLN C 62 8.17 -0.46 2.71
N LEU C 63 9.31 -1.18 2.84
CA LEU C 63 9.44 -2.58 2.44
C LEU C 63 8.58 -3.56 3.24
N GLN C 64 8.51 -3.34 4.56
CA GLN C 64 8.01 -4.32 5.52
C GLN C 64 6.68 -5.02 5.17
N PRO C 65 5.52 -4.34 4.88
CA PRO C 65 4.26 -5.02 4.61
C PRO C 65 4.30 -5.86 3.34
N SER C 66 5.24 -5.59 2.43
CA SER C 66 5.24 -6.17 1.10
C SER C 66 6.14 -7.40 1.00
N LEU C 67 6.77 -7.75 2.12
CA LEU C 67 7.75 -8.83 2.09
C LEU C 67 7.12 -10.22 1.89
N GLN C 68 5.88 -10.42 2.35
CA GLN C 68 5.26 -11.75 2.36
C GLN C 68 5.15 -12.46 1.02
N THR C 69 4.92 -11.74 -0.05
CA THR C 69 4.76 -12.38 -1.37
C THR C 69 6.01 -12.27 -2.22
N GLY C 70 7.07 -11.57 -1.73
CA GLY C 70 8.26 -11.27 -2.49
C GLY C 70 9.27 -12.39 -2.64
N SER C 71 10.10 -12.29 -3.67
CA SER C 71 11.15 -13.24 -3.95
C SER C 71 12.27 -13.19 -2.92
N GLU C 72 13.14 -14.22 -2.94
CA GLU C 72 14.27 -14.27 -2.02
C GLU C 72 15.21 -13.08 -2.18
N GLU C 73 15.31 -12.58 -3.43
CA GLU C 73 15.93 -11.29 -3.76
C GLU C 73 15.23 -10.05 -3.18
N LEU C 74 13.89 -10.05 -3.12
CA LEU C 74 13.19 -8.90 -2.56
C LEU C 74 13.52 -8.86 -1.07
N ARG C 75 13.50 -10.04 -0.46
CA ARG C 75 13.85 -10.18 0.94
C ARG C 75 15.33 -9.81 1.14
N SER C 76 16.19 -10.16 0.17
CA SER C 76 17.60 -9.79 0.23
C SER C 76 17.73 -8.28 0.26
N LEU C 77 16.95 -7.54 -0.54
CA LEU C 77 17.06 -6.07 -0.50
C LEU C 77 16.69 -5.57 0.90
N TYR C 78 15.66 -6.14 1.51
CA TYR C 78 15.26 -5.80 2.87
C TYR C 78 16.39 -6.11 3.86
N ASN C 79 16.96 -7.30 3.76
CA ASN C 79 18.01 -7.76 4.65
C ASN C 79 19.26 -6.89 4.50
N THR C 80 19.52 -6.44 3.26
CA THR C 80 20.65 -5.59 2.93
C THR C 80 20.54 -4.31 3.71
N ILE C 81 19.34 -3.74 3.72
CA ILE C 81 19.07 -2.53 4.45
C ILE C 81 19.18 -2.77 5.95
N ALA C 82 18.65 -3.89 6.46
CA ALA C 82 18.74 -4.17 7.90
C ALA C 82 20.20 -4.23 8.37
N VAL C 83 21.08 -4.83 7.56
CA VAL C 83 22.51 -4.90 7.88
C VAL C 83 23.13 -3.51 7.76
N LEU C 84 22.77 -2.72 6.73
CA LEU C 84 23.27 -1.34 6.64
C LEU C 84 22.80 -0.50 7.84
N TYR C 85 21.54 -0.63 8.27
CA TYR C 85 21.10 -0.01 9.51
C TYR C 85 21.96 -0.39 10.73
N CYS C 86 22.25 -1.70 10.92
CA CYS C 86 23.12 -2.18 12.00
C CYS C 86 24.53 -1.63 11.92
N VAL C 87 25.12 -1.64 10.71
CA VAL C 87 26.41 -1.02 10.44
C VAL C 87 26.40 0.48 10.70
N HIS C 88 25.37 1.22 10.24
CA HIS C 88 25.17 2.65 10.50
C HIS C 88 25.07 3.03 11.97
N GLN C 89 24.38 2.21 12.78
CA GLN C 89 24.30 2.38 14.22
C GLN C 89 25.59 1.96 14.95
N ARG C 90 26.56 1.40 14.18
CA ARG C 90 27.88 0.92 14.62
C ARG C 90 27.84 -0.29 15.57
N ILE C 91 26.93 -1.22 15.30
CA ILE C 91 26.74 -2.43 16.09
C ILE C 91 27.06 -3.63 15.22
N ASP C 92 28.14 -4.36 15.57
CA ASP C 92 28.71 -5.43 14.77
C ASP C 92 27.94 -6.74 14.85
N VAL C 93 26.79 -6.85 14.16
CA VAL C 93 26.12 -8.10 13.88
C VAL C 93 26.96 -9.02 13.00
N LYS C 94 26.98 -10.34 13.26
CA LYS C 94 27.95 -11.23 12.64
C LYS C 94 27.39 -12.00 11.45
N ASP C 95 26.06 -12.12 11.34
CA ASP C 95 25.43 -12.87 10.28
C ASP C 95 24.07 -12.27 9.97
N THR C 96 23.52 -12.61 8.79
CA THR C 96 22.24 -12.04 8.34
C THR C 96 21.05 -12.44 9.20
N LYS C 97 20.96 -13.73 9.58
CA LYS C 97 19.89 -14.16 10.44
C LYS C 97 19.92 -13.48 11.80
N GLU C 98 21.13 -13.32 12.37
CA GLU C 98 21.39 -12.55 13.57
C GLU C 98 21.02 -11.08 13.49
N ALA C 99 21.33 -10.42 12.35
CA ALA C 99 20.99 -9.04 12.06
C ALA C 99 19.49 -8.75 12.14
N LEU C 100 18.65 -9.72 11.69
CA LEU C 100 17.21 -9.61 11.74
C LEU C 100 16.62 -9.67 13.13
N ASP C 101 17.37 -10.15 14.15
CA ASP C 101 16.92 -10.25 15.53
C ASP C 101 17.15 -8.96 16.29
N LYS C 102 17.50 -7.87 15.58
CA LYS C 102 17.44 -6.52 16.12
C LYS C 102 16.32 -5.71 15.48
N ILE C 103 15.61 -6.25 14.47
CA ILE C 103 14.71 -5.45 13.64
C ILE C 103 13.29 -5.53 14.17
N GLU C 104 13.00 -6.51 15.04
CA GLU C 104 11.80 -6.60 15.84
C GLU C 104 12.06 -6.19 17.28
N GLU C 105 13.33 -6.20 17.74
CA GLU C 105 13.77 -5.52 18.97
C GLU C 105 13.51 -4.02 18.90
N GLU C 106 13.78 -3.37 17.74
CA GLU C 106 13.34 -2.02 17.42
C GLU C 106 11.82 -1.85 17.52
N GLN C 107 11.07 -2.87 17.08
CA GLN C 107 9.60 -2.83 17.14
C GLN C 107 9.08 -2.91 18.58
N ASN C 108 9.79 -3.59 19.45
CA ASN C 108 9.42 -3.62 20.87
C ASN C 108 9.35 -2.23 21.48
N LYS C 109 10.38 -1.39 21.24
CA LYS C 109 10.48 -0.09 21.89
C LYS C 109 9.65 0.93 21.13
N SER C 110 9.41 0.68 19.83
CA SER C 110 8.45 1.45 19.06
C SER C 110 6.98 1.20 19.44
N LYS C 111 6.61 -0.07 19.65
CA LYS C 111 5.23 -0.47 19.90
C LYS C 111 4.59 0.13 21.14
N LYS C 112 5.34 0.26 22.25
CA LYS C 112 4.88 0.95 23.45
C LYS C 112 4.52 2.41 23.23
N LYS C 113 5.36 3.14 22.47
CA LYS C 113 5.10 4.50 22.03
C LYS C 113 3.95 4.61 21.04
N ALA C 114 3.96 3.70 20.04
CA ALA C 114 3.02 3.63 18.94
C ALA C 114 1.82 2.77 19.29
N GLN C 115 1.17 3.12 20.41
CA GLN C 115 -0.02 2.47 20.92
C GLN C 115 -1.28 3.25 20.51
N GLY D 1 -25.62 67.62 -38.64
CA GLY D 1 -25.07 67.02 -37.41
C GLY D 1 -24.13 65.85 -37.59
N ALA D 2 -24.15 65.21 -38.78
CA ALA D 2 -23.20 64.20 -39.20
C ALA D 2 -21.78 64.76 -39.42
N ARG D 3 -21.62 66.09 -39.48
CA ARG D 3 -20.33 66.76 -39.44
C ARG D 3 -20.05 67.41 -38.09
N ALA D 4 -20.97 67.31 -37.10
CA ALA D 4 -20.77 67.88 -35.78
C ALA D 4 -20.01 66.94 -34.85
N SER D 5 -20.07 65.61 -35.10
CA SER D 5 -19.46 64.61 -34.25
C SER D 5 -18.09 64.17 -34.76
N VAL D 6 -17.64 64.70 -35.91
CA VAL D 6 -16.35 64.35 -36.49
C VAL D 6 -15.28 65.35 -36.09
N LEU D 7 -15.66 66.30 -35.22
CA LEU D 7 -14.84 67.40 -34.77
C LEU D 7 -13.88 67.04 -33.65
N SER D 8 -12.84 67.88 -33.48
CA SER D 8 -11.91 67.81 -32.35
C SER D 8 -12.57 68.07 -31.00
N GLY D 9 -12.04 67.44 -29.93
CA GLY D 9 -12.54 67.50 -28.57
C GLY D 9 -13.61 66.47 -28.31
N GLY D 10 -14.61 66.43 -29.21
CA GLY D 10 -15.75 65.52 -29.21
C GLY D 10 -15.48 64.09 -29.62
N GLU D 11 -16.55 63.42 -30.10
CA GLU D 11 -16.64 61.96 -30.24
C GLU D 11 -15.54 61.23 -31.06
N LEU D 12 -15.16 61.76 -32.24
CA LEU D 12 -14.07 61.15 -33.02
C LEU D 12 -12.71 61.28 -32.31
N ASP D 13 -12.47 62.46 -31.72
CA ASP D 13 -11.29 62.76 -30.93
C ASP D 13 -11.17 61.84 -29.70
N LYS D 14 -12.30 61.51 -29.01
CA LYS D 14 -12.31 60.43 -28.02
C LYS D 14 -12.06 59.03 -28.62
N TRP D 15 -12.83 58.69 -29.65
CA TRP D 15 -12.94 57.34 -30.23
C TRP D 15 -11.65 56.71 -30.74
N GLU D 16 -10.88 57.48 -31.51
CA GLU D 16 -9.74 56.97 -32.23
C GLU D 16 -8.54 56.62 -31.34
N LYS D 17 -8.59 57.03 -30.05
CA LYS D 17 -7.50 56.84 -29.10
C LYS D 17 -7.76 55.64 -28.20
N ILE D 18 -8.92 55.01 -28.28
CA ILE D 18 -9.27 53.95 -27.32
C ILE D 18 -8.51 52.65 -27.63
N ARG D 19 -7.90 52.02 -26.62
CA ARG D 19 -7.13 50.79 -26.83
C ARG D 19 -8.00 49.56 -27.12
N LEU D 20 -7.56 48.70 -28.04
CA LEU D 20 -8.34 47.49 -28.36
C LEU D 20 -8.42 46.57 -27.14
N ARG D 21 -7.36 46.55 -26.36
CA ARG D 21 -7.25 45.78 -25.15
C ARG D 21 -6.67 46.78 -24.17
N PRO D 22 -7.19 46.97 -22.95
CA PRO D 22 -6.79 48.04 -22.05
C PRO D 22 -5.30 48.34 -21.87
N GLY D 23 -4.44 47.32 -21.86
CA GLY D 23 -3.02 47.63 -21.71
C GLY D 23 -2.25 47.55 -23.04
N GLY D 24 -2.91 47.09 -24.10
CA GLY D 24 -2.24 46.85 -25.38
C GLY D 24 -2.30 48.06 -26.27
N LYS D 25 -1.27 48.30 -27.09
CA LYS D 25 -1.14 49.59 -27.76
C LYS D 25 -1.77 49.68 -29.15
N LYS D 26 -2.38 48.61 -29.70
CA LYS D 26 -3.33 48.76 -30.79
C LYS D 26 -4.58 49.56 -30.38
N GLN D 27 -5.09 50.44 -31.27
CA GLN D 27 -6.15 51.37 -30.93
C GLN D 27 -7.33 51.29 -31.89
N TYR D 28 -8.52 51.68 -31.39
CA TYR D 28 -9.81 51.73 -32.07
C TYR D 28 -9.80 52.55 -33.34
N LYS D 29 -10.54 52.11 -34.36
CA LYS D 29 -10.59 52.76 -35.65
C LYS D 29 -12.02 52.70 -36.18
N LEU D 30 -12.43 53.62 -37.08
CA LEU D 30 -13.86 53.74 -37.50
C LEU D 30 -14.44 52.48 -38.19
N LYS D 31 -13.58 51.68 -38.78
CA LYS D 31 -14.00 50.38 -39.30
C LYS D 31 -14.79 49.48 -38.35
N HIS D 32 -14.62 49.60 -37.01
CA HIS D 32 -15.40 48.80 -36.06
C HIS D 32 -16.89 49.05 -36.18
N ILE D 33 -17.27 50.31 -36.49
CA ILE D 33 -18.65 50.76 -36.64
C ILE D 33 -19.24 50.15 -37.90
N VAL D 34 -18.45 50.15 -38.97
CA VAL D 34 -18.78 49.54 -40.24
C VAL D 34 -19.03 48.05 -40.11
N TRP D 35 -18.14 47.32 -39.38
CA TRP D 35 -18.34 45.93 -39.05
C TRP D 35 -19.59 45.69 -38.20
N ALA D 36 -19.82 46.53 -37.13
CA ALA D 36 -21.05 46.45 -36.30
C ALA D 36 -22.35 46.63 -37.12
N SER D 37 -22.36 47.56 -38.07
CA SER D 37 -23.47 47.72 -39.01
C SER D 37 -23.72 46.48 -39.85
N ARG D 38 -22.64 45.86 -40.37
CA ARG D 38 -22.72 44.59 -41.06
C ARG D 38 -23.23 43.43 -40.23
N GLU D 39 -22.74 43.26 -38.98
CA GLU D 39 -23.22 42.26 -38.06
C GLU D 39 -24.69 42.40 -37.67
N LEU D 40 -25.18 43.65 -37.49
CA LEU D 40 -26.62 43.83 -37.26
C LEU D 40 -27.43 43.49 -38.51
N GLU D 41 -26.94 43.91 -39.68
CA GLU D 41 -27.53 43.60 -40.97
C GLU D 41 -27.64 42.10 -41.29
N ARG D 42 -26.65 41.29 -40.86
CA ARG D 42 -26.67 39.83 -40.94
C ARG D 42 -27.91 39.20 -40.29
N PHE D 43 -28.40 39.78 -39.18
CA PHE D 43 -29.57 39.30 -38.46
C PHE D 43 -30.77 40.23 -38.63
N ALA D 44 -30.69 41.17 -39.59
CA ALA D 44 -31.76 42.06 -40.00
C ALA D 44 -32.20 43.10 -38.95
N VAL D 45 -31.27 43.49 -38.07
CA VAL D 45 -31.48 44.49 -37.04
C VAL D 45 -31.11 45.86 -37.59
N ASN D 46 -31.91 46.91 -37.26
CA ASN D 46 -31.77 48.26 -37.76
C ASN D 46 -30.41 48.92 -37.44
N PRO D 47 -29.51 49.21 -38.39
CA PRO D 47 -28.19 49.77 -38.09
C PRO D 47 -28.23 51.26 -37.77
N GLY D 48 -29.43 51.88 -37.69
CA GLY D 48 -29.61 53.25 -37.21
C GLY D 48 -29.38 53.37 -35.72
N LEU D 49 -29.44 52.25 -35.00
CA LEU D 49 -29.37 52.18 -33.55
C LEU D 49 -27.93 52.12 -33.06
N LEU D 50 -26.99 52.26 -34.02
CA LEU D 50 -25.60 52.51 -33.70
C LEU D 50 -25.27 54.02 -33.61
N GLU D 51 -26.17 54.90 -34.12
CA GLU D 51 -25.92 56.35 -34.15
C GLU D 51 -26.24 57.03 -32.83
N THR D 52 -27.25 56.54 -32.16
CA THR D 52 -27.76 57.10 -30.93
C THR D 52 -27.44 56.28 -29.69
N SER D 53 -27.32 57.00 -28.57
CA SER D 53 -27.07 56.40 -27.27
C SER D 53 -28.23 55.51 -26.83
N GLU D 54 -29.46 55.83 -27.26
CA GLU D 54 -30.60 55.01 -26.89
C GLU D 54 -30.52 53.70 -27.63
N GLY D 55 -30.10 53.79 -28.87
CA GLY D 55 -29.98 52.63 -29.74
C GLY D 55 -28.96 51.70 -29.14
N CYS D 56 -27.82 52.27 -28.73
CA CYS D 56 -26.79 51.45 -28.13
C CYS D 56 -27.28 50.84 -26.82
N ARG D 57 -28.04 51.58 -26.00
CA ARG D 57 -28.57 50.98 -24.77
C ARG D 57 -29.50 49.81 -25.06
N GLN D 58 -30.35 49.94 -26.09
CA GLN D 58 -31.27 48.87 -26.43
C GLN D 58 -30.51 47.64 -26.90
N ILE D 59 -29.45 47.86 -27.66
CA ILE D 59 -28.61 46.77 -28.14
C ILE D 59 -27.89 46.11 -26.96
N LEU D 60 -27.34 46.89 -26.03
CA LEU D 60 -26.62 46.34 -24.90
C LEU D 60 -27.53 45.49 -24.00
N GLY D 61 -28.79 45.92 -23.82
CA GLY D 61 -29.79 45.18 -23.06
C GLY D 61 -30.18 43.87 -23.78
N GLN D 62 -30.53 44.00 -25.06
CA GLN D 62 -30.95 42.91 -25.93
C GLN D 62 -29.93 41.78 -26.09
N LEU D 63 -28.63 42.12 -26.19
CA LEU D 63 -27.56 41.14 -26.37
C LEU D 63 -27.17 40.38 -25.10
N GLN D 64 -27.60 40.83 -23.89
CA GLN D 64 -27.12 40.28 -22.63
C GLN D 64 -27.28 38.77 -22.34
N PRO D 65 -28.32 37.98 -22.68
CA PRO D 65 -28.46 36.64 -22.13
C PRO D 65 -27.46 35.66 -22.72
N SER D 66 -27.01 35.87 -23.96
CA SER D 66 -26.23 34.91 -24.71
C SER D 66 -24.74 35.22 -24.72
N LEU D 67 -24.28 36.29 -24.03
CA LEU D 67 -22.87 36.66 -23.92
C LEU D 67 -22.01 35.57 -23.27
N GLN D 68 -22.60 34.94 -22.24
CA GLN D 68 -22.08 33.84 -21.45
C GLN D 68 -21.70 32.61 -22.27
N THR D 69 -22.50 32.29 -23.30
CA THR D 69 -22.27 31.19 -24.21
C THR D 69 -21.59 31.65 -25.49
N GLY D 70 -21.35 32.96 -25.63
CA GLY D 70 -20.88 33.59 -26.86
C GLY D 70 -19.39 33.50 -27.10
N SER D 71 -18.99 33.63 -28.37
CA SER D 71 -17.61 33.76 -28.82
C SER D 71 -16.90 35.02 -28.29
N GLU D 72 -15.55 34.99 -28.23
CA GLU D 72 -14.76 36.12 -27.80
C GLU D 72 -14.95 37.36 -28.69
N GLU D 73 -15.06 37.20 -30.03
CA GLU D 73 -15.28 38.33 -30.92
C GLU D 73 -16.73 38.82 -30.88
N LEU D 74 -17.74 37.98 -30.53
CA LEU D 74 -19.08 38.45 -30.22
C LEU D 74 -19.09 39.36 -29.00
N ARG D 75 -18.28 39.01 -27.95
CA ARG D 75 -18.02 39.92 -26.81
C ARG D 75 -17.29 41.20 -27.24
N SER D 76 -16.33 41.10 -28.15
CA SER D 76 -15.69 42.28 -28.75
C SER D 76 -16.68 43.23 -29.43
N LEU D 77 -17.68 42.69 -30.17
CA LEU D 77 -18.78 43.45 -30.74
C LEU D 77 -19.63 44.13 -29.66
N TYR D 78 -19.96 43.39 -28.60
CA TYR D 78 -20.71 43.95 -27.47
C TYR D 78 -19.95 45.15 -26.92
N ASN D 79 -18.63 44.99 -26.76
CA ASN D 79 -17.81 46.07 -26.25
C ASN D 79 -17.74 47.23 -27.26
N THR D 80 -17.80 46.95 -28.56
CA THR D 80 -17.84 48.04 -29.55
C THR D 80 -19.07 48.88 -29.27
N ILE D 81 -20.21 48.23 -28.98
CA ILE D 81 -21.44 48.95 -28.65
C ILE D 81 -21.33 49.73 -27.35
N ALA D 82 -20.69 49.12 -26.33
CA ALA D 82 -20.39 49.79 -25.06
C ALA D 82 -19.56 51.05 -25.27
N VAL D 83 -18.60 50.98 -26.18
CA VAL D 83 -17.80 52.12 -26.52
C VAL D 83 -18.63 53.15 -27.24
N LEU D 84 -19.46 52.74 -28.20
CA LEU D 84 -20.26 53.74 -28.90
C LEU D 84 -21.17 54.45 -27.94
N TYR D 85 -21.73 53.72 -26.98
CA TYR D 85 -22.54 54.34 -25.94
C TYR D 85 -21.77 55.38 -25.10
N CYS D 86 -20.57 55.01 -24.65
CA CYS D 86 -19.71 55.91 -23.89
C CYS D 86 -19.31 57.14 -24.72
N VAL D 87 -19.06 56.92 -26.01
CA VAL D 87 -18.72 58.00 -26.92
C VAL D 87 -19.93 58.91 -27.16
N HIS D 88 -21.13 58.35 -27.35
CA HIS D 88 -22.33 59.15 -27.62
C HIS D 88 -22.66 60.09 -26.47
N GLN D 89 -22.38 59.65 -25.24
CA GLN D 89 -22.56 60.52 -24.08
C GLN D 89 -21.32 61.32 -23.72
N ARG D 90 -20.30 61.26 -24.57
CA ARG D 90 -19.06 62.03 -24.46
C ARG D 90 -18.24 61.80 -23.19
N ILE D 91 -18.07 60.53 -22.83
CA ILE D 91 -17.25 60.11 -21.71
C ILE D 91 -15.76 60.16 -22.06
N ASP D 92 -14.97 60.95 -21.29
CA ASP D 92 -13.55 61.11 -21.52
C ASP D 92 -12.74 59.95 -20.93
N VAL D 93 -12.88 58.74 -21.53
CA VAL D 93 -12.16 57.54 -21.13
C VAL D 93 -10.65 57.66 -21.22
N LYS D 94 -9.96 57.02 -20.27
CA LYS D 94 -8.51 56.98 -20.27
C LYS D 94 -7.98 55.58 -20.57
N ASP D 95 -8.87 54.60 -20.49
CA ASP D 95 -8.54 53.21 -20.72
C ASP D 95 -9.79 52.57 -21.31
N THR D 96 -9.75 51.27 -21.50
CA THR D 96 -10.85 50.53 -22.11
C THR D 96 -11.65 49.75 -21.06
N LYS D 97 -11.17 49.72 -19.80
CA LYS D 97 -11.83 48.98 -18.72
C LYS D 97 -13.00 49.80 -18.21
N GLU D 98 -12.86 51.11 -18.31
CA GLU D 98 -13.90 52.03 -17.89
C GLU D 98 -15.18 51.69 -18.63
N ALA D 99 -15.07 51.31 -19.90
CA ALA D 99 -16.25 50.96 -20.66
C ALA D 99 -17.05 49.80 -20.09
N LEU D 100 -16.38 48.72 -19.63
CA LEU D 100 -17.01 47.61 -18.93
C LEU D 100 -17.66 48.02 -17.62
N ASP D 101 -17.00 48.94 -16.87
CA ASP D 101 -17.56 49.49 -15.62
C ASP D 101 -18.83 50.29 -15.88
N LYS D 102 -18.83 51.09 -16.96
CA LYS D 102 -20.02 51.76 -17.44
C LYS D 102 -21.16 50.86 -17.87
N ILE D 103 -20.89 49.70 -18.49
CA ILE D 103 -21.91 48.67 -18.68
C ILE D 103 -22.47 48.12 -17.37
N GLU D 104 -21.62 47.78 -16.43
CA GLU D 104 -22.14 47.14 -15.23
C GLU D 104 -22.92 48.09 -14.30
N GLU D 105 -22.50 49.34 -14.23
CA GLU D 105 -23.10 50.34 -13.34
C GLU D 105 -24.60 50.66 -13.50
N GLU D 106 -25.11 50.70 -14.73
CA GLU D 106 -26.50 51.15 -14.91
C GLU D 106 -27.65 50.25 -14.48
N GLN D 107 -27.51 48.91 -14.51
CA GLN D 107 -28.66 48.07 -14.21
C GLN D 107 -29.17 48.35 -12.80
N ASN D 108 -28.24 48.57 -11.90
CA ASN D 108 -28.53 48.71 -10.50
C ASN D 108 -29.08 50.08 -10.14
N LYS D 109 -29.06 51.03 -11.08
CA LYS D 109 -29.61 52.33 -10.79
C LYS D 109 -31.05 52.34 -11.25
N SER D 110 -31.32 51.57 -12.30
CA SER D 110 -32.67 51.47 -12.83
C SER D 110 -33.49 50.53 -11.96
N LYS D 111 -32.82 49.50 -11.42
CA LYS D 111 -33.48 48.50 -10.58
C LYS D 111 -34.18 49.07 -9.35
N LYS D 112 -33.61 50.13 -8.74
CA LYS D 112 -34.17 50.83 -7.59
C LYS D 112 -35.56 51.41 -7.83
N LYS D 113 -35.87 51.86 -9.07
CA LYS D 113 -37.14 52.48 -9.41
C LYS D 113 -37.96 51.61 -10.35
N ALA D 114 -37.53 50.35 -10.57
CA ALA D 114 -38.17 49.39 -11.44
C ALA D 114 -38.76 48.24 -10.63
N GLN D 115 -39.03 48.49 -9.34
CA GLN D 115 -39.60 47.57 -8.40
C GLN D 115 -40.78 48.27 -7.69
N GLY E 1 -6.69 16.87 -23.34
CA GLY E 1 -7.86 16.24 -22.74
C GLY E 1 -8.78 15.49 -23.67
N ALA E 2 -9.10 16.07 -24.83
CA ALA E 2 -9.93 15.46 -25.83
C ALA E 2 -9.25 14.31 -26.60
N ARG E 3 -7.89 14.28 -26.55
CA ARG E 3 -7.07 13.19 -27.11
C ARG E 3 -7.05 11.98 -26.18
N ALA E 4 -7.18 12.21 -24.89
CA ALA E 4 -7.26 11.15 -23.90
C ALA E 4 -8.43 10.22 -24.18
N SER E 5 -9.52 10.84 -24.68
CA SER E 5 -10.82 10.26 -24.98
C SER E 5 -10.89 9.52 -26.33
N VAL E 6 -9.73 9.44 -26.99
CA VAL E 6 -9.48 8.64 -28.22
C VAL E 6 -9.20 7.16 -27.92
N LEU E 7 -8.72 6.86 -26.73
CA LEU E 7 -8.39 5.51 -26.30
C LEU E 7 -9.62 4.61 -26.37
N SER E 8 -9.47 3.32 -26.76
CA SER E 8 -10.64 2.50 -27.02
C SER E 8 -11.60 2.33 -25.83
N GLY E 9 -12.90 2.50 -26.11
CA GLY E 9 -13.97 2.63 -25.12
C GLY E 9 -14.12 4.02 -24.56
N GLY E 10 -13.20 4.96 -24.84
CA GLY E 10 -13.34 6.39 -24.59
C GLY E 10 -14.38 7.04 -25.47
N GLU E 11 -14.59 8.34 -25.30
CA GLU E 11 -15.76 9.04 -25.83
C GLU E 11 -15.87 9.05 -27.38
N LEU E 12 -14.76 9.30 -28.08
CA LEU E 12 -14.71 9.28 -29.53
C LEU E 12 -14.88 7.88 -30.11
N ASP E 13 -14.27 6.86 -29.49
CA ASP E 13 -14.46 5.47 -29.85
C ASP E 13 -15.91 4.98 -29.63
N LYS E 14 -16.54 5.33 -28.49
CA LYS E 14 -17.94 5.06 -28.20
C LYS E 14 -18.91 5.72 -29.17
N TRP E 15 -18.58 6.97 -29.58
CA TRP E 15 -19.39 7.82 -30.47
C TRP E 15 -19.79 7.14 -31.77
N GLU E 16 -18.84 6.50 -32.45
CA GLU E 16 -19.09 5.97 -33.77
C GLU E 16 -19.68 4.57 -33.75
N LYS E 17 -20.22 4.13 -32.60
CA LYS E 17 -20.89 2.84 -32.47
C LYS E 17 -22.37 3.01 -32.10
N ILE E 18 -22.80 4.28 -31.93
CA ILE E 18 -24.20 4.62 -31.59
C ILE E 18 -25.05 4.76 -32.86
N ARG E 19 -26.20 4.07 -32.92
CA ARG E 19 -27.07 4.12 -34.09
C ARG E 19 -27.87 5.44 -34.16
N LEU E 20 -27.97 6.04 -35.35
CA LEU E 20 -28.71 7.30 -35.40
C LEU E 20 -30.19 7.12 -35.02
N ARG E 21 -30.87 6.08 -35.55
CA ARG E 21 -32.27 5.82 -35.19
C ARG E 21 -32.40 4.30 -35.11
N PRO E 22 -33.31 3.68 -34.32
CA PRO E 22 -33.44 2.23 -34.23
C PRO E 22 -33.45 1.48 -35.59
N GLY E 23 -34.16 2.01 -36.62
CA GLY E 23 -34.12 1.36 -37.94
C GLY E 23 -33.12 2.08 -38.86
N GLY E 24 -32.56 3.13 -38.32
CA GLY E 24 -31.62 4.04 -38.93
C GLY E 24 -30.24 3.50 -38.68
N LYS E 25 -29.93 2.41 -39.38
CA LYS E 25 -28.68 1.66 -39.18
C LYS E 25 -27.43 2.51 -39.30
N LYS E 26 -27.48 3.59 -40.08
CA LYS E 26 -26.32 4.45 -40.20
C LYS E 26 -25.94 4.91 -38.78
N GLN E 27 -24.65 4.83 -38.48
CA GLN E 27 -24.10 5.15 -37.16
C GLN E 27 -23.65 6.59 -37.06
N TYR E 28 -23.56 7.13 -35.83
CA TYR E 28 -22.96 8.46 -35.69
C TYR E 28 -21.51 8.49 -36.17
N LYS E 29 -21.07 9.62 -36.77
CA LYS E 29 -19.72 9.76 -37.26
C LYS E 29 -19.07 11.00 -36.64
N LEU E 30 -17.75 10.96 -36.39
CA LEU E 30 -16.99 12.05 -35.78
C LEU E 30 -17.04 13.35 -36.57
N LYS E 31 -17.11 13.26 -37.92
CA LYS E 31 -17.26 14.40 -38.79
C LYS E 31 -18.54 15.23 -38.56
N HIS E 32 -19.60 14.63 -37.97
CA HIS E 32 -20.77 15.37 -37.50
C HIS E 32 -20.43 16.40 -36.43
N ILE E 33 -19.53 16.04 -35.48
CA ILE E 33 -19.06 16.92 -34.41
C ILE E 33 -18.33 18.13 -34.98
N VAL E 34 -17.46 17.92 -35.99
CA VAL E 34 -16.76 18.97 -36.70
C VAL E 34 -17.72 19.93 -37.41
N TRP E 35 -18.74 19.40 -38.12
CA TRP E 35 -19.79 20.21 -38.72
C TRP E 35 -20.61 20.98 -37.69
N ALA E 36 -21.05 20.31 -36.61
CA ALA E 36 -21.80 20.90 -35.52
C ALA E 36 -21.06 22.02 -34.81
N SER E 37 -19.75 21.82 -34.55
CA SER E 37 -18.85 22.82 -34.00
C SER E 37 -18.76 24.06 -34.87
N ARG E 38 -18.61 23.88 -36.20
CA ARG E 38 -18.67 24.98 -37.14
C ARG E 38 -20.02 25.68 -37.28
N GLU E 39 -21.15 24.96 -37.36
CA GLU E 39 -22.46 25.58 -37.39
C GLU E 39 -22.78 26.39 -36.13
N LEU E 40 -22.41 25.86 -34.94
CA LEU E 40 -22.44 26.61 -33.68
C LEU E 40 -21.56 27.87 -33.70
N GLU E 41 -20.33 27.77 -34.25
CA GLU E 41 -19.45 28.90 -34.49
C GLU E 41 -20.06 29.96 -35.40
N ARG E 42 -20.76 29.57 -36.49
CA ARG E 42 -21.46 30.47 -37.39
C ARG E 42 -22.51 31.34 -36.69
N PHE E 43 -23.25 30.78 -35.72
CA PHE E 43 -24.25 31.49 -34.96
C PHE E 43 -23.69 32.14 -33.70
N ALA E 44 -22.36 32.17 -33.59
CA ALA E 44 -21.55 32.91 -32.62
C ALA E 44 -21.58 32.43 -31.17
N VAL E 45 -22.02 31.21 -30.92
CA VAL E 45 -21.88 30.54 -29.64
C VAL E 45 -20.57 29.77 -29.64
N ASN E 46 -19.94 29.61 -28.46
CA ASN E 46 -18.58 29.15 -28.36
C ASN E 46 -18.47 27.62 -28.35
N PRO E 47 -17.91 26.92 -29.35
CA PRO E 47 -17.77 25.47 -29.31
C PRO E 47 -16.61 25.03 -28.42
N GLY E 48 -15.84 25.96 -27.82
CA GLY E 48 -14.75 25.65 -26.90
C GLY E 48 -15.20 25.07 -25.60
N LEU E 49 -16.48 25.29 -25.24
CA LEU E 49 -17.09 24.79 -24.03
C LEU E 49 -17.38 23.29 -24.08
N LEU E 50 -17.42 22.69 -25.29
CA LEU E 50 -17.94 21.36 -25.56
C LEU E 50 -17.05 20.21 -25.10
N GLU E 51 -15.83 20.50 -24.67
CA GLU E 51 -15.03 19.48 -23.98
C GLU E 51 -15.64 19.10 -22.61
N THR E 52 -16.29 20.05 -21.96
CA THR E 52 -16.95 19.83 -20.68
C THR E 52 -18.39 19.36 -20.83
N SER E 53 -18.90 18.57 -19.86
CA SER E 53 -20.31 18.22 -19.79
C SER E 53 -21.24 19.41 -19.59
N GLU E 54 -20.82 20.35 -18.71
CA GLU E 54 -21.60 21.54 -18.36
C GLU E 54 -21.76 22.47 -19.56
N GLY E 55 -20.69 22.63 -20.32
CA GLY E 55 -20.69 23.37 -21.58
C GLY E 55 -21.67 22.84 -22.61
N CYS E 56 -21.67 21.51 -22.86
CA CYS E 56 -22.66 20.87 -23.72
C CYS E 56 -24.08 21.05 -23.21
N ARG E 57 -24.27 20.85 -21.89
CA ARG E 57 -25.52 21.01 -21.17
C ARG E 57 -26.12 22.41 -21.22
N GLN E 58 -25.25 23.48 -21.16
CA GLN E 58 -25.65 24.90 -21.37
C GLN E 58 -26.19 25.21 -22.77
N ILE E 59 -25.55 24.66 -23.80
CA ILE E 59 -26.02 24.87 -25.15
C ILE E 59 -27.39 24.24 -25.32
N LEU E 60 -27.56 23.04 -24.79
CA LEU E 60 -28.85 22.38 -24.88
C LEU E 60 -29.91 23.17 -24.09
N GLY E 61 -29.53 23.74 -22.93
CA GLY E 61 -30.45 24.53 -22.10
C GLY E 61 -31.02 25.76 -22.82
N GLN E 62 -30.20 26.46 -23.60
CA GLN E 62 -30.67 27.59 -24.39
C GLN E 62 -31.40 27.22 -25.68
N LEU E 63 -31.13 26.04 -26.28
CA LEU E 63 -31.73 25.67 -27.56
C LEU E 63 -32.98 24.81 -27.42
N GLN E 64 -33.33 24.49 -26.21
CA GLN E 64 -34.49 23.67 -25.96
C GLN E 64 -35.83 24.19 -26.61
N PRO E 65 -36.33 25.46 -26.38
CA PRO E 65 -37.64 25.87 -26.91
C PRO E 65 -37.68 25.88 -28.43
N SER E 66 -36.53 26.06 -29.11
CA SER E 66 -36.43 26.18 -30.56
C SER E 66 -36.76 24.90 -31.31
N LEU E 67 -36.79 23.76 -30.59
CA LEU E 67 -37.09 22.46 -31.14
C LEU E 67 -38.54 22.30 -31.56
N GLN E 68 -39.47 23.15 -31.07
CA GLN E 68 -40.80 23.20 -31.65
C GLN E 68 -40.85 23.64 -33.11
N THR E 69 -40.13 24.73 -33.46
CA THR E 69 -40.18 25.29 -34.81
C THR E 69 -39.19 24.67 -35.75
N GLY E 70 -38.11 24.06 -35.23
CA GLY E 70 -37.00 23.47 -36.00
C GLY E 70 -37.29 22.44 -37.07
N SER E 71 -36.32 22.23 -37.97
CA SER E 71 -36.26 21.15 -38.93
C SER E 71 -35.70 19.88 -38.30
N GLU E 72 -35.68 18.76 -39.06
CA GLU E 72 -35.08 17.49 -38.58
C GLU E 72 -33.57 17.65 -38.32
N GLU E 73 -32.89 18.41 -39.18
CA GLU E 73 -31.50 18.80 -39.04
C GLU E 73 -31.22 19.55 -37.75
N LEU E 74 -32.13 20.47 -37.32
CA LEU E 74 -31.95 21.09 -35.99
C LEU E 74 -32.13 20.09 -34.87
N ARG E 75 -33.12 19.23 -34.97
CA ARG E 75 -33.32 18.24 -33.92
C ARG E 75 -32.08 17.35 -33.85
N SER E 76 -31.55 17.03 -35.01
CA SER E 76 -30.33 16.23 -35.14
C SER E 76 -29.10 16.89 -34.55
N LEU E 77 -28.94 18.21 -34.77
CA LEU E 77 -27.86 19.00 -34.15
C LEU E 77 -28.00 19.06 -32.63
N TYR E 78 -29.23 19.28 -32.13
CA TYR E 78 -29.47 19.25 -30.70
C TYR E 78 -29.06 17.90 -30.15
N ASN E 79 -29.49 16.84 -30.82
CA ASN E 79 -29.17 15.51 -30.37
C ASN E 79 -27.67 15.29 -30.42
N THR E 80 -26.98 15.81 -31.43
CA THR E 80 -25.53 15.62 -31.51
C THR E 80 -24.87 16.14 -30.23
N ILE E 81 -25.27 17.34 -29.79
CA ILE E 81 -24.69 17.89 -28.58
C ILE E 81 -25.18 17.10 -27.35
N ALA E 82 -26.46 16.72 -27.31
CA ALA E 82 -27.00 15.94 -26.20
C ALA E 82 -26.39 14.55 -26.07
N VAL E 83 -26.01 13.94 -27.19
CA VAL E 83 -25.36 12.66 -27.15
C VAL E 83 -23.99 12.96 -26.53
N LEU E 84 -23.30 14.04 -26.95
CA LEU E 84 -22.00 14.34 -26.34
C LEU E 84 -22.16 14.53 -24.83
N TYR E 85 -23.23 15.19 -24.36
CA TYR E 85 -23.48 15.30 -22.93
C TYR E 85 -23.60 13.93 -22.23
N CYS E 86 -24.40 13.05 -22.83
CA CYS E 86 -24.58 11.69 -22.30
C CYS E 86 -23.24 10.97 -22.28
N VAL E 87 -22.45 11.12 -23.33
CA VAL E 87 -21.15 10.51 -23.44
C VAL E 87 -20.17 11.08 -22.39
N HIS E 88 -20.18 12.39 -22.16
CA HIS E 88 -19.26 13.02 -21.21
C HIS E 88 -19.57 12.57 -19.78
N GLN E 89 -20.83 12.25 -19.49
CA GLN E 89 -21.21 11.71 -18.18
C GLN E 89 -20.94 10.21 -18.05
N ARG E 90 -20.58 9.55 -19.16
CA ARG E 90 -20.57 8.10 -19.36
C ARG E 90 -21.90 7.38 -19.29
N ILE E 91 -22.88 7.89 -20.01
CA ILE E 91 -24.16 7.25 -20.14
C ILE E 91 -24.14 6.53 -21.48
N ASP E 92 -24.11 5.20 -21.40
CA ASP E 92 -23.99 4.29 -22.53
C ASP E 92 -25.33 4.07 -23.21
N VAL E 93 -25.44 4.46 -24.48
CA VAL E 93 -26.69 4.32 -25.22
C VAL E 93 -26.39 3.55 -26.50
N LYS E 94 -27.40 2.89 -27.09
CA LYS E 94 -27.16 2.19 -28.35
C LYS E 94 -27.71 2.95 -29.55
N ASP E 95 -28.66 3.84 -29.31
CA ASP E 95 -29.26 4.66 -30.34
C ASP E 95 -29.70 5.97 -29.71
N THR E 96 -30.15 6.86 -30.59
CA THR E 96 -30.67 8.16 -30.17
C THR E 96 -31.93 8.07 -29.30
N LYS E 97 -32.85 7.13 -29.58
CA LYS E 97 -34.09 7.13 -28.82
C LYS E 97 -33.79 6.72 -27.40
N GLU E 98 -32.82 5.83 -27.22
CA GLU E 98 -32.36 5.54 -25.86
C GLU E 98 -31.77 6.77 -25.16
N ALA E 99 -30.96 7.57 -25.86
CA ALA E 99 -30.40 8.78 -25.25
C ALA E 99 -31.47 9.78 -24.80
N LEU E 100 -32.55 9.89 -25.58
CA LEU E 100 -33.62 10.84 -25.28
C LEU E 100 -34.33 10.61 -23.95
N ASP E 101 -34.52 9.37 -23.54
CA ASP E 101 -35.22 9.10 -22.29
C ASP E 101 -34.49 9.68 -21.07
N LYS E 102 -33.16 9.51 -21.02
CA LYS E 102 -32.30 10.13 -20.03
C LYS E 102 -32.25 11.66 -20.10
N ILE E 103 -32.22 12.24 -21.32
CA ILE E 103 -32.27 13.68 -21.55
C ILE E 103 -33.51 14.36 -20.99
N GLU E 104 -34.72 13.78 -21.18
CA GLU E 104 -35.91 14.30 -20.55
C GLU E 104 -36.11 13.83 -19.11
N GLU E 105 -35.45 12.72 -18.67
CA GLU E 105 -35.35 12.35 -17.26
C GLU E 105 -34.65 13.40 -16.42
N GLU E 106 -33.60 14.08 -16.96
CA GLU E 106 -32.97 15.22 -16.32
C GLU E 106 -33.94 16.37 -16.01
N GLN E 107 -34.81 16.71 -16.98
CA GLN E 107 -35.94 17.59 -16.78
C GLN E 107 -36.97 17.10 -15.77
N ASN E 108 -37.36 15.81 -15.81
CA ASN E 108 -38.26 15.20 -14.83
C ASN E 108 -37.70 15.28 -13.41
N LYS E 109 -36.42 14.93 -13.24
CA LYS E 109 -35.69 14.96 -11.99
C LYS E 109 -35.61 16.34 -11.34
N SER E 110 -35.31 17.37 -12.15
CA SER E 110 -35.00 18.69 -11.61
C SER E 110 -36.18 19.63 -11.58
N LYS E 111 -37.35 19.24 -12.14
CA LYS E 111 -38.63 19.89 -11.88
C LYS E 111 -39.04 19.89 -10.41
N LYS E 112 -38.81 18.77 -9.70
CA LYS E 112 -39.06 18.62 -8.28
C LYS E 112 -38.08 19.38 -7.39
N LYS E 113 -36.91 19.74 -7.93
CA LYS E 113 -35.81 20.31 -7.16
C LYS E 113 -35.75 21.83 -7.22
N ALA E 114 -36.77 22.48 -7.80
CA ALA E 114 -36.94 23.91 -7.71
C ALA E 114 -38.42 24.23 -7.47
N GLN E 115 -38.74 24.84 -6.31
CA GLN E 115 -40.09 25.28 -6.03
C GLN E 115 -40.03 26.52 -5.09
N GLY F 1 -55.80 17.64 -52.95
CA GLY F 1 -55.97 18.17 -51.59
C GLY F 1 -56.36 19.62 -51.64
N ALA F 2 -55.37 20.51 -51.94
CA ALA F 2 -55.60 21.96 -52.17
C ALA F 2 -56.30 22.18 -53.51
N ARG F 3 -57.35 22.99 -53.51
CA ARG F 3 -58.14 23.20 -54.73
C ARG F 3 -58.60 24.62 -54.96
N ALA F 4 -58.90 25.35 -53.89
CA ALA F 4 -59.42 26.70 -54.05
C ALA F 4 -58.33 27.73 -53.87
N SER F 5 -57.23 27.36 -53.21
CA SER F 5 -56.21 28.38 -52.92
C SER F 5 -55.66 29.08 -54.16
N VAL F 6 -55.57 28.38 -55.27
CA VAL F 6 -55.08 28.90 -56.52
C VAL F 6 -56.11 29.68 -57.35
N LEU F 7 -57.41 29.56 -57.03
CA LEU F 7 -58.49 30.11 -57.82
C LEU F 7 -58.89 31.51 -57.39
N SER F 8 -59.66 32.23 -58.23
CA SER F 8 -60.20 33.54 -57.89
C SER F 8 -61.16 33.48 -56.72
N GLY F 9 -61.04 34.43 -55.79
CA GLY F 9 -61.72 34.29 -54.51
C GLY F 9 -60.91 33.43 -53.52
N GLY F 10 -59.75 32.91 -53.99
CA GLY F 10 -58.84 32.06 -53.21
C GLY F 10 -57.71 32.84 -52.54
N GLU F 11 -56.65 32.12 -52.16
CA GLU F 11 -55.54 32.65 -51.39
C GLU F 11 -54.57 33.43 -52.25
N LEU F 12 -54.41 33.02 -53.49
CA LEU F 12 -53.45 33.70 -54.34
C LEU F 12 -54.14 34.95 -54.87
N ASP F 13 -55.47 34.88 -54.98
CA ASP F 13 -56.24 36.01 -55.44
C ASP F 13 -56.22 37.10 -54.38
N LYS F 14 -56.31 36.70 -53.10
CA LYS F 14 -56.12 37.68 -52.06
C LYS F 14 -54.69 38.22 -52.05
N TRP F 15 -53.69 37.35 -52.21
CA TRP F 15 -52.30 37.79 -52.17
C TRP F 15 -52.06 38.94 -53.16
N GLU F 16 -52.55 38.80 -54.39
CA GLU F 16 -52.32 39.79 -55.46
C GLU F 16 -53.27 41.02 -55.46
N LYS F 17 -54.22 41.06 -54.53
CA LYS F 17 -55.10 42.20 -54.31
C LYS F 17 -54.75 42.99 -53.04
N ILE F 18 -54.10 42.34 -52.06
CA ILE F 18 -53.75 42.98 -50.81
C ILE F 18 -52.57 43.94 -50.96
N ARG F 19 -52.81 45.19 -50.50
CA ARG F 19 -51.85 46.31 -50.57
C ARG F 19 -50.68 46.21 -49.59
N LEU F 20 -49.49 46.62 -50.08
CA LEU F 20 -48.29 46.63 -49.25
C LEU F 20 -48.33 47.58 -48.06
N ARG F 21 -48.92 48.78 -48.24
CA ARG F 21 -49.23 49.73 -47.16
C ARG F 21 -50.58 50.30 -47.60
N PRO F 22 -51.52 50.71 -46.71
CA PRO F 22 -52.98 50.82 -46.96
C PRO F 22 -53.48 51.59 -48.24
N GLY F 23 -52.81 52.69 -48.61
CA GLY F 23 -53.19 53.46 -49.81
C GLY F 23 -52.33 53.17 -51.00
N GLY F 24 -51.25 52.37 -50.81
CA GLY F 24 -50.27 52.01 -51.82
C GLY F 24 -50.81 51.31 -53.04
N LYS F 25 -50.17 51.53 -54.22
CA LYS F 25 -50.68 51.04 -55.49
C LYS F 25 -49.91 49.79 -55.92
N LYS F 26 -49.23 49.15 -54.97
CA LYS F 26 -48.50 47.91 -55.16
C LYS F 26 -49.01 46.86 -54.19
N GLN F 27 -49.13 45.61 -54.68
CA GLN F 27 -49.69 44.49 -53.94
C GLN F 27 -48.62 43.42 -53.82
N TYR F 28 -48.78 42.49 -52.85
CA TYR F 28 -47.89 41.36 -52.69
C TYR F 28 -47.80 40.46 -53.93
N LYS F 29 -46.56 40.12 -54.29
CA LYS F 29 -46.28 39.22 -55.41
C LYS F 29 -45.88 37.85 -54.91
N LEU F 30 -45.97 36.82 -55.77
CA LEU F 30 -45.76 35.44 -55.27
C LEU F 30 -44.30 35.13 -54.84
N LYS F 31 -43.36 35.86 -55.40
CA LYS F 31 -41.97 35.83 -54.97
C LYS F 31 -41.72 36.06 -53.47
N HIS F 32 -42.55 36.85 -52.75
CA HIS F 32 -42.37 37.06 -51.31
C HIS F 32 -42.54 35.77 -50.52
N ILE F 33 -43.44 34.86 -50.96
CA ILE F 33 -43.62 33.54 -50.38
C ILE F 33 -42.34 32.71 -50.50
N VAL F 34 -41.71 32.73 -51.70
CA VAL F 34 -40.41 32.10 -51.96
C VAL F 34 -39.29 32.69 -51.11
N TRP F 35 -39.21 34.04 -51.02
CA TRP F 35 -38.31 34.73 -50.13
C TRP F 35 -38.52 34.42 -48.64
N ALA F 36 -39.78 34.38 -48.17
CA ALA F 36 -40.14 33.96 -46.83
C ALA F 36 -39.73 32.54 -46.52
N SER F 37 -39.90 31.60 -47.49
CA SER F 37 -39.35 30.25 -47.41
C SER F 37 -37.85 30.27 -47.25
N ARG F 38 -37.11 31.09 -48.01
CA ARG F 38 -35.67 31.23 -47.88
C ARG F 38 -35.20 31.74 -46.51
N GLU F 39 -35.84 32.78 -45.95
CA GLU F 39 -35.57 33.23 -44.59
C GLU F 39 -35.88 32.15 -43.54
N LEU F 40 -37.00 31.41 -43.72
CA LEU F 40 -37.35 30.31 -42.80
C LEU F 40 -36.40 29.10 -42.93
N GLU F 41 -35.94 28.79 -44.15
CA GLU F 41 -34.88 27.84 -44.41
C GLU F 41 -33.55 28.21 -43.76
N ARG F 42 -33.15 29.50 -43.81
CA ARG F 42 -32.00 30.05 -43.10
C ARG F 42 -32.11 29.92 -41.58
N PHE F 43 -33.31 30.12 -41.01
CA PHE F 43 -33.59 29.86 -39.60
C PHE F 43 -33.69 28.37 -39.26
N ALA F 44 -33.73 27.45 -40.25
CA ALA F 44 -34.00 26.00 -40.12
C ALA F 44 -35.36 25.60 -39.52
N VAL F 45 -36.42 26.21 -40.04
CA VAL F 45 -37.84 26.04 -39.67
C VAL F 45 -38.63 24.92 -40.44
N ASN F 46 -39.48 24.16 -39.71
CA ASN F 46 -40.40 23.06 -40.15
C ASN F 46 -41.42 23.53 -41.21
N PRO F 47 -41.51 22.91 -42.42
CA PRO F 47 -42.30 23.42 -43.54
C PRO F 47 -43.80 23.39 -43.27
N GLY F 48 -44.24 22.60 -42.28
CA GLY F 48 -45.65 22.43 -41.97
C GLY F 48 -46.20 23.69 -41.31
N LEU F 49 -45.30 24.61 -40.99
CA LEU F 49 -45.69 25.84 -40.38
C LEU F 49 -46.22 26.81 -41.46
N LEU F 50 -46.04 26.46 -42.74
CA LEU F 50 -46.75 27.17 -43.79
C LEU F 50 -47.97 26.39 -44.30
N GLU F 51 -48.27 25.24 -43.69
CA GLU F 51 -49.45 24.49 -44.08
C GLU F 51 -50.57 24.90 -43.16
N THR F 52 -50.22 25.18 -41.90
CA THR F 52 -51.27 25.53 -40.96
C THR F 52 -51.07 26.89 -40.38
N SER F 53 -52.20 27.43 -39.99
CA SER F 53 -52.34 28.72 -39.32
C SER F 53 -51.73 28.76 -37.93
N GLU F 54 -51.86 27.67 -37.19
CA GLU F 54 -51.20 27.58 -35.89
C GLU F 54 -49.67 27.66 -36.04
N GLY F 55 -49.16 27.09 -37.12
CA GLY F 55 -47.75 27.13 -37.39
C GLY F 55 -47.30 28.55 -37.71
N CYS F 56 -48.14 29.26 -38.49
CA CYS F 56 -47.86 30.65 -38.80
C CYS F 56 -47.80 31.41 -37.49
N ARG F 57 -48.69 31.08 -36.53
CA ARG F 57 -48.67 31.69 -35.21
C ARG F 57 -47.38 31.47 -34.42
N GLN F 58 -46.78 30.25 -34.49
CA GLN F 58 -45.47 29.98 -33.91
C GLN F 58 -44.36 30.87 -34.48
N ILE F 59 -44.34 31.04 -35.83
CA ILE F 59 -43.46 31.96 -36.52
C ILE F 59 -43.69 33.41 -36.12
N LEU F 60 -44.97 33.87 -36.06
CA LEU F 60 -45.35 35.19 -35.59
C LEU F 60 -44.92 35.45 -34.15
N GLY F 61 -45.09 34.47 -33.25
CA GLY F 61 -44.70 34.54 -31.85
C GLY F 61 -43.23 34.79 -31.63
N GLN F 62 -42.34 34.05 -32.33
CA GLN F 62 -40.90 34.30 -32.32
C GLN F 62 -40.47 35.63 -32.93
N LEU F 63 -41.07 36.03 -34.07
CA LEU F 63 -40.84 37.33 -34.68
C LEU F 63 -41.26 38.52 -33.82
N GLN F 64 -42.38 38.40 -33.08
CA GLN F 64 -43.02 39.46 -32.31
C GLN F 64 -42.15 40.24 -31.31
N PRO F 65 -41.28 39.69 -30.47
CA PRO F 65 -40.38 40.49 -29.65
C PRO F 65 -39.26 41.15 -30.45
N SER F 66 -39.09 40.80 -31.74
CA SER F 66 -37.94 41.22 -32.53
C SER F 66 -38.28 42.37 -33.46
N LEU F 67 -39.57 42.72 -33.61
CA LEU F 67 -40.06 43.68 -34.60
C LEU F 67 -39.50 45.09 -34.49
N GLN F 68 -39.46 45.65 -33.26
CA GLN F 68 -38.90 46.96 -32.98
C GLN F 68 -37.42 47.12 -33.33
N THR F 69 -36.59 46.12 -32.99
CA THR F 69 -35.21 46.00 -33.43
C THR F 69 -35.04 45.85 -34.92
N GLY F 70 -35.93 45.06 -35.56
CA GLY F 70 -35.91 44.73 -36.98
C GLY F 70 -35.97 45.86 -37.99
N SER F 71 -35.32 45.64 -39.13
CA SER F 71 -35.47 46.42 -40.35
C SER F 71 -36.86 46.30 -40.96
N GLU F 72 -37.13 47.09 -42.01
CA GLU F 72 -38.36 46.96 -42.79
C GLU F 72 -38.46 45.61 -43.51
N GLU F 73 -37.31 45.01 -43.92
CA GLU F 73 -37.27 43.64 -44.39
C GLU F 73 -37.69 42.59 -43.35
N LEU F 74 -37.23 42.70 -42.09
CA LEU F 74 -37.69 41.82 -41.00
C LEU F 74 -39.18 41.96 -40.73
N ARG F 75 -39.67 43.22 -40.67
CA ARG F 75 -41.09 43.52 -40.57
C ARG F 75 -41.92 43.07 -41.77
N SER F 76 -41.36 43.12 -42.99
CA SER F 76 -41.99 42.55 -44.20
C SER F 76 -42.25 41.06 -44.07
N LEU F 77 -41.28 40.32 -43.52
CA LEU F 77 -41.46 38.91 -43.22
C LEU F 77 -42.62 38.66 -42.24
N TYR F 78 -42.72 39.47 -41.17
CA TYR F 78 -43.85 39.42 -40.24
C TYR F 78 -45.19 39.72 -40.91
N ASN F 79 -45.22 40.77 -41.72
CA ASN F 79 -46.42 41.14 -42.43
C ASN F 79 -46.82 40.03 -43.41
N THR F 80 -45.82 39.38 -44.03
CA THR F 80 -46.05 38.29 -44.97
C THR F 80 -46.74 37.12 -44.27
N ILE F 81 -46.24 36.74 -43.09
CA ILE F 81 -46.81 35.64 -42.32
C ILE F 81 -48.21 36.04 -41.81
N ALA F 82 -48.37 37.29 -41.34
CA ALA F 82 -49.63 37.83 -40.88
C ALA F 82 -50.74 37.82 -41.94
N VAL F 83 -50.36 38.16 -43.18
CA VAL F 83 -51.26 38.02 -44.30
C VAL F 83 -51.53 36.55 -44.57
N LEU F 84 -50.51 35.69 -44.60
CA LEU F 84 -50.79 34.28 -44.89
C LEU F 84 -51.74 33.69 -43.86
N TYR F 85 -51.58 34.02 -42.58
CA TYR F 85 -52.50 33.58 -41.55
C TYR F 85 -53.94 34.02 -41.83
N CYS F 86 -54.11 35.31 -42.12
CA CYS F 86 -55.42 35.87 -42.34
C CYS F 86 -56.06 35.31 -43.60
N VAL F 87 -55.24 35.06 -44.61
CA VAL F 87 -55.66 34.48 -45.87
C VAL F 87 -56.07 33.01 -45.66
N HIS F 88 -55.28 32.24 -44.87
CA HIS F 88 -55.59 30.84 -44.59
C HIS F 88 -56.85 30.74 -43.72
N GLN F 89 -57.12 31.76 -42.95
CA GLN F 89 -58.32 31.78 -42.12
C GLN F 89 -59.51 32.42 -42.83
N ARG F 90 -59.34 32.69 -44.14
CA ARG F 90 -60.37 33.19 -45.08
C ARG F 90 -60.95 34.54 -44.73
N ILE F 91 -60.07 35.45 -44.36
CA ILE F 91 -60.46 36.81 -44.08
C ILE F 91 -60.33 37.66 -45.32
N ASP F 92 -61.38 38.40 -45.65
CA ASP F 92 -61.35 39.21 -46.86
C ASP F 92 -60.59 40.51 -46.61
N VAL F 93 -59.27 40.35 -46.55
CA VAL F 93 -58.30 41.40 -46.28
C VAL F 93 -58.08 42.26 -47.50
N LYS F 94 -58.12 43.58 -47.33
CA LYS F 94 -57.83 44.46 -48.46
C LYS F 94 -56.40 44.99 -48.43
N ASP F 95 -55.84 45.08 -47.22
CA ASP F 95 -54.48 45.56 -47.09
C ASP F 95 -53.72 44.92 -45.92
N THR F 96 -52.48 45.31 -45.80
CA THR F 96 -51.59 44.84 -44.75
C THR F 96 -52.05 45.20 -43.34
N LYS F 97 -52.55 46.43 -43.18
CA LYS F 97 -53.07 46.86 -41.89
C LYS F 97 -54.26 46.02 -41.45
N GLU F 98 -55.17 45.71 -42.35
CA GLU F 98 -56.29 44.87 -41.93
C GLU F 98 -55.79 43.52 -41.45
N ALA F 99 -54.79 42.94 -42.14
CA ALA F 99 -54.25 41.66 -41.70
C ALA F 99 -53.65 41.80 -40.29
N LEU F 100 -52.97 42.93 -40.05
CA LEU F 100 -52.39 43.21 -38.75
C LEU F 100 -53.41 43.39 -37.63
N ASP F 101 -54.54 44.07 -37.90
CA ASP F 101 -55.66 44.22 -36.96
C ASP F 101 -56.23 42.88 -36.49
N LYS F 102 -56.40 41.91 -37.40
CA LYS F 102 -56.78 40.55 -37.07
C LYS F 102 -55.75 39.78 -36.23
N ILE F 103 -54.45 39.91 -36.55
CA ILE F 103 -53.37 39.38 -35.72
C ILE F 103 -53.33 40.01 -34.33
N GLU F 104 -53.52 41.33 -34.23
CA GLU F 104 -53.73 42.07 -33.00
C GLU F 104 -54.95 41.61 -32.20
N GLU F 105 -56.08 41.33 -32.87
CA GLU F 105 -57.28 40.76 -32.27
C GLU F 105 -57.01 39.42 -31.60
N GLU F 106 -56.28 38.51 -32.28
CA GLU F 106 -55.83 37.23 -31.71
C GLU F 106 -54.93 37.37 -30.49
N GLN F 107 -53.94 38.30 -30.52
CA GLN F 107 -53.16 38.66 -29.33
C GLN F 107 -53.99 39.20 -28.17
N ASN F 108 -54.93 40.14 -28.43
CA ASN F 108 -55.82 40.73 -27.45
C ASN F 108 -56.73 39.68 -26.79
N LYS F 109 -57.32 38.79 -27.62
CA LYS F 109 -58.05 37.62 -27.16
C LYS F 109 -57.22 36.65 -26.33
N SER F 110 -55.99 36.35 -26.78
CA SER F 110 -55.05 35.51 -26.05
C SER F 110 -54.65 36.07 -24.69
N LYS F 111 -54.40 37.38 -24.61
CA LYS F 111 -54.21 38.16 -23.40
C LYS F 111 -55.39 38.16 -22.44
N LYS F 112 -56.63 38.26 -22.98
CA LYS F 112 -57.88 38.22 -22.22
C LYS F 112 -58.03 36.94 -21.39
N LYS F 113 -57.55 35.80 -21.92
CA LYS F 113 -57.49 34.53 -21.21
C LYS F 113 -56.09 34.13 -20.77
N ALA F 114 -55.18 35.10 -20.52
CA ALA F 114 -53.82 34.86 -20.06
C ALA F 114 -53.65 35.14 -18.56
N GLN F 115 -54.71 34.95 -17.76
CA GLN F 115 -54.72 35.28 -16.35
C GLN F 115 -55.18 34.11 -15.43
N GLY G 1 27.35 2.82 0.32
CA GLY G 1 26.26 3.61 0.90
C GLY G 1 26.65 5.05 1.11
N ALA G 2 27.91 5.29 1.58
CA ALA G 2 28.50 6.58 2.00
C ALA G 2 28.52 7.60 0.88
N ARG G 3 28.44 7.12 -0.35
CA ARG G 3 28.43 7.94 -1.55
C ARG G 3 27.17 8.80 -1.56
N ALA G 4 26.16 8.41 -0.77
CA ALA G 4 24.93 9.16 -0.67
C ALA G 4 25.24 10.57 -0.13
N SER G 5 26.36 10.74 0.58
CA SER G 5 26.78 12.02 1.14
C SER G 5 27.46 12.90 0.10
N VAL G 6 27.74 12.31 -1.07
CA VAL G 6 28.39 12.95 -2.20
C VAL G 6 27.28 13.49 -3.11
N LEU G 7 26.21 12.71 -3.20
CA LEU G 7 25.05 13.02 -4.05
C LEU G 7 24.42 14.34 -3.63
N SER G 8 23.77 15.00 -4.59
CA SER G 8 23.18 16.31 -4.36
C SER G 8 22.18 16.35 -3.21
N GLY G 9 22.26 17.42 -2.38
CA GLY G 9 21.56 17.52 -1.10
C GLY G 9 22.34 16.96 0.07
N GLY G 10 23.35 16.13 -0.20
CA GLY G 10 24.07 15.48 0.88
C GLY G 10 25.11 16.38 1.57
N GLU G 11 25.73 15.80 2.58
CA GLU G 11 26.72 16.49 3.42
C GLU G 11 27.82 17.23 2.66
N LEU G 12 28.38 16.59 1.64
CA LEU G 12 29.51 17.20 0.96
C LEU G 12 29.08 18.10 -0.18
N ASP G 13 27.78 18.07 -0.50
CA ASP G 13 27.24 18.92 -1.54
C ASP G 13 27.05 20.27 -0.88
N LYS G 14 26.61 20.26 0.38
CA LYS G 14 26.37 21.49 1.11
C LYS G 14 27.68 22.12 1.56
N TRP G 15 28.69 21.32 1.85
CA TRP G 15 29.96 21.85 2.34
C TRP G 15 30.48 23.00 1.47
N GLU G 16 30.56 22.80 0.16
CA GLU G 16 31.16 23.81 -0.70
C GLU G 16 30.22 24.91 -1.16
N LYS G 17 28.99 24.91 -0.67
CA LYS G 17 28.04 25.95 -1.06
C LYS G 17 28.06 27.10 -0.08
N ILE G 18 28.78 26.91 1.03
CA ILE G 18 28.72 27.82 2.15
C ILE G 18 29.82 28.88 2.03
N ARG G 19 29.37 30.13 1.92
CA ARG G 19 30.26 31.28 1.70
C ARG G 19 31.05 31.65 2.95
N LEU G 20 32.30 32.03 2.76
CA LEU G 20 33.16 32.39 3.88
C LEU G 20 33.08 33.87 4.16
N ARG G 21 32.55 34.20 5.35
CA ARG G 21 32.24 35.56 5.78
C ARG G 21 30.97 35.90 5.02
N PRO G 22 30.00 36.62 5.61
CA PRO G 22 28.80 36.92 4.89
C PRO G 22 29.19 37.75 3.69
N GLY G 23 28.83 37.25 2.52
CA GLY G 23 29.12 37.84 1.22
C GLY G 23 30.56 37.74 0.79
N GLY G 24 31.31 36.81 1.34
CA GLY G 24 32.59 36.53 0.73
C GLY G 24 32.38 35.76 -0.56
N LYS G 25 33.20 36.04 -1.57
CA LYS G 25 33.16 35.32 -2.83
C LYS G 25 33.64 33.87 -2.75
N LYS G 26 34.71 33.60 -1.99
CA LYS G 26 35.08 32.25 -1.58
C LYS G 26 34.06 31.52 -0.71
N GLN G 27 34.04 30.20 -0.92
CA GLN G 27 33.25 29.19 -0.22
C GLN G 27 34.20 28.12 0.37
N TYR G 28 33.73 27.35 1.36
CA TYR G 28 34.57 26.27 1.94
C TYR G 28 34.92 25.25 0.88
N LYS G 29 36.10 24.66 1.00
CA LYS G 29 36.52 23.62 0.07
C LYS G 29 36.64 22.26 0.76
N LEU G 30 36.46 21.20 -0.01
CA LEU G 30 36.57 19.82 0.47
C LEU G 30 37.92 19.46 1.08
N LYS G 31 39.02 19.90 0.45
CA LYS G 31 40.38 19.82 0.97
C LYS G 31 40.61 20.40 2.37
N HIS G 32 39.81 21.40 2.81
CA HIS G 32 39.97 21.98 4.13
C HIS G 32 39.49 21.04 5.23
N ILE G 33 38.63 20.04 4.86
CA ILE G 33 38.26 18.94 5.77
C ILE G 33 39.48 18.07 6.04
N VAL G 34 40.22 17.75 4.97
CA VAL G 34 41.44 16.97 5.04
C VAL G 34 42.50 17.64 5.90
N TRP G 35 42.67 18.97 5.74
CA TRP G 35 43.50 19.80 6.65
C TRP G 35 43.06 19.75 8.11
N ALA G 36 41.78 19.90 8.34
CA ALA G 36 41.20 19.83 9.67
C ALA G 36 41.42 18.48 10.34
N SER G 37 41.23 17.36 9.60
CA SER G 37 41.59 16.02 10.08
C SER G 37 43.06 15.91 10.38
N ARG G 38 43.92 16.37 9.45
CA ARG G 38 45.36 16.31 9.58
C ARG G 38 45.97 17.02 10.79
N GLU G 39 45.45 18.22 11.08
CA GLU G 39 45.82 18.90 12.30
C GLU G 39 45.27 18.16 13.51
N LEU G 40 44.07 17.58 13.42
CA LEU G 40 43.66 16.80 14.58
C LEU G 40 44.58 15.56 14.73
N GLU G 41 45.01 14.92 13.63
CA GLU G 41 45.91 13.75 13.69
C GLU G 41 47.24 14.16 14.32
N ARG G 42 47.72 15.37 14.00
CA ARG G 42 48.93 15.92 14.63
C ARG G 42 48.93 15.91 16.17
N PHE G 43 47.75 16.04 16.79
CA PHE G 43 47.66 16.13 18.23
C PHE G 43 47.10 14.83 18.78
N ALA G 44 47.10 13.83 17.89
CA ALA G 44 46.61 12.49 18.10
C ALA G 44 45.15 12.48 18.49
N VAL G 45 44.35 13.36 17.87
CA VAL G 45 42.92 13.41 18.06
C VAL G 45 42.34 12.47 17.03
N ASN G 46 41.45 11.61 17.48
CA ASN G 46 40.90 10.57 16.63
C ASN G 46 40.02 11.14 15.53
N PRO G 47 40.34 10.97 14.23
CA PRO G 47 39.58 11.51 13.11
C PRO G 47 38.29 10.73 12.86
N GLY G 48 37.97 9.70 13.68
CA GLY G 48 36.69 9.01 13.70
C GLY G 48 35.58 9.86 14.26
N LEU G 49 35.93 10.85 15.12
CA LEU G 49 35.01 11.83 15.64
C LEU G 49 34.32 12.65 14.54
N LEU G 50 35.06 12.91 13.45
CA LEU G 50 34.61 13.70 12.31
C LEU G 50 33.57 12.99 11.46
N GLU G 51 33.38 11.66 11.64
CA GLU G 51 32.34 10.87 11.00
C GLU G 51 30.90 11.29 11.34
N THR G 52 30.65 11.57 12.63
CA THR G 52 29.29 11.71 13.18
C THR G 52 29.07 13.08 13.76
N SER G 53 27.80 13.53 13.85
CA SER G 53 27.42 14.77 14.51
C SER G 53 27.80 14.84 15.98
N GLU G 54 27.57 13.75 16.74
CA GLU G 54 27.92 13.64 18.15
C GLU G 54 29.41 13.79 18.43
N GLY G 55 30.28 13.15 17.61
CA GLY G 55 31.73 13.29 17.70
C GLY G 55 32.21 14.70 17.43
N CYS G 56 31.66 15.37 16.40
CA CYS G 56 31.90 16.77 16.13
C CYS G 56 31.43 17.69 17.27
N ARG G 57 30.25 17.42 17.84
CA ARG G 57 29.69 18.08 19.01
C ARG G 57 30.56 17.98 20.26
N GLN G 58 31.14 16.79 20.54
CA GLN G 58 32.18 16.60 21.54
C GLN G 58 33.46 17.41 21.31
N ILE G 59 33.94 17.50 20.05
CA ILE G 59 35.06 18.38 19.69
C ILE G 59 34.77 19.86 19.98
N LEU G 60 33.57 20.37 19.64
CA LEU G 60 33.16 21.72 20.01
C LEU G 60 33.15 21.95 21.52
N GLY G 61 32.65 20.97 22.30
CA GLY G 61 32.65 21.02 23.75
C GLY G 61 34.01 21.19 24.38
N GLN G 62 35.02 20.44 23.92
CA GLN G 62 36.36 20.53 24.47
C GLN G 62 37.20 21.66 23.89
N LEU G 63 36.92 22.13 22.65
CA LEU G 63 37.74 23.13 21.98
C LEU G 63 37.15 24.54 21.99
N GLN G 64 36.08 24.75 22.75
CA GLN G 64 35.40 26.04 22.83
C GLN G 64 36.31 27.26 23.16
N PRO G 65 37.17 27.28 24.24
CA PRO G 65 38.08 28.40 24.52
C PRO G 65 39.29 28.43 23.60
N SER G 66 39.38 27.57 22.57
CA SER G 66 40.45 27.62 21.58
C SER G 66 40.24 28.74 20.58
N LEU G 67 39.02 29.31 20.49
CA LEU G 67 38.81 30.57 19.79
C LEU G 67 39.57 31.75 20.39
N GLN G 68 39.50 31.90 21.73
CA GLN G 68 40.19 32.93 22.49
C GLN G 68 41.70 32.82 22.44
N THR G 69 42.19 31.57 22.54
CA THR G 69 43.62 31.31 22.68
C THR G 69 44.27 31.06 21.34
N GLY G 70 43.49 31.04 20.23
CA GLY G 70 43.98 30.78 18.89
C GLY G 70 44.03 31.98 17.98
N SER G 71 44.88 31.87 16.94
CA SER G 71 44.99 32.76 15.80
C SER G 71 43.90 32.46 14.77
N GLU G 72 43.81 33.24 13.68
CA GLU G 72 42.74 33.17 12.68
C GLU G 72 42.53 31.79 12.06
N GLU G 73 43.62 31.08 11.70
CA GLU G 73 43.57 29.69 11.28
C GLU G 73 43.05 28.71 12.32
N LEU G 74 43.44 28.84 13.60
CA LEU G 74 42.89 28.02 14.67
C LEU G 74 41.40 28.29 14.92
N ARG G 75 40.99 29.57 14.81
CA ARG G 75 39.56 29.93 14.84
C ARG G 75 38.78 29.36 13.63
N SER G 76 39.40 29.43 12.45
CA SER G 76 38.90 28.84 11.22
C SER G 76 38.79 27.34 11.29
N LEU G 77 39.74 26.65 11.95
CA LEU G 77 39.63 25.20 12.23
C LEU G 77 38.44 24.86 13.13
N TYR G 78 38.22 25.65 14.21
CA TYR G 78 37.02 25.52 15.05
C TYR G 78 35.77 25.66 14.20
N ASN G 79 35.72 26.70 13.36
CA ASN G 79 34.54 26.91 12.53
C ASN G 79 34.39 25.76 11.54
N THR G 80 35.50 25.20 11.05
CA THR G 80 35.43 24.07 10.13
C THR G 80 34.69 22.92 10.82
N ILE G 81 35.02 22.65 12.09
CA ILE G 81 34.33 21.58 12.85
C ILE G 81 32.86 21.90 13.07
N ALA G 82 32.57 23.17 13.41
CA ALA G 82 31.20 23.64 13.59
C ALA G 82 30.36 23.52 12.31
N VAL G 83 30.98 23.78 11.16
CA VAL G 83 30.28 23.63 9.90
C VAL G 83 30.14 22.14 9.63
N LEU G 84 31.16 21.31 9.96
CA LEU G 84 30.99 19.88 9.76
C LEU G 84 29.79 19.41 10.55
N TYR G 85 29.60 19.92 11.77
CA TYR G 85 28.41 19.57 12.51
C TYR G 85 27.16 19.98 11.71
N CYS G 86 27.13 21.23 11.20
CA CYS G 86 25.97 21.72 10.44
C CYS G 86 25.67 20.87 9.20
N VAL G 87 26.71 20.42 8.49
CA VAL G 87 26.49 19.56 7.33
C VAL G 87 26.13 18.13 7.76
N HIS G 88 26.65 17.63 8.90
CA HIS G 88 26.30 16.28 9.37
C HIS G 88 24.82 16.23 9.76
N GLN G 89 24.29 17.34 10.22
CA GLN G 89 22.86 17.46 10.44
C GLN G 89 22.06 17.63 9.15
N ARG G 90 22.76 17.89 8.05
CA ARG G 90 22.25 18.25 6.74
C ARG G 90 21.40 19.54 6.78
N ILE G 91 21.91 20.58 7.43
CA ILE G 91 21.23 21.86 7.51
C ILE G 91 21.59 22.69 6.29
N ASP G 92 20.59 23.19 5.58
CA ASP G 92 20.85 23.95 4.37
C ASP G 92 21.20 25.43 4.61
N VAL G 93 22.38 25.66 5.17
CA VAL G 93 22.86 27.02 5.49
C VAL G 93 23.50 27.59 4.22
N LYS G 94 23.48 28.91 4.04
CA LYS G 94 24.12 29.47 2.84
C LYS G 94 25.51 30.09 3.07
N ASP G 95 25.83 30.46 4.32
CA ASP G 95 27.15 31.03 4.61
C ASP G 95 27.59 30.73 6.04
N THR G 96 28.82 31.16 6.36
CA THR G 96 29.36 30.96 7.70
C THR G 96 28.66 31.78 8.74
N LYS G 97 28.13 32.93 8.38
CA LYS G 97 27.44 33.68 9.41
C LYS G 97 26.23 32.88 9.87
N GLU G 98 25.48 32.32 8.91
CA GLU G 98 24.32 31.53 9.26
C GLU G 98 24.69 30.27 10.02
N ALA G 99 25.72 29.56 9.54
CA ALA G 99 26.12 28.32 10.19
C ALA G 99 26.59 28.56 11.61
N LEU G 100 27.33 29.63 11.83
CA LEU G 100 27.86 29.89 13.15
C LEU G 100 26.79 30.46 14.06
N ASP G 101 25.84 31.22 13.52
CA ASP G 101 24.79 31.68 14.41
C ASP G 101 23.98 30.49 14.87
N LYS G 102 23.72 29.51 13.97
CA LYS G 102 22.94 28.33 14.38
C LYS G 102 23.66 27.58 15.48
N ILE G 103 24.96 27.54 15.43
CA ILE G 103 25.71 26.90 16.49
C ILE G 103 25.48 27.60 17.85
N GLU G 104 25.43 28.95 17.91
CA GLU G 104 25.32 29.56 19.24
C GLU G 104 23.89 29.87 19.64
N GLU G 105 22.92 29.59 18.75
CA GLU G 105 21.53 29.36 19.08
C GLU G 105 21.35 28.16 20.01
N GLU G 106 22.10 27.07 19.79
CA GLU G 106 21.86 25.78 20.43
C GLU G 106 22.26 25.75 21.90
N GLN G 107 23.09 26.72 22.37
CA GLN G 107 23.38 26.85 23.78
C GLN G 107 22.19 27.34 24.60
N ASN G 108 21.24 28.08 23.98
CA ASN G 108 19.95 28.38 24.60
C ASN G 108 19.15 27.11 24.90
N LYS G 109 19.16 26.17 23.96
CA LYS G 109 18.51 24.88 24.16
C LYS G 109 19.25 23.98 25.15
N SER G 110 20.57 23.96 25.07
CA SER G 110 21.39 23.16 25.97
C SER G 110 21.32 23.58 27.43
N LYS G 111 21.40 24.90 27.73
CA LYS G 111 21.34 25.42 29.09
C LYS G 111 20.08 25.13 29.87
N LYS G 112 18.90 25.14 29.21
CA LYS G 112 17.62 25.01 29.89
C LYS G 112 17.16 23.54 29.92
N LYS G 113 18.05 22.63 29.49
CA LYS G 113 17.78 21.18 29.48
C LYS G 113 18.74 20.36 30.37
N ALA G 114 19.34 20.97 31.39
CA ALA G 114 20.26 20.27 32.27
C ALA G 114 20.14 20.73 33.72
N GLN G 115 20.54 19.85 34.66
CA GLN G 115 20.53 20.09 36.09
C GLN G 115 21.28 18.92 36.78
N GLY H 1 54.91 52.54 18.61
CA GLY H 1 55.32 51.97 19.90
C GLY H 1 56.72 51.32 19.89
N ALA H 2 57.16 50.78 18.74
CA ALA H 2 58.45 50.05 18.59
C ALA H 2 59.68 50.92 18.89
N ARG H 3 59.66 52.21 18.52
CA ARG H 3 60.81 53.10 18.77
C ARG H 3 60.93 53.44 20.26
N ALA H 4 59.78 53.53 20.88
CA ALA H 4 59.58 53.82 22.29
C ALA H 4 60.09 52.68 23.17
N SER H 5 59.90 51.46 22.69
CA SER H 5 60.31 50.25 23.40
C SER H 5 61.81 50.03 23.41
N VAL H 6 62.53 50.70 22.52
CA VAL H 6 63.96 50.47 22.39
C VAL H 6 64.74 51.66 22.96
N LEU H 7 63.98 52.63 23.45
CA LEU H 7 64.49 53.79 24.15
C LEU H 7 65.18 53.43 25.47
N SER H 8 66.24 54.16 25.88
CA SER H 8 66.80 53.97 27.22
C SER H 8 65.78 54.37 28.29
N GLY H 9 65.50 53.46 29.23
CA GLY H 9 64.37 53.53 30.15
C GLY H 9 63.02 53.15 29.60
N GLY H 10 62.96 52.52 28.40
CA GLY H 10 61.78 51.84 27.86
C GLY H 10 61.90 50.34 28.05
N GLU H 11 60.96 49.53 27.51
CA GLU H 11 60.92 48.09 27.80
C GLU H 11 62.21 47.30 27.56
N LEU H 12 62.87 47.46 26.40
CA LEU H 12 64.08 46.72 26.08
C LEU H 12 65.27 47.02 26.97
N ASP H 13 65.49 48.31 27.32
CA ASP H 13 66.58 48.71 28.20
C ASP H 13 66.45 48.09 29.59
N LYS H 14 65.22 47.93 30.08
CA LYS H 14 65.03 47.12 31.29
C LYS H 14 65.18 45.58 31.10
N TRP H 15 64.70 45.05 29.98
CA TRP H 15 64.77 43.60 29.71
C TRP H 15 66.20 43.06 29.75
N GLU H 16 67.12 43.78 29.13
CA GLU H 16 68.48 43.30 29.00
C GLU H 16 69.40 43.43 30.24
N LYS H 17 68.88 43.87 31.39
CA LYS H 17 69.70 43.92 32.60
C LYS H 17 69.48 42.68 33.46
N ILE H 18 68.48 41.85 33.11
CA ILE H 18 67.92 40.84 34.01
C ILE H 18 68.66 39.51 33.86
N ARG H 19 69.17 38.93 34.97
CA ARG H 19 69.77 37.60 34.96
C ARG H 19 68.79 36.45 34.67
N LEU H 20 69.23 35.43 33.90
CA LEU H 20 68.43 34.24 33.64
C LEU H 20 68.08 33.41 34.86
N ARG H 21 69.06 33.18 35.77
CA ARG H 21 68.92 32.32 36.93
C ARG H 21 69.51 33.07 38.11
N PRO H 22 69.06 32.90 39.38
CA PRO H 22 69.60 33.56 40.60
C PRO H 22 71.14 33.49 40.77
N GLY H 23 71.68 32.27 40.70
CA GLY H 23 73.11 31.98 40.76
C GLY H 23 73.77 32.08 39.42
N GLY H 24 72.97 32.32 38.37
CA GLY H 24 73.43 32.55 37.01
C GLY H 24 74.20 33.83 36.81
N LYS H 25 74.89 33.88 35.64
CA LYS H 25 75.69 35.03 35.19
C LYS H 25 75.10 35.66 33.90
N LYS H 26 74.53 34.82 33.03
CA LYS H 26 73.90 35.25 31.80
C LYS H 26 72.67 36.13 32.00
N GLN H 27 72.44 37.09 31.09
CA GLN H 27 71.30 37.99 31.12
C GLN H 27 70.44 37.81 29.89
N TYR H 28 69.13 38.10 30.00
CA TYR H 28 68.16 38.09 28.90
C TYR H 28 68.54 38.98 27.72
N LYS H 29 68.17 38.53 26.50
CA LYS H 29 68.38 39.24 25.24
C LYS H 29 67.07 39.36 24.44
N LEU H 30 67.01 40.29 23.47
CA LEU H 30 65.84 40.48 22.62
C LEU H 30 65.31 39.21 21.94
N LYS H 31 66.21 38.33 21.48
CA LYS H 31 65.85 37.09 20.80
C LYS H 31 64.99 36.12 21.60
N HIS H 32 65.03 36.22 22.95
CA HIS H 32 64.24 35.35 23.82
C HIS H 32 62.76 35.68 23.71
N ILE H 33 62.46 36.93 23.38
CA ILE H 33 61.09 37.39 23.25
C ILE H 33 60.56 36.78 21.98
N VAL H 34 61.41 36.85 20.96
CA VAL H 34 61.08 36.32 19.65
C VAL H 34 60.87 34.79 19.72
N TRP H 35 61.74 34.09 20.45
CA TRP H 35 61.61 32.65 20.64
C TRP H 35 60.31 32.25 21.33
N ALA H 36 59.92 32.96 22.41
CA ALA H 36 58.66 32.77 23.08
C ALA H 36 57.45 32.99 22.17
N SER H 37 57.55 33.99 21.29
CA SER H 37 56.51 34.17 20.27
C SER H 37 56.52 33.03 19.27
N ARG H 38 57.67 32.64 18.76
CA ARG H 38 57.77 31.54 17.82
C ARG H 38 57.26 30.19 18.30
N GLU H 39 57.56 29.78 19.55
CA GLU H 39 57.03 28.54 20.11
C GLU H 39 55.50 28.54 20.19
N LEU H 40 54.88 29.67 20.60
CA LEU H 40 53.46 29.90 20.50
C LEU H 40 52.90 29.92 19.07
N GLU H 41 53.61 30.60 18.13
CA GLU H 41 53.20 30.73 16.73
C GLU H 41 53.27 29.44 15.92
N ARG H 42 54.07 28.45 16.35
CA ARG H 42 54.07 27.10 15.80
C ARG H 42 52.72 26.40 15.83
N PHE H 43 51.96 26.61 16.92
CA PHE H 43 50.72 25.88 17.16
C PHE H 43 49.51 26.76 16.91
N ALA H 44 49.72 27.92 16.27
CA ALA H 44 48.66 28.89 15.97
C ALA H 44 47.96 29.56 17.18
N VAL H 45 48.73 29.89 18.22
CA VAL H 45 48.27 30.68 19.36
C VAL H 45 47.96 32.13 19.00
N ASN H 46 46.96 32.74 19.67
CA ASN H 46 46.57 34.14 19.53
C ASN H 46 47.70 35.14 19.87
N PRO H 47 48.26 35.93 18.95
CA PRO H 47 49.38 36.83 19.26
C PRO H 47 48.91 38.03 20.07
N GLY H 48 47.60 38.36 20.07
CA GLY H 48 47.01 39.47 20.81
C GLY H 48 47.08 39.30 22.31
N LEU H 49 47.39 38.05 22.72
CA LEU H 49 47.64 37.78 24.10
C LEU H 49 48.97 38.40 24.58
N LEU H 50 50.02 38.41 23.75
CA LEU H 50 51.31 39.01 24.11
C LEU H 50 51.27 40.54 24.09
N GLU H 51 50.35 41.07 23.29
CA GLU H 51 49.95 42.48 23.23
C GLU H 51 49.37 43.11 24.49
N THR H 52 48.70 42.34 25.36
CA THR H 52 48.05 42.97 26.50
C THR H 52 48.40 42.32 27.84
N SER H 53 48.16 43.05 28.94
CA SER H 53 48.40 42.51 30.27
C SER H 53 47.44 41.39 30.58
N GLU H 54 46.18 41.56 30.17
CA GLU H 54 45.16 40.59 30.45
C GLU H 54 45.44 39.33 29.67
N GLY H 55 45.85 39.48 28.43
CA GLY H 55 46.21 38.32 27.60
C GLY H 55 47.41 37.52 28.09
N CYS H 56 48.42 38.22 28.54
CA CYS H 56 49.60 37.59 29.14
C CYS H 56 49.28 36.79 30.39
N ARG H 57 48.38 37.30 31.24
CA ARG H 57 47.83 36.59 32.40
C ARG H 57 47.09 35.31 31.97
N GLN H 58 46.29 35.38 30.89
CA GLN H 58 45.66 34.22 30.29
C GLN H 58 46.63 33.15 29.80
N ILE H 59 47.75 33.52 29.13
CA ILE H 59 48.80 32.57 28.76
C ILE H 59 49.41 31.87 29.97
N LEU H 60 49.75 32.65 31.03
CA LEU H 60 50.24 32.11 32.29
C LEU H 60 49.25 31.16 32.94
N GLY H 61 47.95 31.49 32.91
CA GLY H 61 46.85 30.62 33.33
C GLY H 61 46.77 29.29 32.61
N GLN H 62 46.97 29.25 31.28
CA GLN H 62 47.10 28.01 30.54
C GLN H 62 48.34 27.18 30.89
N LEU H 63 49.51 27.84 31.03
CA LEU H 63 50.78 27.21 31.40
C LEU H 63 50.83 26.62 32.81
N GLN H 64 50.30 27.35 33.80
CA GLN H 64 50.44 27.09 35.22
C GLN H 64 50.08 25.69 35.75
N PRO H 65 49.03 24.96 35.37
CA PRO H 65 48.77 23.64 35.95
C PRO H 65 49.75 22.57 35.49
N SER H 66 50.52 22.78 34.42
CA SER H 66 51.30 21.70 33.79
C SER H 66 52.80 21.90 33.86
N LEU H 67 53.30 22.91 34.60
CA LEU H 67 54.71 23.29 34.62
C LEU H 67 55.69 22.20 35.06
N GLN H 68 55.26 21.41 36.04
CA GLN H 68 56.05 20.26 36.49
C GLN H 68 55.86 19.03 35.60
N THR H 69 54.79 19.02 34.80
CA THR H 69 54.49 17.89 33.94
C THR H 69 55.44 17.93 32.78
N GLY H 70 55.67 19.15 32.27
CA GLY H 70 56.56 19.36 31.15
C GLY H 70 58.03 19.51 31.56
N SER H 71 58.89 19.53 30.56
CA SER H 71 60.33 19.68 30.70
C SER H 71 60.73 21.14 30.93
N GLU H 72 62.04 21.40 31.17
CA GLU H 72 62.57 22.72 31.50
C GLU H 72 62.24 23.81 30.47
N GLU H 73 61.98 23.42 29.20
CA GLU H 73 61.56 24.35 28.14
C GLU H 73 60.19 24.99 28.41
N LEU H 74 59.25 24.22 28.95
CA LEU H 74 57.94 24.75 29.34
C LEU H 74 58.06 25.78 30.47
N ARG H 75 58.86 25.44 31.50
CA ARG H 75 59.23 26.33 32.58
C ARG H 75 59.99 27.57 32.14
N SER H 76 60.88 27.41 31.15
CA SER H 76 61.57 28.53 30.51
C SER H 76 60.59 29.47 29.84
N LEU H 77 59.60 28.93 29.11
CA LEU H 77 58.62 29.79 28.45
C LEU H 77 57.84 30.55 29.52
N TYR H 78 57.43 29.86 30.60
CA TYR H 78 56.71 30.47 31.71
C TYR H 78 57.52 31.57 32.37
N ASN H 79 58.81 31.31 32.66
CA ASN H 79 59.73 32.29 33.21
C ASN H 79 59.92 33.49 32.30
N THR H 80 60.04 33.23 31.00
CA THR H 80 60.25 34.30 30.02
C THR H 80 59.05 35.22 30.06
N ILE H 81 57.86 34.62 30.11
CA ILE H 81 56.62 35.35 30.18
C ILE H 81 56.47 36.05 31.53
N ALA H 82 56.82 35.40 32.66
CA ALA H 82 56.71 36.07 33.96
C ALA H 82 57.57 37.34 33.97
N VAL H 83 58.76 37.27 33.36
CA VAL H 83 59.60 38.45 33.29
C VAL H 83 58.98 39.46 32.33
N LEU H 84 58.47 39.04 31.15
CA LEU H 84 57.83 40.01 30.25
C LEU H 84 56.60 40.64 30.88
N TYR H 85 55.82 39.87 31.63
CA TYR H 85 54.72 40.43 32.36
C TYR H 85 55.23 41.56 33.26
N CYS H 86 56.30 41.29 34.02
CA CYS H 86 56.88 42.30 34.88
C CYS H 86 57.38 43.51 34.09
N VAL H 87 58.00 43.29 32.93
CA VAL H 87 58.45 44.42 32.13
C VAL H 87 57.26 45.24 31.64
N HIS H 88 56.20 44.57 31.20
CA HIS H 88 54.99 45.22 30.68
C HIS H 88 54.27 46.01 31.77
N GLN H 89 54.40 45.56 33.03
CA GLN H 89 53.82 46.23 34.18
C GLN H 89 54.79 47.24 34.82
N ARG H 90 55.96 47.42 34.18
CA ARG H 90 57.06 48.29 34.60
C ARG H 90 57.62 48.00 35.99
N ILE H 91 57.84 46.72 36.21
CA ILE H 91 58.43 46.19 37.44
C ILE H 91 59.90 45.87 37.15
N ASP H 92 60.77 46.46 37.96
CA ASP H 92 62.19 46.37 37.74
C ASP H 92 62.90 45.25 38.55
N VAL H 93 62.65 43.99 38.11
CA VAL H 93 63.29 42.77 38.55
C VAL H 93 64.77 42.70 38.16
N LYS H 94 65.62 42.02 38.97
CA LYS H 94 67.05 41.92 38.65
C LYS H 94 67.48 40.50 38.30
N ASP H 95 66.60 39.51 38.59
CA ASP H 95 66.68 38.19 38.04
C ASP H 95 65.27 37.62 38.00
N THR H 96 65.13 36.41 37.44
CA THR H 96 63.88 35.66 37.28
C THR H 96 63.10 35.47 38.59
N LYS H 97 63.76 35.26 39.74
CA LYS H 97 63.09 34.99 41.01
C LYS H 97 62.18 36.12 41.49
N GLU H 98 62.59 37.40 41.32
CA GLU H 98 61.74 38.54 41.63
C GLU H 98 60.45 38.56 40.81
N ALA H 99 60.55 38.23 39.50
CA ALA H 99 59.40 38.07 38.63
C ALA H 99 58.46 36.95 39.07
N LEU H 100 59.02 35.78 39.44
CA LEU H 100 58.26 34.69 40.02
C LEU H 100 57.59 35.03 41.33
N ASP H 101 58.26 35.75 42.26
CA ASP H 101 57.69 36.20 43.51
C ASP H 101 56.47 37.09 43.30
N LYS H 102 56.54 38.03 42.33
CA LYS H 102 55.39 38.80 41.89
C LYS H 102 54.27 38.00 41.25
N ILE H 103 54.56 37.01 40.38
CA ILE H 103 53.55 36.11 39.84
C ILE H 103 52.83 35.31 40.94
N GLU H 104 53.58 34.77 41.92
CA GLU H 104 53.08 34.11 43.11
C GLU H 104 52.25 35.05 44.01
N GLU H 105 52.71 36.31 44.20
CA GLU H 105 52.01 37.35 44.94
C GLU H 105 50.66 37.67 44.34
N GLU H 106 50.59 37.82 43.01
CA GLU H 106 49.35 37.97 42.25
C GLU H 106 48.44 36.76 42.40
N GLN H 107 48.97 35.50 42.38
CA GLN H 107 48.17 34.31 42.63
C GLN H 107 47.50 34.29 44.00
N ASN H 108 48.26 34.61 45.08
CA ASN H 108 47.74 34.70 46.44
C ASN H 108 46.65 35.76 46.57
N LYS H 109 46.95 36.96 46.05
CA LYS H 109 46.12 38.14 46.05
C LYS H 109 44.80 37.99 45.29
N SER H 110 44.86 37.43 44.06
CA SER H 110 43.66 37.07 43.32
C SER H 110 42.85 35.94 43.90
N LYS H 111 43.47 34.81 44.30
CA LYS H 111 42.73 33.64 44.76
C LYS H 111 41.90 33.76 46.02
N LYS H 112 42.36 34.50 47.05
CA LYS H 112 41.56 34.74 48.24
C LYS H 112 40.36 35.66 47.96
N LYS H 113 40.42 36.44 46.89
CA LYS H 113 39.27 37.23 46.49
C LYS H 113 38.32 36.46 45.58
N ALA H 114 38.70 35.25 45.19
CA ALA H 114 37.89 34.41 44.30
C ALA H 114 37.59 33.00 44.88
N GLN H 115 37.58 32.87 46.23
CA GLN H 115 37.31 31.65 47.01
C GLN H 115 36.50 32.04 48.24
N GLY I 1 73.64 -0.29 39.75
CA GLY I 1 72.43 0.53 39.87
C GLY I 1 71.63 0.58 38.59
N ALA I 2 72.10 1.39 37.62
CA ALA I 2 71.39 1.70 36.36
C ALA I 2 71.11 0.42 35.57
N ARG I 3 72.09 -0.49 35.62
CA ARG I 3 72.07 -1.77 34.93
C ARG I 3 71.09 -2.74 35.57
N ALA I 4 70.62 -2.46 36.78
CA ALA I 4 69.71 -3.37 37.45
C ALA I 4 68.48 -3.56 36.58
N SER I 5 68.09 -2.50 35.88
CA SER I 5 66.91 -2.47 35.05
C SER I 5 67.00 -3.36 33.81
N VAL I 6 68.20 -3.87 33.48
CA VAL I 6 68.35 -4.71 32.31
C VAL I 6 68.84 -6.13 32.65
N LEU I 7 68.76 -6.53 33.92
CA LEU I 7 69.20 -7.86 34.36
C LEU I 7 68.14 -8.92 34.08
N SER I 8 68.56 -10.19 33.98
CA SER I 8 67.66 -11.30 33.74
C SER I 8 66.65 -11.33 34.90
N GLY I 9 65.37 -11.35 34.53
CA GLY I 9 64.24 -11.27 35.43
C GLY I 9 64.00 -9.91 36.05
N GLY I 10 64.65 -8.85 35.51
CA GLY I 10 64.42 -7.46 35.89
C GLY I 10 63.60 -6.73 34.84
N GLU I 11 63.43 -5.43 35.00
CA GLU I 11 62.39 -4.69 34.29
C GLU I 11 62.42 -4.72 32.73
N LEU I 12 63.58 -4.56 32.06
CA LEU I 12 63.62 -4.65 30.58
C LEU I 12 63.43 -6.08 30.11
N ASP I 13 64.05 -7.03 30.81
CA ASP I 13 63.86 -8.42 30.50
C ASP I 13 62.41 -8.90 30.67
N LYS I 14 61.72 -8.50 31.76
CA LYS I 14 60.31 -8.72 31.97
C LYS I 14 59.42 -8.05 30.91
N TRP I 15 59.79 -6.80 30.54
CA TRP I 15 59.17 -5.96 29.50
C TRP I 15 59.11 -6.63 28.16
N GLU I 16 60.25 -7.15 27.72
CA GLU I 16 60.33 -7.70 26.38
C GLU I 16 59.55 -8.99 26.17
N LYS I 17 58.93 -9.54 27.24
CA LYS I 17 58.12 -10.73 27.13
C LYS I 17 56.58 -10.43 27.06
N ILE I 18 56.18 -9.17 27.25
CA ILE I 18 54.76 -8.79 27.29
C ILE I 18 54.11 -8.62 25.90
N ARG I 19 52.93 -9.23 25.70
CA ARG I 19 52.19 -9.14 24.46
C ARG I 19 51.73 -7.74 24.04
N LEU I 20 51.86 -7.46 22.74
CA LEU I 20 51.38 -6.19 22.21
C LEU I 20 49.87 -6.21 21.99
N ARG I 21 49.32 -7.38 21.66
CA ARG I 21 47.90 -7.48 21.46
C ARG I 21 47.45 -8.94 21.62
N PRO I 22 46.24 -9.18 22.11
CA PRO I 22 45.63 -10.48 22.13
C PRO I 22 45.52 -10.93 20.68
N GLY I 23 45.72 -12.20 20.44
CA GLY I 23 45.60 -12.74 19.09
C GLY I 23 46.91 -12.83 18.33
N GLY I 24 47.99 -12.20 18.81
CA GLY I 24 49.25 -12.31 18.09
C GLY I 24 50.34 -12.86 18.98
N LYS I 25 51.50 -13.22 18.40
CA LYS I 25 52.58 -13.68 19.24
C LYS I 25 53.66 -12.61 19.42
N LYS I 26 53.53 -11.45 18.74
CA LYS I 26 54.39 -10.30 18.98
C LYS I 26 54.34 -9.70 20.39
N GLN I 27 55.53 -9.31 20.85
CA GLN I 27 55.83 -8.79 22.20
C GLN I 27 56.51 -7.41 22.16
N TYR I 28 56.44 -6.68 23.28
CA TYR I 28 57.13 -5.38 23.47
C TYR I 28 58.61 -5.52 23.34
N LYS I 29 59.27 -4.53 22.76
CA LYS I 29 60.72 -4.55 22.64
C LYS I 29 61.31 -3.22 23.12
N LEU I 30 62.64 -3.13 23.26
CA LEU I 30 63.23 -1.82 23.69
C LEU I 30 62.87 -0.57 22.82
N LYS I 31 62.66 -0.74 21.51
CA LYS I 31 62.30 0.38 20.63
C LYS I 31 61.09 1.19 21.09
N HIS I 32 60.11 0.51 21.73
CA HIS I 32 58.90 1.11 22.24
C HIS I 32 59.15 2.18 23.29
N ILE I 33 60.12 1.95 24.20
CA ILE I 33 60.55 2.92 25.20
C ILE I 33 61.16 4.17 24.57
N VAL I 34 62.04 3.98 23.56
CA VAL I 34 62.68 5.06 22.81
C VAL I 34 61.66 5.91 22.05
N TRP I 35 60.72 5.24 21.35
CA TRP I 35 59.60 5.85 20.67
C TRP I 35 58.68 6.64 21.59
N ALA I 36 58.32 6.05 22.75
CA ALA I 36 57.50 6.70 23.75
C ALA I 36 58.10 7.96 24.32
N SER I 37 59.41 7.96 24.65
CA SER I 37 60.11 9.15 25.13
C SER I 37 60.13 10.26 24.08
N ARG I 38 60.45 9.95 22.81
CA ARG I 38 60.39 10.92 21.73
C ARG I 38 59.00 11.50 21.45
N GLU I 39 57.94 10.67 21.40
CA GLU I 39 56.57 11.14 21.28
C GLU I 39 56.09 11.99 22.47
N LEU I 40 56.47 11.62 23.71
CA LEU I 40 56.27 12.45 24.89
C LEU I 40 57.01 13.80 24.88
N GLU I 41 58.30 13.81 24.50
CA GLU I 41 59.08 15.05 24.40
C GLU I 41 58.74 15.90 23.19
N ARG I 42 58.05 15.35 22.16
CA ARG I 42 57.46 16.12 21.08
C ARG I 42 56.46 17.17 21.59
N PHE I 43 55.71 16.84 22.66
CA PHE I 43 54.87 17.79 23.38
C PHE I 43 55.50 18.23 24.69
N ALA I 44 56.84 18.03 24.83
CA ALA I 44 57.67 18.49 25.92
C ALA I 44 57.34 17.92 27.29
N VAL I 45 56.79 16.70 27.38
CA VAL I 45 56.53 16.02 28.65
C VAL I 45 57.81 15.60 29.36
N ASN I 46 57.90 15.85 30.67
CA ASN I 46 59.10 15.66 31.50
C ASN I 46 59.49 14.17 31.68
N PRO I 47 60.65 13.66 31.16
CA PRO I 47 61.07 12.27 31.26
C PRO I 47 61.58 11.91 32.65
N GLY I 48 61.63 12.88 33.56
CA GLY I 48 61.88 12.58 34.96
C GLY I 48 60.66 11.93 35.61
N LEU I 49 59.49 12.08 34.99
CA LEU I 49 58.28 11.51 35.57
C LEU I 49 58.10 10.10 35.08
N LEU I 50 58.98 9.70 34.18
CA LEU I 50 58.96 8.34 33.70
C LEU I 50 59.81 7.52 34.66
N GLU I 51 60.78 8.19 35.34
CA GLU I 51 61.61 7.54 36.34
C GLU I 51 60.86 7.19 37.61
N THR I 52 60.02 8.09 38.05
CA THR I 52 59.28 7.80 39.27
C THR I 52 57.89 7.26 39.02
N SER I 53 57.61 6.16 39.70
CA SER I 53 56.34 5.45 39.60
C SER I 53 55.14 6.31 39.98
N GLU I 54 55.31 7.18 41.00
CA GLU I 54 54.36 8.19 41.40
C GLU I 54 54.06 9.20 40.29
N GLY I 55 55.12 9.58 39.54
CA GLY I 55 55.03 10.42 38.33
C GLY I 55 54.26 9.75 37.20
N CYS I 56 54.51 8.46 37.00
CA CYS I 56 53.79 7.70 36.00
C CYS I 56 52.30 7.67 36.32
N ARG I 57 51.97 7.52 37.61
CA ARG I 57 50.56 7.54 38.01
C ARG I 57 49.93 8.89 37.65
N GLN I 58 50.67 9.99 37.89
CA GLN I 58 50.18 11.34 37.58
C GLN I 58 49.96 11.52 36.07
N ILE I 59 50.87 10.96 35.26
CA ILE I 59 50.77 11.00 33.80
C ILE I 59 49.57 10.22 33.27
N LEU I 60 49.34 9.02 33.83
CA LEU I 60 48.16 8.23 33.48
C LEU I 60 46.84 8.95 33.86
N GLY I 61 46.81 9.65 35.02
CA GLY I 61 45.68 10.49 35.43
C GLY I 61 45.47 11.72 34.59
N GLN I 62 46.54 12.35 34.13
CA GLN I 62 46.45 13.48 33.19
C GLN I 62 45.99 13.14 31.78
N LEU I 63 46.43 11.99 31.25
CA LEU I 63 46.10 11.61 29.90
C LEU I 63 44.74 10.93 29.73
N GLN I 64 44.10 10.40 30.80
CA GLN I 64 42.89 9.60 30.68
C GLN I 64 41.67 10.20 29.96
N PRO I 65 41.27 11.48 30.01
CA PRO I 65 40.14 11.99 29.21
C PRO I 65 40.50 12.06 27.73
N SER I 66 41.80 12.05 27.41
CA SER I 66 42.21 12.32 26.05
C SER I 66 42.19 11.05 25.24
N LEU I 67 41.90 9.94 25.89
CA LEU I 67 41.92 8.70 25.17
C LEU I 67 40.63 8.51 24.41
N GLN I 68 39.49 8.97 24.94
CA GLN I 68 38.24 8.77 24.22
C GLN I 68 38.23 9.51 22.88
N THR I 69 38.86 10.68 22.88
CA THR I 69 38.92 11.57 21.74
C THR I 69 40.23 11.44 21.00
N GLY I 70 41.11 10.50 21.41
CA GLY I 70 42.43 10.32 20.79
C GLY I 70 42.54 9.08 19.88
N SER I 71 43.59 9.04 19.10
CA SER I 71 43.88 7.98 18.13
C SER I 71 44.49 6.72 18.77
N GLU I 72 44.54 5.62 18.00
CA GLU I 72 45.21 4.40 18.41
C GLU I 72 46.70 4.56 18.69
N GLU I 73 47.39 5.48 17.99
CA GLU I 73 48.77 5.87 18.29
C GLU I 73 48.90 6.46 19.70
N LEU I 74 47.93 7.33 20.11
CA LEU I 74 47.90 7.84 21.53
C LEU I 74 47.54 6.77 22.53
N ARG I 75 46.53 6.01 22.22
CA ARG I 75 46.11 4.92 23.09
C ARG I 75 47.19 3.87 23.32
N SER I 76 47.91 3.44 22.27
CA SER I 76 49.07 2.56 22.38
C SER I 76 50.22 3.16 23.19
N LEU I 77 50.47 4.48 23.05
CA LEU I 77 51.37 5.15 24.00
C LEU I 77 50.87 5.07 25.44
N TYR I 78 49.58 5.30 25.67
CA TYR I 78 49.04 5.22 27.03
C TYR I 78 49.23 3.83 27.60
N ASN I 79 48.93 2.79 26.79
CA ASN I 79 49.05 1.40 27.21
C ASN I 79 50.51 1.08 27.53
N THR I 80 51.41 1.67 26.77
CA THR I 80 52.85 1.55 26.99
C THR I 80 53.31 2.19 28.31
N ILE I 81 52.76 3.38 28.64
CA ILE I 81 52.99 4.03 29.94
C ILE I 81 52.40 3.20 31.10
N ALA I 82 51.21 2.63 30.88
CA ALA I 82 50.60 1.69 31.81
C ALA I 82 51.49 0.48 32.09
N VAL I 83 52.15 -0.04 31.06
CA VAL I 83 53.06 -1.15 31.28
C VAL I 83 54.24 -0.62 32.10
N LEU I 84 54.79 0.56 31.78
CA LEU I 84 55.94 1.04 32.56
C LEU I 84 55.58 1.19 34.04
N TYR I 85 54.37 1.65 34.33
CA TYR I 85 53.91 1.79 35.71
C TYR I 85 53.88 0.40 36.39
N CYS I 86 53.29 -0.60 35.71
CA CYS I 86 53.24 -1.98 36.21
C CYS I 86 54.64 -2.56 36.38
N VAL I 87 55.55 -2.21 35.48
CA VAL I 87 56.92 -2.69 35.54
C VAL I 87 57.67 -2.09 36.73
N HIS I 88 57.53 -0.78 37.01
CA HIS I 88 58.20 -0.19 38.17
C HIS I 88 57.77 -0.85 39.48
N GLN I 89 56.51 -1.21 39.53
CA GLN I 89 55.86 -1.85 40.65
C GLN I 89 56.03 -3.36 40.64
N ARG I 90 56.66 -3.91 39.60
CA ARG I 90 56.87 -5.32 39.42
C ARG I 90 55.59 -6.17 39.50
N ILE I 91 54.54 -5.74 38.78
CA ILE I 91 53.28 -6.45 38.69
C ILE I 91 53.36 -7.38 37.48
N ASP I 92 53.21 -8.68 37.73
CA ASP I 92 53.44 -9.68 36.70
C ASP I 92 52.18 -9.97 35.89
N VAL I 93 51.73 -8.99 35.07
CA VAL I 93 50.72 -9.17 34.04
C VAL I 93 51.18 -10.08 32.91
N LYS I 94 50.24 -10.80 32.27
CA LYS I 94 50.53 -11.72 31.18
C LYS I 94 49.89 -11.20 29.89
N ASP I 95 48.67 -10.67 30.04
CA ASP I 95 47.89 -10.10 28.95
C ASP I 95 47.96 -8.58 28.95
N THR I 96 47.73 -8.01 27.79
CA THR I 96 47.76 -6.56 27.61
C THR I 96 46.62 -5.87 28.36
N LYS I 97 45.41 -6.49 28.41
CA LYS I 97 44.26 -5.83 28.99
C LYS I 97 44.15 -6.11 30.50
N GLU I 98 44.95 -7.05 31.06
CA GLU I 98 44.95 -7.27 32.54
C GLU I 98 45.43 -6.04 33.31
N ALA I 99 46.46 -5.38 32.76
CA ALA I 99 46.98 -4.09 33.20
C ALA I 99 45.98 -2.95 33.07
N LEU I 100 45.14 -3.02 32.05
CA LEU I 100 44.21 -1.92 31.83
C LEU I 100 43.00 -2.10 32.73
N ASP I 101 42.67 -3.36 33.07
CA ASP I 101 41.58 -3.60 34.01
C ASP I 101 42.01 -3.06 35.37
N LYS I 102 43.31 -3.20 35.69
CA LYS I 102 43.83 -2.69 36.97
C LYS I 102 43.69 -1.17 37.03
N ILE I 103 43.90 -0.48 35.91
CA ILE I 103 43.71 0.98 35.88
C ILE I 103 42.23 1.33 36.12
N GLU I 104 41.30 0.59 35.49
CA GLU I 104 39.88 0.90 35.76
C GLU I 104 39.53 0.66 37.23
N GLU I 105 40.08 -0.41 37.83
CA GLU I 105 39.90 -0.68 39.25
C GLU I 105 40.43 0.41 40.18
N GLU I 106 41.67 0.91 39.91
CA GLU I 106 42.38 1.89 40.73
C GLU I 106 41.61 3.17 40.99
N GLN I 107 40.86 3.67 39.99
CA GLN I 107 40.05 4.87 40.17
C GLN I 107 38.62 4.60 40.64
N ASN I 108 38.32 3.37 41.09
CA ASN I 108 37.21 3.13 42.02
C ASN I 108 37.79 3.13 43.43
N LYS I 109 38.86 2.35 43.59
CA LYS I 109 39.59 2.06 44.81
C LYS I 109 40.17 3.30 45.48
N SER I 110 40.82 4.19 44.69
CA SER I 110 41.29 5.51 45.13
C SER I 110 40.16 6.45 45.54
N LYS I 111 39.04 6.46 44.80
CA LYS I 111 37.95 7.40 45.00
C LYS I 111 37.09 7.13 46.22
N LYS I 112 37.21 5.91 46.81
CA LYS I 112 36.54 5.53 48.04
C LYS I 112 37.11 6.14 49.32
N LYS I 113 38.32 6.72 49.28
CA LYS I 113 38.90 7.45 50.39
C LYS I 113 39.55 8.73 49.88
N ALA I 114 38.79 9.51 49.10
CA ALA I 114 39.24 10.72 48.42
C ALA I 114 38.43 11.93 48.84
N GLN I 115 37.77 11.86 50.00
CA GLN I 115 36.89 12.88 50.52
C GLN I 115 36.90 12.75 52.06
N GLY J 1 17.55 -76.60 10.49
CA GLY J 1 16.26 -76.58 11.15
C GLY J 1 15.14 -77.10 10.22
N ALA J 2 14.96 -76.44 9.05
CA ALA J 2 13.95 -76.70 8.05
C ALA J 2 13.94 -78.13 7.51
N ARG J 3 15.10 -78.80 7.49
CA ARG J 3 15.27 -80.22 7.12
C ARG J 3 14.58 -81.20 8.08
N ALA J 4 14.26 -80.77 9.28
CA ALA J 4 13.57 -81.57 10.29
C ALA J 4 12.12 -81.83 9.92
N SER J 5 11.63 -81.07 8.92
CA SER J 5 10.37 -81.30 8.25
C SER J 5 10.34 -82.60 7.42
N VAL J 6 11.50 -83.20 7.10
CA VAL J 6 11.49 -84.43 6.30
C VAL J 6 11.91 -85.64 7.11
N LEU J 7 11.92 -85.53 8.44
CA LEU J 7 12.22 -86.69 9.27
C LEU J 7 11.04 -87.62 9.16
N SER J 8 11.26 -88.93 9.21
CA SER J 8 10.13 -89.84 9.12
C SER J 8 9.21 -89.49 10.26
N GLY J 9 7.90 -89.45 9.99
CA GLY J 9 6.93 -89.10 11.02
C GLY J 9 6.74 -87.57 11.13
N GLY J 10 7.48 -86.82 10.31
CA GLY J 10 7.45 -85.36 10.29
C GLY J 10 6.37 -84.72 9.41
N GLU J 11 6.50 -83.41 9.27
CA GLU J 11 5.54 -82.53 8.58
C GLU J 11 5.37 -82.78 7.07
N LEU J 12 6.46 -82.98 6.34
CA LEU J 12 6.35 -83.28 4.91
C LEU J 12 6.19 -84.76 4.65
N ASP J 13 6.55 -85.60 5.62
CA ASP J 13 6.25 -87.02 5.49
C ASP J 13 4.72 -87.22 5.50
N LYS J 14 4.02 -86.46 6.35
CA LYS J 14 2.57 -86.50 6.41
C LYS J 14 1.92 -85.86 5.18
N TRP J 15 2.53 -84.79 4.67
CA TRP J 15 1.97 -84.00 3.57
C TRP J 15 1.48 -84.79 2.36
N GLU J 16 2.27 -85.73 1.82
CA GLU J 16 1.90 -86.38 0.58
C GLU J 16 1.07 -87.64 0.81
N LYS J 17 0.55 -87.81 2.05
CA LYS J 17 -0.44 -88.82 2.37
C LYS J 17 -1.80 -88.17 2.70
N ILE J 18 -1.91 -86.83 2.62
CA ILE J 18 -3.13 -86.09 2.86
C ILE J 18 -3.94 -86.03 1.56
N ARG J 19 -5.26 -86.30 1.57
CA ARG J 19 -6.08 -86.25 0.36
C ARG J 19 -6.68 -84.90 -0.01
N LEU J 20 -6.52 -84.50 -1.30
CA LEU J 20 -7.01 -83.24 -1.86
C LEU J 20 -8.53 -83.06 -1.81
N ARG J 21 -9.29 -84.10 -2.22
CA ARG J 21 -10.74 -84.09 -2.17
C ARG J 21 -11.18 -85.24 -1.30
N PRO J 22 -12.14 -85.11 -0.38
CA PRO J 22 -12.35 -86.07 0.71
C PRO J 22 -12.93 -87.38 0.22
N GLY J 23 -13.68 -87.37 -0.90
CA GLY J 23 -14.28 -88.56 -1.49
C GLY J 23 -13.43 -89.17 -2.58
N GLY J 24 -12.34 -88.49 -2.97
CA GLY J 24 -11.51 -88.85 -4.12
C GLY J 24 -10.36 -89.79 -3.83
N LYS J 25 -9.32 -89.73 -4.68
CA LYS J 25 -8.14 -90.57 -4.57
C LYS J 25 -6.87 -89.77 -4.31
N LYS J 26 -6.62 -88.72 -5.11
CA LYS J 26 -5.37 -87.98 -5.13
C LYS J 26 -4.93 -87.29 -3.84
N GLN J 27 -3.62 -87.38 -3.56
CA GLN J 27 -2.98 -86.81 -2.41
C GLN J 27 -2.43 -85.43 -2.73
N TYR J 28 -2.16 -84.62 -1.69
CA TYR J 28 -1.33 -83.43 -1.77
C TYR J 28 0.09 -83.72 -2.27
N LYS J 29 0.66 -82.74 -2.97
CA LYS J 29 2.05 -82.79 -3.41
C LYS J 29 2.84 -81.58 -2.88
N LEU J 30 4.16 -81.66 -2.88
CA LEU J 30 5.01 -80.56 -2.39
C LEU J 30 4.80 -79.23 -3.11
N LYS J 31 4.59 -79.27 -4.45
CA LYS J 31 4.22 -78.14 -5.28
C LYS J 31 3.05 -77.30 -4.79
N HIS J 32 2.11 -77.87 -3.98
CA HIS J 32 0.91 -77.12 -3.57
C HIS J 32 1.25 -75.97 -2.62
N ILE J 33 2.15 -76.16 -1.66
CA ILE J 33 2.57 -75.04 -0.82
C ILE J 33 3.45 -74.05 -1.58
N VAL J 34 4.24 -74.52 -2.58
CA VAL J 34 4.96 -73.64 -3.48
C VAL J 34 4.02 -72.77 -4.32
N TRP J 35 2.95 -73.37 -4.88
CA TRP J 35 1.87 -72.68 -5.56
C TRP J 35 1.14 -71.68 -4.68
N ALA J 36 0.82 -72.07 -3.43
CA ALA J 36 0.24 -71.20 -2.45
C ALA J 36 1.11 -69.99 -2.13
N SER J 37 2.43 -70.18 -1.96
CA SER J 37 3.39 -69.08 -1.84
C SER J 37 3.41 -68.19 -3.06
N ARG J 38 3.46 -68.76 -4.29
CA ARG J 38 3.45 -67.97 -5.52
C ARG J 38 2.20 -67.13 -5.72
N GLU J 39 1.00 -67.68 -5.49
CA GLU J 39 -0.25 -66.94 -5.52
C GLU J 39 -0.34 -65.84 -4.46
N LEU J 40 0.06 -66.12 -3.20
CA LEU J 40 0.15 -65.12 -2.15
C LEU J 40 1.18 -64.02 -2.45
N GLU J 41 2.37 -64.39 -2.94
CA GLU J 41 3.44 -63.49 -3.34
C GLU J 41 3.07 -62.58 -4.50
N ARG J 42 2.30 -63.09 -5.49
CA ARG J 42 1.70 -62.31 -6.56
C ARG J 42 0.76 -61.20 -6.07
N PHE J 43 0.01 -61.45 -4.99
CA PHE J 43 -0.82 -60.45 -4.34
C PHE J 43 -0.05 -59.66 -3.27
N ALA J 44 1.28 -59.77 -3.26
CA ALA J 44 2.22 -59.04 -2.39
C ALA J 44 2.09 -59.28 -0.89
N VAL J 45 1.78 -60.52 -0.52
CA VAL J 45 1.74 -60.98 0.86
C VAL J 45 3.13 -61.10 1.51
N ASN J 46 3.23 -60.79 2.82
CA ASN J 46 4.39 -60.94 3.68
C ASN J 46 4.87 -62.40 3.84
N PRO J 47 6.10 -62.80 3.52
CA PRO J 47 6.55 -64.18 3.70
C PRO J 47 6.66 -64.59 5.15
N GLY J 48 6.81 -63.62 6.08
CA GLY J 48 6.92 -63.87 7.53
C GLY J 48 5.67 -64.48 8.13
N LEU J 49 4.57 -64.47 7.36
CA LEU J 49 3.34 -65.08 7.83
C LEU J 49 3.39 -66.62 7.69
N LEU J 50 4.31 -67.13 6.88
CA LEU J 50 4.50 -68.56 6.72
C LEU J 50 5.23 -69.19 7.90
N GLU J 51 5.96 -68.37 8.70
CA GLU J 51 6.76 -68.79 9.84
C GLU J 51 5.98 -69.52 10.93
N THR J 52 4.78 -69.01 11.26
CA THR J 52 4.08 -69.44 12.48
C THR J 52 2.58 -69.71 12.30
N SER J 53 1.95 -70.29 13.35
CA SER J 53 0.49 -70.53 13.41
C SER J 53 -0.24 -69.19 13.44
N GLU J 54 0.35 -68.24 14.16
CA GLU J 54 -0.11 -66.86 14.30
C GLU J 54 -0.15 -66.12 12.96
N GLY J 55 0.91 -66.28 12.14
CA GLY J 55 0.97 -65.75 10.78
C GLY J 55 -0.01 -66.41 9.84
N CYS J 56 -0.18 -67.73 9.92
CA CYS J 56 -1.18 -68.47 9.16
C CYS J 56 -2.60 -68.04 9.45
N ARG J 57 -2.95 -67.76 10.73
CA ARG J 57 -4.21 -67.15 11.11
C ARG J 57 -4.42 -65.78 10.48
N GLN J 58 -3.35 -64.95 10.40
CA GLN J 58 -3.39 -63.65 9.65
C GLN J 58 -3.65 -63.82 8.15
N ILE J 59 -3.04 -64.83 7.52
CA ILE J 59 -3.36 -65.18 6.13
C ILE J 59 -4.82 -65.59 5.96
N LEU J 60 -5.33 -66.46 6.86
CA LEU J 60 -6.72 -66.90 6.79
C LEU J 60 -7.71 -65.74 7.04
N GLY J 61 -7.41 -64.84 8.00
CA GLY J 61 -8.19 -63.63 8.24
C GLY J 61 -8.22 -62.66 7.09
N GLN J 62 -7.09 -62.44 6.39
CA GLN J 62 -7.06 -61.69 5.14
C GLN J 62 -7.79 -62.34 3.98
N LEU J 63 -7.66 -63.67 3.82
CA LEU J 63 -8.33 -64.41 2.75
C LEU J 63 -9.84 -64.56 2.97
N GLN J 64 -10.26 -64.74 4.22
CA GLN J 64 -11.65 -64.98 4.58
C GLN J 64 -12.70 -64.09 3.88
N PRO J 65 -12.64 -62.74 3.88
CA PRO J 65 -13.62 -61.89 3.23
C PRO J 65 -13.66 -61.99 1.69
N SER J 66 -12.63 -62.54 1.07
CA SER J 66 -12.59 -62.64 -0.38
C SER J 66 -13.11 -63.98 -0.86
N LEU J 67 -13.43 -64.87 0.08
CA LEU J 67 -13.87 -66.20 -0.28
C LEU J 67 -15.18 -66.25 -1.06
N GLN J 68 -16.11 -65.36 -0.68
CA GLN J 68 -17.49 -65.32 -1.10
C GLN J 68 -17.63 -65.16 -2.61
N THR J 69 -16.88 -64.22 -3.20
CA THR J 69 -16.88 -63.96 -4.63
C THR J 69 -15.68 -64.59 -5.31
N GLY J 70 -14.73 -65.11 -4.53
CA GLY J 70 -13.50 -65.69 -5.06
C GLY J 70 -13.70 -66.97 -5.85
N SER J 71 -12.67 -67.31 -6.63
CA SER J 71 -12.63 -68.48 -7.47
C SER J 71 -12.42 -69.78 -6.71
N GLU J 72 -12.50 -70.92 -7.43
CA GLU J 72 -12.18 -72.24 -6.91
C GLU J 72 -10.77 -72.33 -6.35
N GLU J 73 -9.85 -71.67 -7.05
CA GLU J 73 -8.46 -71.49 -6.64
C GLU J 73 -8.30 -70.64 -5.38
N LEU J 74 -9.10 -69.58 -5.21
CA LEU J 74 -8.93 -68.76 -4.01
C LEU J 74 -9.48 -69.51 -2.80
N ARG J 75 -10.61 -70.20 -2.98
CA ARG J 75 -11.19 -70.94 -1.89
C ARG J 75 -10.23 -72.08 -1.54
N SER J 76 -9.60 -72.66 -2.58
CA SER J 76 -8.59 -73.71 -2.40
C SER J 76 -7.33 -73.25 -1.70
N LEU J 77 -6.88 -72.01 -1.93
CA LEU J 77 -5.80 -71.37 -1.21
C LEU J 77 -6.06 -71.27 0.30
N TYR J 78 -7.28 -70.85 0.71
CA TYR J 78 -7.70 -70.86 2.12
C TYR J 78 -7.68 -72.26 2.71
N ASN J 79 -8.22 -73.24 1.96
CA ASN J 79 -8.22 -74.65 2.34
C ASN J 79 -6.80 -75.20 2.51
N THR J 80 -5.87 -74.86 1.58
CA THR J 80 -4.45 -75.21 1.64
C THR J 80 -3.75 -74.63 2.86
N ILE J 81 -4.01 -73.34 3.18
CA ILE J 81 -3.52 -72.69 4.40
C ILE J 81 -4.07 -73.32 5.68
N ALA J 82 -5.34 -73.77 5.71
CA ALA J 82 -5.89 -74.53 6.82
C ALA J 82 -5.15 -75.85 7.07
N VAL J 83 -4.75 -76.56 5.99
CA VAL J 83 -3.93 -77.76 6.15
C VAL J 83 -2.53 -77.37 6.67
N LEU J 84 -1.94 -76.30 6.14
CA LEU J 84 -0.66 -75.75 6.62
C LEU J 84 -0.67 -75.37 8.11
N TYR J 85 -1.77 -74.77 8.57
CA TYR J 85 -2.00 -74.50 10.01
C TYR J 85 -1.96 -75.80 10.83
N CYS J 86 -2.68 -76.81 10.38
CA CYS J 86 -2.66 -78.14 10.99
C CYS J 86 -1.28 -78.76 11.03
N VAL J 87 -0.50 -78.66 9.93
CA VAL J 87 0.91 -79.06 9.86
C VAL J 87 1.80 -78.30 10.82
N HIS J 88 1.64 -76.97 10.95
CA HIS J 88 2.31 -76.16 11.98
C HIS J 88 2.02 -76.53 13.42
N GLN J 89 0.78 -76.95 13.74
CA GLN J 89 0.45 -77.54 15.02
C GLN J 89 0.85 -79.00 15.18
N ARG J 90 1.16 -79.63 14.04
CA ARG J 90 1.55 -81.02 13.84
C ARG J 90 0.43 -82.03 14.11
N ILE J 91 -0.78 -81.65 13.70
CA ILE J 91 -1.98 -82.45 13.75
C ILE J 91 -2.05 -83.30 12.50
N ASP J 92 -2.11 -84.65 12.67
CA ASP J 92 -2.05 -85.62 11.59
C ASP J 92 -3.43 -85.78 10.92
N VAL J 93 -3.78 -84.74 10.13
CA VAL J 93 -5.00 -84.68 9.31
C VAL J 93 -4.91 -85.61 8.13
N LYS J 94 -6.03 -86.16 7.67
CA LYS J 94 -5.95 -87.12 6.58
C LYS J 94 -6.43 -86.56 5.25
N ASP J 95 -7.12 -85.41 5.27
CA ASP J 95 -7.66 -84.81 4.08
C ASP J 95 -7.90 -83.33 4.33
N THR J 96 -8.28 -82.61 3.26
CA THR J 96 -8.69 -81.21 3.29
C THR J 96 -9.87 -80.95 4.23
N LYS J 97 -10.86 -81.87 4.24
CA LYS J 97 -12.09 -81.75 5.03
C LYS J 97 -11.87 -81.71 6.52
N GLU J 98 -11.00 -82.57 7.05
CA GLU J 98 -10.64 -82.55 8.47
C GLU J 98 -10.00 -81.23 8.91
N ALA J 99 -9.03 -80.75 8.09
CA ALA J 99 -8.31 -79.53 8.44
C ALA J 99 -9.26 -78.34 8.53
N LEU J 100 -10.22 -78.30 7.62
CA LEU J 100 -11.17 -77.21 7.67
C LEU J 100 -12.07 -77.26 8.86
N ASP J 101 -12.54 -78.45 9.24
CA ASP J 101 -13.42 -78.46 10.38
C ASP J 101 -12.67 -77.98 11.61
N LYS J 102 -11.40 -78.36 11.73
CA LYS J 102 -10.61 -77.95 12.89
C LYS J 102 -10.37 -76.44 12.96
N ILE J 103 -10.11 -75.78 11.82
CA ILE J 103 -9.96 -74.34 11.97
C ILE J 103 -11.30 -73.64 12.20
N GLU J 104 -12.41 -74.18 11.64
CA GLU J 104 -13.71 -73.57 11.87
C GLU J 104 -14.04 -73.63 13.36
N GLU J 105 -13.67 -74.73 14.01
CA GLU J 105 -13.85 -74.83 15.45
C GLU J 105 -13.08 -73.76 16.23
N GLU J 106 -11.81 -73.50 15.86
CA GLU J 106 -11.01 -72.43 16.42
C GLU J 106 -11.60 -71.04 16.20
N GLN J 107 -12.21 -70.79 15.02
CA GLN J 107 -12.98 -69.58 14.75
C GLN J 107 -14.22 -69.46 15.65
N ASN J 108 -14.98 -70.56 15.83
CA ASN J 108 -16.13 -70.64 16.74
C ASN J 108 -15.77 -70.38 18.21
N LYS J 109 -14.67 -71.01 18.70
CA LYS J 109 -14.08 -70.73 20.00
C LYS J 109 -13.62 -69.29 20.16
N SER J 110 -12.99 -68.72 19.11
CA SER J 110 -12.62 -67.32 19.07
C SER J 110 -13.80 -66.36 19.19
N LYS J 111 -14.93 -66.60 18.48
CA LYS J 111 -16.16 -65.83 18.67
C LYS J 111 -16.78 -65.96 20.07
N LYS J 112 -16.74 -67.16 20.67
CA LYS J 112 -17.15 -67.40 22.05
C LYS J 112 -16.35 -66.57 23.07
N LYS J 113 -15.06 -66.36 22.78
CA LYS J 113 -14.12 -65.59 23.59
C LYS J 113 -13.84 -64.21 23.00
N ALA J 114 -14.77 -63.72 22.16
CA ALA J 114 -14.77 -62.38 21.60
C ALA J 114 -16.17 -61.81 21.75
N GLN J 115 -16.62 -61.86 23.00
CA GLN J 115 -17.78 -61.20 23.55
C GLN J 115 -17.45 -60.97 25.03
N GLY K 1 -32.20 -73.12 -23.51
CA GLY K 1 -32.17 -72.50 -22.17
C GLY K 1 -31.33 -71.26 -22.12
N ALA K 2 -30.01 -71.47 -22.27
CA ALA K 2 -28.89 -70.53 -22.09
C ALA K 2 -29.06 -69.31 -22.98
N ARG K 3 -29.72 -69.57 -24.09
CA ARG K 3 -30.02 -68.65 -25.15
C ARG K 3 -30.96 -67.54 -24.72
N ALA K 4 -31.66 -67.67 -23.58
CA ALA K 4 -32.60 -66.62 -23.15
C ALA K 4 -31.91 -65.27 -23.07
N SER K 5 -30.65 -65.31 -22.66
CA SER K 5 -29.75 -64.16 -22.55
C SER K 5 -29.51 -63.39 -23.85
N VAL K 6 -29.65 -64.09 -24.99
CA VAL K 6 -29.50 -63.49 -26.31
C VAL K 6 -30.75 -63.50 -27.21
N LEU K 7 -31.96 -63.78 -26.68
CA LEU K 7 -33.15 -63.82 -27.58
C LEU K 7 -33.70 -62.43 -27.89
N SER K 8 -34.28 -62.28 -29.09
CA SER K 8 -34.84 -60.99 -29.52
C SER K 8 -35.90 -60.53 -28.54
N GLY K 9 -35.85 -59.23 -28.18
CA GLY K 9 -36.76 -58.60 -27.23
C GLY K 9 -36.31 -58.83 -25.78
N GLY K 10 -35.27 -59.63 -25.62
CA GLY K 10 -34.73 -60.05 -24.32
C GLY K 10 -33.55 -59.23 -23.79
N GLU K 11 -32.69 -59.87 -22.97
CA GLU K 11 -31.69 -59.13 -22.19
C GLU K 11 -30.63 -58.46 -23.08
N LEU K 12 -30.16 -59.18 -24.10
CA LEU K 12 -29.15 -58.62 -25.00
C LEU K 12 -29.65 -57.42 -25.74
N ASP K 13 -30.88 -57.54 -26.22
CA ASP K 13 -31.51 -56.52 -27.02
C ASP K 13 -31.59 -55.25 -26.17
N LYS K 14 -31.93 -55.40 -24.88
CA LYS K 14 -31.94 -54.25 -23.99
C LYS K 14 -30.52 -53.72 -23.70
N TRP K 15 -29.55 -54.62 -23.52
CA TRP K 15 -28.19 -54.18 -23.20
C TRP K 15 -27.61 -53.28 -24.28
N GLU K 16 -27.83 -53.62 -25.55
CA GLU K 16 -27.26 -52.86 -26.66
C GLU K 16 -27.86 -51.48 -26.89
N LYS K 17 -28.98 -51.16 -26.24
CA LYS K 17 -29.60 -49.86 -26.45
C LYS K 17 -29.07 -48.82 -25.48
N ILE K 18 -28.24 -49.26 -24.55
CA ILE K 18 -27.68 -48.42 -23.51
C ILE K 18 -26.56 -47.52 -23.97
N ARG K 19 -26.60 -46.25 -23.57
CA ARG K 19 -25.53 -45.33 -23.91
C ARG K 19 -24.33 -45.43 -22.97
N LEU K 20 -23.11 -45.39 -23.55
CA LEU K 20 -21.83 -45.52 -22.88
C LEU K 20 -21.57 -44.43 -21.84
N ARG K 21 -21.92 -43.18 -22.17
CA ARG K 21 -22.02 -42.07 -21.25
C ARG K 21 -23.48 -41.67 -21.40
N PRO K 22 -24.28 -41.31 -20.40
CA PRO K 22 -25.70 -40.97 -20.53
C PRO K 22 -26.12 -40.08 -21.70
N GLY K 23 -25.38 -38.98 -21.94
CA GLY K 23 -25.60 -38.08 -23.07
C GLY K 23 -24.84 -38.48 -24.30
N GLY K 24 -23.68 -39.14 -24.09
CA GLY K 24 -22.81 -39.63 -25.15
C GLY K 24 -23.47 -40.61 -26.08
N LYS K 25 -23.45 -40.35 -27.40
CA LYS K 25 -24.27 -41.11 -28.32
C LYS K 25 -23.81 -42.53 -28.61
N LYS K 26 -22.57 -42.91 -28.28
CA LYS K 26 -22.08 -44.27 -28.40
C LYS K 26 -22.86 -45.36 -27.65
N GLN K 27 -23.25 -46.43 -28.36
CA GLN K 27 -23.95 -47.57 -27.80
C GLN K 27 -23.09 -48.53 -26.99
N TYR K 28 -23.72 -49.23 -26.03
CA TYR K 28 -23.25 -50.46 -25.43
C TYR K 28 -23.00 -51.60 -26.44
N LYS K 29 -21.99 -52.44 -26.15
CA LYS K 29 -21.60 -53.57 -26.98
C LYS K 29 -21.35 -54.81 -26.14
N LEU K 30 -21.30 -55.99 -26.77
CA LEU K 30 -21.33 -57.27 -26.07
C LEU K 30 -20.01 -57.58 -25.39
N LYS K 31 -18.92 -56.96 -25.85
CA LYS K 31 -17.57 -57.22 -25.39
C LYS K 31 -17.26 -56.70 -23.99
N HIS K 32 -18.15 -55.85 -23.43
CA HIS K 32 -17.90 -55.33 -22.09
C HIS K 32 -18.01 -56.43 -21.03
N ILE K 33 -18.84 -57.45 -21.29
CA ILE K 33 -19.02 -58.60 -20.40
C ILE K 33 -17.76 -59.45 -20.38
N VAL K 34 -17.23 -59.71 -21.57
CA VAL K 34 -15.97 -60.44 -21.73
C VAL K 34 -14.79 -59.74 -21.06
N TRP K 35 -14.71 -58.42 -21.26
CA TRP K 35 -13.74 -57.64 -20.53
C TRP K 35 -13.93 -57.74 -19.03
N ALA K 36 -15.17 -57.59 -18.54
CA ALA K 36 -15.40 -57.68 -17.12
C ALA K 36 -14.97 -59.05 -16.58
N SER K 37 -15.29 -60.11 -17.32
CA SER K 37 -14.97 -61.46 -16.89
C SER K 37 -13.47 -61.66 -16.81
N ARG K 38 -12.76 -61.17 -17.81
CA ARG K 38 -11.32 -61.28 -17.89
C ARG K 38 -10.56 -60.50 -16.80
N GLU K 39 -11.12 -59.36 -16.39
CA GLU K 39 -10.70 -58.70 -15.16
C GLU K 39 -10.96 -59.57 -13.92
N LEU K 40 -12.05 -60.31 -13.89
CA LEU K 40 -12.28 -61.13 -12.70
C LEU K 40 -11.21 -62.24 -12.70
N GLU K 41 -10.88 -62.76 -13.90
CA GLU K 41 -9.87 -63.84 -14.07
C GLU K 41 -8.49 -63.39 -13.62
N ARG K 42 -8.14 -62.11 -13.87
CA ARG K 42 -6.86 -61.59 -13.38
C ARG K 42 -6.68 -61.68 -11.86
N PHE K 43 -7.76 -61.43 -11.10
CA PHE K 43 -7.67 -61.08 -9.69
C PHE K 43 -8.24 -62.19 -8.81
N ALA K 44 -8.46 -63.36 -9.40
CA ALA K 44 -9.00 -64.60 -8.79
C ALA K 44 -10.44 -64.53 -8.23
N VAL K 45 -11.30 -63.77 -8.91
CA VAL K 45 -12.72 -63.65 -8.62
C VAL K 45 -13.48 -64.55 -9.59
N ASN K 46 -14.53 -65.25 -9.13
CA ASN K 46 -15.26 -66.23 -9.93
C ASN K 46 -16.03 -65.63 -11.12
N PRO K 47 -15.73 -65.93 -12.39
CA PRO K 47 -16.42 -65.33 -13.53
C PRO K 47 -17.81 -65.90 -13.74
N GLY K 48 -18.17 -67.02 -13.06
CA GLY K 48 -19.46 -67.69 -13.22
C GLY K 48 -20.60 -66.98 -12.56
N LEU K 49 -20.32 -66.03 -11.65
CA LEU K 49 -21.30 -65.39 -10.80
C LEU K 49 -22.30 -64.51 -11.54
N LEU K 50 -22.00 -64.14 -12.81
CA LEU K 50 -22.96 -63.36 -13.62
C LEU K 50 -24.15 -64.22 -14.08
N GLU K 51 -24.02 -65.55 -13.97
CA GLU K 51 -25.08 -66.51 -14.21
C GLU K 51 -26.27 -66.28 -13.28
N THR K 52 -26.03 -65.83 -12.04
CA THR K 52 -27.12 -65.64 -11.11
C THR K 52 -27.46 -64.16 -10.93
N SER K 53 -28.73 -63.84 -11.16
CA SER K 53 -29.26 -62.48 -11.13
C SER K 53 -29.11 -61.87 -9.75
N GLU K 54 -29.30 -62.70 -8.72
CA GLU K 54 -29.19 -62.28 -7.33
C GLU K 54 -27.73 -62.17 -6.88
N GLY K 55 -26.84 -62.97 -7.48
CA GLY K 55 -25.41 -62.97 -7.12
C GLY K 55 -24.82 -61.60 -7.37
N CYS K 56 -25.36 -60.95 -8.41
CA CYS K 56 -24.95 -59.61 -8.79
C CYS K 56 -25.24 -58.57 -7.69
N ARG K 57 -26.27 -58.79 -6.84
CA ARG K 57 -26.58 -57.86 -5.77
C ARG K 57 -25.41 -57.69 -4.79
N GLN K 58 -24.83 -58.83 -4.38
CA GLN K 58 -23.76 -58.87 -3.40
C GLN K 58 -22.41 -58.47 -3.98
N ILE K 59 -22.20 -58.68 -5.30
CA ILE K 59 -21.11 -58.07 -6.05
C ILE K 59 -21.19 -56.55 -6.06
N LEU K 60 -22.37 -55.97 -6.31
CA LEU K 60 -22.54 -54.51 -6.24
C LEU K 60 -22.34 -53.96 -4.80
N GLY K 61 -22.84 -54.67 -3.77
CA GLY K 61 -22.58 -54.33 -2.37
C GLY K 61 -21.13 -54.37 -1.95
N GLN K 62 -20.40 -55.40 -2.40
CA GLN K 62 -18.97 -55.54 -2.24
C GLN K 62 -18.12 -54.46 -2.92
N LEU K 63 -18.44 -54.11 -4.19
CA LEU K 63 -17.67 -53.13 -4.96
C LEU K 63 -17.96 -51.67 -4.61
N GLN K 64 -19.12 -51.39 -3.99
CA GLN K 64 -19.59 -50.05 -3.70
C GLN K 64 -18.65 -49.11 -2.91
N PRO K 65 -17.93 -49.49 -1.86
CA PRO K 65 -16.98 -48.59 -1.20
C PRO K 65 -15.75 -48.30 -2.06
N SER K 66 -15.46 -49.11 -3.06
CA SER K 66 -14.26 -48.88 -3.81
C SER K 66 -14.51 -47.88 -4.92
N LEU K 67 -15.76 -47.50 -5.15
CA LEU K 67 -16.02 -46.65 -6.30
C LEU K 67 -15.43 -45.28 -6.11
N GLN K 68 -15.31 -44.82 -4.87
CA GLN K 68 -14.74 -43.51 -4.66
C GLN K 68 -13.24 -43.55 -4.42
N THR K 69 -12.64 -44.76 -4.29
CA THR K 69 -11.21 -44.83 -4.03
C THR K 69 -10.42 -45.36 -5.20
N GLY K 70 -11.09 -45.99 -6.19
CA GLY K 70 -10.47 -46.56 -7.39
C GLY K 70 -10.77 -45.77 -8.65
N SER K 71 -10.22 -46.23 -9.76
CA SER K 71 -10.27 -45.50 -11.02
C SER K 71 -11.65 -45.50 -11.72
N GLU K 72 -11.77 -44.66 -12.76
CA GLU K 72 -12.98 -44.55 -13.54
C GLU K 72 -13.22 -45.83 -14.35
N GLU K 73 -12.20 -46.66 -14.51
CA GLU K 73 -12.38 -47.99 -15.07
C GLU K 73 -13.26 -48.84 -14.15
N LEU K 74 -13.12 -48.68 -12.83
CA LEU K 74 -13.93 -49.43 -11.90
C LEU K 74 -15.33 -48.92 -11.97
N ARG K 75 -15.48 -47.60 -12.03
CA ARG K 75 -16.82 -47.03 -12.09
C ARG K 75 -17.50 -47.41 -13.41
N SER K 76 -16.76 -47.41 -14.53
CA SER K 76 -17.27 -47.79 -15.85
C SER K 76 -17.72 -49.25 -15.88
N LEU K 77 -16.92 -50.13 -15.22
CA LEU K 77 -17.31 -51.51 -14.95
C LEU K 77 -18.51 -51.64 -14.02
N TYR K 78 -18.54 -50.88 -12.94
CA TYR K 78 -19.65 -50.92 -12.01
C TYR K 78 -20.91 -50.57 -12.76
N ASN K 79 -20.85 -49.54 -13.61
CA ASN K 79 -22.01 -49.14 -14.38
C ASN K 79 -22.46 -50.33 -15.22
N THR K 80 -21.51 -51.06 -15.84
CA THR K 80 -21.84 -52.27 -16.61
C THR K 80 -22.51 -53.33 -15.73
N ILE K 81 -21.99 -53.56 -14.54
CA ILE K 81 -22.53 -54.56 -13.60
C ILE K 81 -23.96 -54.17 -13.14
N ALA K 82 -24.16 -52.88 -12.83
CA ALA K 82 -25.47 -52.33 -12.47
C ALA K 82 -26.44 -52.51 -13.61
N VAL K 83 -25.97 -52.33 -14.85
CA VAL K 83 -26.78 -52.60 -16.03
C VAL K 83 -27.07 -54.05 -16.28
N LEU K 84 -26.08 -54.93 -16.14
CA LEU K 84 -26.35 -56.31 -16.42
C LEU K 84 -27.37 -56.76 -15.42
N TYR K 85 -27.16 -56.35 -14.17
CA TYR K 85 -28.06 -56.67 -13.11
C TYR K 85 -29.45 -56.11 -13.31
N CYS K 86 -29.57 -54.83 -13.61
CA CYS K 86 -30.89 -54.26 -13.76
C CYS K 86 -31.67 -54.92 -14.90
N VAL K 87 -31.00 -55.24 -16.00
CA VAL K 87 -31.63 -55.93 -17.11
C VAL K 87 -31.99 -57.38 -16.71
N HIS K 88 -31.12 -58.07 -15.95
CA HIS K 88 -31.44 -59.42 -15.45
C HIS K 88 -32.69 -59.40 -14.54
N GLN K 89 -32.89 -58.27 -13.86
CA GLN K 89 -34.04 -58.03 -12.96
C GLN K 89 -35.26 -57.53 -13.76
N ARG K 90 -35.15 -57.49 -15.10
CA ARG K 90 -36.16 -57.05 -16.04
C ARG K 90 -36.49 -55.55 -16.00
N ILE K 91 -35.46 -54.72 -15.81
CA ILE K 91 -35.61 -53.28 -15.88
C ILE K 91 -35.18 -52.86 -17.28
N ASP K 92 -36.04 -52.16 -17.98
CA ASP K 92 -35.73 -51.78 -19.36
C ASP K 92 -34.83 -50.56 -19.39
N VAL K 93 -33.58 -50.77 -19.04
CA VAL K 93 -32.58 -49.70 -18.90
C VAL K 93 -32.21 -49.10 -20.26
N LYS K 94 -32.23 -47.76 -20.34
CA LYS K 94 -31.85 -47.03 -21.58
C LYS K 94 -30.43 -46.41 -21.54
N ASP K 95 -29.92 -46.17 -20.35
CA ASP K 95 -28.57 -45.66 -20.16
C ASP K 95 -28.01 -46.12 -18.80
N THR K 96 -26.78 -45.70 -18.48
CA THR K 96 -26.20 -46.10 -17.22
C THR K 96 -26.79 -45.31 -16.07
N LYS K 97 -27.34 -44.13 -16.35
CA LYS K 97 -27.92 -43.31 -15.30
C LYS K 97 -29.14 -43.99 -14.72
N GLU K 98 -30.01 -44.54 -15.58
CA GLU K 98 -31.18 -45.24 -15.07
C GLU K 98 -30.80 -46.41 -14.18
N ALA K 99 -29.80 -47.20 -14.63
CA ALA K 99 -29.40 -48.34 -13.81
C ALA K 99 -28.87 -47.89 -12.47
N LEU K 100 -28.09 -46.81 -12.44
CA LEU K 100 -27.54 -46.33 -11.19
C LEU K 100 -28.58 -45.78 -10.23
N ASP K 101 -29.61 -45.09 -10.74
CA ASP K 101 -30.66 -44.56 -9.86
C ASP K 101 -31.35 -45.72 -9.17
N LYS K 102 -31.55 -46.80 -9.91
CA LYS K 102 -32.13 -48.03 -9.32
C LYS K 102 -31.24 -48.73 -8.27
N ILE K 103 -29.93 -48.74 -8.44
CA ILE K 103 -29.05 -49.33 -7.43
C ILE K 103 -29.08 -48.56 -6.11
N GLU K 104 -29.11 -47.19 -6.18
CA GLU K 104 -29.32 -46.35 -4.99
C GLU K 104 -30.69 -46.57 -4.32
N GLU K 105 -31.73 -46.79 -5.12
CA GLU K 105 -33.03 -47.15 -4.58
C GLU K 105 -33.01 -48.44 -3.74
N GLU K 106 -32.24 -49.47 -4.18
CA GLU K 106 -31.97 -50.66 -3.40
C GLU K 106 -31.23 -50.37 -2.08
N GLN K 107 -30.35 -49.37 -2.07
CA GLN K 107 -29.78 -48.87 -0.80
C GLN K 107 -30.83 -48.17 0.12
N ASN K 108 -31.76 -47.41 -0.47
CA ASN K 108 -32.84 -46.75 0.25
C ASN K 108 -33.82 -47.71 0.91
N LYS K 109 -34.25 -48.78 0.19
CA LYS K 109 -35.03 -49.86 0.76
C LYS K 109 -34.35 -50.62 1.89
N SER K 110 -33.04 -50.95 1.75
CA SER K 110 -32.29 -51.76 2.70
C SER K 110 -32.29 -51.24 4.12
N LYS K 111 -31.97 -49.96 4.34
CA LYS K 111 -31.91 -49.42 5.69
C LYS K 111 -33.16 -48.68 6.13
N LYS K 112 -34.18 -48.59 5.25
CA LYS K 112 -35.54 -48.35 5.69
C LYS K 112 -36.15 -49.50 6.50
N LYS K 113 -35.96 -50.77 6.04
CA LYS K 113 -36.62 -51.90 6.68
C LYS K 113 -35.73 -52.84 7.48
N ALA K 114 -34.39 -52.74 7.39
CA ALA K 114 -33.52 -53.55 8.22
C ALA K 114 -33.23 -52.91 9.57
N GLN K 115 -34.08 -53.24 10.57
CA GLN K 115 -33.87 -52.99 11.97
C GLN K 115 -34.80 -53.94 12.78
N GLY L 1 0.64 -25.93 -11.90
CA GLY L 1 1.35 -26.21 -10.65
C GLY L 1 2.76 -26.78 -10.78
N ALA L 2 3.11 -27.42 -11.91
CA ALA L 2 4.40 -28.01 -12.13
C ALA L 2 5.61 -27.07 -12.05
N ARG L 3 5.56 -25.86 -12.65
CA ARG L 3 6.65 -24.89 -12.56
C ARG L 3 6.95 -24.40 -11.15
N ALA L 4 5.87 -24.28 -10.35
CA ALA L 4 5.92 -23.88 -8.96
C ALA L 4 6.23 -25.07 -8.02
N SER L 5 6.28 -26.29 -8.55
CA SER L 5 6.52 -27.49 -7.75
C SER L 5 7.97 -27.91 -7.84
N VAL L 6 8.69 -27.31 -8.79
CA VAL L 6 10.07 -27.68 -9.07
C VAL L 6 11.03 -26.53 -8.74
N LEU L 7 10.56 -25.56 -8.01
CA LEU L 7 11.37 -24.43 -7.57
C LEU L 7 12.37 -24.81 -6.48
N SER L 8 13.40 -23.99 -6.26
CA SER L 8 14.26 -24.26 -5.11
C SER L 8 13.37 -24.14 -3.90
N GLY L 9 13.35 -25.17 -3.08
CA GLY L 9 12.43 -25.27 -1.96
C GLY L 9 11.02 -25.70 -2.33
N GLY L 10 10.78 -26.04 -3.62
CA GLY L 10 9.54 -26.65 -4.08
C GLY L 10 9.42 -28.10 -3.69
N GLU L 11 8.29 -28.77 -3.98
CA GLU L 11 8.02 -30.14 -3.55
C GLU L 11 9.06 -31.17 -4.00
N LEU L 12 9.53 -31.09 -5.28
CA LEU L 12 10.58 -32.07 -5.65
C LEU L 12 11.94 -31.70 -5.09
N ASP L 13 12.26 -30.43 -5.01
CA ASP L 13 13.48 -30.05 -4.33
C ASP L 13 13.52 -30.49 -2.86
N LYS L 14 12.42 -30.32 -2.09
CA LYS L 14 12.28 -30.82 -0.72
C LYS L 14 12.39 -32.35 -0.64
N TRP L 15 11.78 -33.06 -1.62
CA TRP L 15 11.79 -34.54 -1.76
C TRP L 15 13.20 -35.14 -1.76
N GLU L 16 14.09 -34.56 -2.56
CA GLU L 16 15.44 -35.07 -2.75
C GLU L 16 16.44 -34.84 -1.59
N LYS L 17 15.95 -34.28 -0.49
CA LYS L 17 16.75 -34.16 0.71
C LYS L 17 16.31 -35.19 1.77
N ILE L 18 15.42 -36.12 1.41
CA ILE L 18 14.86 -37.06 2.36
C ILE L 18 15.41 -38.50 2.21
N ARG L 19 15.94 -39.06 3.30
CA ARG L 19 16.51 -40.42 3.33
C ARG L 19 15.44 -41.52 3.36
N LEU L 20 15.81 -42.72 2.86
CA LEU L 20 14.89 -43.87 2.87
C LEU L 20 14.91 -44.59 4.23
N ARG L 21 16.06 -44.55 4.90
CA ARG L 21 16.29 -45.08 6.23
C ARG L 21 17.27 -44.16 6.94
N PRO L 22 17.18 -43.94 8.26
CA PRO L 22 17.90 -42.87 8.93
C PRO L 22 19.42 -43.03 8.89
N GLY L 23 19.89 -44.28 8.75
CA GLY L 23 21.31 -44.55 8.72
C GLY L 23 21.78 -45.16 7.40
N GLY L 24 20.92 -45.19 6.39
CA GLY L 24 21.33 -45.82 5.14
C GLY L 24 21.76 -44.74 4.20
N LYS L 25 22.72 -44.96 3.30
CA LYS L 25 23.03 -43.84 2.42
C LYS L 25 22.17 -43.87 1.15
N LYS L 26 20.88 -43.76 1.37
CA LYS L 26 19.94 -43.77 0.28
C LYS L 26 18.89 -42.71 0.49
N GLN L 27 18.65 -41.94 -0.53
CA GLN L 27 17.64 -40.89 -0.49
C GLN L 27 16.60 -41.09 -1.52
N TYR L 28 15.47 -40.46 -1.31
CA TYR L 28 14.44 -40.49 -2.28
C TYR L 28 14.94 -39.82 -3.56
N LYS L 29 14.66 -40.52 -4.63
CA LYS L 29 14.96 -40.21 -6.01
C LYS L 29 13.65 -40.19 -6.80
N LEU L 30 13.67 -39.70 -8.05
CA LEU L 30 12.45 -39.37 -8.77
C LEU L 30 11.66 -40.59 -9.25
N LYS L 31 12.33 -41.76 -9.34
CA LYS L 31 11.75 -43.03 -9.75
C LYS L 31 10.57 -43.53 -8.92
N HIS L 32 10.60 -43.38 -7.58
CA HIS L 32 9.69 -44.03 -6.65
C HIS L 32 8.22 -43.71 -6.90
N ILE L 33 7.90 -42.44 -7.22
CA ILE L 33 6.56 -41.98 -7.56
C ILE L 33 6.00 -42.67 -8.81
N VAL L 34 6.84 -42.84 -9.85
CA VAL L 34 6.45 -43.44 -11.13
C VAL L 34 6.37 -44.96 -11.03
N TRP L 35 7.15 -45.56 -10.13
CA TRP L 35 6.94 -46.92 -9.67
C TRP L 35 5.62 -47.13 -8.92
N ALA L 36 5.33 -46.27 -7.92
CA ALA L 36 4.22 -46.39 -6.99
C ALA L 36 2.86 -46.47 -7.65
N SER L 37 2.64 -45.64 -8.70
CA SER L 37 1.40 -45.63 -9.48
C SER L 37 1.06 -46.97 -10.12
N ARG L 38 2.07 -47.75 -10.55
CA ARG L 38 1.90 -49.08 -11.12
C ARG L 38 1.28 -50.06 -10.13
N GLU L 39 1.81 -50.06 -8.89
CA GLU L 39 1.32 -50.86 -7.78
C GLU L 39 -0.09 -50.44 -7.37
N LEU L 40 -0.38 -49.12 -7.34
CA LEU L 40 -1.74 -48.60 -7.14
C LEU L 40 -2.73 -49.04 -8.21
N GLU L 41 -2.33 -49.07 -9.50
CA GLU L 41 -3.12 -49.67 -10.58
C GLU L 41 -3.40 -51.16 -10.39
N ARG L 42 -2.40 -51.94 -9.92
CA ARG L 42 -2.59 -53.35 -9.57
C ARG L 42 -3.64 -53.60 -8.49
N PHE L 43 -3.64 -52.79 -7.40
CA PHE L 43 -4.51 -52.99 -6.26
C PHE L 43 -5.75 -52.10 -6.24
N ALA L 44 -6.06 -51.51 -7.41
CA ALA L 44 -7.26 -50.72 -7.76
C ALA L 44 -7.50 -49.42 -6.98
N VAL L 45 -6.47 -48.61 -6.84
CA VAL L 45 -6.51 -47.30 -6.20
C VAL L 45 -6.36 -46.21 -7.25
N ASN L 46 -7.13 -45.10 -7.12
CA ASN L 46 -7.07 -43.95 -8.00
C ASN L 46 -5.78 -43.13 -7.78
N PRO L 47 -4.86 -42.93 -8.73
CA PRO L 47 -3.67 -42.12 -8.53
C PRO L 47 -4.00 -40.64 -8.48
N GLY L 48 -5.14 -40.19 -9.04
CA GLY L 48 -5.56 -38.79 -9.09
C GLY L 48 -5.77 -38.15 -7.75
N LEU L 49 -6.05 -38.97 -6.72
CA LEU L 49 -6.14 -38.59 -5.33
C LEU L 49 -4.87 -37.92 -4.80
N LEU L 50 -3.69 -38.32 -5.37
CA LEU L 50 -2.36 -37.93 -4.89
C LEU L 50 -2.00 -36.49 -5.18
N GLU L 51 -2.85 -35.82 -5.96
CA GLU L 51 -2.76 -34.39 -6.11
C GLU L 51 -3.05 -33.62 -4.82
N THR L 52 -3.87 -34.21 -3.96
CA THR L 52 -4.33 -33.58 -2.73
C THR L 52 -3.79 -34.31 -1.51
N SER L 53 -3.49 -33.57 -0.43
CA SER L 53 -3.18 -34.15 0.87
C SER L 53 -4.29 -35.00 1.46
N GLU L 54 -5.55 -34.57 1.28
CA GLU L 54 -6.74 -35.29 1.69
C GLU L 54 -6.88 -36.66 1.01
N GLY L 55 -6.60 -36.75 -0.31
CA GLY L 55 -6.54 -37.99 -1.05
C GLY L 55 -5.39 -38.89 -0.64
N CYS L 56 -4.21 -38.31 -0.37
CA CYS L 56 -3.09 -39.03 0.23
C CYS L 56 -3.43 -39.63 1.60
N ARG L 57 -4.12 -38.85 2.46
CA ARG L 57 -4.60 -39.28 3.76
C ARG L 57 -5.54 -40.47 3.69
N GLN L 58 -6.52 -40.45 2.76
CA GLN L 58 -7.36 -41.59 2.45
C GLN L 58 -6.63 -42.83 1.94
N ILE L 59 -5.66 -42.66 1.01
CA ILE L 59 -4.82 -43.75 0.53
C ILE L 59 -4.01 -44.41 1.63
N LEU L 60 -3.39 -43.62 2.53
CA LEU L 60 -2.72 -44.12 3.72
C LEU L 60 -3.65 -44.92 4.64
N GLY L 61 -4.90 -44.44 4.83
CA GLY L 61 -5.93 -45.12 5.60
C GLY L 61 -6.35 -46.47 5.06
N GLN L 62 -6.43 -46.61 3.72
CA GLN L 62 -6.75 -47.88 3.08
C GLN L 62 -5.56 -48.82 2.92
N LEU L 63 -4.34 -48.28 2.79
CA LEU L 63 -3.15 -49.13 2.82
C LEU L 63 -2.91 -49.70 4.22
N GLN L 64 -3.21 -48.90 5.26
CA GLN L 64 -2.94 -49.26 6.64
C GLN L 64 -3.27 -50.70 7.08
N PRO L 65 -4.47 -51.28 6.84
CA PRO L 65 -4.85 -52.60 7.29
C PRO L 65 -4.02 -53.74 6.71
N SER L 66 -3.31 -53.48 5.60
CA SER L 66 -2.52 -54.50 4.93
C SER L 66 -1.03 -54.40 5.24
N LEU L 67 -0.64 -53.39 6.02
CA LEU L 67 0.79 -53.18 6.25
C LEU L 67 1.51 -54.31 6.97
N GLN L 68 0.89 -54.93 7.98
CA GLN L 68 1.39 -56.12 8.62
C GLN L 68 1.54 -57.33 7.68
N THR L 69 0.57 -57.50 6.77
CA THR L 69 0.42 -58.72 6.02
C THR L 69 0.98 -58.64 4.62
N GLY L 70 1.59 -57.50 4.22
CA GLY L 70 2.21 -57.31 2.90
C GLY L 70 3.72 -57.28 2.87
N SER L 71 4.25 -57.27 1.65
CA SER L 71 5.68 -57.30 1.34
C SER L 71 6.38 -55.95 1.51
N GLU L 72 7.73 -55.94 1.34
CA GLU L 72 8.51 -54.72 1.42
C GLU L 72 8.04 -53.63 0.47
N GLU L 73 7.59 -54.02 -0.75
CA GLU L 73 7.02 -53.12 -1.74
C GLU L 73 5.83 -52.35 -1.22
N LEU L 74 4.91 -53.02 -0.48
CA LEU L 74 3.79 -52.35 0.16
C LEU L 74 4.22 -51.28 1.17
N ARG L 75 5.25 -51.60 1.97
CA ARG L 75 5.83 -50.65 2.93
C ARG L 75 6.52 -49.46 2.23
N SER L 76 7.31 -49.72 1.17
CA SER L 76 7.91 -48.70 0.32
C SER L 76 6.90 -47.82 -0.41
N LEU L 77 5.80 -48.41 -0.92
CA LEU L 77 4.65 -47.68 -1.42
C LEU L 77 3.98 -46.79 -0.36
N TYR L 78 3.71 -47.36 0.81
CA TYR L 78 3.14 -46.60 1.91
C TYR L 78 4.01 -45.42 2.27
N ASN L 79 5.32 -45.64 2.40
CA ASN L 79 6.24 -44.58 2.75
C ASN L 79 6.33 -43.54 1.63
N THR L 80 6.22 -43.96 0.37
CA THR L 80 6.22 -43.02 -0.73
C THR L 80 5.02 -42.10 -0.57
N ILE L 81 3.85 -42.67 -0.23
CA ILE L 81 2.63 -41.87 -0.08
C ILE L 81 2.75 -40.96 1.17
N ALA L 82 3.28 -41.48 2.28
CA ALA L 82 3.47 -40.73 3.50
C ALA L 82 4.39 -39.54 3.30
N VAL L 83 5.45 -39.71 2.51
CA VAL L 83 6.32 -38.60 2.23
C VAL L 83 5.57 -37.63 1.33
N LEU L 84 4.80 -38.11 0.32
CA LEU L 84 4.06 -37.15 -0.52
C LEU L 84 3.11 -36.32 0.35
N TYR L 85 2.41 -36.93 1.32
CA TYR L 85 1.60 -36.16 2.26
C TYR L 85 2.40 -35.10 3.04
N CYS L 86 3.56 -35.48 3.61
CA CYS L 86 4.41 -34.55 4.35
C CYS L 86 4.95 -33.42 3.49
N VAL L 87 5.39 -33.75 2.26
CA VAL L 87 5.85 -32.80 1.25
C VAL L 87 4.71 -31.88 0.78
N HIS L 88 3.52 -32.43 0.56
CA HIS L 88 2.35 -31.62 0.27
C HIS L 88 1.99 -30.59 1.34
N GLN L 89 2.14 -30.92 2.64
CA GLN L 89 1.99 -29.93 3.70
C GLN L 89 3.15 -28.95 3.81
N ARG L 90 4.23 -29.21 3.03
CA ARG L 90 5.56 -28.60 3.02
C ARG L 90 6.41 -28.84 4.27
N ILE L 91 6.30 -30.06 4.81
CA ILE L 91 7.13 -30.54 5.90
C ILE L 91 8.13 -31.56 5.36
N ASP L 92 9.37 -31.15 5.25
CA ASP L 92 10.39 -32.01 4.68
C ASP L 92 11.06 -32.94 5.68
N VAL L 93 10.32 -33.97 6.07
CA VAL L 93 10.83 -34.92 7.07
C VAL L 93 12.08 -35.49 6.46
N LYS L 94 13.22 -35.51 7.15
CA LYS L 94 14.47 -35.91 6.47
C LYS L 94 14.80 -37.37 6.36
N ASP L 95 14.05 -38.20 7.02
CA ASP L 95 14.25 -39.63 6.93
C ASP L 95 12.97 -40.33 7.31
N THR L 96 12.99 -41.66 7.23
CA THR L 96 11.81 -42.44 7.58
C THR L 96 11.45 -42.31 9.04
N LYS L 97 12.43 -42.28 9.94
CA LYS L 97 12.07 -42.19 11.33
C LYS L 97 11.36 -40.87 11.61
N GLU L 98 11.86 -39.77 11.05
CA GLU L 98 11.15 -38.52 11.24
C GLU L 98 9.76 -38.61 10.59
N ALA L 99 9.67 -39.22 9.40
CA ALA L 99 8.38 -39.33 8.75
C ALA L 99 7.42 -40.08 9.63
N LEU L 100 7.89 -41.15 10.28
CA LEU L 100 7.05 -41.88 11.17
C LEU L 100 6.66 -41.01 12.34
N ASP L 101 7.56 -40.18 12.86
CA ASP L 101 7.12 -39.34 13.97
C ASP L 101 6.05 -38.33 13.50
N LYS L 102 6.20 -37.75 12.30
CA LYS L 102 5.21 -36.77 11.81
C LYS L 102 3.89 -37.43 11.43
N ILE L 103 3.95 -38.64 10.92
CA ILE L 103 2.76 -39.38 10.55
C ILE L 103 2.06 -39.95 11.77
N GLU L 104 2.81 -40.53 12.74
CA GLU L 104 2.25 -41.13 13.98
C GLU L 104 1.60 -40.07 14.85
N GLU L 105 2.15 -38.86 14.82
CA GLU L 105 1.47 -37.73 15.44
C GLU L 105 0.02 -37.58 15.00
N GLU L 106 -0.27 -37.74 13.68
CA GLU L 106 -1.54 -37.37 13.07
C GLU L 106 -2.75 -38.05 13.67
N GLN L 107 -2.66 -39.35 14.00
CA GLN L 107 -3.81 -40.15 14.35
C GLN L 107 -4.15 -40.06 15.84
N ASN L 108 -3.42 -39.22 16.61
CA ASN L 108 -3.91 -38.70 17.89
C ASN L 108 -5.12 -37.79 17.70
N LYS L 109 -5.00 -36.89 16.70
CA LYS L 109 -5.89 -35.78 16.39
C LYS L 109 -7.30 -36.22 16.05
N SER L 110 -7.44 -37.29 15.25
CA SER L 110 -8.71 -37.93 14.93
C SER L 110 -9.46 -38.52 16.11
N LYS L 111 -8.76 -39.21 17.04
CA LYS L 111 -9.37 -39.96 18.12
C LYS L 111 -10.19 -39.16 19.13
N LYS L 112 -9.66 -38.00 19.57
CA LYS L 112 -10.09 -37.42 20.83
C LYS L 112 -11.22 -36.41 20.71
N LYS L 113 -11.77 -36.24 19.49
CA LYS L 113 -12.99 -35.50 19.27
C LYS L 113 -14.08 -36.39 18.66
N ALA L 114 -13.82 -37.71 18.55
CA ALA L 114 -14.66 -38.65 17.86
C ALA L 114 -15.27 -39.68 18.81
N GLN L 115 -15.43 -39.31 20.09
CA GLN L 115 -15.92 -40.14 21.16
C GLN L 115 -17.22 -39.58 21.81
N GLY M 1 -75.34 -60.09 -50.67
CA GLY M 1 -75.13 -59.12 -49.60
C GLY M 1 -73.69 -58.57 -49.48
N ALA M 2 -72.76 -59.17 -50.25
CA ALA M 2 -71.34 -58.96 -50.32
C ALA M 2 -70.93 -57.52 -50.63
N ARG M 3 -71.75 -56.81 -51.45
CA ARG M 3 -71.56 -55.41 -51.80
C ARG M 3 -71.46 -54.48 -50.59
N ALA M 4 -72.20 -54.76 -49.50
CA ALA M 4 -72.15 -54.01 -48.25
C ALA M 4 -70.77 -54.01 -47.57
N SER M 5 -70.05 -55.14 -47.58
CA SER M 5 -68.73 -55.29 -46.97
C SER M 5 -67.65 -54.37 -47.55
N VAL M 6 -67.70 -54.17 -48.89
CA VAL M 6 -66.74 -53.40 -49.67
C VAL M 6 -67.24 -52.00 -49.95
N LEU M 7 -68.40 -51.60 -49.40
CA LEU M 7 -69.03 -50.30 -49.57
C LEU M 7 -68.12 -49.13 -49.17
N SER M 8 -68.11 -48.04 -49.92
CA SER M 8 -67.16 -46.99 -49.52
C SER M 8 -67.52 -46.59 -48.10
N GLY M 9 -66.53 -46.45 -47.21
CA GLY M 9 -66.80 -46.07 -45.82
C GLY M 9 -67.19 -47.28 -44.96
N GLY M 10 -67.19 -48.47 -45.56
CA GLY M 10 -67.58 -49.72 -44.91
C GLY M 10 -66.48 -50.44 -44.14
N GLU M 11 -66.80 -51.66 -43.74
CA GLU M 11 -65.95 -52.47 -42.88
C GLU M 11 -64.57 -52.81 -43.44
N LEU M 12 -64.52 -53.17 -44.73
CA LEU M 12 -63.25 -53.55 -45.32
C LEU M 12 -62.50 -52.35 -45.83
N ASP M 13 -63.12 -51.18 -45.77
CA ASP M 13 -62.47 -49.95 -46.12
C ASP M 13 -61.67 -49.55 -44.89
N LYS M 14 -62.32 -49.67 -43.71
CA LYS M 14 -61.68 -49.32 -42.44
C LYS M 14 -60.51 -50.25 -42.09
N TRP M 15 -60.62 -51.54 -42.41
CA TRP M 15 -59.55 -52.47 -42.05
C TRP M 15 -58.17 -51.97 -42.46
N GLU M 16 -58.03 -51.51 -43.70
CA GLU M 16 -56.71 -51.16 -44.19
C GLU M 16 -56.29 -49.73 -43.92
N LYS M 17 -57.09 -49.00 -43.15
CA LYS M 17 -56.75 -47.65 -42.74
C LYS M 17 -56.26 -47.61 -41.29
N ILE M 18 -56.08 -48.79 -40.68
CA ILE M 18 -55.63 -48.87 -39.29
C ILE M 18 -54.12 -49.16 -39.18
N ARG M 19 -53.45 -48.35 -38.34
CA ARG M 19 -52.03 -48.48 -38.04
C ARG M 19 -51.67 -49.74 -37.25
N LEU M 20 -50.68 -50.50 -37.74
CA LEU M 20 -50.26 -51.74 -37.04
C LEU M 20 -49.60 -51.54 -35.72
N ARG M 21 -48.67 -50.62 -35.64
CA ARG M 21 -47.97 -50.39 -34.40
C ARG M 21 -47.73 -48.88 -34.28
N PRO M 22 -47.86 -48.25 -33.12
CA PRO M 22 -47.84 -46.80 -32.92
C PRO M 22 -46.46 -46.15 -33.14
N GLY M 23 -45.43 -46.99 -33.31
CA GLY M 23 -44.04 -46.58 -33.36
C GLY M 23 -43.53 -46.51 -34.78
N GLY M 24 -44.43 -46.68 -35.77
CA GLY M 24 -44.16 -46.47 -37.18
C GLY M 24 -45.45 -46.09 -37.85
N LYS M 25 -45.47 -46.00 -39.19
CA LYS M 25 -46.67 -45.64 -39.92
C LYS M 25 -47.27 -46.81 -40.68
N LYS M 26 -46.77 -48.04 -40.41
CA LYS M 26 -47.22 -49.28 -41.00
C LYS M 26 -48.72 -49.57 -40.82
N GLN M 27 -49.37 -50.19 -41.82
CA GLN M 27 -50.81 -50.43 -41.84
C GLN M 27 -51.15 -51.92 -41.86
N TYR M 28 -52.34 -52.25 -41.33
CA TYR M 28 -52.94 -53.60 -41.42
C TYR M 28 -53.42 -53.90 -42.81
N LYS M 29 -53.30 -55.16 -43.24
CA LYS M 29 -53.84 -55.57 -44.54
C LYS M 29 -54.64 -56.86 -44.51
N LEU M 30 -55.45 -57.10 -45.56
CA LEU M 30 -56.35 -58.24 -45.72
C LEU M 30 -55.80 -59.63 -45.44
N LYS M 31 -54.47 -59.85 -45.63
CA LYS M 31 -53.81 -61.13 -45.39
C LYS M 31 -54.00 -61.66 -43.97
N HIS M 32 -54.02 -60.78 -42.94
CA HIS M 32 -54.20 -61.18 -41.55
C HIS M 32 -55.53 -61.87 -41.30
N ILE M 33 -56.60 -61.41 -41.97
CA ILE M 33 -57.95 -61.98 -41.85
C ILE M 33 -58.01 -63.39 -42.43
N VAL M 34 -57.43 -63.56 -43.62
CA VAL M 34 -57.34 -64.85 -44.30
C VAL M 34 -56.52 -65.85 -43.50
N TRP M 35 -55.36 -65.38 -42.96
CA TRP M 35 -54.54 -66.14 -42.04
C TRP M 35 -55.26 -66.50 -40.74
N ALA M 36 -56.02 -65.58 -40.14
CA ALA M 36 -56.82 -65.86 -38.95
C ALA M 36 -57.84 -66.97 -39.16
N SER M 37 -58.56 -66.98 -40.30
CA SER M 37 -59.45 -68.08 -40.66
C SER M 37 -58.73 -69.41 -40.80
N ARG M 38 -57.56 -69.42 -41.46
CA ARG M 38 -56.68 -70.57 -41.55
C ARG M 38 -56.16 -71.13 -40.23
N GLU M 39 -55.62 -70.26 -39.36
CA GLU M 39 -55.12 -70.65 -38.06
C GLU M 39 -56.20 -71.18 -37.12
N LEU M 40 -57.39 -70.55 -37.10
CA LEU M 40 -58.54 -71.07 -36.37
C LEU M 40 -58.97 -72.45 -36.84
N GLU M 41 -58.98 -72.69 -38.17
CA GLU M 41 -59.19 -74.00 -38.74
C GLU M 41 -58.13 -75.04 -38.34
N ARG M 42 -56.82 -74.67 -38.35
CA ARG M 42 -55.73 -75.50 -37.84
C ARG M 42 -55.85 -75.88 -36.36
N PHE M 43 -56.30 -74.94 -35.51
CA PHE M 43 -56.55 -75.18 -34.10
C PHE M 43 -57.84 -75.95 -33.80
N ALA M 44 -58.69 -76.19 -34.84
CA ALA M 44 -60.06 -76.77 -34.80
C ALA M 44 -61.20 -75.93 -34.16
N VAL M 45 -61.16 -74.60 -34.33
CA VAL M 45 -62.23 -73.69 -33.96
C VAL M 45 -63.14 -73.50 -35.16
N ASN M 46 -64.48 -73.49 -34.96
CA ASN M 46 -65.46 -73.25 -36.01
C ASN M 46 -65.34 -71.84 -36.61
N PRO M 47 -64.94 -71.60 -37.87
CA PRO M 47 -64.83 -70.24 -38.39
C PRO M 47 -66.20 -69.68 -38.76
N GLY M 48 -67.30 -70.44 -38.55
CA GLY M 48 -68.68 -69.97 -38.64
C GLY M 48 -68.99 -68.86 -37.67
N LEU M 49 -68.28 -68.83 -36.54
CA LEU M 49 -68.41 -67.82 -35.50
C LEU M 49 -67.92 -66.44 -35.92
N LEU M 50 -67.16 -66.34 -37.05
CA LEU M 50 -66.66 -65.07 -37.56
C LEU M 50 -67.72 -64.21 -38.23
N GLU M 51 -68.93 -64.79 -38.50
CA GLU M 51 -70.08 -64.04 -38.97
C GLU M 51 -70.50 -62.90 -38.05
N THR M 52 -70.55 -63.17 -36.73
CA THR M 52 -71.23 -62.33 -35.76
C THR M 52 -70.26 -61.83 -34.71
N SER M 53 -70.49 -60.61 -34.19
CA SER M 53 -69.69 -60.02 -33.11
C SER M 53 -69.69 -60.85 -31.83
N GLU M 54 -70.85 -61.39 -31.43
CA GLU M 54 -71.00 -62.32 -30.33
C GLU M 54 -70.21 -63.62 -30.50
N GLY M 55 -70.17 -64.20 -31.72
CA GLY M 55 -69.33 -65.36 -32.05
C GLY M 55 -67.85 -65.08 -31.99
N CYS M 56 -67.43 -63.90 -32.52
CA CYS M 56 -66.05 -63.42 -32.43
C CYS M 56 -65.57 -63.24 -31.00
N ARG M 57 -66.46 -62.73 -30.11
CA ARG M 57 -66.22 -62.60 -28.68
C ARG M 57 -65.91 -63.92 -27.98
N GLN M 58 -66.65 -64.98 -28.36
CA GLN M 58 -66.42 -66.31 -27.80
C GLN M 58 -65.01 -66.80 -28.11
N ILE M 59 -64.54 -66.48 -29.32
CA ILE M 59 -63.18 -66.85 -29.70
C ILE M 59 -62.17 -66.05 -28.85
N LEU M 60 -62.40 -64.73 -28.67
CA LEU M 60 -61.51 -63.89 -27.86
C LEU M 60 -61.48 -64.37 -26.39
N GLY M 61 -62.61 -64.82 -25.87
CA GLY M 61 -62.72 -65.41 -24.53
C GLY M 61 -61.84 -66.63 -24.31
N GLN M 62 -61.75 -67.54 -25.29
CA GLN M 62 -60.74 -68.60 -25.27
C GLN M 62 -59.29 -68.13 -25.40
N LEU M 63 -59.03 -67.17 -26.29
CA LEU M 63 -57.66 -66.68 -26.48
C LEU M 63 -57.12 -65.83 -25.32
N GLN M 64 -57.99 -65.05 -24.71
CA GLN M 64 -57.67 -64.05 -23.65
C GLN M 64 -56.78 -64.57 -22.48
N PRO M 65 -57.10 -65.67 -21.75
CA PRO M 65 -56.27 -66.22 -20.68
C PRO M 65 -55.11 -67.07 -21.21
N SER M 66 -54.91 -67.10 -22.54
CA SER M 66 -53.76 -67.75 -23.15
C SER M 66 -52.75 -66.72 -23.61
N LEU M 67 -53.00 -65.42 -23.38
CA LEU M 67 -52.09 -64.35 -23.78
C LEU M 67 -50.72 -64.37 -23.12
N GLN M 68 -50.63 -64.65 -21.80
CA GLN M 68 -49.35 -64.76 -21.12
C GLN M 68 -48.48 -65.89 -21.68
N THR M 69 -49.06 -67.10 -21.80
CA THR M 69 -48.43 -68.28 -22.39
C THR M 69 -48.10 -68.15 -23.85
N GLY M 70 -49.03 -67.59 -24.65
CA GLY M 70 -48.98 -67.49 -26.10
C GLY M 70 -47.72 -66.92 -26.73
N SER M 71 -47.26 -67.59 -27.81
CA SER M 71 -46.38 -67.03 -28.83
C SER M 71 -47.01 -65.85 -29.54
N GLU M 72 -46.21 -64.91 -30.10
CA GLU M 72 -46.74 -63.67 -30.63
C GLU M 72 -47.60 -63.83 -31.89
N GLU M 73 -47.52 -65.00 -32.56
CA GLU M 73 -48.44 -65.44 -33.60
C GLU M 73 -49.89 -65.48 -33.08
N LEU M 74 -50.05 -65.95 -31.82
CA LEU M 74 -51.36 -66.08 -31.16
C LEU M 74 -51.86 -64.69 -30.77
N ARG M 75 -50.94 -63.83 -30.30
CA ARG M 75 -51.23 -62.44 -30.02
C ARG M 75 -51.70 -61.64 -31.24
N SER M 76 -51.03 -61.85 -32.40
CA SER M 76 -51.43 -61.29 -33.69
C SER M 76 -52.81 -61.76 -34.14
N LEU M 77 -53.12 -63.06 -33.93
CA LEU M 77 -54.48 -63.59 -34.13
C LEU M 77 -55.51 -62.91 -33.23
N TYR M 78 -55.18 -62.76 -31.95
CA TYR M 78 -56.05 -62.08 -30.98
C TYR M 78 -56.34 -60.66 -31.44
N ASN M 79 -55.31 -59.91 -31.81
CA ASN M 79 -55.52 -58.54 -32.28
C ASN M 79 -56.25 -58.49 -33.62
N THR M 80 -56.04 -59.48 -34.49
CA THR M 80 -56.75 -59.49 -35.77
C THR M 80 -58.24 -59.62 -35.48
N ILE M 81 -58.60 -60.54 -34.58
CA ILE M 81 -59.99 -60.77 -34.25
C ILE M 81 -60.58 -59.59 -33.49
N ALA M 82 -59.84 -59.04 -32.51
CA ALA M 82 -60.34 -57.91 -31.73
C ALA M 82 -60.60 -56.69 -32.62
N VAL M 83 -59.75 -56.46 -33.64
CA VAL M 83 -60.00 -55.35 -34.54
C VAL M 83 -61.23 -55.71 -35.38
N LEU M 84 -61.36 -56.97 -35.85
CA LEU M 84 -62.56 -57.32 -36.63
C LEU M 84 -63.82 -57.13 -35.79
N TYR M 85 -63.78 -57.46 -34.50
CA TYR M 85 -64.90 -57.27 -33.60
C TYR M 85 -65.31 -55.78 -33.60
N CYS M 86 -64.32 -54.90 -33.44
CA CYS M 86 -64.47 -53.45 -33.51
C CYS M 86 -65.03 -52.96 -34.84
N VAL M 87 -64.56 -53.58 -35.93
CA VAL M 87 -65.10 -53.33 -37.26
C VAL M 87 -66.57 -53.78 -37.39
N HIS M 88 -66.92 -54.97 -36.87
CA HIS M 88 -68.29 -55.48 -36.97
C HIS M 88 -69.23 -54.57 -36.18
N GLN M 89 -68.73 -54.01 -35.08
CA GLN M 89 -69.50 -53.07 -34.27
C GLN M 89 -69.53 -51.65 -34.82
N ARG M 90 -68.76 -51.42 -35.91
CA ARG M 90 -68.53 -50.15 -36.58
C ARG M 90 -67.91 -49.05 -35.73
N ILE M 91 -66.84 -49.41 -35.02
CA ILE M 91 -66.00 -48.46 -34.32
C ILE M 91 -64.94 -47.91 -35.28
N ASP M 92 -64.83 -46.60 -35.37
CA ASP M 92 -63.84 -46.03 -36.29
C ASP M 92 -62.46 -46.00 -35.66
N VAL M 93 -61.87 -47.18 -35.55
CA VAL M 93 -60.58 -47.42 -34.93
C VAL M 93 -59.48 -46.85 -35.78
N LYS M 94 -58.56 -46.11 -35.18
CA LYS M 94 -57.44 -45.57 -35.98
C LYS M 94 -56.13 -46.30 -35.67
N ASP M 95 -55.98 -46.80 -34.44
CA ASP M 95 -54.74 -47.46 -34.00
C ASP M 95 -55.05 -48.61 -33.02
N THR M 96 -54.00 -49.31 -32.59
CA THR M 96 -54.14 -50.49 -31.75
C THR M 96 -54.45 -50.09 -30.30
N LYS M 97 -53.80 -49.03 -29.83
CA LYS M 97 -53.98 -48.71 -28.44
C LYS M 97 -55.46 -48.49 -28.24
N GLU M 98 -56.09 -47.78 -29.17
CA GLU M 98 -57.53 -47.59 -29.14
C GLU M 98 -58.31 -48.87 -29.22
N ALA M 99 -57.97 -49.78 -30.14
CA ALA M 99 -58.76 -51.01 -30.22
C ALA M 99 -58.68 -51.77 -28.91
N LEU M 100 -57.48 -51.83 -28.33
CA LEU M 100 -57.29 -52.51 -27.06
C LEU M 100 -57.98 -51.84 -25.88
N ASP M 101 -57.89 -50.50 -25.79
CA ASP M 101 -58.55 -49.73 -24.75
C ASP M 101 -60.07 -49.85 -24.80
N LYS M 102 -60.64 -49.88 -26.04
CA LYS M 102 -62.08 -50.12 -26.24
C LYS M 102 -62.52 -51.52 -25.84
N ILE M 103 -61.71 -52.53 -26.15
CA ILE M 103 -62.01 -53.91 -25.70
C ILE M 103 -61.99 -54.01 -24.17
N GLU M 104 -60.97 -53.43 -23.53
CA GLU M 104 -60.95 -53.35 -22.08
C GLU M 104 -62.13 -52.57 -21.48
N GLU M 105 -62.50 -51.45 -22.11
CA GLU M 105 -63.64 -50.63 -21.73
C GLU M 105 -64.97 -51.36 -21.78
N GLU M 106 -65.25 -52.11 -22.87
CA GLU M 106 -66.36 -53.04 -22.95
C GLU M 106 -66.31 -54.18 -21.93
N GLN M 107 -65.11 -54.76 -21.69
CA GLN M 107 -65.04 -55.83 -20.66
C GLN M 107 -65.27 -55.32 -19.25
N ASN M 108 -64.71 -54.16 -18.91
CA ASN M 108 -65.00 -53.52 -17.63
C ASN M 108 -66.49 -53.23 -17.46
N LYS M 109 -67.13 -52.70 -18.52
CA LYS M 109 -68.56 -52.46 -18.59
C LYS M 109 -69.44 -53.69 -18.43
N SER M 110 -69.15 -54.80 -19.14
CA SER M 110 -69.92 -56.03 -19.01
C SER M 110 -69.58 -56.84 -17.77
N LYS M 111 -68.34 -56.79 -17.27
CA LYS M 111 -67.93 -57.55 -16.09
C LYS M 111 -68.54 -57.09 -14.79
N LYS M 112 -68.95 -55.81 -14.68
CA LYS M 112 -69.68 -55.35 -13.51
C LYS M 112 -71.08 -55.96 -13.38
N LYS M 113 -71.61 -56.49 -14.50
CA LYS M 113 -72.85 -57.26 -14.55
C LYS M 113 -72.63 -58.78 -14.62
N ALA M 114 -71.39 -59.27 -14.41
CA ALA M 114 -71.10 -60.70 -14.44
C ALA M 114 -71.11 -61.33 -13.05
N GLN M 115 -71.52 -60.56 -12.03
CA GLN M 115 -71.62 -60.98 -10.65
C GLN M 115 -73.10 -61.08 -10.20
N GLY N 1 -23.68 -64.71 -20.51
CA GLY N 1 -24.57 -65.55 -19.69
C GLY N 1 -24.84 -66.93 -20.23
N ALA N 2 -25.06 -67.06 -21.55
CA ALA N 2 -25.15 -68.34 -22.22
C ALA N 2 -23.89 -69.19 -22.08
N ARG N 3 -22.70 -68.59 -22.25
CA ARG N 3 -21.41 -69.20 -22.01
C ARG N 3 -21.16 -69.61 -20.55
N ALA N 4 -21.59 -68.79 -19.59
CA ALA N 4 -21.52 -69.07 -18.17
C ALA N 4 -22.25 -70.33 -17.75
N SER N 5 -23.43 -70.59 -18.35
CA SER N 5 -24.25 -71.76 -18.05
C SER N 5 -23.67 -73.09 -18.54
N VAL N 6 -22.70 -73.05 -19.48
CA VAL N 6 -22.02 -74.23 -20.01
C VAL N 6 -20.59 -74.34 -19.49
N LEU N 7 -20.21 -73.53 -18.47
CA LEU N 7 -19.00 -73.75 -17.69
C LEU N 7 -19.11 -74.99 -16.80
N SER N 8 -17.97 -75.59 -16.41
CA SER N 8 -17.95 -76.70 -15.45
C SER N 8 -18.61 -76.33 -14.13
N GLY N 9 -19.75 -76.99 -13.81
CA GLY N 9 -20.59 -76.72 -12.65
C GLY N 9 -21.73 -75.75 -12.90
N GLY N 10 -21.90 -75.24 -14.15
CA GLY N 10 -23.04 -74.42 -14.57
C GLY N 10 -24.28 -75.25 -14.84
N GLU N 11 -25.40 -74.57 -15.17
CA GLU N 11 -26.69 -75.30 -15.32
C GLU N 11 -26.74 -76.39 -16.42
N LEU N 12 -26.13 -76.17 -17.58
CA LEU N 12 -26.21 -77.16 -18.64
C LEU N 12 -25.18 -78.28 -18.50
N ASP N 13 -24.06 -78.05 -17.81
CA ASP N 13 -23.17 -79.12 -17.36
C ASP N 13 -23.85 -80.03 -16.32
N LYS N 14 -24.58 -79.38 -15.38
CA LYS N 14 -25.39 -80.10 -14.39
C LYS N 14 -26.56 -80.89 -15.00
N TRP N 15 -27.19 -80.35 -16.05
CA TRP N 15 -28.32 -81.02 -16.72
C TRP N 15 -27.95 -82.45 -17.09
N GLU N 16 -26.74 -82.65 -17.60
CA GLU N 16 -26.30 -83.96 -18.08
C GLU N 16 -25.93 -84.95 -16.96
N LYS N 17 -25.95 -84.52 -15.70
CA LYS N 17 -25.66 -85.43 -14.60
C LYS N 17 -26.94 -85.94 -13.95
N ILE N 18 -28.12 -85.58 -14.51
CA ILE N 18 -29.43 -85.98 -14.02
C ILE N 18 -29.92 -87.19 -14.81
N ARG N 19 -30.37 -88.28 -14.14
CA ARG N 19 -30.91 -89.46 -14.77
C ARG N 19 -32.28 -89.26 -15.43
N LEU N 20 -32.52 -89.91 -16.60
CA LEU N 20 -33.72 -89.72 -17.40
C LEU N 20 -35.05 -90.03 -16.72
N ARG N 21 -35.06 -91.21 -16.10
CA ARG N 21 -36.23 -91.87 -15.56
C ARG N 21 -35.79 -92.51 -14.24
N PRO N 22 -36.67 -92.68 -13.24
CA PRO N 22 -36.36 -93.21 -11.91
C PRO N 22 -35.50 -94.50 -11.82
N GLY N 23 -35.91 -95.59 -12.50
CA GLY N 23 -35.13 -96.83 -12.41
C GLY N 23 -33.93 -96.86 -13.33
N GLY N 24 -33.97 -96.05 -14.40
CA GLY N 24 -32.97 -96.03 -15.46
C GLY N 24 -31.63 -95.44 -15.10
N LYS N 25 -30.55 -96.03 -15.64
CA LYS N 25 -29.20 -95.53 -15.50
C LYS N 25 -28.81 -94.37 -16.41
N LYS N 26 -29.44 -94.23 -17.59
CA LYS N 26 -29.14 -93.16 -18.55
C LYS N 26 -29.37 -91.72 -18.11
N GLN N 27 -28.54 -90.79 -18.63
CA GLN N 27 -28.52 -89.39 -18.27
C GLN N 27 -29.24 -88.48 -19.27
N TYR N 28 -29.75 -87.32 -18.79
CA TYR N 28 -30.29 -86.24 -19.59
C TYR N 28 -29.33 -85.61 -20.60
N LYS N 29 -29.95 -85.17 -21.72
CA LYS N 29 -29.30 -84.56 -22.89
C LYS N 29 -29.98 -83.22 -23.20
N LEU N 30 -29.30 -82.31 -23.92
CA LEU N 30 -29.87 -81.02 -24.25
C LEU N 30 -30.90 -81.07 -25.38
N LYS N 31 -30.96 -82.21 -26.12
CA LYS N 31 -31.90 -82.48 -27.20
C LYS N 31 -33.37 -82.35 -26.79
N HIS N 32 -33.73 -82.73 -25.53
CA HIS N 32 -35.07 -82.51 -24.99
C HIS N 32 -35.50 -81.05 -24.97
N ILE N 33 -34.58 -80.12 -24.67
CA ILE N 33 -34.87 -78.69 -24.67
C ILE N 33 -35.28 -78.18 -26.05
N VAL N 34 -34.59 -78.63 -27.12
CA VAL N 34 -34.94 -78.33 -28.52
C VAL N 34 -36.31 -78.85 -28.91
N TRP N 35 -36.61 -80.13 -28.55
CA TRP N 35 -37.90 -80.75 -28.73
C TRP N 35 -39.03 -80.04 -27.98
N ALA N 36 -38.79 -79.70 -26.70
CA ALA N 36 -39.73 -78.97 -25.86
C ALA N 36 -40.09 -77.60 -26.43
N SER N 37 -39.10 -76.91 -27.03
CA SER N 37 -39.38 -75.61 -27.66
C SER N 37 -40.36 -75.75 -28.82
N ARG N 38 -40.11 -76.70 -29.73
CA ARG N 38 -41.06 -76.98 -30.80
C ARG N 38 -42.43 -77.47 -30.36
N GLU N 39 -42.50 -78.38 -29.37
CA GLU N 39 -43.76 -78.89 -28.86
C GLU N 39 -44.60 -77.84 -28.13
N LEU N 40 -43.95 -76.88 -27.43
CA LEU N 40 -44.63 -75.68 -26.95
C LEU N 40 -45.22 -74.83 -28.07
N GLU N 41 -44.47 -74.59 -29.17
CA GLU N 41 -44.94 -73.88 -30.35
C GLU N 41 -46.14 -74.53 -31.05
N ARG N 42 -46.18 -75.88 -31.04
CA ARG N 42 -47.31 -76.70 -31.55
C ARG N 42 -48.67 -76.43 -30.84
N PHE N 43 -48.62 -76.13 -29.55
CA PHE N 43 -49.78 -75.73 -28.78
C PHE N 43 -49.86 -74.22 -28.60
N ALA N 44 -49.08 -73.47 -29.43
CA ALA N 44 -48.99 -71.99 -29.54
C ALA N 44 -48.44 -71.26 -28.31
N VAL N 45 -47.64 -71.93 -27.52
CA VAL N 45 -46.99 -71.38 -26.34
C VAL N 45 -45.66 -70.74 -26.71
N ASN N 46 -45.22 -69.71 -25.95
CA ASN N 46 -43.95 -69.03 -26.10
C ASN N 46 -42.84 -69.79 -25.34
N PRO N 47 -41.83 -70.38 -25.96
CA PRO N 47 -40.78 -71.10 -25.23
C PRO N 47 -39.77 -70.16 -24.58
N GLY N 48 -39.89 -68.84 -24.80
CA GLY N 48 -39.03 -67.81 -24.19
C GLY N 48 -39.34 -67.56 -22.75
N LEU N 49 -40.51 -68.02 -22.28
CA LEU N 49 -40.97 -67.89 -20.90
C LEU N 49 -40.19 -68.74 -19.92
N LEU N 50 -39.35 -69.66 -20.44
CA LEU N 50 -38.54 -70.55 -19.64
C LEU N 50 -37.23 -69.90 -19.22
N GLU N 51 -37.09 -68.57 -19.47
CA GLU N 51 -36.11 -67.69 -18.87
C GLU N 51 -36.28 -67.62 -17.34
N THR N 52 -37.53 -67.62 -16.85
CA THR N 52 -37.86 -67.47 -15.44
C THR N 52 -38.47 -68.72 -14.87
N SER N 53 -38.06 -69.10 -13.65
CA SER N 53 -38.64 -70.18 -12.86
C SER N 53 -40.11 -69.99 -12.54
N GLU N 54 -40.55 -68.76 -12.24
CA GLU N 54 -41.95 -68.41 -12.10
C GLU N 54 -42.76 -68.60 -13.38
N GLY N 55 -42.16 -68.29 -14.56
CA GLY N 55 -42.73 -68.64 -15.86
C GLY N 55 -42.87 -70.13 -16.08
N CYS N 56 -41.82 -70.90 -15.73
CA CYS N 56 -41.85 -72.36 -15.73
C CYS N 56 -42.91 -72.94 -14.81
N ARG N 57 -43.06 -72.41 -13.58
CA ARG N 57 -44.08 -72.79 -12.62
C ARG N 57 -45.49 -72.58 -13.13
N GLN N 58 -45.75 -71.43 -13.76
CA GLN N 58 -46.99 -71.14 -14.45
C GLN N 58 -47.29 -72.05 -15.62
N ILE N 59 -46.28 -72.39 -16.45
CA ILE N 59 -46.41 -73.41 -17.49
C ILE N 59 -46.76 -74.80 -16.94
N LEU N 60 -46.12 -75.25 -15.83
CA LEU N 60 -46.52 -76.44 -15.11
C LEU N 60 -47.96 -76.40 -14.59
N GLY N 61 -48.39 -75.23 -14.07
CA GLY N 61 -49.76 -74.98 -13.61
C GLY N 61 -50.80 -75.01 -14.69
N GLN N 62 -50.49 -74.48 -15.88
CA GLN N 62 -51.28 -74.66 -17.09
C GLN N 62 -51.38 -76.10 -17.57
N LEU N 63 -50.27 -76.87 -17.54
CA LEU N 63 -50.19 -78.23 -18.03
C LEU N 63 -50.82 -79.29 -17.14
N GLN N 64 -50.99 -79.04 -15.82
CA GLN N 64 -51.44 -80.04 -14.86
C GLN N 64 -52.76 -80.76 -15.17
N PRO N 65 -53.86 -80.17 -15.67
CA PRO N 65 -55.05 -80.93 -16.02
C PRO N 65 -54.83 -81.84 -17.23
N SER N 66 -53.97 -81.44 -18.17
CA SER N 66 -53.75 -82.15 -19.42
C SER N 66 -52.98 -83.45 -19.23
N LEU N 67 -52.24 -83.59 -18.10
CA LEU N 67 -51.47 -84.77 -17.78
C LEU N 67 -52.31 -86.02 -17.63
N GLN N 68 -53.51 -85.89 -17.02
CA GLN N 68 -54.40 -87.00 -16.72
C GLN N 68 -54.86 -87.77 -17.95
N THR N 69 -55.26 -87.07 -19.03
CA THR N 69 -55.57 -87.70 -20.31
C THR N 69 -54.33 -87.87 -21.19
N GLY N 70 -53.27 -87.13 -20.89
CA GLY N 70 -52.12 -87.01 -21.77
C GLY N 70 -51.30 -88.28 -22.02
N SER N 71 -50.64 -88.24 -23.15
CA SER N 71 -49.75 -89.29 -23.67
C SER N 71 -48.42 -89.36 -22.94
N GLU N 72 -47.67 -90.43 -23.25
CA GLU N 72 -46.34 -90.66 -22.74
C GLU N 72 -45.37 -89.52 -23.06
N GLU N 73 -45.44 -89.00 -24.30
CA GLU N 73 -44.73 -87.82 -24.75
C GLU N 73 -45.09 -86.55 -23.98
N LEU N 74 -46.39 -86.31 -23.72
CA LEU N 74 -46.81 -85.10 -22.98
C LEU N 74 -46.37 -85.13 -21.53
N ARG N 75 -46.55 -86.27 -20.87
CA ARG N 75 -46.01 -86.43 -19.53
C ARG N 75 -44.49 -86.29 -19.45
N SER N 76 -43.75 -86.86 -20.42
CA SER N 76 -42.31 -86.70 -20.57
C SER N 76 -41.88 -85.24 -20.76
N LEU N 77 -42.63 -84.48 -21.57
CA LEU N 77 -42.46 -83.04 -21.73
C LEU N 77 -42.67 -82.25 -20.45
N TYR N 78 -43.76 -82.54 -19.69
CA TYR N 78 -43.99 -81.96 -18.38
C TYR N 78 -42.89 -82.26 -17.36
N ASN N 79 -42.45 -83.52 -17.28
CA ASN N 79 -41.35 -83.97 -16.44
C ASN N 79 -40.03 -83.26 -16.77
N THR N 80 -39.80 -83.00 -18.07
CA THR N 80 -38.64 -82.22 -18.53
C THR N 80 -38.68 -80.81 -17.95
N ILE N 81 -39.84 -80.16 -18.00
CA ILE N 81 -39.98 -78.80 -17.47
C ILE N 81 -39.78 -78.82 -15.94
N ALA N 82 -40.32 -79.82 -15.24
CA ALA N 82 -40.10 -79.99 -13.81
C ALA N 82 -38.63 -80.08 -13.42
N VAL N 83 -37.85 -80.85 -14.21
CA VAL N 83 -36.43 -80.95 -13.96
C VAL N 83 -35.78 -79.59 -14.24
N LEU N 84 -36.18 -78.91 -15.34
CA LEU N 84 -35.60 -77.60 -15.64
C LEU N 84 -35.89 -76.63 -14.50
N TYR N 85 -37.10 -76.67 -13.91
CA TYR N 85 -37.43 -75.80 -12.78
C TYR N 85 -36.41 -76.00 -11.66
N CYS N 86 -36.15 -77.27 -11.32
CA CYS N 86 -35.20 -77.59 -10.26
C CYS N 86 -33.78 -77.14 -10.63
N VAL N 87 -33.42 -77.27 -11.90
CA VAL N 87 -32.11 -76.82 -12.38
C VAL N 87 -31.98 -75.30 -12.31
N HIS N 88 -33.04 -74.55 -12.67
CA HIS N 88 -33.03 -73.08 -12.64
C HIS N 88 -32.82 -72.57 -11.21
N GLN N 89 -33.31 -73.32 -10.22
CA GLN N 89 -33.10 -72.96 -8.82
C GLN N 89 -31.83 -73.61 -8.28
N ARG N 90 -31.06 -74.26 -9.14
CA ARG N 90 -29.81 -74.95 -8.82
C ARG N 90 -29.93 -75.99 -7.72
N ILE N 91 -30.98 -76.78 -7.80
CA ILE N 91 -31.24 -77.84 -6.83
C ILE N 91 -30.77 -79.16 -7.42
N ASP N 92 -29.91 -79.89 -6.68
CA ASP N 92 -29.36 -81.16 -7.12
C ASP N 92 -30.36 -82.30 -6.95
N VAL N 93 -31.28 -82.44 -7.91
CA VAL N 93 -32.16 -83.59 -8.07
C VAL N 93 -31.46 -84.59 -8.97
N LYS N 94 -31.49 -85.90 -8.62
CA LYS N 94 -30.72 -86.87 -9.37
C LYS N 94 -31.52 -87.51 -10.50
N ASP N 95 -32.86 -87.35 -10.50
CA ASP N 95 -33.71 -87.89 -11.53
C ASP N 95 -35.02 -87.11 -11.60
N THR N 96 -35.90 -87.52 -12.53
CA THR N 96 -37.25 -87.01 -12.71
C THR N 96 -38.17 -87.16 -11.50
N LYS N 97 -38.11 -88.31 -10.77
CA LYS N 97 -38.93 -88.49 -9.54
C LYS N 97 -38.54 -87.52 -8.42
N GLU N 98 -37.26 -87.32 -8.22
CA GLU N 98 -36.76 -86.34 -7.27
C GLU N 98 -37.23 -84.91 -7.57
N ALA N 99 -37.22 -84.53 -8.88
CA ALA N 99 -37.81 -83.29 -9.36
C ALA N 99 -39.32 -83.19 -9.13
N LEU N 100 -40.09 -84.27 -9.41
CA LEU N 100 -41.53 -84.33 -9.16
C LEU N 100 -41.92 -84.17 -7.70
N ASP N 101 -41.11 -84.74 -6.77
CA ASP N 101 -41.29 -84.52 -5.33
C ASP N 101 -41.08 -83.06 -4.94
N LYS N 102 -40.11 -82.40 -5.54
CA LYS N 102 -39.91 -80.97 -5.37
C LYS N 102 -41.08 -80.12 -5.85
N ILE N 103 -41.73 -80.48 -6.98
CA ILE N 103 -42.98 -79.86 -7.42
C ILE N 103 -44.13 -80.03 -6.43
N GLU N 104 -44.28 -81.24 -5.85
CA GLU N 104 -45.24 -81.37 -4.75
C GLU N 104 -44.87 -80.48 -3.56
N GLU N 105 -43.59 -80.39 -3.19
CA GLU N 105 -43.23 -79.53 -2.08
C GLU N 105 -43.50 -78.06 -2.38
N GLU N 106 -43.24 -77.61 -3.62
CA GLU N 106 -43.46 -76.22 -3.98
C GLU N 106 -44.95 -75.93 -3.92
N GLN N 107 -45.76 -76.91 -4.34
CA GLN N 107 -47.20 -76.77 -4.21
C GLN N 107 -47.69 -76.66 -2.77
N ASN N 108 -47.09 -77.46 -1.87
CA ASN N 108 -47.43 -77.33 -0.45
C ASN N 108 -46.95 -76.01 0.19
N LYS N 109 -45.80 -75.49 -0.24
CA LYS N 109 -45.30 -74.24 0.34
C LYS N 109 -46.24 -73.09 0.00
N SER N 110 -46.69 -73.07 -1.25
CA SER N 110 -47.62 -72.06 -1.73
C SER N 110 -48.99 -72.26 -1.10
N LYS N 111 -49.44 -73.50 -1.03
CA LYS N 111 -50.75 -73.85 -0.50
C LYS N 111 -51.01 -73.41 0.94
N LYS N 112 -50.00 -73.48 1.84
CA LYS N 112 -50.14 -72.99 3.20
C LYS N 112 -50.27 -71.47 3.29
N LYS N 113 -49.89 -70.75 2.20
CA LYS N 113 -49.90 -69.30 2.11
C LYS N 113 -50.96 -68.82 1.11
N ALA N 114 -51.97 -69.68 0.81
CA ALA N 114 -53.04 -69.41 -0.12
C ALA N 114 -54.38 -69.11 0.57
N GLN N 115 -55.34 -68.55 -0.19
CA GLN N 115 -56.74 -68.43 0.18
C GLN N 115 -57.55 -68.19 -1.11
N GLY O 1 -58.49 -111.87 -25.92
CA GLY O 1 -58.63 -110.47 -26.32
C GLY O 1 -59.38 -110.32 -27.62
N ALA O 2 -58.67 -110.48 -28.75
CA ALA O 2 -59.15 -110.16 -30.09
C ALA O 2 -60.42 -110.89 -30.51
N ARG O 3 -60.54 -112.19 -30.19
CA ARG O 3 -61.69 -113.03 -30.52
C ARG O 3 -63.02 -112.54 -29.95
N ALA O 4 -63.02 -111.96 -28.74
CA ALA O 4 -64.23 -111.55 -28.05
C ALA O 4 -64.89 -110.32 -28.67
N SER O 5 -64.15 -109.54 -29.47
CA SER O 5 -64.62 -108.31 -30.10
C SER O 5 -65.79 -108.45 -31.06
N VAL O 6 -65.83 -109.55 -31.84
CA VAL O 6 -66.78 -109.73 -32.94
C VAL O 6 -67.95 -110.63 -32.59
N LEU O 7 -67.99 -111.21 -31.36
CA LEU O 7 -69.05 -112.11 -30.93
C LEU O 7 -70.42 -111.44 -30.94
N SER O 8 -71.47 -112.15 -31.42
CA SER O 8 -72.70 -111.46 -31.81
C SER O 8 -73.47 -110.80 -30.67
N GLY O 9 -73.88 -109.55 -30.83
CA GLY O 9 -74.42 -108.81 -29.68
C GLY O 9 -73.37 -107.97 -28.93
N GLY O 10 -72.10 -108.14 -29.28
CA GLY O 10 -70.98 -107.41 -28.70
C GLY O 10 -70.82 -105.99 -29.17
N GLU O 11 -69.80 -105.28 -28.64
CA GLU O 11 -69.60 -103.87 -28.87
C GLU O 11 -69.41 -103.47 -30.33
N LEU O 12 -68.68 -104.25 -31.13
CA LEU O 12 -68.51 -103.86 -32.54
C LEU O 12 -69.73 -104.17 -33.40
N ASP O 13 -70.50 -105.17 -32.99
CA ASP O 13 -71.67 -105.56 -33.73
C ASP O 13 -72.72 -104.47 -33.59
N LYS O 14 -72.89 -103.98 -32.35
CA LYS O 14 -73.82 -102.89 -32.07
C LYS O 14 -73.30 -101.57 -32.64
N TRP O 15 -71.99 -101.35 -32.57
CA TRP O 15 -71.40 -100.08 -33.05
C TRP O 15 -71.78 -99.68 -34.47
N GLU O 16 -71.72 -100.65 -35.38
CA GLU O 16 -71.91 -100.29 -36.77
C GLU O 16 -73.39 -100.20 -37.15
N LYS O 17 -74.29 -100.40 -36.16
CA LYS O 17 -75.72 -100.29 -36.44
C LYS O 17 -76.28 -98.90 -36.06
N ILE O 18 -75.43 -98.04 -35.49
CA ILE O 18 -75.86 -96.73 -34.99
C ILE O 18 -75.66 -95.63 -36.04
N ARG O 19 -76.69 -94.80 -36.26
CA ARG O 19 -76.59 -93.69 -37.24
C ARG O 19 -75.70 -92.53 -36.82
N LEU O 20 -75.00 -91.95 -37.81
CA LEU O 20 -74.07 -90.82 -37.63
C LEU O 20 -74.79 -89.55 -37.16
N ARG O 21 -76.02 -89.38 -37.60
CA ARG O 21 -76.88 -88.28 -37.20
C ARG O 21 -78.27 -88.84 -37.01
N PRO O 22 -79.23 -88.19 -36.33
CA PRO O 22 -80.65 -88.49 -36.52
C PRO O 22 -81.09 -88.46 -37.98
N GLY O 23 -81.87 -89.41 -38.44
CA GLY O 23 -82.31 -89.36 -39.82
C GLY O 23 -81.27 -89.92 -40.80
N GLY O 24 -81.69 -90.19 -42.04
CA GLY O 24 -80.75 -90.66 -43.06
C GLY O 24 -80.46 -92.17 -42.95
N LYS O 25 -79.55 -92.64 -43.82
CA LYS O 25 -79.18 -94.05 -43.87
C LYS O 25 -77.78 -94.30 -43.30
N LYS O 26 -77.00 -93.25 -43.07
CA LYS O 26 -75.56 -93.43 -42.83
C LYS O 26 -75.23 -93.78 -41.39
N GLN O 27 -74.50 -94.89 -41.23
CA GLN O 27 -74.08 -95.48 -39.95
C GLN O 27 -72.58 -95.42 -39.70
N TYR O 28 -72.21 -95.60 -38.43
CA TYR O 28 -70.81 -95.66 -38.01
C TYR O 28 -70.17 -96.96 -38.47
N LYS O 29 -68.87 -96.88 -38.74
CA LYS O 29 -67.99 -97.97 -39.09
C LYS O 29 -66.78 -97.89 -38.20
N LEU O 30 -66.02 -98.99 -38.06
CA LEU O 30 -64.81 -99.12 -37.25
C LEU O 30 -63.75 -98.05 -37.52
N LYS O 31 -63.59 -97.63 -38.79
CA LYS O 31 -62.74 -96.54 -39.22
C LYS O 31 -62.92 -95.21 -38.47
N HIS O 32 -64.15 -94.88 -38.00
CA HIS O 32 -64.37 -93.75 -37.11
C HIS O 32 -63.65 -93.84 -35.77
N ILE O 33 -63.53 -95.05 -35.21
CA ILE O 33 -62.81 -95.29 -33.95
C ILE O 33 -61.32 -95.07 -34.17
N VAL O 34 -60.82 -95.61 -35.27
CA VAL O 34 -59.44 -95.46 -35.70
C VAL O 34 -59.05 -94.01 -35.93
N TRP O 35 -59.92 -93.24 -36.62
CA TRP O 35 -59.78 -91.80 -36.78
C TRP O 35 -59.78 -91.05 -35.45
N ALA O 36 -60.74 -91.35 -34.56
CA ALA O 36 -60.86 -90.73 -33.26
C ALA O 36 -59.63 -90.94 -32.38
N SER O 37 -59.08 -92.17 -32.39
CA SER O 37 -57.85 -92.53 -31.71
C SER O 37 -56.65 -91.71 -32.16
N ARG O 38 -56.47 -91.54 -33.49
CA ARG O 38 -55.31 -90.86 -34.02
C ARG O 38 -55.39 -89.34 -33.99
N GLU O 39 -56.61 -88.75 -34.04
CA GLU O 39 -56.81 -87.33 -33.74
C GLU O 39 -56.45 -86.99 -32.30
N LEU O 40 -56.76 -87.91 -31.34
CA LEU O 40 -56.33 -87.75 -29.94
C LEU O 40 -54.81 -87.80 -29.76
N GLU O 41 -54.13 -88.69 -30.49
CA GLU O 41 -52.67 -88.73 -30.52
C GLU O 41 -52.03 -87.45 -31.04
N ARG O 42 -52.59 -86.86 -32.11
CA ARG O 42 -52.18 -85.58 -32.66
C ARG O 42 -52.22 -84.41 -31.67
N PHE O 43 -53.23 -84.36 -30.79
CA PHE O 43 -53.34 -83.36 -29.74
C PHE O 43 -52.73 -83.81 -28.42
N ALA O 44 -51.94 -84.91 -28.47
CA ALA O 44 -51.13 -85.55 -27.39
C ALA O 44 -51.86 -86.21 -26.20
N VAL O 45 -52.94 -86.94 -26.50
CA VAL O 45 -53.75 -87.74 -25.56
C VAL O 45 -53.48 -89.25 -25.69
N ASN O 46 -53.43 -89.99 -24.55
CA ASN O 46 -53.19 -91.45 -24.55
C ASN O 46 -54.42 -92.15 -25.16
N PRO O 47 -54.32 -92.78 -26.34
CA PRO O 47 -55.49 -93.22 -27.11
C PRO O 47 -56.27 -94.31 -26.41
N GLY O 48 -55.62 -95.09 -25.52
CA GLY O 48 -56.21 -96.23 -24.80
C GLY O 48 -57.40 -95.90 -23.93
N LEU O 49 -57.61 -94.61 -23.62
CA LEU O 49 -58.79 -94.09 -22.94
C LEU O 49 -60.11 -94.42 -23.64
N LEU O 50 -60.12 -94.54 -24.98
CA LEU O 50 -61.29 -94.90 -25.76
C LEU O 50 -61.79 -96.33 -25.51
N GLU O 51 -60.99 -97.20 -24.90
CA GLU O 51 -61.39 -98.57 -24.57
C GLU O 51 -62.27 -98.65 -23.33
N THR O 52 -62.23 -97.64 -22.45
CA THR O 52 -63.10 -97.74 -21.28
C THR O 52 -64.02 -96.54 -21.16
N SER O 53 -65.14 -96.75 -20.44
CA SER O 53 -66.14 -95.72 -20.26
C SER O 53 -65.64 -94.56 -19.44
N GLU O 54 -64.85 -94.85 -18.41
CA GLU O 54 -64.35 -93.78 -17.53
C GLU O 54 -63.38 -92.88 -18.27
N GLY O 55 -62.49 -93.48 -19.06
CA GLY O 55 -61.58 -92.70 -19.91
C GLY O 55 -62.25 -91.94 -21.02
N CYS O 56 -63.29 -92.52 -21.66
CA CYS O 56 -64.12 -91.83 -22.64
C CYS O 56 -64.80 -90.61 -22.05
N ARG O 57 -65.36 -90.76 -20.82
CA ARG O 57 -65.95 -89.69 -20.06
C ARG O 57 -64.98 -88.58 -19.69
N GLN O 58 -63.72 -88.92 -19.34
CA GLN O 58 -62.71 -87.88 -19.15
C GLN O 58 -62.48 -87.08 -20.43
N ILE O 59 -62.49 -87.73 -21.58
CA ILE O 59 -62.30 -87.01 -22.84
C ILE O 59 -63.53 -86.11 -23.10
N LEU O 60 -64.74 -86.61 -22.86
CA LEU O 60 -65.92 -85.78 -23.07
C LEU O 60 -65.89 -84.57 -22.12
N GLY O 61 -65.46 -84.78 -20.86
CA GLY O 61 -65.27 -83.68 -19.90
C GLY O 61 -64.24 -82.66 -20.30
N GLN O 62 -63.14 -83.08 -20.95
CA GLN O 62 -62.20 -82.20 -21.61
C GLN O 62 -62.77 -81.38 -22.77
N LEU O 63 -63.59 -82.00 -23.63
CA LEU O 63 -64.22 -81.32 -24.76
C LEU O 63 -65.43 -80.46 -24.36
N GLN O 64 -66.16 -80.82 -23.29
CA GLN O 64 -67.44 -80.25 -22.90
C GLN O 64 -67.48 -78.73 -22.71
N PRO O 65 -66.53 -78.00 -22.12
CA PRO O 65 -66.58 -76.54 -22.07
C PRO O 65 -66.36 -75.87 -23.42
N SER O 66 -65.77 -76.60 -24.39
CA SER O 66 -65.23 -76.01 -25.63
C SER O 66 -66.11 -76.31 -26.83
N LEU O 67 -67.25 -76.90 -26.57
CA LEU O 67 -68.18 -77.33 -27.61
C LEU O 67 -68.76 -76.20 -28.45
N GLN O 68 -69.04 -75.04 -27.85
CA GLN O 68 -69.41 -73.82 -28.56
C GLN O 68 -68.36 -73.33 -29.56
N THR O 69 -67.07 -73.41 -29.22
CA THR O 69 -66.08 -72.87 -30.17
C THR O 69 -65.56 -73.93 -31.13
N GLY O 70 -65.70 -75.20 -30.80
CA GLY O 70 -65.17 -76.27 -31.63
C GLY O 70 -65.82 -76.42 -33.00
N SER O 71 -65.01 -76.86 -33.96
CA SER O 71 -65.36 -77.10 -35.35
C SER O 71 -66.28 -78.29 -35.55
N GLU O 72 -66.82 -78.40 -36.76
CA GLU O 72 -67.71 -79.48 -37.17
C GLU O 72 -67.09 -80.87 -37.05
N GLU O 73 -65.78 -80.94 -37.37
CA GLU O 73 -64.98 -82.13 -37.11
C GLU O 73 -64.77 -82.40 -35.62
N LEU O 74 -64.60 -81.35 -34.82
CA LEU O 74 -64.38 -81.56 -33.40
C LEU O 74 -65.70 -82.03 -32.75
N ARG O 75 -66.84 -81.49 -33.21
CA ARG O 75 -68.15 -81.89 -32.73
C ARG O 75 -68.44 -83.33 -33.17
N SER O 76 -68.01 -83.70 -34.39
CA SER O 76 -68.09 -85.07 -34.86
C SER O 76 -67.29 -86.04 -34.01
N LEU O 77 -66.07 -85.63 -33.55
CA LEU O 77 -65.25 -86.41 -32.60
C LEU O 77 -65.95 -86.56 -31.25
N TYR O 78 -66.47 -85.46 -30.72
CA TYR O 78 -67.26 -85.51 -29.47
C TYR O 78 -68.46 -86.45 -29.56
N ASN O 79 -69.25 -86.31 -30.62
CA ASN O 79 -70.38 -87.18 -30.90
C ASN O 79 -69.98 -88.64 -31.04
N THR O 80 -68.84 -88.92 -31.70
CA THR O 80 -68.32 -90.27 -31.87
C THR O 80 -68.00 -90.91 -30.52
N ILE O 81 -67.35 -90.13 -29.64
CA ILE O 81 -66.99 -90.62 -28.33
C ILE O 81 -68.27 -90.83 -27.49
N ALA O 82 -69.25 -89.92 -27.59
CA ALA O 82 -70.50 -90.08 -26.85
C ALA O 82 -71.17 -91.41 -27.20
N VAL O 83 -71.10 -91.81 -28.47
CA VAL O 83 -71.62 -93.11 -28.86
C VAL O 83 -70.74 -94.21 -28.25
N LEU O 84 -69.41 -94.08 -28.28
CA LEU O 84 -68.60 -95.15 -27.69
C LEU O 84 -68.91 -95.31 -26.22
N TYR O 85 -69.15 -94.23 -25.51
CA TYR O 85 -69.51 -94.32 -24.11
C TYR O 85 -70.79 -95.16 -23.98
N CYS O 86 -71.83 -94.84 -24.79
CA CYS O 86 -73.11 -95.53 -24.74
C CYS O 86 -72.95 -97.04 -25.03
N VAL O 87 -72.12 -97.37 -26.01
CA VAL O 87 -71.79 -98.75 -26.33
C VAL O 87 -71.04 -99.45 -25.20
N HIS O 88 -70.05 -98.80 -24.59
CA HIS O 88 -69.32 -99.41 -23.48
C HIS O 88 -70.23 -99.68 -22.28
N GLN O 89 -71.21 -98.81 -22.09
CA GLN O 89 -72.17 -98.92 -21.00
C GLN O 89 -73.34 -99.84 -21.34
N ARG O 90 -73.31 -100.44 -22.55
CA ARG O 90 -74.33 -101.31 -23.07
C ARG O 90 -75.71 -100.68 -23.12
N ILE O 91 -75.78 -99.45 -23.60
CA ILE O 91 -77.05 -98.77 -23.74
C ILE O 91 -77.53 -98.87 -25.19
N ASP O 92 -78.72 -99.43 -25.40
CA ASP O 92 -79.24 -99.59 -26.76
C ASP O 92 -79.73 -98.26 -27.29
N VAL O 93 -79.14 -97.83 -28.38
CA VAL O 93 -79.46 -96.57 -29.05
C VAL O 93 -79.42 -96.85 -30.55
N LYS O 94 -80.18 -96.10 -31.38
CA LYS O 94 -80.22 -96.29 -32.82
C LYS O 94 -79.61 -95.14 -33.60
N ASP O 95 -79.27 -94.03 -32.93
CA ASP O 95 -78.64 -92.90 -33.60
C ASP O 95 -77.84 -92.07 -32.61
N THR O 96 -77.10 -91.12 -33.18
CA THR O 96 -76.26 -90.18 -32.43
C THR O 96 -77.08 -89.28 -31.51
N LYS O 97 -78.22 -88.76 -31.97
CA LYS O 97 -79.07 -87.95 -31.11
C LYS O 97 -79.55 -88.69 -29.87
N GLU O 98 -79.99 -89.95 -30.05
CA GLU O 98 -80.38 -90.85 -28.97
C GLU O 98 -79.24 -91.16 -28.02
N ALA O 99 -78.00 -91.36 -28.54
CA ALA O 99 -76.79 -91.41 -27.75
C ALA O 99 -76.49 -90.13 -26.97
N LEU O 100 -76.62 -88.93 -27.58
CA LEU O 100 -76.51 -87.65 -26.90
C LEU O 100 -77.56 -87.44 -25.82
N ASP O 101 -78.79 -87.92 -26.05
CA ASP O 101 -79.80 -87.90 -25.00
C ASP O 101 -79.37 -88.74 -23.83
N LYS O 102 -78.71 -89.87 -24.10
CA LYS O 102 -78.22 -90.71 -23.02
C LYS O 102 -77.07 -90.02 -22.30
N ILE O 103 -76.24 -89.22 -23.01
CA ILE O 103 -75.18 -88.50 -22.31
C ILE O 103 -75.81 -87.47 -21.38
N GLU O 104 -76.84 -86.73 -21.85
CA GLU O 104 -77.53 -85.83 -20.93
C GLU O 104 -78.25 -86.54 -19.79
N GLU O 105 -78.82 -87.73 -20.02
CA GLU O 105 -79.33 -88.54 -18.91
C GLU O 105 -78.25 -88.89 -17.89
N GLU O 106 -77.05 -89.26 -18.36
CA GLU O 106 -75.95 -89.56 -17.45
C GLU O 106 -75.53 -88.29 -16.72
N GLN O 107 -75.54 -87.14 -17.42
CA GLN O 107 -75.20 -85.87 -16.79
C GLN O 107 -76.23 -85.54 -15.73
N ASN O 108 -77.51 -85.82 -15.99
CA ASN O 108 -78.57 -85.58 -15.01
C ASN O 108 -78.41 -86.40 -13.73
N LYS O 109 -78.09 -87.71 -13.85
CA LYS O 109 -77.80 -88.58 -12.71
C LYS O 109 -76.60 -88.09 -11.90
N SER O 110 -75.56 -87.62 -12.59
CA SER O 110 -74.40 -87.00 -11.93
C SER O 110 -74.65 -85.62 -11.29
N LYS O 111 -75.29 -84.70 -12.02
CA LYS O 111 -75.50 -83.32 -11.56
C LYS O 111 -76.28 -83.20 -10.27
N LYS O 112 -77.24 -84.08 -10.02
CA LYS O 112 -78.00 -83.98 -8.77
C LYS O 112 -77.14 -84.25 -7.54
N LYS O 113 -75.99 -84.91 -7.72
CA LYS O 113 -75.12 -85.26 -6.62
C LYS O 113 -74.14 -84.14 -6.32
N ALA O 114 -74.14 -83.08 -7.15
CA ALA O 114 -73.18 -81.99 -6.99
C ALA O 114 -73.64 -81.00 -5.90
N GLN O 115 -73.61 -81.46 -4.63
CA GLN O 115 -74.09 -80.76 -3.43
C GLN O 115 -73.87 -81.64 -2.20
N GLY P 1 -46.80 109.68 -50.29
CA GLY P 1 -46.75 111.15 -50.29
C GLY P 1 -45.35 111.72 -50.31
N ALA P 2 -44.71 111.65 -51.49
CA ALA P 2 -43.33 111.99 -51.75
C ALA P 2 -42.93 113.41 -51.35
N ARG P 3 -43.82 114.41 -51.53
CA ARG P 3 -43.61 115.80 -51.16
C ARG P 3 -43.15 116.01 -49.72
N ALA P 4 -43.66 115.18 -48.78
CA ALA P 4 -43.31 115.22 -47.37
C ALA P 4 -41.82 115.01 -47.10
N SER P 5 -41.12 114.19 -47.93
CA SER P 5 -39.69 113.93 -47.80
C SER P 5 -38.81 115.17 -47.90
N VAL P 6 -39.15 116.10 -48.80
CA VAL P 6 -38.33 117.25 -49.14
C VAL P 6 -38.89 118.55 -48.59
N LEU P 7 -40.05 118.52 -47.89
CA LEU P 7 -40.78 119.69 -47.45
C LEU P 7 -40.02 120.55 -46.43
N SER P 8 -39.96 121.89 -46.63
CA SER P 8 -39.37 122.79 -45.63
C SER P 8 -40.13 122.80 -44.32
N GLY P 9 -39.39 122.73 -43.19
CA GLY P 9 -39.92 122.51 -41.86
C GLY P 9 -40.19 121.05 -41.56
N GLY P 10 -39.90 120.15 -42.53
CA GLY P 10 -39.90 118.70 -42.34
C GLY P 10 -38.71 118.20 -41.56
N GLU P 11 -38.63 116.87 -41.35
CA GLU P 11 -37.59 116.26 -40.49
C GLU P 11 -36.16 116.43 -41.03
N LEU P 12 -35.97 116.27 -42.33
CA LEU P 12 -34.69 116.52 -42.96
C LEU P 12 -34.21 117.97 -42.92
N ASP P 13 -35.11 118.95 -43.11
CA ASP P 13 -34.81 120.37 -43.01
C ASP P 13 -34.34 120.77 -41.60
N LYS P 14 -34.95 120.15 -40.57
CA LYS P 14 -34.45 120.26 -39.19
C LYS P 14 -33.15 119.48 -38.84
N TRP P 15 -32.98 118.28 -39.38
CA TRP P 15 -31.83 117.40 -39.06
C TRP P 15 -30.48 118.10 -39.18
N GLU P 16 -30.29 118.86 -40.25
CA GLU P 16 -29.00 119.46 -40.57
C GLU P 16 -28.74 120.81 -39.90
N LYS P 17 -29.59 121.19 -38.94
CA LYS P 17 -29.45 122.42 -38.18
C LYS P 17 -29.11 122.10 -36.72
N ILE P 18 -28.89 120.82 -36.39
CA ILE P 18 -28.67 120.33 -35.02
C ILE P 18 -27.19 120.04 -34.83
N ARG P 19 -26.57 120.64 -33.80
CA ARG P 19 -25.10 120.57 -33.58
C ARG P 19 -24.58 119.22 -32.98
N LEU P 20 -23.43 118.72 -33.48
CA LEU P 20 -22.78 117.50 -33.01
C LEU P 20 -22.28 117.54 -31.57
N ARG P 21 -21.57 118.62 -31.17
CA ARG P 21 -21.00 118.78 -29.84
C ARG P 21 -21.25 120.24 -29.46
N PRO P 22 -21.39 120.61 -28.19
CA PRO P 22 -21.96 121.91 -27.81
C PRO P 22 -21.02 123.08 -28.10
N GLY P 23 -19.69 122.88 -27.99
CA GLY P 23 -18.70 123.95 -28.18
C GLY P 23 -18.17 124.04 -29.59
N GLY P 24 -18.54 123.09 -30.46
CA GLY P 24 -18.14 123.07 -31.87
C GLY P 24 -18.95 123.98 -32.75
N LYS P 25 -18.93 123.72 -34.07
CA LYS P 25 -19.81 124.37 -35.02
C LYS P 25 -20.52 123.36 -35.93
N LYS P 26 -19.95 122.15 -36.11
CA LYS P 26 -20.53 121.10 -36.93
C LYS P 26 -21.88 120.57 -36.51
N GLN P 27 -22.65 120.18 -37.53
CA GLN P 27 -24.04 119.73 -37.41
C GLN P 27 -24.24 118.34 -38.03
N TYR P 28 -25.33 117.67 -37.63
CA TYR P 28 -25.74 116.41 -38.21
C TYR P 28 -25.95 116.46 -39.72
N LYS P 29 -25.57 115.32 -40.35
CA LYS P 29 -25.67 115.14 -41.80
C LYS P 29 -26.43 113.86 -42.19
N LEU P 30 -26.89 113.79 -43.44
CA LEU P 30 -27.50 112.57 -43.99
C LEU P 30 -26.67 111.29 -43.83
N LYS P 31 -25.33 111.39 -43.93
CA LYS P 31 -24.39 110.28 -43.82
C LYS P 31 -24.52 109.47 -42.52
N HIS P 32 -24.86 110.14 -41.40
CA HIS P 32 -25.11 109.52 -40.10
C HIS P 32 -26.27 108.54 -40.13
N ILE P 33 -27.39 108.91 -40.80
CA ILE P 33 -28.57 108.08 -40.97
C ILE P 33 -28.26 106.82 -41.76
N VAL P 34 -27.51 106.97 -42.87
CA VAL P 34 -27.01 105.88 -43.70
C VAL P 34 -26.11 104.93 -42.93
N TRP P 35 -25.19 105.49 -42.12
CA TRP P 35 -24.39 104.71 -41.19
C TRP P 35 -25.20 103.95 -40.13
N ALA P 36 -26.16 104.62 -39.50
CA ALA P 36 -27.03 103.99 -38.51
C ALA P 36 -27.83 102.82 -39.06
N SER P 37 -28.29 102.93 -40.32
CA SER P 37 -28.97 101.85 -41.04
C SER P 37 -28.04 100.66 -41.27
N ARG P 38 -26.78 100.92 -41.65
CA ARG P 38 -25.74 99.89 -41.73
C ARG P 38 -25.34 99.28 -40.37
N GLU P 39 -25.35 100.07 -39.30
CA GLU P 39 -25.00 99.52 -37.99
C GLU P 39 -26.05 98.48 -37.57
N LEU P 40 -27.31 98.72 -37.90
CA LEU P 40 -28.31 97.72 -37.55
C LEU P 40 -28.02 96.44 -38.31
N GLU P 41 -27.55 96.53 -39.57
CA GLU P 41 -27.20 95.30 -40.29
C GLU P 41 -26.02 94.57 -39.58
N ARG P 42 -25.04 95.33 -39.05
CA ARG P 42 -23.87 94.75 -38.37
C ARG P 42 -24.26 93.90 -37.17
N PHE P 43 -25.33 94.29 -36.49
CA PHE P 43 -25.77 93.57 -35.29
C PHE P 43 -26.99 92.66 -35.53
N ALA P 44 -27.28 92.38 -36.80
CA ALA P 44 -28.33 91.49 -37.36
C ALA P 44 -29.77 91.85 -36.96
N VAL P 45 -30.03 93.18 -36.94
CA VAL P 45 -31.25 93.83 -36.52
C VAL P 45 -31.98 94.39 -37.73
N ASN P 46 -33.31 94.31 -37.69
CA ASN P 46 -34.12 94.77 -38.80
C ASN P 46 -34.03 96.31 -39.04
N PRO P 47 -33.54 96.79 -40.21
CA PRO P 47 -33.30 98.18 -40.55
C PRO P 47 -34.59 99.00 -40.69
N GLY P 48 -35.73 98.32 -40.74
CA GLY P 48 -37.03 98.94 -40.93
C GLY P 48 -37.49 99.65 -39.67
N LEU P 49 -36.73 99.49 -38.60
CA LEU P 49 -37.03 100.10 -37.31
C LEU P 49 -36.78 101.60 -37.27
N LEU P 50 -35.98 102.15 -38.20
CA LEU P 50 -35.63 103.56 -38.20
C LEU P 50 -36.76 104.49 -38.67
N GLU P 51 -37.76 103.96 -39.40
CA GLU P 51 -38.99 104.69 -39.71
C GLU P 51 -39.76 105.11 -38.47
N THR P 52 -39.89 104.17 -37.52
CA THR P 52 -40.79 104.27 -36.40
C THR P 52 -40.10 104.85 -35.17
N SER P 53 -40.83 105.74 -34.45
CA SER P 53 -40.43 106.25 -33.14
C SER P 53 -40.28 105.14 -32.13
N GLU P 54 -41.23 104.17 -32.13
CA GLU P 54 -41.15 102.97 -31.32
C GLU P 54 -39.95 102.07 -31.63
N GLY P 55 -39.65 101.85 -32.93
CA GLY P 55 -38.48 101.08 -33.35
C GLY P 55 -37.16 101.70 -32.95
N CYS P 56 -37.03 103.03 -33.13
CA CYS P 56 -35.90 103.81 -32.63
C CYS P 56 -35.77 103.71 -31.11
N ARG P 57 -36.90 103.83 -30.38
CA ARG P 57 -36.97 103.65 -28.95
C ARG P 57 -36.53 102.28 -28.44
N GLN P 58 -36.91 101.18 -29.13
CA GLN P 58 -36.40 99.84 -28.83
C GLN P 58 -34.88 99.73 -28.97
N ILE P 59 -34.31 100.28 -30.06
CA ILE P 59 -32.87 100.33 -30.30
C ILE P 59 -32.13 101.12 -29.23
N LEU P 60 -32.65 102.30 -28.84
CA LEU P 60 -32.15 103.10 -27.73
C LEU P 60 -32.17 102.37 -26.40
N GLY P 61 -33.27 101.62 -26.13
CA GLY P 61 -33.39 100.73 -24.98
C GLY P 61 -32.31 99.68 -24.88
N GLN P 62 -32.02 98.97 -25.99
CA GLN P 62 -30.89 98.04 -26.08
C GLN P 62 -29.52 98.67 -25.90
N LEU P 63 -29.26 99.82 -26.55
CA LEU P 63 -28.02 100.57 -26.44
C LEU P 63 -27.73 101.11 -25.05
N GLN P 64 -28.74 101.63 -24.34
CA GLN P 64 -28.63 102.35 -23.06
C GLN P 64 -27.86 101.67 -21.91
N PRO P 65 -27.99 100.38 -21.59
CA PRO P 65 -27.11 99.73 -20.60
C PRO P 65 -25.69 99.52 -21.13
N SER P 66 -25.50 99.46 -22.46
CA SER P 66 -24.22 99.14 -23.07
C SER P 66 -23.41 100.37 -23.45
N LEU P 67 -23.88 101.59 -23.16
CA LEU P 67 -23.11 102.82 -23.39
C LEU P 67 -21.83 102.86 -22.59
N GLN P 68 -21.89 102.43 -21.31
CA GLN P 68 -20.76 102.35 -20.41
C GLN P 68 -19.59 101.53 -20.92
N THR P 69 -19.85 100.31 -21.45
CA THR P 69 -18.83 99.44 -22.02
C THR P 69 -18.53 99.73 -23.48
N GLY P 70 -19.51 100.28 -24.23
CA GLY P 70 -19.42 100.66 -25.63
C GLY P 70 -18.37 101.66 -26.00
N SER P 71 -17.87 101.56 -27.24
CA SER P 71 -16.94 102.49 -27.85
C SER P 71 -17.63 103.76 -28.31
N GLU P 72 -16.86 104.73 -28.83
CA GLU P 72 -17.38 105.97 -29.38
C GLU P 72 -18.32 105.74 -30.57
N GLU P 73 -18.12 104.67 -31.39
CA GLU P 73 -19.07 104.25 -32.41
C GLU P 73 -20.45 103.91 -31.84
N LEU P 74 -20.49 103.08 -30.77
CA LEU P 74 -21.71 102.66 -30.10
C LEU P 74 -22.42 103.84 -29.45
N ARG P 75 -21.67 104.70 -28.76
CA ARG P 75 -22.17 105.93 -28.18
C ARG P 75 -22.72 106.93 -29.20
N SER P 76 -22.02 107.17 -30.32
CA SER P 76 -22.51 108.12 -31.32
C SER P 76 -23.67 107.55 -32.14
N LEU P 77 -23.76 106.21 -32.27
CA LEU P 77 -24.95 105.54 -32.78
C LEU P 77 -26.18 105.78 -31.91
N TYR P 78 -26.03 105.68 -30.57
CA TYR P 78 -27.05 106.06 -29.61
C TYR P 78 -27.45 107.52 -29.70
N ASN P 79 -26.43 108.43 -29.79
CA ASN P 79 -26.67 109.87 -29.98
C ASN P 79 -27.43 110.19 -31.30
N THR P 80 -27.03 109.53 -32.41
CA THR P 80 -27.67 109.67 -33.72
C THR P 80 -29.12 109.24 -33.70
N ILE P 81 -29.42 108.07 -33.08
CA ILE P 81 -30.77 107.56 -32.96
C ILE P 81 -31.59 108.35 -31.93
N ALA P 82 -30.96 108.82 -30.85
CA ALA P 82 -31.60 109.76 -29.93
C ALA P 82 -32.04 111.04 -30.65
N VAL P 83 -31.24 111.56 -31.58
CA VAL P 83 -31.67 112.73 -32.32
C VAL P 83 -32.81 112.30 -33.24
N LEU P 84 -32.71 111.13 -33.94
CA LEU P 84 -33.82 110.73 -34.82
C LEU P 84 -35.12 110.55 -34.04
N TYR P 85 -35.04 110.01 -32.83
CA TYR P 85 -36.20 109.90 -31.95
C TYR P 85 -36.82 111.26 -31.67
N CYS P 86 -35.98 112.22 -31.25
CA CYS P 86 -36.40 113.59 -30.98
C CYS P 86 -37.02 114.28 -32.18
N VAL P 87 -36.40 114.11 -33.37
CA VAL P 87 -36.89 114.70 -34.62
C VAL P 87 -38.21 114.04 -35.06
N HIS P 88 -38.30 112.72 -35.00
CA HIS P 88 -39.54 111.99 -35.26
C HIS P 88 -40.69 112.39 -34.33
N GLN P 89 -40.38 112.62 -33.07
CA GLN P 89 -41.38 113.02 -32.08
C GLN P 89 -41.66 114.51 -32.09
N ARG P 90 -40.98 115.25 -32.96
CA ARG P 90 -41.04 116.71 -33.13
C ARG P 90 -40.58 117.58 -31.94
N ILE P 91 -39.51 117.14 -31.29
CA ILE P 91 -38.87 117.90 -30.24
C ILE P 91 -37.83 118.82 -30.88
N ASP P 92 -37.90 120.10 -30.58
CA ASP P 92 -36.99 121.07 -31.17
C ASP P 92 -35.65 121.09 -30.44
N VAL P 93 -34.84 120.06 -30.70
CA VAL P 93 -33.53 119.94 -30.08
C VAL P 93 -32.51 120.74 -30.88
N LYS P 94 -31.55 121.38 -30.21
CA LYS P 94 -30.54 122.17 -30.91
C LYS P 94 -29.20 121.46 -31.11
N ASP P 95 -28.91 120.48 -30.25
CA ASP P 95 -27.66 119.74 -30.30
C ASP P 95 -27.81 118.34 -29.69
N THR P 96 -26.71 117.59 -29.71
CA THR P 96 -26.60 116.25 -29.13
C THR P 96 -26.89 116.19 -27.65
N LYS P 97 -26.37 117.17 -26.85
CA LYS P 97 -26.59 117.18 -25.41
C LYS P 97 -28.06 117.39 -25.07
N GLU P 98 -28.74 118.30 -25.80
CA GLU P 98 -30.18 118.47 -25.70
C GLU P 98 -30.97 117.23 -26.04
N ALA P 99 -30.61 116.51 -27.13
CA ALA P 99 -31.21 115.23 -27.45
C ALA P 99 -31.02 114.18 -26.36
N LEU P 100 -29.79 114.06 -25.82
CA LEU P 100 -29.48 113.21 -24.68
C LEU P 100 -30.25 113.54 -23.41
N ASP P 101 -30.38 114.84 -23.06
CA ASP P 101 -31.20 115.34 -21.97
C ASP P 101 -32.66 114.95 -22.14
N LYS P 102 -33.22 115.14 -23.36
CA LYS P 102 -34.57 114.73 -23.68
C LYS P 102 -34.83 113.24 -23.60
N ILE P 103 -33.88 112.38 -24.05
CA ILE P 103 -33.96 110.94 -23.84
C ILE P 103 -33.98 110.55 -22.37
N GLU P 104 -33.13 111.13 -21.49
CA GLU P 104 -33.20 110.82 -20.07
C GLU P 104 -34.39 111.45 -19.35
N GLU P 105 -34.89 112.62 -19.79
CA GLU P 105 -36.17 113.18 -19.38
C GLU P 105 -37.39 112.31 -19.73
N GLU P 106 -37.40 111.75 -20.95
CA GLU P 106 -38.32 110.70 -21.38
C GLU P 106 -38.23 109.44 -20.52
N GLN P 107 -36.99 109.04 -20.14
CA GLN P 107 -36.78 107.92 -19.20
C GLN P 107 -37.26 108.23 -17.76
N ASN P 108 -37.06 109.45 -17.27
CA ASN P 108 -37.59 109.91 -15.99
C ASN P 108 -39.12 109.84 -15.95
N LYS P 109 -39.78 110.34 -17.02
CA LYS P 109 -41.20 110.20 -17.24
C LYS P 109 -41.67 108.75 -17.35
N SER P 110 -40.91 107.87 -18.03
CA SER P 110 -41.17 106.43 -18.12
C SER P 110 -41.07 105.72 -16.77
N LYS P 111 -39.98 105.98 -16.03
CA LYS P 111 -39.71 105.35 -14.74
C LYS P 111 -40.75 105.64 -13.67
N LYS P 112 -41.26 106.86 -13.61
CA LYS P 112 -42.28 107.20 -12.64
C LYS P 112 -43.65 106.56 -12.92
N LYS P 113 -43.84 106.02 -14.15
CA LYS P 113 -45.03 105.27 -14.54
C LYS P 113 -44.73 103.79 -14.70
N ALA P 114 -43.49 103.40 -14.42
CA ALA P 114 -43.07 102.00 -14.38
C ALA P 114 -43.08 101.53 -12.94
N GLN P 115 -44.29 101.47 -12.31
CA GLN P 115 -44.47 101.19 -10.91
C GLN P 115 -45.99 101.20 -10.62
N GLY Q 1 4.02 107.24 -19.99
CA GLY Q 1 3.91 106.31 -18.87
C GLY Q 1 4.11 104.86 -19.23
N ALA Q 2 3.81 104.49 -20.50
CA ALA Q 2 3.62 103.10 -20.99
C ALA Q 2 4.87 102.25 -20.78
N ARG Q 3 6.03 102.90 -20.84
CA ARG Q 3 7.34 102.27 -20.69
C ARG Q 3 7.52 101.59 -19.35
N ALA Q 4 6.84 102.04 -18.29
CA ALA Q 4 7.05 101.39 -17.00
C ALA Q 4 6.67 99.90 -17.09
N SER Q 5 5.71 99.57 -17.96
CA SER Q 5 5.19 98.23 -18.10
C SER Q 5 6.17 97.25 -18.71
N VAL Q 6 7.26 97.72 -19.34
CA VAL Q 6 8.20 96.78 -19.98
C VAL Q 6 9.44 96.56 -19.15
N LEU Q 7 9.46 97.08 -17.94
CA LEU Q 7 10.61 96.89 -17.11
C LEU Q 7 10.48 95.59 -16.34
N SER Q 8 11.60 94.94 -16.05
CA SER Q 8 11.60 93.69 -15.31
C SER Q 8 10.96 93.82 -13.94
N GLY Q 9 10.05 92.88 -13.60
CA GLY Q 9 9.22 92.89 -12.41
C GLY Q 9 7.93 93.67 -12.55
N GLY Q 10 7.73 94.40 -13.67
CA GLY Q 10 6.47 95.07 -14.01
C GLY Q 10 5.52 94.16 -14.76
N GLU Q 11 4.43 94.73 -15.29
CA GLU Q 11 3.36 93.97 -15.94
C GLU Q 11 3.76 93.03 -17.08
N LEU Q 12 4.59 93.52 -18.01
CA LEU Q 12 4.75 92.78 -19.26
C LEU Q 12 5.91 91.78 -19.24
N ASP Q 13 6.84 91.95 -18.29
CA ASP Q 13 7.88 90.96 -18.03
C ASP Q 13 7.30 89.58 -17.70
N LYS Q 14 6.26 89.56 -16.87
CA LYS Q 14 5.73 88.29 -16.38
C LYS Q 14 4.75 87.60 -17.34
N TRP Q 15 4.14 88.36 -18.23
CA TRP Q 15 3.12 87.83 -19.15
C TRP Q 15 3.56 86.59 -19.90
N GLU Q 16 4.75 86.66 -20.50
CA GLU Q 16 5.17 85.62 -21.42
C GLU Q 16 5.81 84.42 -20.77
N LYS Q 17 5.80 84.38 -19.45
CA LYS Q 17 6.39 83.29 -18.70
C LYS Q 17 5.33 82.28 -18.25
N ILE Q 18 4.03 82.60 -18.43
CA ILE Q 18 2.92 81.78 -17.98
C ILE Q 18 2.60 80.69 -19.01
N ARG Q 19 2.36 79.43 -18.57
CA ARG Q 19 2.00 78.33 -19.47
C ARG Q 19 0.77 78.56 -20.37
N LEU Q 20 0.92 78.27 -21.68
CA LEU Q 20 -0.13 78.45 -22.66
C LEU Q 20 -0.87 77.14 -22.93
N ARG Q 21 -0.37 76.02 -22.36
CA ARG Q 21 -1.09 74.78 -22.32
C ARG Q 21 -0.58 74.09 -21.06
N PRO Q 22 -1.38 73.31 -20.29
CA PRO Q 22 -0.84 72.52 -19.16
C PRO Q 22 -0.02 71.26 -19.50
N GLY Q 23 -0.32 70.61 -20.62
CA GLY Q 23 0.42 69.45 -21.11
C GLY Q 23 1.65 69.79 -21.89
N GLY Q 24 1.52 70.73 -22.85
CA GLY Q 24 2.65 71.35 -23.54
C GLY Q 24 3.42 72.28 -22.65
N LYS Q 25 4.62 72.72 -23.05
CA LYS Q 25 5.45 73.56 -22.21
C LYS Q 25 5.55 74.99 -22.72
N LYS Q 26 4.92 75.28 -23.89
CA LYS Q 26 4.82 76.61 -24.48
C LYS Q 26 4.17 77.66 -23.58
N GLN Q 27 4.60 78.93 -23.68
CA GLN Q 27 4.20 79.99 -22.78
C GLN Q 27 3.56 81.16 -23.51
N TYR Q 28 2.70 81.92 -22.83
CA TYR Q 28 1.82 82.93 -23.47
C TYR Q 28 2.58 83.99 -24.22
N LYS Q 29 2.01 84.45 -25.32
CA LYS Q 29 2.65 85.53 -26.07
C LYS Q 29 1.80 86.81 -26.03
N LEU Q 30 2.45 87.98 -26.09
CA LEU Q 30 1.71 89.26 -26.08
C LEU Q 30 0.91 89.54 -27.34
N LYS Q 31 1.14 88.74 -28.39
CA LYS Q 31 0.40 88.87 -29.67
C LYS Q 31 -1.09 88.62 -29.45
N HIS Q 32 -1.42 87.94 -28.35
CA HIS Q 32 -2.79 87.64 -27.97
C HIS Q 32 -3.61 88.90 -27.71
N ILE Q 33 -2.98 89.94 -27.11
CA ILE Q 33 -3.57 91.24 -26.86
C ILE Q 33 -3.96 91.97 -28.15
N VAL Q 34 -3.12 91.89 -29.21
CA VAL Q 34 -3.41 92.44 -30.53
C VAL Q 34 -4.63 91.78 -31.18
N TRP Q 35 -4.71 90.44 -31.09
CA TRP Q 35 -5.87 89.66 -31.48
C TRP Q 35 -7.14 90.02 -30.70
N ALA Q 36 -7.04 90.19 -29.38
CA ALA Q 36 -8.10 90.66 -28.50
C ALA Q 36 -8.63 92.04 -28.88
N SER Q 37 -7.74 93.00 -29.26
CA SER Q 37 -8.11 94.33 -29.72
C SER Q 37 -9.04 94.28 -30.91
N ARG Q 38 -8.72 93.42 -31.90
CA ARG Q 38 -9.50 93.24 -33.11
C ARG Q 38 -10.94 92.80 -32.86
N GLU Q 39 -11.17 91.84 -31.93
CA GLU Q 39 -12.51 91.51 -31.49
C GLU Q 39 -13.27 92.63 -30.79
N LEU Q 40 -12.64 93.37 -29.85
CA LEU Q 40 -13.27 94.52 -29.21
C LEU Q 40 -13.67 95.62 -30.18
N GLU Q 41 -12.76 95.93 -31.12
CA GLU Q 41 -12.97 96.83 -32.23
C GLU Q 41 -14.10 96.40 -33.17
N ARG Q 42 -14.18 95.09 -33.53
CA ARG Q 42 -15.31 94.52 -34.26
C ARG Q 42 -16.66 94.68 -33.55
N PHE Q 43 -16.71 94.48 -32.26
CA PHE Q 43 -17.99 94.57 -31.59
C PHE Q 43 -18.29 95.91 -30.91
N ALA Q 44 -17.52 96.96 -31.26
CA ALA Q 44 -17.70 98.31 -30.73
C ALA Q 44 -17.67 98.39 -29.21
N VAL Q 45 -16.72 97.69 -28.60
CA VAL Q 45 -16.51 97.69 -27.16
C VAL Q 45 -15.29 98.54 -26.88
N ASN Q 46 -15.34 99.38 -25.85
CA ASN Q 46 -14.23 100.27 -25.56
C ASN Q 46 -12.98 99.55 -25.05
N PRO Q 47 -11.80 99.56 -25.69
CA PRO Q 47 -10.59 99.01 -25.11
C PRO Q 47 -10.01 99.93 -24.02
N GLY Q 48 -10.65 101.10 -23.77
CA GLY Q 48 -10.38 102.00 -22.66
C GLY Q 48 -10.63 101.40 -21.31
N LEU Q 49 -11.36 100.27 -21.29
CA LEU Q 49 -11.66 99.51 -20.09
C LEU Q 49 -10.44 98.79 -19.53
N LEU Q 50 -9.37 98.71 -20.30
CA LEU Q 50 -8.15 98.02 -19.89
C LEU Q 50 -7.15 98.96 -19.23
N GLU Q 51 -7.49 100.26 -19.12
CA GLU Q 51 -6.73 101.32 -18.47
C GLU Q 51 -6.50 101.10 -16.98
N THR Q 52 -7.51 100.52 -16.29
CA THR Q 52 -7.45 100.21 -14.88
C THR Q 52 -8.06 98.83 -14.67
N SER Q 53 -7.79 98.18 -13.52
CA SER Q 53 -8.27 96.84 -13.18
C SER Q 53 -9.79 96.70 -13.13
N GLU Q 54 -10.49 97.74 -12.66
CA GLU Q 54 -11.94 97.77 -12.49
C GLU Q 54 -12.74 97.48 -13.76
N GLY Q 55 -12.31 98.03 -14.92
CA GLY Q 55 -12.93 97.79 -16.21
C GLY Q 55 -12.77 96.37 -16.70
N CYS Q 56 -11.61 95.75 -16.38
CA CYS Q 56 -11.30 94.36 -16.68
C CYS Q 56 -12.25 93.38 -15.98
N ARG Q 57 -12.64 93.67 -14.72
CA ARG Q 57 -13.63 92.90 -13.96
C ARG Q 57 -14.99 92.86 -14.65
N GLN Q 58 -15.44 93.99 -15.22
CA GLN Q 58 -16.68 94.09 -15.98
C GLN Q 58 -16.68 93.19 -17.21
N ILE Q 59 -15.56 93.15 -17.95
CA ILE Q 59 -15.34 92.27 -19.09
C ILE Q 59 -15.40 90.79 -18.72
N LEU Q 60 -14.77 90.41 -17.58
CA LEU Q 60 -14.84 89.05 -17.03
C LEU Q 60 -16.27 88.61 -16.70
N GLY Q 61 -17.10 89.49 -16.11
CA GLY Q 61 -18.52 89.24 -15.88
C GLY Q 61 -19.34 89.15 -17.14
N GLN Q 62 -19.10 90.05 -18.12
CA GLN Q 62 -19.74 90.02 -19.42
C GLN Q 62 -19.50 88.79 -20.27
N LEU Q 63 -18.25 88.29 -20.26
CA LEU Q 63 -17.86 87.19 -21.12
C LEU Q 63 -18.10 85.83 -20.48
N GLN Q 64 -18.15 85.75 -19.15
CA GLN Q 64 -18.37 84.50 -18.44
C GLN Q 64 -19.51 83.62 -19.06
N PRO Q 65 -20.71 84.14 -19.42
CA PRO Q 65 -21.82 83.36 -19.97
C PRO Q 65 -21.54 82.71 -21.34
N SER Q 66 -20.51 83.17 -22.06
CA SER Q 66 -20.20 82.65 -23.39
C SER Q 66 -19.31 81.43 -23.31
N LEU Q 67 -18.81 81.13 -22.13
CA LEU Q 67 -17.87 80.03 -21.95
C LEU Q 67 -18.49 78.66 -22.06
N GLN Q 68 -19.84 78.56 -21.98
CA GLN Q 68 -20.56 77.32 -22.09
C GLN Q 68 -20.98 77.03 -23.53
N THR Q 69 -20.79 78.05 -24.41
CA THR Q 69 -21.28 78.06 -25.80
C THR Q 69 -20.13 78.19 -26.84
N GLY Q 70 -19.20 79.12 -26.57
CA GLY Q 70 -18.04 79.48 -27.37
C GLY Q 70 -16.97 78.43 -27.53
N SER Q 71 -16.25 78.56 -28.64
CA SER Q 71 -15.09 77.75 -29.05
C SER Q 71 -13.91 77.93 -28.12
N GLU Q 72 -12.90 77.07 -28.26
CA GLU Q 72 -11.76 77.16 -27.36
C GLU Q 72 -10.88 78.37 -27.63
N GLU Q 73 -10.97 78.99 -28.83
CA GLU Q 73 -10.47 80.33 -29.06
C GLU Q 73 -11.09 81.41 -28.17
N LEU Q 74 -12.44 81.41 -28.02
CA LEU Q 74 -13.14 82.32 -27.12
C LEU Q 74 -12.76 82.13 -25.67
N ARG Q 75 -12.67 80.88 -25.22
CA ARG Q 75 -12.12 80.54 -23.92
C ARG Q 75 -10.66 80.93 -23.71
N SER Q 76 -9.79 80.73 -24.70
CA SER Q 76 -8.40 81.21 -24.69
C SER Q 76 -8.29 82.73 -24.60
N LEU Q 77 -9.17 83.48 -25.31
CA LEU Q 77 -9.34 84.91 -25.13
C LEU Q 77 -9.79 85.29 -23.72
N TYR Q 78 -10.75 84.57 -23.12
CA TYR Q 78 -11.15 84.76 -21.73
C TYR Q 78 -10.01 84.50 -20.74
N ASN Q 79 -9.26 83.43 -20.97
CA ASN Q 79 -8.09 83.14 -20.17
C ASN Q 79 -7.05 84.27 -20.31
N THR Q 80 -6.93 84.86 -21.52
CA THR Q 80 -6.02 85.98 -21.77
C THR Q 80 -6.45 87.17 -20.90
N ILE Q 81 -7.76 87.43 -20.84
CA ILE Q 81 -8.35 88.52 -20.05
C ILE Q 81 -8.12 88.26 -18.55
N ALA Q 82 -8.31 87.00 -18.10
CA ALA Q 82 -7.99 86.60 -16.73
C ALA Q 82 -6.52 86.85 -16.40
N VAL Q 83 -5.64 86.58 -17.38
CA VAL Q 83 -4.23 86.87 -17.19
C VAL Q 83 -4.07 88.39 -17.11
N LEU Q 84 -4.72 89.19 -17.98
CA LEU Q 84 -4.56 90.65 -17.87
C LEU Q 84 -4.98 91.13 -16.50
N TYR Q 85 -6.07 90.61 -15.94
CA TYR Q 85 -6.44 91.02 -14.58
C TYR Q 85 -5.37 90.66 -13.54
N CYS Q 86 -4.89 89.42 -13.57
CA CYS Q 86 -3.88 88.95 -12.65
C CYS Q 86 -2.59 89.77 -12.80
N VAL Q 87 -2.27 90.13 -14.05
CA VAL Q 87 -1.10 90.94 -14.37
C VAL Q 87 -1.25 92.37 -13.86
N HIS Q 88 -2.43 93.00 -14.03
CA HIS Q 88 -2.64 94.37 -13.55
C HIS Q 88 -2.59 94.40 -12.03
N GLN Q 89 -3.01 93.31 -11.38
CA GLN Q 89 -2.90 93.19 -9.94
C GLN Q 89 -1.50 92.74 -9.49
N ARG Q 90 -0.60 92.50 -10.45
CA ARG Q 90 0.79 92.05 -10.27
C ARG Q 90 0.92 90.76 -9.47
N ILE Q 91 0.01 89.82 -9.73
CA ILE Q 91 -0.05 88.51 -9.06
C ILE Q 91 0.83 87.47 -9.75
N ASP Q 92 1.60 86.71 -8.97
CA ASP Q 92 2.43 85.68 -9.55
C ASP Q 92 1.65 84.37 -9.70
N VAL Q 93 1.28 84.05 -10.94
CA VAL Q 93 0.58 82.79 -11.28
C VAL Q 93 1.51 82.00 -12.17
N LYS Q 94 1.55 80.69 -11.99
CA LYS Q 94 2.46 79.86 -12.76
C LYS Q 94 1.79 79.14 -13.93
N ASP Q 95 0.44 79.12 -13.97
CA ASP Q 95 -0.30 78.47 -15.02
C ASP Q 95 -1.70 79.08 -15.07
N THR Q 96 -2.49 78.75 -16.12
CA THR Q 96 -3.81 79.34 -16.29
C THR Q 96 -4.85 78.77 -15.36
N LYS Q 97 -4.64 77.55 -14.81
CA LYS Q 97 -5.44 77.02 -13.71
C LYS Q 97 -5.32 77.86 -12.46
N GLU Q 98 -4.08 78.26 -12.08
CA GLU Q 98 -3.85 79.19 -11.00
C GLU Q 98 -4.50 80.54 -11.23
N ALA Q 99 -4.40 81.09 -12.46
CA ALA Q 99 -5.10 82.32 -12.84
C ALA Q 99 -6.63 82.22 -12.73
N LEU Q 100 -7.23 81.13 -13.25
CA LEU Q 100 -8.65 80.84 -13.10
C LEU Q 100 -9.11 80.67 -11.67
N ASP Q 101 -8.33 79.96 -10.82
CA ASP Q 101 -8.55 79.91 -9.38
C ASP Q 101 -8.49 81.29 -8.71
N LYS Q 102 -7.54 82.16 -9.08
CA LYS Q 102 -7.52 83.55 -8.62
C LYS Q 102 -8.74 84.38 -9.02
N ILE Q 103 -9.20 84.28 -10.29
CA ILE Q 103 -10.44 84.90 -10.72
C ILE Q 103 -11.65 84.38 -9.96
N GLU Q 104 -11.76 83.03 -9.80
CA GLU Q 104 -12.81 82.39 -9.04
C GLU Q 104 -12.83 82.80 -7.56
N GLU Q 105 -11.64 82.91 -6.92
CA GLU Q 105 -11.47 83.42 -5.57
C GLU Q 105 -11.97 84.85 -5.36
N GLU Q 106 -11.62 85.79 -6.27
CA GLU Q 106 -12.20 87.12 -6.27
C GLU Q 106 -13.71 87.17 -6.55
N GLN Q 107 -14.21 86.30 -7.45
CA GLN Q 107 -15.63 86.09 -7.66
C GLN Q 107 -16.35 85.57 -6.41
N ASN Q 108 -15.73 84.64 -5.64
CA ASN Q 108 -16.23 84.18 -4.34
C ASN Q 108 -16.37 85.32 -3.33
N LYS Q 109 -15.35 86.19 -3.21
CA LYS Q 109 -15.41 87.39 -2.37
C LYS Q 109 -16.53 88.33 -2.77
N SER Q 110 -16.65 88.59 -4.09
CA SER Q 110 -17.69 89.42 -4.69
C SER Q 110 -19.10 88.89 -4.46
N LYS Q 111 -19.31 87.57 -4.66
CA LYS Q 111 -20.61 86.94 -4.52
C LYS Q 111 -21.03 86.75 -3.07
N LYS Q 112 -20.07 86.63 -2.13
CA LYS Q 112 -20.34 86.78 -0.71
C LYS Q 112 -20.86 88.15 -0.31
N LYS Q 113 -20.22 89.24 -0.79
CA LYS Q 113 -20.68 90.60 -0.54
C LYS Q 113 -22.00 91.00 -1.20
N ALA Q 114 -22.20 90.66 -2.49
CA ALA Q 114 -23.36 91.10 -3.25
C ALA Q 114 -24.53 90.13 -3.15
N GLN Q 115 -25.40 90.31 -2.13
CA GLN Q 115 -26.54 89.46 -1.90
C GLN Q 115 -27.56 90.13 -0.96
N GLY R 1 -22.92 56.15 -38.00
CA GLY R 1 -24.08 57.04 -37.91
C GLY R 1 -24.17 58.11 -38.96
N ALA R 2 -23.01 58.70 -39.36
CA ALA R 2 -22.96 59.81 -40.33
C ALA R 2 -23.60 59.38 -41.65
N ARG R 3 -23.41 58.11 -42.02
CA ARG R 3 -24.03 57.57 -43.21
C ARG R 3 -25.51 57.27 -42.94
N ALA R 4 -25.83 56.74 -41.76
CA ALA R 4 -27.22 56.39 -41.43
C ALA R 4 -28.11 57.62 -41.51
N SER R 5 -27.56 58.77 -41.13
CA SER R 5 -28.32 60.02 -41.16
C SER R 5 -28.82 60.44 -42.52
N VAL R 6 -28.19 59.98 -43.62
CA VAL R 6 -28.63 60.33 -44.97
C VAL R 6 -29.25 59.17 -45.77
N LEU R 7 -29.55 58.05 -45.13
CA LEU R 7 -30.16 56.94 -45.84
C LEU R 7 -31.63 57.24 -45.99
N SER R 8 -32.31 56.62 -46.97
CA SER R 8 -33.71 56.91 -47.18
C SER R 8 -34.49 56.72 -45.89
N GLY R 9 -35.33 57.69 -45.55
CA GLY R 9 -36.11 57.66 -44.32
C GLY R 9 -35.38 58.17 -43.10
N GLY R 10 -34.07 58.48 -43.27
CA GLY R 10 -33.23 59.01 -42.21
C GLY R 10 -33.52 60.48 -42.01
N GLU R 11 -32.91 61.08 -41.00
CA GLU R 11 -33.24 62.45 -40.60
C GLU R 11 -32.87 63.50 -41.66
N LEU R 12 -31.73 63.32 -42.34
CA LEU R 12 -31.28 64.25 -43.36
C LEU R 12 -31.88 63.99 -44.74
N ASP R 13 -32.43 62.77 -45.00
CA ASP R 13 -33.37 62.58 -46.10
C ASP R 13 -34.69 63.29 -45.83
N LYS R 14 -35.26 63.06 -44.63
CA LYS R 14 -36.56 63.60 -44.26
C LYS R 14 -36.55 65.12 -44.29
N TRP R 15 -35.43 65.71 -43.91
CA TRP R 15 -35.25 67.14 -43.93
C TRP R 15 -35.71 67.76 -45.24
N GLU R 16 -35.40 67.15 -46.39
CA GLU R 16 -35.69 67.81 -47.65
C GLU R 16 -37.14 67.63 -48.14
N LYS R 17 -37.96 66.91 -47.38
CA LYS R 17 -39.37 66.75 -47.68
C LYS R 17 -40.25 67.78 -46.95
N ILE R 18 -39.63 68.62 -46.09
CA ILE R 18 -40.32 69.56 -45.22
C ILE R 18 -40.56 70.90 -45.91
N ARG R 19 -41.77 71.47 -45.79
CA ARG R 19 -42.11 72.75 -46.39
C ARG R 19 -41.66 73.98 -45.62
N LEU R 20 -40.98 74.94 -46.29
CA LEU R 20 -40.52 76.20 -45.73
C LEU R 20 -41.63 77.12 -45.22
N ARG R 21 -42.78 77.04 -45.91
CA ARG R 21 -44.08 77.51 -45.41
C ARG R 21 -45.19 76.41 -45.58
N PRO R 22 -46.04 76.15 -44.55
CA PRO R 22 -47.10 75.11 -44.52
C PRO R 22 -48.07 74.99 -45.68
N GLY R 23 -48.47 76.13 -46.23
CA GLY R 23 -49.41 76.21 -47.35
C GLY R 23 -48.65 76.47 -48.62
N GLY R 24 -47.36 76.23 -48.54
CA GLY R 24 -46.43 76.53 -49.64
C GLY R 24 -45.96 75.31 -50.36
N LYS R 25 -45.01 75.51 -51.29
CA LYS R 25 -44.50 74.50 -52.18
C LYS R 25 -42.99 74.33 -51.99
N LYS R 26 -42.23 75.42 -51.75
CA LYS R 26 -40.79 75.31 -51.51
C LYS R 26 -40.40 74.53 -50.25
N GLN R 27 -39.29 73.77 -50.32
CA GLN R 27 -38.88 72.83 -49.30
C GLN R 27 -37.50 73.14 -48.73
N TYR R 28 -37.22 72.63 -47.52
CA TYR R 28 -35.89 72.79 -46.88
C TYR R 28 -34.82 72.03 -47.62
N LYS R 29 -33.59 72.56 -47.58
CA LYS R 29 -32.45 71.93 -48.25
C LYS R 29 -31.26 71.71 -47.28
N LEU R 30 -30.38 70.72 -47.53
CA LEU R 30 -29.25 70.48 -46.59
C LEU R 30 -28.28 71.67 -46.47
N LYS R 31 -28.19 72.45 -47.52
CA LYS R 31 -27.42 73.70 -47.54
C LYS R 31 -27.85 74.73 -46.50
N HIS R 32 -29.12 74.69 -46.01
CA HIS R 32 -29.57 75.50 -44.89
C HIS R 32 -28.82 75.18 -43.59
N ILE R 33 -28.49 73.88 -43.40
CA ILE R 33 -27.71 73.39 -42.24
C ILE R 33 -26.28 73.88 -42.36
N VAL R 34 -25.74 73.78 -43.58
CA VAL R 34 -24.40 74.26 -43.92
C VAL R 34 -24.25 75.77 -43.68
N TRP R 35 -25.27 76.57 -44.06
CA TRP R 35 -25.36 77.97 -43.70
C TRP R 35 -25.36 78.20 -42.20
N ALA R 36 -26.21 77.48 -41.42
CA ALA R 36 -26.26 77.60 -39.98
C ALA R 36 -24.92 77.30 -39.30
N SER R 37 -24.21 76.25 -39.76
CA SER R 37 -22.86 75.92 -39.32
C SER R 37 -21.84 77.03 -39.56
N ARG R 38 -21.87 77.71 -40.73
CA ARG R 38 -21.05 78.88 -40.98
C ARG R 38 -21.31 80.04 -40.04
N GLU R 39 -22.59 80.34 -39.77
CA GLU R 39 -23.02 81.43 -38.93
C GLU R 39 -22.51 81.34 -37.50
N LEU R 40 -22.37 80.12 -36.97
CA LEU R 40 -21.90 79.95 -35.58
C LEU R 40 -20.48 80.50 -35.31
N GLU R 41 -19.52 80.35 -36.24
CA GLU R 41 -18.18 80.91 -36.03
C GLU R 41 -18.13 82.44 -36.10
N ARG R 42 -19.19 83.10 -36.62
CA ARG R 42 -19.31 84.55 -36.60
C ARG R 42 -19.62 85.05 -35.18
N PHE R 43 -20.10 84.15 -34.31
CA PHE R 43 -20.32 84.39 -32.89
C PHE R 43 -19.41 83.50 -32.05
N ALA R 44 -18.46 82.80 -32.70
CA ALA R 44 -17.49 81.88 -32.13
C ALA R 44 -18.05 80.60 -31.47
N VAL R 45 -19.28 80.23 -31.82
CA VAL R 45 -20.03 79.15 -31.16
C VAL R 45 -19.65 77.73 -31.60
N ASN R 46 -19.53 76.81 -30.63
CA ASN R 46 -19.20 75.43 -30.92
C ASN R 46 -20.19 74.72 -31.89
N PRO R 47 -19.82 74.20 -33.07
CA PRO R 47 -20.76 73.50 -33.94
C PRO R 47 -21.15 72.12 -33.44
N GLY R 48 -20.52 71.61 -32.37
CA GLY R 48 -20.87 70.36 -31.69
C GLY R 48 -22.25 70.40 -31.05
N LEU R 49 -22.81 71.61 -30.88
CA LEU R 49 -24.10 71.85 -30.28
C LEU R 49 -25.23 71.74 -31.30
N LEU R 50 -24.91 71.42 -32.57
CA LEU R 50 -25.90 71.17 -33.62
C LEU R 50 -26.23 69.68 -33.72
N GLU R 51 -25.69 68.86 -32.81
CA GLU R 51 -26.14 67.47 -32.72
C GLU R 51 -27.00 67.16 -31.48
N THR R 52 -26.70 67.71 -30.31
CA THR R 52 -27.45 67.32 -29.13
C THR R 52 -28.68 68.18 -28.89
N SER R 53 -29.63 67.61 -28.13
CA SER R 53 -30.89 68.28 -27.82
C SER R 53 -30.70 69.47 -26.90
N GLU R 54 -29.88 69.30 -25.84
CA GLU R 54 -29.52 70.35 -24.90
C GLU R 54 -28.82 71.55 -25.55
N GLY R 55 -27.93 71.24 -26.50
CA GLY R 55 -27.20 72.26 -27.29
C GLY R 55 -28.14 73.09 -28.11
N CYS R 56 -28.93 72.40 -28.92
CA CYS R 56 -29.94 73.00 -29.77
C CYS R 56 -30.98 73.80 -29.01
N ARG R 57 -31.49 73.28 -27.87
CA ARG R 57 -32.43 73.96 -27.01
C ARG R 57 -31.88 75.23 -26.37
N GLN R 58 -30.61 75.21 -25.90
CA GLN R 58 -29.91 76.41 -25.44
C GLN R 58 -29.75 77.48 -26.51
N ILE R 59 -29.41 77.10 -27.76
CA ILE R 59 -29.38 78.00 -28.91
C ILE R 59 -30.75 78.62 -29.21
N LEU R 60 -31.83 77.81 -29.20
CA LEU R 60 -33.21 78.30 -29.32
C LEU R 60 -33.60 79.28 -28.22
N GLY R 61 -33.21 78.99 -26.95
CA GLY R 61 -33.42 79.87 -25.80
C GLY R 61 -32.80 81.24 -25.93
N GLN R 62 -31.55 81.35 -26.42
CA GLN R 62 -30.94 82.63 -26.79
C GLN R 62 -31.57 83.36 -27.98
N LEU R 63 -31.94 82.63 -29.05
CA LEU R 63 -32.66 83.18 -30.19
C LEU R 63 -34.04 83.75 -29.85
N GLN R 64 -34.80 83.08 -28.96
CA GLN R 64 -36.16 83.42 -28.57
C GLN R 64 -36.46 84.85 -28.11
N PRO R 65 -35.75 85.54 -27.21
CA PRO R 65 -36.00 86.95 -26.92
C PRO R 65 -35.42 87.88 -27.98
N SER R 66 -34.71 87.36 -29.00
CA SER R 66 -34.03 88.18 -30.00
C SER R 66 -34.85 88.28 -31.27
N LEU R 67 -35.97 87.58 -31.34
CA LEU R 67 -36.73 87.47 -32.60
C LEU R 67 -37.49 88.76 -33.00
N GLN R 68 -37.95 89.50 -32.00
CA GLN R 68 -38.68 90.73 -32.23
C GLN R 68 -37.85 91.80 -32.94
N THR R 69 -36.60 92.03 -32.46
CA THR R 69 -35.69 92.99 -33.09
C THR R 69 -34.97 92.43 -34.30
N GLY R 70 -34.74 91.11 -34.36
CA GLY R 70 -34.06 90.41 -35.46
C GLY R 70 -34.58 90.62 -36.87
N SER R 71 -33.66 90.49 -37.85
CA SER R 71 -33.96 90.52 -39.28
C SER R 71 -34.60 89.24 -39.80
N GLU R 72 -35.13 89.24 -41.05
CA GLU R 72 -35.76 88.08 -41.66
C GLU R 72 -34.87 86.85 -41.79
N GLU R 73 -33.59 87.00 -42.16
CA GLU R 73 -32.62 85.92 -42.15
C GLU R 73 -32.41 85.30 -40.76
N LEU R 74 -32.25 86.13 -39.70
CA LEU R 74 -32.12 85.68 -38.33
C LEU R 74 -33.35 84.93 -37.81
N ARG R 75 -34.57 85.44 -38.11
CA ARG R 75 -35.82 84.76 -37.86
C ARG R 75 -35.93 83.43 -38.61
N SER R 76 -35.51 83.40 -39.90
CA SER R 76 -35.41 82.20 -40.72
C SER R 76 -34.45 81.16 -40.16
N LEU R 77 -33.31 81.61 -39.59
CA LEU R 77 -32.39 80.73 -38.87
C LEU R 77 -33.06 80.10 -37.63
N TYR R 78 -33.79 80.90 -36.84
CA TYR R 78 -34.61 80.33 -35.74
C TYR R 78 -35.58 79.26 -36.21
N ASN R 79 -36.32 79.53 -37.30
CA ASN R 79 -37.18 78.53 -37.90
C ASN R 79 -36.40 77.31 -38.44
N THR R 80 -35.20 77.53 -39.00
CA THR R 80 -34.38 76.42 -39.51
C THR R 80 -33.97 75.51 -38.37
N ILE R 81 -33.53 76.13 -37.27
CA ILE R 81 -33.10 75.42 -36.08
C ILE R 81 -34.31 74.75 -35.46
N ALA R 82 -35.46 75.44 -35.46
CA ALA R 82 -36.68 74.90 -34.91
C ALA R 82 -37.07 73.59 -35.59
N VAL R 83 -36.92 73.54 -36.91
CA VAL R 83 -37.21 72.33 -37.63
C VAL R 83 -36.12 71.31 -37.30
N LEU R 84 -34.83 71.70 -37.29
CA LEU R 84 -33.79 70.71 -36.99
C LEU R 84 -33.99 70.11 -35.62
N TYR R 85 -34.39 70.91 -34.67
CA TYR R 85 -34.64 70.46 -33.33
C TYR R 85 -35.72 69.37 -33.38
N CYS R 86 -36.84 69.66 -34.06
CA CYS R 86 -37.93 68.69 -34.17
C CYS R 86 -37.52 67.44 -34.95
N VAL R 87 -36.71 67.60 -35.99
CA VAL R 87 -36.21 66.50 -36.81
C VAL R 87 -35.28 65.61 -35.96
N HIS R 88 -34.42 66.22 -35.15
CA HIS R 88 -33.49 65.50 -34.28
C HIS R 88 -34.24 64.78 -33.14
N GLN R 89 -35.45 65.26 -32.82
CA GLN R 89 -36.34 64.62 -31.83
C GLN R 89 -37.15 63.52 -32.53
N ARG R 90 -36.91 63.40 -33.83
CA ARG R 90 -37.51 62.49 -34.78
C ARG R 90 -39.01 62.66 -34.89
N ILE R 91 -39.43 63.91 -34.95
CA ILE R 91 -40.81 64.27 -35.13
C ILE R 91 -40.99 64.46 -36.63
N ASP R 92 -41.94 63.75 -37.19
CA ASP R 92 -42.17 63.83 -38.62
C ASP R 92 -42.99 65.08 -38.96
N VAL R 93 -42.37 66.27 -38.98
CA VAL R 93 -43.02 67.53 -39.25
C VAL R 93 -43.08 67.79 -40.75
N LYS R 94 -44.25 68.20 -41.29
CA LYS R 94 -44.36 68.32 -42.74
C LYS R 94 -44.09 69.77 -43.16
N ASP R 95 -43.94 70.68 -42.19
CA ASP R 95 -43.71 72.08 -42.43
C ASP R 95 -43.09 72.73 -41.20
N THR R 96 -42.67 74.01 -41.37
CA THR R 96 -42.13 74.88 -40.33
C THR R 96 -43.06 75.09 -39.13
N LYS R 97 -44.38 75.26 -39.34
CA LYS R 97 -45.28 75.65 -38.26
C LYS R 97 -45.65 74.47 -37.38
N GLU R 98 -45.69 73.25 -37.93
CA GLU R 98 -45.87 72.02 -37.15
C GLU R 98 -44.75 71.85 -36.11
N ALA R 99 -43.50 72.12 -36.52
CA ALA R 99 -42.36 72.23 -35.61
C ALA R 99 -42.46 73.36 -34.58
N LEU R 100 -42.84 74.58 -35.00
CA LEU R 100 -43.01 75.72 -34.11
C LEU R 100 -44.08 75.54 -33.04
N ASP R 101 -45.23 74.94 -33.37
CA ASP R 101 -46.27 74.59 -32.41
C ASP R 101 -45.78 73.63 -31.32
N LYS R 102 -44.96 72.62 -31.68
CA LYS R 102 -44.24 71.80 -30.71
C LYS R 102 -43.29 72.56 -29.79
N ILE R 103 -42.49 73.52 -30.31
CA ILE R 103 -41.67 74.41 -29.50
C ILE R 103 -42.48 75.26 -28.54
N GLU R 104 -43.60 75.87 -29.00
CA GLU R 104 -44.53 76.62 -28.16
C GLU R 104 -45.17 75.78 -27.04
N GLU R 105 -45.58 74.53 -27.36
CA GLU R 105 -46.09 73.56 -26.38
C GLU R 105 -45.06 73.25 -25.29
N GLU R 106 -43.79 73.00 -25.70
CA GLU R 106 -42.65 72.85 -24.81
C GLU R 106 -42.37 74.06 -23.93
N GLN R 107 -42.48 75.30 -24.45
CA GLN R 107 -42.29 76.49 -23.65
C GLN R 107 -43.23 76.63 -22.45
N ASN R 108 -44.56 76.41 -22.60
CA ASN R 108 -45.44 76.39 -21.43
C ASN R 108 -45.26 75.12 -20.59
N LYS R 109 -45.08 73.94 -21.21
CA LYS R 109 -44.88 72.68 -20.51
C LYS R 109 -43.64 72.65 -19.62
N SER R 110 -42.48 73.08 -20.14
CA SER R 110 -41.26 73.20 -19.37
C SER R 110 -41.30 74.34 -18.35
N LYS R 111 -42.01 75.48 -18.64
CA LYS R 111 -42.26 76.48 -17.59
C LYS R 111 -43.11 75.96 -16.43
N LYS R 112 -44.09 75.11 -16.69
CA LYS R 112 -44.85 74.51 -15.61
C LYS R 112 -44.06 73.59 -14.68
N LYS R 113 -42.84 73.21 -15.08
CA LYS R 113 -41.96 72.46 -14.20
C LYS R 113 -41.02 73.37 -13.40
N ALA R 114 -41.03 74.68 -13.74
CA ALA R 114 -40.11 75.64 -13.12
C ALA R 114 -40.69 77.06 -12.94
N GLN R 115 -41.89 77.19 -12.31
CA GLN R 115 -42.59 78.46 -12.00
C GLN R 115 -43.26 78.31 -10.65
N GLY S 1 65.53 3.40 33.48
CA GLY S 1 66.49 3.25 34.55
C GLY S 1 67.92 3.36 34.01
N ALA S 2 68.33 2.40 33.14
CA ALA S 2 69.65 2.34 32.57
C ALA S 2 70.11 3.57 31.79
N ARG S 3 69.20 4.25 31.06
CA ARG S 3 69.53 5.47 30.34
C ARG S 3 69.01 6.70 31.07
N ALA S 4 67.92 6.53 31.84
CA ALA S 4 67.33 7.61 32.62
C ALA S 4 68.19 8.08 33.79
N SER S 5 68.84 7.15 34.49
CA SER S 5 69.63 7.44 35.68
C SER S 5 70.93 8.14 35.35
N VAL S 6 71.29 8.17 34.08
CA VAL S 6 72.53 8.79 33.67
C VAL S 6 72.28 10.15 33.00
N LEU S 7 71.02 10.55 32.95
CA LEU S 7 70.65 11.87 32.46
C LEU S 7 71.15 12.98 33.38
N SER S 8 71.64 14.12 32.84
CA SER S 8 72.13 15.20 33.68
C SER S 8 71.06 15.83 34.56
N GLY S 9 71.40 16.05 35.85
CA GLY S 9 70.48 16.40 36.92
C GLY S 9 69.97 15.19 37.67
N GLY S 10 69.96 14.01 37.00
CA GLY S 10 69.55 12.71 37.52
C GLY S 10 70.48 12.06 38.51
N GLU S 11 70.10 10.88 38.98
CA GLU S 11 70.75 10.24 40.13
C GLU S 11 72.23 9.93 39.97
N LEU S 12 72.68 9.48 38.79
CA LEU S 12 74.10 9.17 38.70
C LEU S 12 74.92 10.37 38.27
N ASP S 13 74.28 11.40 37.73
CA ASP S 13 74.99 12.63 37.44
C ASP S 13 75.27 13.29 38.79
N LYS S 14 74.26 13.22 39.67
CA LYS S 14 74.39 13.70 41.03
C LYS S 14 75.40 12.93 41.87
N TRP S 15 75.44 11.59 41.70
CA TRP S 15 76.33 10.66 42.43
C TRP S 15 77.79 11.05 42.44
N GLU S 16 78.31 11.46 41.30
CA GLU S 16 79.74 11.73 41.18
C GLU S 16 80.08 13.18 41.49
N LYS S 17 79.14 13.93 42.08
CA LYS S 17 79.40 15.28 42.59
C LYS S 17 79.42 15.25 44.12
N ILE S 18 79.14 14.09 44.74
CA ILE S 18 79.04 13.94 46.19
C ILE S 18 80.41 13.78 46.80
N ARG S 19 80.79 14.60 47.80
CA ARG S 19 82.06 14.49 48.48
C ARG S 19 82.18 13.21 49.33
N LEU S 20 83.37 12.56 49.33
CA LEU S 20 83.63 11.40 50.18
C LEU S 20 83.48 11.69 51.68
N ARG S 21 83.97 12.85 52.14
CA ARG S 21 83.80 13.39 53.48
C ARG S 21 83.60 14.89 53.27
N PRO S 22 83.03 15.70 54.16
CA PRO S 22 82.49 17.01 53.79
C PRO S 22 83.54 18.02 53.38
N GLY S 23 84.73 18.00 54.01
CA GLY S 23 85.84 18.88 53.66
C GLY S 23 86.75 18.28 52.62
N GLY S 24 86.47 17.03 52.22
CA GLY S 24 87.19 16.28 51.19
C GLY S 24 87.19 16.92 49.83
N LYS S 25 88.27 16.69 49.06
CA LYS S 25 88.48 17.26 47.74
C LYS S 25 88.32 16.24 46.63
N LYS S 26 87.87 15.02 46.99
CA LYS S 26 87.60 13.94 46.08
C LYS S 26 86.15 13.49 46.24
N GLN S 27 85.50 13.14 45.12
CA GLN S 27 84.11 12.75 45.04
C GLN S 27 83.91 11.23 44.91
N TYR S 28 82.67 10.76 45.15
CA TYR S 28 82.21 9.43 44.73
C TYR S 28 82.35 9.16 43.23
N LYS S 29 82.55 7.88 42.84
CA LYS S 29 82.55 7.50 41.45
C LYS S 29 81.76 6.21 41.25
N LEU S 30 81.34 5.93 39.99
CA LEU S 30 80.54 4.76 39.62
C LEU S 30 81.11 3.42 40.05
N LYS S 31 82.45 3.22 40.01
CA LYS S 31 83.06 1.96 40.38
C LYS S 31 82.91 1.57 41.84
N HIS S 32 82.57 2.53 42.75
CA HIS S 32 82.12 2.20 44.09
C HIS S 32 80.85 1.34 44.11
N ILE S 33 79.86 1.67 43.25
CA ILE S 33 78.65 0.87 43.08
C ILE S 33 78.97 -0.51 42.51
N VAL S 34 79.88 -0.59 41.51
CA VAL S 34 80.33 -1.85 40.92
C VAL S 34 81.01 -2.79 41.92
N TRP S 35 81.94 -2.24 42.74
CA TRP S 35 82.56 -2.97 43.85
C TRP S 35 81.57 -3.46 44.89
N ALA S 36 80.62 -2.59 45.30
CA ALA S 36 79.55 -2.95 46.21
C ALA S 36 78.66 -4.07 45.68
N SER S 37 78.29 -4.00 44.39
CA SER S 37 77.52 -5.02 43.70
C SER S 37 78.22 -6.37 43.66
N ARG S 38 79.54 -6.40 43.35
CA ARG S 38 80.33 -7.62 43.41
C ARG S 38 80.55 -8.22 44.80
N GLU S 39 80.76 -7.40 45.84
CA GLU S 39 80.72 -7.87 47.23
C GLU S 39 79.34 -8.39 47.66
N LEU S 40 78.24 -7.75 47.21
CA LEU S 40 76.89 -8.27 47.37
C LEU S 40 76.68 -9.65 46.72
N GLU S 41 77.21 -9.88 45.50
CA GLU S 41 77.28 -11.22 44.89
C GLU S 41 78.01 -12.24 45.76
N ARG S 42 79.15 -11.83 46.36
CA ARG S 42 79.91 -12.63 47.31
C ARG S 42 79.15 -13.06 48.56
N PHE S 43 78.17 -12.25 49.01
CA PHE S 43 77.25 -12.59 50.08
C PHE S 43 75.90 -13.13 49.58
N ALA S 44 75.76 -13.36 48.25
CA ALA S 44 74.62 -13.97 47.59
C ALA S 44 73.39 -13.06 47.45
N VAL S 45 73.56 -11.74 47.62
CA VAL S 45 72.48 -10.76 47.62
C VAL S 45 72.25 -10.23 46.21
N ASN S 46 70.97 -10.23 45.75
CA ASN S 46 70.60 -9.88 44.38
C ASN S 46 70.94 -8.43 43.99
N PRO S 47 71.71 -8.14 42.90
CA PRO S 47 72.00 -6.78 42.47
C PRO S 47 70.77 -6.02 41.99
N GLY S 48 69.65 -6.71 41.69
CA GLY S 48 68.36 -6.11 41.38
C GLY S 48 67.84 -5.15 42.43
N LEU S 49 68.20 -5.40 43.71
CA LEU S 49 67.80 -4.60 44.86
C LEU S 49 68.43 -3.21 44.87
N LEU S 50 69.48 -2.97 44.06
CA LEU S 50 70.11 -1.66 43.96
C LEU S 50 69.29 -0.65 43.16
N GLU S 51 68.24 -1.14 42.47
CA GLU S 51 67.30 -0.31 41.72
C GLU S 51 66.37 0.58 42.59
N THR S 52 65.91 0.11 43.75
CA THR S 52 64.94 0.90 44.52
C THR S 52 65.47 1.33 45.88
N SER S 53 64.80 2.33 46.49
CA SER S 53 65.22 2.79 47.80
C SER S 53 64.89 1.76 48.87
N GLU S 54 63.78 1.01 48.73
CA GLU S 54 63.47 0.00 49.72
C GLU S 54 64.42 -1.20 49.70
N GLY S 55 64.87 -1.65 48.51
CA GLY S 55 65.94 -2.63 48.37
C GLY S 55 67.27 -2.18 48.95
N CYS S 56 67.66 -0.89 48.71
CA CYS S 56 68.86 -0.31 49.35
C CYS S 56 68.73 -0.20 50.86
N ARG S 57 67.57 0.21 51.33
CA ARG S 57 67.29 0.22 52.75
C ARG S 57 67.44 -1.16 53.39
N GLN S 58 66.94 -2.21 52.74
CA GLN S 58 67.15 -3.59 53.13
C GLN S 58 68.61 -4.04 53.10
N ILE S 59 69.39 -3.64 52.08
CA ILE S 59 70.83 -3.85 52.03
C ILE S 59 71.57 -3.21 53.21
N LEU S 60 71.22 -1.95 53.59
CA LEU S 60 71.69 -1.33 54.81
C LEU S 60 71.31 -2.11 56.06
N GLY S 61 70.07 -2.62 56.12
CA GLY S 61 69.59 -3.53 57.15
C GLY S 61 70.42 -4.78 57.35
N GLN S 62 70.80 -5.45 56.24
CA GLN S 62 71.73 -6.57 56.23
C GLN S 62 73.14 -6.23 56.74
N LEU S 63 73.69 -5.05 56.37
CA LEU S 63 75.02 -4.63 56.73
C LEU S 63 75.17 -4.09 58.15
N GLN S 64 74.06 -3.63 58.76
CA GLN S 64 74.03 -3.03 60.10
C GLN S 64 74.57 -3.86 61.27
N PRO S 65 74.34 -5.17 61.44
CA PRO S 65 74.82 -5.89 62.63
C PRO S 65 76.33 -6.00 62.71
N SER S 66 77.02 -6.11 61.56
CA SER S 66 78.45 -6.36 61.51
C SER S 66 79.23 -5.07 61.39
N LEU S 67 78.53 -3.93 61.32
CA LEU S 67 79.11 -2.61 61.12
C LEU S 67 80.10 -2.17 62.18
N GLN S 68 79.79 -2.41 63.47
CA GLN S 68 80.57 -1.90 64.58
C GLN S 68 81.92 -2.58 64.77
N THR S 69 82.09 -3.82 64.26
CA THR S 69 83.37 -4.55 64.26
C THR S 69 84.03 -4.57 62.90
N GLY S 70 83.32 -4.13 61.83
CA GLY S 70 83.77 -4.15 60.44
C GLY S 70 85.06 -3.40 60.14
N SER S 71 85.72 -3.76 59.02
CA SER S 71 86.90 -3.07 58.49
C SER S 71 86.55 -1.74 57.85
N GLU S 72 87.55 -0.97 57.38
CA GLU S 72 87.36 0.29 56.66
C GLU S 72 86.52 0.12 55.40
N GLU S 73 86.75 -0.98 54.66
CA GLU S 73 86.02 -1.42 53.51
C GLU S 73 84.55 -1.69 53.81
N LEU S 74 84.24 -2.40 54.92
CA LEU S 74 82.87 -2.64 55.36
C LEU S 74 82.14 -1.35 55.71
N ARG S 75 82.81 -0.43 56.45
CA ARG S 75 82.31 0.89 56.75
C ARG S 75 82.07 1.73 55.49
N SER S 76 83.01 1.66 54.52
CA SER S 76 82.91 2.28 53.20
C SER S 76 81.75 1.76 52.38
N LEU S 77 81.48 0.44 52.41
CA LEU S 77 80.32 -0.18 51.81
C LEU S 77 79.01 0.32 52.41
N TYR S 78 78.93 0.42 53.75
CA TYR S 78 77.79 1.00 54.45
C TYR S 78 77.56 2.46 54.08
N ASN S 79 78.64 3.27 54.03
CA ASN S 79 78.61 4.66 53.56
C ASN S 79 78.08 4.78 52.13
N THR S 80 78.54 3.87 51.26
CA THR S 80 78.13 3.86 49.85
C THR S 80 76.65 3.63 49.71
N ILE S 81 76.11 2.64 50.43
CA ILE S 81 74.70 2.31 50.30
C ILE S 81 73.87 3.46 50.94
N ALA S 82 74.35 4.03 52.06
CA ALA S 82 73.70 5.14 52.75
C ALA S 82 73.50 6.37 51.88
N VAL S 83 74.54 6.76 51.11
CA VAL S 83 74.46 7.77 50.07
C VAL S 83 73.50 7.36 48.95
N LEU S 84 73.54 6.07 48.49
CA LEU S 84 72.60 5.61 47.45
C LEU S 84 71.14 5.68 47.88
N TYR S 85 70.82 5.28 49.10
CA TYR S 85 69.48 5.46 49.63
C TYR S 85 68.99 6.91 49.55
N CYS S 86 69.84 7.88 49.97
CA CYS S 86 69.55 9.30 49.84
C CYS S 86 69.37 9.77 48.40
N VAL S 87 70.27 9.33 47.49
CA VAL S 87 70.18 9.56 46.06
C VAL S 87 68.92 8.97 45.44
N HIS S 88 68.49 7.77 45.88
CA HIS S 88 67.24 7.14 45.44
C HIS S 88 65.98 7.88 45.93
N GLN S 89 66.10 8.66 47.02
CA GLN S 89 65.05 9.55 47.46
C GLN S 89 65.16 10.91 46.78
N ARG S 90 66.08 11.04 45.79
CA ARG S 90 66.29 12.22 44.96
C ARG S 90 66.96 13.36 45.70
N ILE S 91 67.66 13.08 46.81
CA ILE S 91 68.26 14.10 47.64
C ILE S 91 69.67 14.39 47.15
N ASP S 92 69.92 15.66 46.88
CA ASP S 92 71.24 16.04 46.48
C ASP S 92 72.12 16.28 47.72
N VAL S 93 72.48 15.18 48.39
CA VAL S 93 73.37 15.19 49.55
C VAL S 93 74.75 15.70 49.20
N LYS S 94 75.34 16.57 50.03
CA LYS S 94 76.61 17.20 49.66
C LYS S 94 77.77 16.24 49.89
N ASP S 95 77.60 15.31 50.84
CA ASP S 95 78.66 14.47 51.33
C ASP S 95 78.09 13.26 52.07
N THR S 96 78.98 12.30 52.41
CA THR S 96 78.65 11.11 53.21
C THR S 96 78.09 11.43 54.59
N LYS S 97 78.66 12.41 55.31
CA LYS S 97 78.27 12.73 56.67
C LYS S 97 76.86 13.28 56.77
N GLU S 98 76.46 14.12 55.80
CA GLU S 98 75.09 14.58 55.61
C GLU S 98 74.08 13.46 55.39
N ALA S 99 74.42 12.47 54.55
CA ALA S 99 73.65 11.26 54.39
C ALA S 99 73.51 10.45 55.68
N LEU S 100 74.61 10.29 56.46
CA LEU S 100 74.59 9.65 57.76
C LEU S 100 73.72 10.32 58.82
N ASP S 101 73.72 11.67 58.90
CA ASP S 101 72.78 12.42 59.74
C ASP S 101 71.32 12.11 59.39
N LYS S 102 70.99 12.01 58.08
CA LYS S 102 69.71 11.48 57.62
C LYS S 102 69.41 10.02 57.99
N ILE S 103 70.41 9.11 57.91
CA ILE S 103 70.26 7.72 58.34
C ILE S 103 69.89 7.59 59.83
N GLU S 104 70.52 8.37 60.74
CA GLU S 104 70.09 8.34 62.13
C GLU S 104 68.80 9.13 62.40
N GLU S 105 68.42 10.13 61.57
CA GLU S 105 67.08 10.73 61.61
C GLU S 105 65.99 9.69 61.33
N GLU S 106 66.19 8.87 60.28
CA GLU S 106 65.34 7.75 59.92
C GLU S 106 65.19 6.70 61.02
N GLN S 107 66.29 6.36 61.70
CA GLN S 107 66.26 5.35 62.75
C GLN S 107 65.90 5.89 64.14
N ASN S 108 65.92 7.22 64.35
CA ASN S 108 65.18 7.90 65.41
C ASN S 108 63.66 7.84 65.18
N LYS S 109 63.23 8.14 63.93
CA LYS S 109 61.86 8.07 63.43
C LYS S 109 61.21 6.70 63.46
N SER S 110 61.92 5.66 62.97
CA SER S 110 61.42 4.28 62.82
C SER S 110 60.90 3.67 64.11
N LYS S 111 61.59 3.95 65.23
CA LYS S 111 61.19 3.51 66.56
C LYS S 111 59.80 3.94 66.98
N LYS S 112 59.35 5.15 66.58
CA LYS S 112 58.14 5.76 67.10
C LYS S 112 56.86 5.06 66.63
N LYS S 113 56.94 4.31 65.51
CA LYS S 113 55.87 3.48 64.97
C LYS S 113 56.26 2.01 65.07
N ALA S 114 57.25 1.73 65.90
CA ALA S 114 57.67 0.36 66.17
C ALA S 114 57.85 0.09 67.68
N GLN S 115 57.06 0.76 68.56
CA GLN S 115 57.10 0.61 70.00
C GLN S 115 55.66 0.70 70.57
N GLY T 1 104.48 2.37 71.58
CA GLY T 1 105.82 2.05 72.05
C GLY T 1 106.14 0.60 71.89
N ALA T 2 106.75 0.23 70.75
CA ALA T 2 107.00 -1.15 70.36
C ALA T 2 107.86 -1.93 71.35
N ARG T 3 108.93 -1.31 71.88
CA ARG T 3 109.89 -1.95 72.76
C ARG T 3 109.38 -2.31 74.16
N ALA T 4 108.23 -1.74 74.59
CA ALA T 4 107.55 -2.16 75.80
C ALA T 4 107.06 -3.62 75.74
N SER T 5 106.65 -4.09 74.53
CA SER T 5 105.97 -5.37 74.36
C SER T 5 106.85 -6.63 74.46
N VAL T 6 108.16 -6.47 74.28
CA VAL T 6 109.11 -7.56 74.33
C VAL T 6 109.86 -7.66 75.65
N LEU T 7 109.54 -6.78 76.62
CA LEU T 7 110.12 -6.80 77.95
C LEU T 7 109.83 -8.08 78.73
N SER T 8 110.82 -8.60 79.49
CA SER T 8 110.61 -9.80 80.30
C SER T 8 109.60 -9.58 81.44
N GLY T 9 108.69 -10.55 81.61
CA GLY T 9 107.47 -10.44 82.41
C GLY T 9 106.31 -9.82 81.67
N GLY T 10 106.56 -9.33 80.44
CA GLY T 10 105.56 -8.77 79.54
C GLY T 10 104.66 -9.78 78.89
N GLU T 11 103.65 -9.29 78.15
CA GLU T 11 102.68 -10.10 77.42
C GLU T 11 103.27 -11.03 76.38
N LEU T 12 104.32 -10.59 75.62
CA LEU T 12 104.99 -11.53 74.68
C LEU T 12 105.80 -12.60 75.39
N ASP T 13 106.52 -12.19 76.43
CA ASP T 13 107.26 -13.15 77.25
C ASP T 13 106.35 -14.26 77.77
N LYS T 14 105.17 -13.88 78.28
CA LYS T 14 104.11 -14.78 78.64
C LYS T 14 103.51 -15.64 77.54
N TRP T 15 103.25 -15.04 76.35
CA TRP T 15 102.58 -15.70 75.21
C TRP T 15 103.27 -16.98 74.72
N GLU T 16 104.60 -16.95 74.60
CA GLU T 16 105.33 -18.05 74.02
C GLU T 16 105.73 -19.10 75.04
N LYS T 17 105.09 -19.09 76.22
CA LYS T 17 105.20 -20.11 77.25
C LYS T 17 103.93 -20.94 77.38
N ILE T 18 102.85 -20.60 76.65
CA ILE T 18 101.52 -21.18 76.87
C ILE T 18 101.31 -22.42 76.02
N ARG T 19 100.93 -23.56 76.63
CA ARG T 19 100.63 -24.81 75.93
C ARG T 19 99.37 -24.73 75.04
N LEU T 20 99.40 -25.35 73.85
CA LEU T 20 98.26 -25.39 72.93
C LEU T 20 97.00 -26.05 73.47
N ARG T 21 97.14 -27.17 74.21
CA ARG T 21 96.03 -27.90 74.78
C ARG T 21 96.62 -28.62 75.98
N PRO T 22 95.87 -29.03 77.01
CA PRO T 22 96.35 -29.27 78.36
C PRO T 22 97.09 -30.61 78.47
N GLY T 23 98.27 -30.69 77.84
CA GLY T 23 99.06 -31.91 77.81
C GLY T 23 99.79 -32.22 76.48
N GLY T 24 99.58 -31.43 75.43
CA GLY T 24 100.31 -31.68 74.18
C GLY T 24 101.69 -31.05 74.39
N LYS T 25 102.75 -31.42 73.63
CA LYS T 25 104.01 -30.74 73.89
C LYS T 25 104.06 -29.25 73.56
N LYS T 26 103.52 -28.87 72.39
CA LYS T 26 103.74 -27.57 71.77
C LYS T 26 103.07 -26.34 72.42
N GLN T 27 103.66 -25.16 72.15
CA GLN T 27 103.29 -23.88 72.73
C GLN T 27 102.77 -22.91 71.67
N TYR T 28 101.94 -21.93 72.07
CA TYR T 28 101.54 -20.79 71.25
C TYR T 28 102.70 -19.94 70.78
N LYS T 29 102.63 -19.43 69.52
CA LYS T 29 103.67 -18.61 68.93
C LYS T 29 103.11 -17.53 68.02
N LEU T 30 103.97 -16.64 67.49
CA LEU T 30 103.59 -15.41 66.79
C LEU T 30 102.66 -15.58 65.59
N LYS T 31 102.87 -16.63 64.76
CA LYS T 31 102.12 -16.85 63.53
C LYS T 31 100.60 -16.97 63.70
N HIS T 32 100.11 -17.44 64.87
CA HIS T 32 98.69 -17.52 65.19
C HIS T 32 98.01 -16.15 65.12
N ILE T 33 98.66 -15.12 65.69
CA ILE T 33 98.21 -13.74 65.69
C ILE T 33 98.18 -13.16 64.28
N VAL T 34 99.23 -13.43 63.49
CA VAL T 34 99.34 -13.02 62.09
C VAL T 34 98.24 -13.62 61.22
N TRP T 35 97.97 -14.94 61.37
CA TRP T 35 96.88 -15.62 60.72
C TRP T 35 95.51 -15.07 61.12
N ALA T 36 95.27 -14.83 62.43
CA ALA T 36 94.05 -14.24 62.94
C ALA T 36 93.78 -12.86 62.36
N SER T 37 94.82 -12.02 62.27
CA SER T 37 94.78 -10.69 61.66
C SER T 37 94.36 -10.74 60.19
N ARG T 38 94.90 -11.69 59.39
CA ARG T 38 94.49 -11.85 58.01
C ARG T 38 93.14 -12.53 57.80
N GLU T 39 92.71 -13.45 58.68
CA GLU T 39 91.33 -13.96 58.69
C GLU T 39 90.30 -12.86 58.91
N LEU T 40 90.58 -11.91 59.85
CA LEU T 40 89.75 -10.72 60.04
C LEU T 40 89.65 -9.87 58.78
N GLU T 41 90.77 -9.62 58.06
CA GLU T 41 90.74 -8.96 56.77
C GLU T 41 89.94 -9.67 55.69
N ARG T 42 90.06 -11.01 55.59
CA ARG T 42 89.32 -11.84 54.63
C ARG T 42 87.81 -11.76 54.74
N PHE T 43 87.29 -11.69 55.98
CA PHE T 43 85.86 -11.56 56.26
C PHE T 43 85.41 -10.12 56.49
N ALA T 44 86.30 -9.13 56.22
CA ALA T 44 86.09 -7.68 56.37
C ALA T 44 85.77 -7.18 57.80
N VAL T 45 86.56 -7.65 58.77
CA VAL T 45 86.46 -7.31 60.18
C VAL T 45 87.74 -6.57 60.55
N ASN T 46 87.66 -5.61 61.51
CA ASN T 46 88.79 -4.79 61.90
C ASN T 46 90.01 -5.54 62.51
N PRO T 47 91.25 -5.33 62.06
CA PRO T 47 92.42 -5.99 62.66
C PRO T 47 92.78 -5.47 64.04
N GLY T 48 92.53 -4.17 64.33
CA GLY T 48 92.89 -3.48 65.58
C GLY T 48 92.23 -4.00 66.82
N LEU T 49 91.14 -4.77 66.68
CA LEU T 49 90.44 -5.45 67.76
C LEU T 49 91.33 -6.35 68.61
N LEU T 50 92.36 -6.98 68.00
CA LEU T 50 93.31 -7.83 68.70
C LEU T 50 94.25 -7.06 69.63
N GLU T 51 94.32 -5.71 69.51
CA GLU T 51 95.23 -4.88 70.27
C GLU T 51 94.61 -4.34 71.55
N THR T 52 93.36 -4.70 71.89
CA THR T 52 92.71 -4.21 73.11
C THR T 52 91.91 -5.32 73.79
N SER T 53 91.75 -5.26 75.13
CA SER T 53 90.92 -6.19 75.87
C SER T 53 89.44 -6.12 75.47
N GLU T 54 88.88 -4.90 75.32
CA GLU T 54 87.56 -4.68 74.75
C GLU T 54 87.36 -5.14 73.32
N GLY T 55 88.35 -4.95 72.42
CA GLY T 55 88.30 -5.49 71.07
C GLY T 55 88.22 -7.00 71.02
N CYS T 56 89.03 -7.67 71.86
CA CYS T 56 88.95 -9.11 72.06
C CYS T 56 87.59 -9.55 72.62
N ARG T 57 87.02 -8.84 73.61
CA ARG T 57 85.67 -9.07 74.11
C ARG T 57 84.60 -8.95 73.03
N GLN T 58 84.68 -7.92 72.16
CA GLN T 58 83.80 -7.77 71.02
C GLN T 58 83.84 -8.93 70.04
N ILE T 59 85.02 -9.45 69.66
CA ILE T 59 85.12 -10.66 68.85
C ILE T 59 84.57 -11.91 69.55
N LEU T 60 84.93 -12.13 70.83
CA LEU T 60 84.48 -13.26 71.63
C LEU T 60 82.96 -13.31 71.82
N GLY T 61 82.32 -12.14 72.04
CA GLY T 61 80.87 -12.01 72.08
C GLY T 61 80.18 -12.20 70.75
N GLN T 62 80.79 -11.70 69.66
CA GLN T 62 80.28 -11.85 68.30
C GLN T 62 80.21 -13.30 67.85
N LEU T 63 81.27 -14.09 68.15
CA LEU T 63 81.40 -15.47 67.71
C LEU T 63 80.88 -16.47 68.73
N GLN T 64 80.16 -16.01 69.78
CA GLN T 64 79.54 -16.87 70.78
C GLN T 64 78.55 -17.93 70.27
N PRO T 65 77.59 -17.73 69.35
CA PRO T 65 76.77 -18.82 68.83
C PRO T 65 77.56 -19.68 67.88
N SER T 66 78.60 -19.12 67.24
CA SER T 66 79.34 -19.72 66.14
C SER T 66 80.18 -20.90 66.55
N LEU T 67 80.44 -21.08 67.86
CA LEU T 67 81.07 -22.27 68.42
C LEU T 67 80.29 -23.56 68.13
N GLN T 68 78.95 -23.51 68.26
CA GLN T 68 78.06 -24.65 68.04
C GLN T 68 78.12 -25.26 66.65
N THR T 69 78.13 -24.42 65.59
CA THR T 69 78.12 -24.89 64.21
C THR T 69 79.48 -24.80 63.56
N GLY T 70 80.46 -24.18 64.24
CA GLY T 70 81.80 -23.90 63.73
C GLY T 70 82.68 -25.07 63.44
N SER T 71 83.70 -24.84 62.59
CA SER T 71 84.71 -25.83 62.26
C SER T 71 85.84 -25.85 63.27
N GLU T 72 86.80 -26.79 63.10
CA GLU T 72 87.96 -26.98 63.95
C GLU T 72 88.85 -25.75 64.00
N GLU T 73 89.04 -25.10 62.85
CA GLU T 73 89.71 -23.82 62.64
C GLU T 73 89.06 -22.68 63.40
N LEU T 74 87.71 -22.60 63.37
CA LEU T 74 87.03 -21.48 64.04
C LEU T 74 87.12 -21.58 65.56
N ARG T 75 86.93 -22.78 66.10
CA ARG T 75 87.16 -23.01 67.52
C ARG T 75 88.61 -22.72 67.90
N SER T 76 89.59 -23.12 67.08
CA SER T 76 91.01 -22.83 67.26
C SER T 76 91.34 -21.33 67.25
N LEU T 77 90.73 -20.57 66.32
CA LEU T 77 90.77 -19.12 66.29
C LEU T 77 90.16 -18.47 67.52
N TYR T 78 88.98 -18.95 67.97
CA TYR T 78 88.32 -18.50 69.19
C TYR T 78 89.18 -18.74 70.43
N ASN T 79 89.79 -19.94 70.52
CA ASN T 79 90.76 -20.29 71.56
C ASN T 79 91.99 -19.38 71.56
N THR T 80 92.54 -19.05 70.37
CA THR T 80 93.67 -18.15 70.23
C THR T 80 93.35 -16.75 70.77
N ILE T 81 92.17 -16.20 70.39
CA ILE T 81 91.66 -14.93 70.90
C ILE T 81 91.36 -14.96 72.40
N ALA T 82 90.80 -16.07 72.92
CA ALA T 82 90.57 -16.30 74.33
C ALA T 82 91.84 -16.26 75.19
N VAL T 83 92.94 -16.86 74.68
CA VAL T 83 94.23 -16.80 75.37
C VAL T 83 94.79 -15.36 75.31
N LEU T 84 94.70 -14.70 74.14
CA LEU T 84 95.10 -13.30 73.97
C LEU T 84 94.35 -12.34 74.89
N TYR T 85 93.04 -12.55 75.09
CA TYR T 85 92.23 -11.82 76.05
C TYR T 85 92.71 -11.97 77.50
N CYS T 86 93.01 -13.20 77.96
CA CYS T 86 93.54 -13.47 79.29
C CYS T 86 94.90 -12.83 79.53
N VAL T 87 95.81 -12.96 78.54
CA VAL T 87 97.12 -12.32 78.53
C VAL T 87 97.02 -10.79 78.56
N HIS T 88 96.12 -10.20 77.75
CA HIS T 88 95.80 -8.78 77.78
C HIS T 88 95.24 -8.24 79.08
N GLN T 89 94.50 -9.09 79.80
CA GLN T 89 94.04 -8.86 81.17
C GLN T 89 95.12 -9.11 82.23
N ARG T 90 96.33 -9.51 81.82
CA ARG T 90 97.46 -9.84 82.67
C ARG T 90 97.17 -11.00 83.61
N ILE T 91 96.51 -12.02 83.07
CA ILE T 91 96.19 -13.23 83.82
C ILE T 91 97.10 -14.35 83.36
N ASP T 92 97.81 -14.97 84.28
CA ASP T 92 98.67 -16.07 83.89
C ASP T 92 97.88 -17.36 83.64
N VAL T 93 97.78 -17.78 82.37
CA VAL T 93 97.12 -18.99 81.93
C VAL T 93 98.15 -19.88 81.26
N LYS T 94 98.27 -21.16 81.65
CA LYS T 94 99.42 -21.96 81.25
C LYS T 94 99.08 -22.81 80.03
N ASP T 95 97.77 -22.91 79.72
CA ASP T 95 97.29 -23.62 78.58
C ASP T 95 95.91 -23.05 78.26
N THR T 96 95.37 -23.42 77.09
CA THR T 96 94.07 -22.99 76.58
C THR T 96 92.89 -23.30 77.49
N LYS T 97 92.85 -24.52 78.07
CA LYS T 97 91.73 -25.00 78.86
C LYS T 97 91.53 -24.15 80.11
N GLU T 98 92.63 -23.80 80.80
CA GLU T 98 92.64 -22.91 81.94
C GLU T 98 92.08 -21.51 81.62
N ALA T 99 92.49 -20.95 80.46
CA ALA T 99 91.91 -19.71 79.93
C ALA T 99 90.42 -19.80 79.62
N LEU T 100 89.96 -20.90 78.98
CA LEU T 100 88.56 -21.16 78.73
C LEU T 100 87.70 -21.30 79.98
N ASP T 101 88.17 -22.04 81.01
CA ASP T 101 87.48 -22.16 82.29
C ASP T 101 87.29 -20.80 82.98
N LYS T 102 88.32 -19.93 82.97
CA LYS T 102 88.21 -18.55 83.41
C LYS T 102 87.25 -17.67 82.62
N ILE T 103 87.24 -17.77 81.29
CA ILE T 103 86.25 -17.12 80.44
C ILE T 103 84.83 -17.60 80.70
N GLU T 104 84.63 -18.91 80.91
CA GLU T 104 83.36 -19.52 81.33
C GLU T 104 82.88 -18.97 82.67
N GLU T 105 83.79 -18.74 83.65
CA GLU T 105 83.51 -17.98 84.86
C GLU T 105 83.02 -16.54 84.61
N GLU T 106 83.68 -15.76 83.71
CA GLU T 106 83.15 -14.48 83.25
C GLU T 106 81.78 -14.57 82.58
N GLN T 107 81.51 -15.59 81.73
CA GLN T 107 80.18 -15.81 81.19
C GLN T 107 79.09 -16.01 82.24
N ASN T 108 79.36 -16.86 83.26
CA ASN T 108 78.46 -17.09 84.38
C ASN T 108 78.22 -15.83 85.22
N LYS T 109 79.31 -15.10 85.55
CA LYS T 109 79.26 -13.92 86.38
C LYS T 109 78.74 -12.68 85.66
N SER T 110 78.93 -12.58 84.33
CA SER T 110 78.35 -11.54 83.48
C SER T 110 76.84 -11.54 83.49
N LYS T 111 76.21 -12.74 83.41
CA LYS T 111 74.75 -12.92 83.46
C LYS T 111 74.11 -12.36 84.71
N LYS T 112 74.81 -12.43 85.86
CA LYS T 112 74.38 -11.87 87.13
C LYS T 112 74.34 -10.34 87.16
N LYS T 113 75.04 -9.66 86.21
CA LYS T 113 75.14 -8.22 86.15
C LYS T 113 74.63 -7.67 84.83
N ALA T 114 73.84 -8.46 84.08
CA ALA T 114 73.42 -8.14 82.73
C ALA T 114 71.98 -7.64 82.59
N GLN T 115 71.20 -7.61 83.68
CA GLN T 115 69.76 -7.41 83.59
C GLN T 115 69.21 -6.71 84.86
N GLY U 1 78.83 -48.85 56.18
CA GLY U 1 78.05 -49.65 55.25
C GLY U 1 77.80 -48.94 53.91
N ALA U 2 78.86 -48.28 53.35
CA ALA U 2 78.85 -47.51 52.08
C ALA U 2 78.37 -48.35 50.90
N ARG U 3 78.71 -49.63 50.93
CA ARG U 3 78.28 -50.52 49.86
C ARG U 3 76.78 -50.55 49.61
N ALA U 4 75.98 -50.45 50.70
CA ALA U 4 74.55 -50.61 50.64
C ALA U 4 73.83 -49.28 50.41
N SER U 5 74.56 -48.18 50.22
CA SER U 5 73.97 -46.85 50.04
C SER U 5 73.37 -46.63 48.67
N VAL U 6 73.81 -47.41 47.67
CA VAL U 6 73.38 -47.30 46.28
C VAL U 6 72.26 -48.27 45.94
N LEU U 7 71.87 -49.16 46.88
CA LEU U 7 70.79 -50.11 46.72
C LEU U 7 69.43 -49.47 46.49
N SER U 8 68.55 -50.12 45.69
CA SER U 8 67.32 -49.48 45.26
C SER U 8 66.36 -49.11 46.37
N GLY U 9 65.83 -47.87 46.31
CA GLY U 9 65.03 -47.26 47.35
C GLY U 9 65.82 -46.66 48.48
N GLY U 10 67.18 -46.69 48.40
CA GLY U 10 68.07 -45.94 49.27
C GLY U 10 68.16 -44.48 48.90
N GLU U 11 68.86 -43.65 49.71
CA GLU U 11 68.93 -42.21 49.51
C GLU U 11 69.52 -41.80 48.15
N LEU U 12 70.62 -42.45 47.76
CA LEU U 12 71.29 -42.24 46.48
C LEU U 12 70.44 -42.64 45.27
N ASP U 13 69.70 -43.75 45.36
CA ASP U 13 68.76 -44.19 44.34
C ASP U 13 67.57 -43.24 44.15
N LYS U 14 67.01 -42.71 45.25
CA LYS U 14 65.89 -41.75 45.12
C LYS U 14 66.26 -40.33 44.66
N TRP U 15 67.39 -39.80 45.12
CA TRP U 15 67.78 -38.40 44.86
C TRP U 15 67.71 -38.00 43.38
N GLU U 16 68.28 -38.80 42.49
CA GLU U 16 68.40 -38.41 41.09
C GLU U 16 67.18 -38.70 40.22
N LYS U 17 66.06 -39.11 40.83
CA LYS U 17 64.84 -39.37 40.10
C LYS U 17 63.84 -38.23 40.19
N ILE U 18 64.19 -37.16 40.95
CA ILE U 18 63.37 -35.98 41.18
C ILE U 18 63.63 -34.95 40.08
N ARG U 19 62.60 -34.27 39.60
CA ARG U 19 62.76 -33.16 38.67
C ARG U 19 63.35 -31.89 39.40
N LEU U 20 64.34 -31.21 38.80
CA LEU U 20 65.06 -30.07 39.43
C LEU U 20 64.42 -28.64 39.39
N ARG U 21 63.77 -28.28 38.28
CA ARG U 21 63.18 -26.94 38.11
C ARG U 21 61.77 -27.09 37.56
N PRO U 22 60.75 -26.29 37.98
CA PRO U 22 59.33 -26.49 37.71
C PRO U 22 58.89 -26.94 36.33
N GLY U 23 59.44 -26.33 35.26
CA GLY U 23 59.14 -26.72 33.87
C GLY U 23 60.05 -27.78 33.33
N GLY U 24 61.21 -28.00 33.93
CA GLY U 24 62.27 -28.68 33.19
C GLY U 24 62.21 -30.21 33.20
N LYS U 25 63.13 -30.80 32.42
CA LYS U 25 63.27 -32.26 32.31
C LYS U 25 64.56 -32.73 32.96
N LYS U 26 65.34 -31.76 33.43
CA LYS U 26 66.57 -31.93 34.18
C LYS U 26 66.23 -32.39 35.59
N GLN U 27 66.98 -33.36 36.06
CA GLN U 27 66.80 -33.99 37.35
C GLN U 27 67.84 -33.52 38.37
N TYR U 28 67.55 -33.72 39.66
CA TYR U 28 68.52 -33.42 40.73
C TYR U 28 69.73 -34.29 40.60
N LYS U 29 70.89 -33.76 40.96
CA LYS U 29 72.12 -34.53 40.85
C LYS U 29 72.80 -34.68 42.21
N LEU U 30 73.56 -35.75 42.40
CA LEU U 30 74.26 -35.93 43.68
C LEU U 30 75.33 -34.88 43.91
N LYS U 31 75.87 -34.31 42.82
CA LYS U 31 76.87 -33.28 42.94
C LYS U 31 76.31 -32.06 43.66
N HIS U 32 74.97 -31.90 43.70
CA HIS U 32 74.40 -30.77 44.41
C HIS U 32 74.72 -30.81 45.91
N ILE U 33 74.75 -32.03 46.49
CA ILE U 33 75.05 -32.26 47.90
C ILE U 33 76.51 -31.90 48.18
N VAL U 34 77.40 -32.34 47.30
CA VAL U 34 78.83 -32.04 47.35
C VAL U 34 79.12 -30.55 47.26
N TRP U 35 78.46 -29.86 46.31
CA TRP U 35 78.49 -28.41 46.19
C TRP U 35 77.96 -27.69 47.43
N ALA U 36 76.82 -28.13 47.97
CA ALA U 36 76.23 -27.60 49.18
C ALA U 36 77.14 -27.72 50.39
N SER U 37 77.87 -28.86 50.48
CA SER U 37 78.90 -29.07 51.51
C SER U 37 80.03 -28.06 51.40
N ARG U 38 80.52 -27.82 50.19
CA ARG U 38 81.50 -26.76 49.96
C ARG U 38 81.06 -25.33 50.28
N GLU U 39 79.82 -24.93 49.92
CA GLU U 39 79.27 -23.65 50.32
C GLU U 39 79.17 -23.51 51.84
N LEU U 40 78.77 -24.58 52.54
CA LEU U 40 78.85 -24.66 53.99
C LEU U 40 80.25 -24.49 54.57
N GLU U 41 81.31 -25.09 53.97
CA GLU U 41 82.70 -24.85 54.36
C GLU U 41 83.09 -23.38 54.25
N ARG U 42 82.72 -22.73 53.12
CA ARG U 42 82.90 -21.31 52.87
C ARG U 42 82.17 -20.38 53.83
N PHE U 43 80.97 -20.77 54.27
CA PHE U 43 80.17 -20.08 55.27
C PHE U 43 80.66 -20.27 56.70
N ALA U 44 81.68 -21.17 56.89
CA ALA U 44 82.24 -21.71 58.15
C ALA U 44 81.30 -22.57 59.00
N VAL U 45 80.56 -23.47 58.35
CA VAL U 45 79.65 -24.40 58.99
C VAL U 45 80.18 -25.82 58.88
N ASN U 46 80.24 -26.54 60.01
CA ASN U 46 80.65 -27.92 60.13
C ASN U 46 79.77 -28.89 59.33
N PRO U 47 80.26 -29.69 58.35
CA PRO U 47 79.43 -30.59 57.55
C PRO U 47 79.03 -31.84 58.31
N GLY U 48 79.33 -31.97 59.62
CA GLY U 48 78.85 -33.02 60.52
C GLY U 48 77.35 -33.08 60.63
N LEU U 49 76.69 -31.94 60.40
CA LEU U 49 75.25 -31.78 60.42
C LEU U 49 74.52 -32.46 59.26
N LEU U 50 75.24 -32.85 58.17
CA LEU U 50 74.60 -33.36 56.97
C LEU U 50 74.01 -34.77 57.05
N GLU U 51 74.47 -35.64 57.99
CA GLU U 51 73.83 -36.95 58.18
C GLU U 51 72.42 -36.85 58.74
N THR U 52 72.21 -36.01 59.77
CA THR U 52 71.00 -36.06 60.56
C THR U 52 69.97 -35.10 60.03
N SER U 53 68.67 -35.45 60.17
CA SER U 53 67.55 -34.59 59.83
C SER U 53 67.55 -33.34 60.69
N GLU U 54 67.92 -33.52 61.98
CA GLU U 54 68.12 -32.47 62.95
C GLU U 54 69.16 -31.44 62.54
N GLY U 55 70.34 -31.89 62.05
CA GLY U 55 71.40 -31.02 61.57
C GLY U 55 71.05 -30.32 60.29
N CYS U 56 70.37 -31.02 59.36
CA CYS U 56 69.80 -30.41 58.16
C CYS U 56 68.78 -29.33 58.48
N ARG U 57 67.90 -29.56 59.48
CA ARG U 57 66.99 -28.56 60.01
C ARG U 57 67.70 -27.35 60.63
N GLN U 58 68.79 -27.57 61.39
CA GLN U 58 69.65 -26.50 61.89
C GLN U 58 70.33 -25.68 60.78
N ILE U 59 70.82 -26.31 59.70
CA ILE U 59 71.31 -25.62 58.51
C ILE U 59 70.25 -24.76 57.85
N LEU U 60 69.01 -25.27 57.70
CA LEU U 60 67.86 -24.50 57.25
C LEU U 60 67.54 -23.32 58.15
N GLY U 61 67.66 -23.51 59.48
CA GLY U 61 67.56 -22.46 60.49
C GLY U 61 68.56 -21.34 60.32
N GLN U 62 69.83 -21.67 60.04
CA GLN U 62 70.85 -20.70 59.66
C GLN U 62 70.57 -19.90 58.40
N LEU U 63 70.06 -20.56 57.34
CA LEU U 63 69.75 -19.93 56.07
C LEU U 63 68.47 -19.11 56.06
N GLN U 64 67.51 -19.44 56.96
CA GLN U 64 66.21 -18.81 57.06
C GLN U 64 66.19 -17.29 57.25
N PRO U 65 66.97 -16.64 58.12
CA PRO U 65 67.04 -15.18 58.17
C PRO U 65 67.82 -14.54 57.02
N SER U 66 68.23 -15.29 55.97
CA SER U 66 68.89 -14.72 54.80
C SER U 66 68.08 -14.90 53.54
N LEU U 67 66.89 -15.53 53.61
CA LEU U 67 66.05 -15.79 52.45
C LEU U 67 65.57 -14.56 51.69
N GLN U 68 65.18 -13.49 52.41
CA GLN U 68 64.61 -12.28 51.86
C GLN U 68 65.48 -11.56 50.83
N THR U 69 66.78 -11.43 51.09
CA THR U 69 67.71 -10.74 50.20
C THR U 69 68.56 -11.71 49.40
N GLY U 70 68.59 -12.99 49.80
CA GLY U 70 69.33 -14.00 49.07
C GLY U 70 68.77 -14.34 47.69
N SER U 71 69.68 -14.60 46.80
CA SER U 71 69.39 -14.94 45.40
C SER U 71 69.07 -16.41 45.14
N GLU U 72 68.67 -16.74 43.88
CA GLU U 72 68.22 -18.04 43.43
C GLU U 72 69.16 -19.21 43.69
N GLU U 73 70.46 -18.92 43.65
CA GLU U 73 71.50 -19.86 44.11
C GLU U 73 71.39 -20.20 45.60
N LEU U 74 70.96 -19.24 46.43
CA LEU U 74 70.86 -19.49 47.87
C LEU U 74 69.59 -20.30 48.04
N ARG U 75 68.58 -19.99 47.22
CA ARG U 75 67.30 -20.70 47.28
C ARG U 75 67.54 -22.16 46.87
N SER U 76 68.39 -22.36 45.85
CA SER U 76 68.80 -23.68 45.38
C SER U 76 69.55 -24.48 46.45
N LEU U 77 70.45 -23.82 47.20
CA LEU U 77 71.07 -24.39 48.38
C LEU U 77 70.07 -24.75 49.48
N TYR U 78 69.14 -23.85 49.77
CA TYR U 78 68.10 -24.09 50.76
C TYR U 78 67.30 -25.33 50.36
N ASN U 79 66.94 -25.42 49.06
CA ASN U 79 66.18 -26.55 48.56
C ASN U 79 66.97 -27.85 48.68
N THR U 80 68.28 -27.80 48.42
CA THR U 80 69.12 -29.00 48.53
C THR U 80 69.05 -29.54 49.95
N ILE U 81 69.14 -28.65 50.93
CA ILE U 81 69.09 -29.07 52.33
C ILE U 81 67.67 -29.59 52.70
N ALA U 82 66.61 -28.91 52.23
CA ALA U 82 65.22 -29.35 52.46
C ALA U 82 64.96 -30.74 51.91
N VAL U 83 65.53 -31.05 50.75
CA VAL U 83 65.37 -32.36 50.18
C VAL U 83 66.15 -33.33 51.07
N LEU U 84 67.38 -33.00 51.52
CA LEU U 84 68.12 -33.94 52.39
C LEU U 84 67.36 -34.25 53.67
N TYR U 85 66.72 -33.26 54.30
CA TYR U 85 65.84 -33.54 55.43
C TYR U 85 64.74 -34.56 55.10
N CYS U 86 64.05 -34.35 53.97
CA CYS U 86 62.97 -35.25 53.52
C CYS U 86 63.47 -36.66 53.18
N VAL U 87 64.64 -36.74 52.53
CA VAL U 87 65.32 -37.97 52.16
C VAL U 87 65.78 -38.76 53.38
N HIS U 88 66.35 -38.05 54.36
CA HIS U 88 66.73 -38.63 55.64
C HIS U 88 65.58 -39.12 56.52
N GLN U 89 64.45 -38.38 56.47
CA GLN U 89 63.15 -38.81 57.03
C GLN U 89 62.44 -39.88 56.22
N ARG U 90 62.80 -40.00 54.94
CA ARG U 90 62.24 -40.91 53.97
C ARG U 90 60.79 -40.59 53.61
N ILE U 91 60.56 -39.29 53.38
CA ILE U 91 59.29 -38.74 52.92
C ILE U 91 59.26 -38.96 51.41
N ASP U 92 58.16 -39.50 50.89
CA ASP U 92 58.13 -39.80 49.46
C ASP U 92 57.80 -38.57 48.62
N VAL U 93 58.80 -37.72 48.46
CA VAL U 93 58.76 -36.44 47.75
C VAL U 93 58.77 -36.62 46.22
N LYS U 94 57.84 -35.96 45.49
CA LYS U 94 57.85 -36.07 44.04
C LYS U 94 58.51 -34.86 43.38
N ASP U 95 58.66 -33.76 44.14
CA ASP U 95 59.28 -32.55 43.65
C ASP U 95 59.74 -31.67 44.80
N THR U 96 60.35 -30.55 44.46
CA THR U 96 60.94 -29.59 45.39
C THR U 96 59.86 -28.92 46.25
N LYS U 97 58.72 -28.62 45.62
CA LYS U 97 57.59 -27.99 46.29
C LYS U 97 57.09 -28.80 47.48
N GLU U 98 56.97 -30.13 47.32
CA GLU U 98 56.58 -31.03 48.39
C GLU U 98 57.54 -31.05 49.57
N ALA U 99 58.85 -31.02 49.24
CA ALA U 99 59.85 -30.96 50.28
C ALA U 99 59.76 -29.64 51.05
N LEU U 100 59.53 -28.55 50.34
CA LEU U 100 59.44 -27.27 51.00
C LEU U 100 58.16 -27.13 51.82
N ASP U 101 57.03 -27.65 51.33
CA ASP U 101 55.80 -27.52 52.10
C ASP U 101 55.93 -28.23 53.44
N LYS U 102 56.60 -29.38 53.45
CA LYS U 102 56.87 -30.10 54.67
C LYS U 102 57.85 -29.42 55.64
N ILE U 103 58.91 -28.76 55.15
CA ILE U 103 59.76 -27.89 55.96
C ILE U 103 58.99 -26.72 56.58
N GLU U 104 58.11 -26.06 55.78
CA GLU U 104 57.28 -24.98 56.33
C GLU U 104 56.25 -25.49 57.36
N GLU U 105 55.63 -26.64 57.09
CA GLU U 105 54.73 -27.29 58.03
C GLU U 105 55.35 -27.68 59.37
N GLU U 106 56.55 -28.30 59.37
CA GLU U 106 57.34 -28.51 60.58
C GLU U 106 57.80 -27.23 61.28
N GLN U 107 58.18 -26.18 60.53
CA GLN U 107 58.41 -24.85 61.07
C GLN U 107 57.17 -24.20 61.70
N ASN U 108 55.99 -24.28 61.06
CA ASN U 108 54.70 -23.82 61.55
C ASN U 108 54.32 -24.50 62.87
N LYS U 109 54.52 -25.83 62.94
CA LYS U 109 54.44 -26.63 64.15
C LYS U 109 55.37 -26.19 65.28
N SER U 110 56.64 -25.86 64.95
CA SER U 110 57.58 -25.23 65.89
C SER U 110 57.12 -23.90 66.41
N LYS U 111 56.55 -23.00 65.56
CA LYS U 111 56.09 -21.68 65.97
C LYS U 111 55.06 -21.72 67.09
N LYS U 112 54.12 -22.68 67.02
CA LYS U 112 53.14 -22.93 68.06
C LYS U 112 53.73 -23.30 69.42
N LYS U 113 54.81 -24.12 69.46
CA LYS U 113 55.33 -24.69 70.69
C LYS U 113 56.72 -24.25 71.10
N ALA U 114 57.24 -23.16 70.52
CA ALA U 114 58.52 -22.57 70.89
C ALA U 114 58.36 -21.37 71.83
N GLN U 115 57.26 -21.33 72.60
CA GLN U 115 56.85 -20.21 73.42
C GLN U 115 56.41 -20.67 74.84
N GLY V 1 76.00 -37.20 52.12
CA GLY V 1 75.81 -37.11 53.58
C GLY V 1 76.92 -37.73 54.39
N ALA V 2 77.70 -38.63 53.76
CA ALA V 2 78.86 -39.29 54.34
C ALA V 2 80.01 -38.34 54.66
N ARG V 3 79.98 -37.09 54.14
CA ARG V 3 80.97 -36.05 54.54
C ARG V 3 80.93 -35.79 56.05
N ALA V 4 79.77 -35.87 56.65
CA ALA V 4 79.65 -35.80 58.09
C ALA V 4 80.49 -36.82 58.87
N SER V 5 80.58 -38.07 58.36
CA SER V 5 81.10 -39.21 59.10
C SER V 5 82.62 -39.29 59.14
N VAL V 6 83.32 -38.61 58.21
CA VAL V 6 84.74 -38.77 57.94
C VAL V 6 85.60 -37.73 58.67
N LEU V 7 85.00 -36.98 59.60
CA LEU V 7 85.63 -35.89 60.32
C LEU V 7 86.34 -36.36 61.58
N SER V 8 87.40 -35.63 61.94
CA SER V 8 88.16 -35.96 63.13
C SER V 8 87.23 -35.82 64.31
N GLY V 9 87.27 -36.76 65.23
CA GLY V 9 86.40 -36.70 66.40
C GLY V 9 85.00 -37.25 66.08
N GLY V 10 84.79 -37.67 64.83
CA GLY V 10 83.51 -38.17 64.34
C GLY V 10 83.34 -39.67 64.51
N GLU V 11 82.32 -40.19 63.84
CA GLU V 11 81.92 -41.57 63.94
C GLU V 11 82.96 -42.58 63.39
N LEU V 12 83.57 -42.30 62.23
CA LEU V 12 84.63 -43.14 61.68
C LEU V 12 85.94 -43.11 62.46
N ASP V 13 86.29 -41.96 62.97
CA ASP V 13 87.44 -41.86 63.84
C ASP V 13 87.24 -42.79 65.04
N LYS V 14 86.07 -42.68 65.70
CA LYS V 14 85.81 -43.52 66.85
C LYS V 14 85.68 -44.99 66.50
N TRP V 15 84.98 -45.33 65.41
CA TRP V 15 84.74 -46.72 65.04
C TRP V 15 85.97 -47.58 64.99
N GLU V 16 87.00 -47.13 64.29
CA GLU V 16 88.19 -47.95 64.07
C GLU V 16 89.03 -48.17 65.33
N LYS V 17 88.73 -47.43 66.39
CA LYS V 17 89.49 -47.46 67.62
C LYS V 17 88.74 -48.16 68.75
N ILE V 18 87.53 -48.64 68.46
CA ILE V 18 86.77 -49.38 69.47
C ILE V 18 87.36 -50.77 69.57
N ARG V 19 87.73 -51.16 70.79
CA ARG V 19 88.37 -52.44 71.03
C ARG V 19 87.40 -53.60 70.97
N LEU V 20 87.85 -54.71 70.40
CA LEU V 20 86.97 -55.86 70.36
C LEU V 20 86.71 -56.31 71.81
N ARG V 21 87.76 -56.20 72.64
CA ARG V 21 87.79 -56.47 74.08
C ARG V 21 88.93 -55.59 74.65
N PRO V 22 88.93 -55.17 75.92
CA PRO V 22 89.98 -54.32 76.53
C PRO V 22 91.45 -54.74 76.29
N GLY V 23 91.71 -56.05 76.43
CA GLY V 23 93.00 -56.69 76.26
C GLY V 23 93.34 -57.02 74.82
N GLY V 24 94.57 -57.50 74.57
CA GLY V 24 95.08 -57.67 73.21
C GLY V 24 95.31 -56.37 72.47
N LYS V 25 95.36 -56.42 71.13
CA LYS V 25 95.57 -55.25 70.28
C LYS V 25 94.47 -55.02 69.25
N LYS V 26 93.40 -55.83 69.22
CA LYS V 26 92.47 -55.81 68.09
C LYS V 26 91.27 -54.88 68.29
N GLN V 27 90.90 -54.22 67.20
CA GLN V 27 89.87 -53.17 67.15
C GLN V 27 88.94 -53.41 65.96
N TYR V 28 87.74 -52.83 66.00
CA TYR V 28 86.80 -52.89 64.89
C TYR V 28 87.33 -52.30 63.58
N LYS V 29 86.86 -52.84 62.44
CA LYS V 29 87.37 -52.45 61.13
C LYS V 29 86.25 -52.23 60.13
N LEU V 30 86.50 -51.42 59.08
CA LEU V 30 85.63 -51.27 57.93
C LEU V 30 85.34 -52.60 57.21
N LYS V 31 86.37 -53.46 57.07
CA LYS V 31 86.24 -54.81 56.55
C LYS V 31 85.27 -55.71 57.32
N HIS V 32 85.05 -55.43 58.61
CA HIS V 32 84.08 -56.17 59.41
C HIS V 32 82.64 -55.89 58.98
N ILE V 33 82.42 -54.72 58.36
CA ILE V 33 81.10 -54.32 57.90
C ILE V 33 80.79 -55.13 56.67
N VAL V 34 81.81 -55.35 55.85
CA VAL V 34 81.62 -56.14 54.64
C VAL V 34 81.24 -57.57 55.06
N TRP V 35 81.96 -58.14 56.04
CA TRP V 35 81.59 -59.45 56.56
C TRP V 35 80.20 -59.49 57.21
N ALA V 36 79.86 -58.50 58.05
CA ALA V 36 78.57 -58.38 58.70
C ALA V 36 77.41 -58.26 57.71
N SER V 37 77.67 -57.54 56.61
CA SER V 37 76.75 -57.51 55.50
C SER V 37 76.63 -58.87 54.83
N ARG V 38 77.75 -59.60 54.64
CA ARG V 38 77.67 -60.92 54.03
C ARG V 38 76.83 -61.89 54.88
N GLU V 39 76.93 -61.80 56.21
CA GLU V 39 76.09 -62.59 57.09
C GLU V 39 74.59 -62.28 56.95
N LEU V 40 74.20 -60.99 56.87
CA LEU V 40 72.83 -60.60 56.56
C LEU V 40 72.36 -61.08 55.18
N GLU V 41 73.28 -61.03 54.17
CA GLU V 41 72.99 -61.54 52.82
C GLU V 41 72.74 -63.05 52.81
N ARG V 42 73.50 -63.83 53.58
CA ARG V 42 73.22 -65.26 53.70
C ARG V 42 71.76 -65.56 54.08
N PHE V 43 71.24 -64.84 55.08
CA PHE V 43 69.99 -65.19 55.73
C PHE V 43 68.81 -64.33 55.29
N ALA V 44 69.04 -63.54 54.22
CA ALA V 44 68.08 -62.61 53.56
C ALA V 44 67.51 -61.45 54.41
N VAL V 45 68.35 -60.82 55.23
CA VAL V 45 68.00 -59.67 56.05
C VAL V 45 68.39 -58.38 55.34
N ASN V 46 67.59 -57.30 55.48
CA ASN V 46 67.85 -56.01 54.85
C ASN V 46 69.00 -55.24 55.55
N PRO V 47 70.14 -54.92 54.92
CA PRO V 47 71.23 -54.21 55.57
C PRO V 47 70.92 -52.73 55.74
N GLY V 48 69.91 -52.18 55.02
CA GLY V 48 69.51 -50.78 55.05
C GLY V 48 68.96 -50.34 56.38
N LEU V 49 68.61 -51.33 57.21
CA LEU V 49 68.07 -51.13 58.54
C LEU V 49 69.17 -50.78 59.53
N LEU V 50 70.42 -50.95 59.13
CA LEU V 50 71.50 -50.64 60.05
C LEU V 50 71.99 -49.20 59.83
N GLU V 51 71.31 -48.45 58.94
CA GLU V 51 71.60 -47.03 58.65
C GLU V 51 71.12 -46.13 59.80
N THR V 52 70.04 -46.53 60.45
CA THR V 52 69.37 -45.78 61.51
C THR V 52 69.53 -46.48 62.84
N SER V 53 69.49 -45.72 63.96
CA SER V 53 69.44 -46.25 65.32
C SER V 53 68.22 -47.13 65.56
N GLU V 54 67.05 -46.72 65.02
CA GLU V 54 65.79 -47.42 65.19
C GLU V 54 65.78 -48.86 64.68
N GLY V 55 66.33 -49.05 63.46
CA GLY V 55 66.46 -50.37 62.83
C GLY V 55 67.44 -51.26 63.54
N CYS V 56 68.57 -50.69 64.02
CA CYS V 56 69.50 -51.39 64.89
C CYS V 56 68.85 -51.84 66.22
N ARG V 57 68.06 -50.95 66.85
CA ARG V 57 67.28 -51.26 68.05
C ARG V 57 66.26 -52.38 67.89
N GLN V 58 65.51 -52.39 66.76
CA GLN V 58 64.66 -53.50 66.35
C GLN V 58 65.42 -54.81 66.11
N ILE V 59 66.55 -54.76 65.36
CA ILE V 59 67.40 -55.92 65.09
C ILE V 59 68.00 -56.56 66.34
N LEU V 60 68.50 -55.75 67.29
CA LEU V 60 68.99 -56.22 68.58
C LEU V 60 67.93 -56.96 69.40
N GLY V 61 66.67 -56.45 69.39
CA GLY V 61 65.52 -57.12 69.99
C GLY V 61 65.18 -58.44 69.35
N GLN V 62 65.14 -58.50 68.00
CA GLN V 62 64.94 -59.72 67.25
C GLN V 62 66.00 -60.80 67.43
N LEU V 63 67.30 -60.42 67.45
CA LEU V 63 68.41 -61.34 67.65
C LEU V 63 68.43 -62.08 68.99
N GLN V 64 68.02 -61.37 70.05
CA GLN V 64 68.18 -61.91 71.39
C GLN V 64 67.86 -63.40 71.64
N PRO V 65 66.67 -63.98 71.33
CA PRO V 65 66.38 -65.37 71.72
C PRO V 65 67.33 -66.37 71.10
N SER V 66 67.89 -66.04 69.91
CA SER V 66 68.72 -66.95 69.14
C SER V 66 70.17 -66.97 69.62
N LEU V 67 70.60 -65.95 70.38
CA LEU V 67 71.99 -65.76 70.81
C LEU V 67 72.58 -66.89 71.63
N GLN V 68 71.81 -67.44 72.60
CA GLN V 68 72.25 -68.54 73.43
C GLN V 68 72.56 -69.83 72.69
N THR V 69 71.74 -70.19 71.69
CA THR V 69 72.09 -71.20 70.70
C THR V 69 73.29 -70.84 69.83
N GLY V 70 73.43 -69.58 69.49
CA GLY V 70 74.36 -69.21 68.46
C GLY V 70 75.87 -69.41 68.70
N SER V 71 76.56 -69.54 67.57
CA SER V 71 78.02 -69.62 67.44
C SER V 71 78.75 -68.35 67.88
N GLU V 72 80.06 -68.44 68.19
CA GLU V 72 80.91 -67.27 68.46
C GLU V 72 80.95 -66.28 67.29
N GLU V 73 80.96 -66.80 66.05
CA GLU V 73 80.79 -66.04 64.82
C GLU V 73 79.46 -65.25 64.75
N LEU V 74 78.33 -65.88 65.15
CA LEU V 74 77.03 -65.17 65.26
C LEU V 74 77.00 -64.15 66.40
N ARG V 75 77.57 -64.52 67.55
CA ARG V 75 77.72 -63.60 68.67
C ARG V 75 78.55 -62.36 68.32
N SER V 76 79.63 -62.56 67.55
CA SER V 76 80.46 -61.48 66.99
C SER V 76 79.67 -60.52 66.11
N LEU V 77 78.75 -61.03 65.27
CA LEU V 77 77.82 -60.23 64.50
C LEU V 77 76.89 -59.38 65.36
N TYR V 78 76.30 -59.97 66.43
CA TYR V 78 75.49 -59.24 67.40
C TYR V 78 76.24 -58.13 68.13
N ASN V 79 77.47 -58.41 68.58
CA ASN V 79 78.36 -57.44 69.20
C ASN V 79 78.69 -56.28 68.26
N THR V 80 78.95 -56.59 66.97
CA THR V 80 79.19 -55.59 65.93
C THR V 80 77.98 -54.66 65.75
N ILE V 81 76.76 -55.22 65.69
CA ILE V 81 75.50 -54.47 65.63
C ILE V 81 75.25 -53.59 66.87
N ALA V 82 75.58 -54.10 68.08
CA ALA V 82 75.51 -53.35 69.32
C ALA V 82 76.38 -52.09 69.33
N VAL V 83 77.59 -52.24 68.79
CA VAL V 83 78.48 -51.11 68.62
C VAL V 83 77.94 -50.14 67.59
N LEU V 84 77.41 -50.61 66.46
CA LEU V 84 76.87 -49.69 65.47
C LEU V 84 75.73 -48.87 66.06
N TYR V 85 74.88 -49.50 66.90
CA TYR V 85 73.82 -48.75 67.56
C TYR V 85 74.43 -47.60 68.37
N CYS V 86 75.45 -47.93 69.19
CA CYS V 86 76.09 -46.95 70.03
C CYS V 86 76.74 -45.84 69.18
N VAL V 87 77.28 -46.19 68.02
CA VAL V 87 77.88 -45.17 67.15
C VAL V 87 76.80 -44.23 66.63
N HIS V 88 75.66 -44.76 66.17
CA HIS V 88 74.60 -43.91 65.62
C HIS V 88 74.00 -42.97 66.67
N GLN V 89 73.97 -43.44 67.91
CA GLN V 89 73.44 -42.67 69.04
C GLN V 89 74.49 -41.72 69.61
N ARG V 90 75.69 -41.72 69.02
CA ARG V 90 76.83 -40.92 69.41
C ARG V 90 77.23 -41.13 70.85
N ILE V 91 77.27 -42.40 71.24
CA ILE V 91 77.69 -42.80 72.56
C ILE V 91 79.12 -43.29 72.48
N ASP V 92 80.06 -42.62 73.18
CA ASP V 92 81.50 -42.78 73.03
C ASP V 92 82.07 -43.96 73.85
N VAL V 93 81.53 -45.16 73.61
CA VAL V 93 82.04 -46.44 74.09
C VAL V 93 83.39 -46.81 73.49
N LYS V 94 84.32 -47.38 74.29
CA LYS V 94 85.67 -47.65 73.81
C LYS V 94 85.90 -49.13 73.50
N ASP V 95 84.92 -50.00 73.80
CA ASP V 95 85.05 -51.42 73.53
C ASP V 95 83.66 -52.05 73.44
N THR V 96 83.63 -53.35 73.11
CA THR V 96 82.47 -54.21 73.14
C THR V 96 81.79 -54.30 74.50
N LYS V 97 82.53 -54.41 75.62
CA LYS V 97 81.97 -54.43 76.96
C LYS V 97 81.21 -53.16 77.32
N GLU V 98 81.81 -51.98 77.05
CA GLU V 98 81.14 -50.71 77.20
C GLU V 98 79.89 -50.57 76.34
N ALA V 99 79.96 -51.01 75.06
CA ALA V 99 78.82 -51.06 74.18
C ALA V 99 77.69 -51.98 74.66
N LEU V 100 78.01 -53.22 75.10
CA LEU V 100 77.04 -54.14 75.66
C LEU V 100 76.36 -53.65 76.93
N ASP V 101 77.12 -53.04 77.87
CA ASP V 101 76.56 -52.40 79.04
C ASP V 101 75.59 -51.26 78.70
N LYS V 102 75.92 -50.41 77.70
CA LYS V 102 74.99 -49.46 77.13
C LYS V 102 73.75 -50.03 76.43
N ILE V 103 73.87 -51.14 75.64
CA ILE V 103 72.72 -51.87 75.12
C ILE V 103 71.83 -52.41 76.23
N GLU V 104 72.41 -53.01 77.28
CA GLU V 104 71.70 -53.43 78.47
C GLU V 104 71.00 -52.28 79.19
N GLU V 105 71.67 -51.12 79.35
CA GLU V 105 71.05 -49.93 79.92
C GLU V 105 69.87 -49.45 79.09
N GLU V 106 70.02 -49.38 77.76
CA GLU V 106 68.98 -49.03 76.81
C GLU V 106 67.76 -49.95 76.81
N GLN V 107 67.96 -51.27 76.92
CA GLN V 107 66.88 -52.20 77.23
C GLN V 107 66.26 -52.06 78.62
N ASN V 108 67.08 -51.94 79.69
CA ASN V 108 66.66 -51.80 81.07
C ASN V 108 65.85 -50.51 81.33
N LYS V 109 66.29 -49.41 80.71
CA LYS V 109 65.63 -48.12 80.60
C LYS V 109 64.27 -48.21 79.91
N SER V 110 64.18 -49.04 78.85
CA SER V 110 62.96 -49.23 78.08
C SER V 110 61.91 -50.08 78.78
N LYS V 111 62.26 -50.81 79.87
CA LYS V 111 61.33 -51.64 80.63
C LYS V 111 60.14 -50.87 81.19
N LYS V 112 60.38 -49.66 81.71
CA LYS V 112 59.41 -48.95 82.53
C LYS V 112 58.52 -48.06 81.68
N LYS V 113 58.62 -48.17 80.34
CA LYS V 113 57.70 -47.57 79.40
C LYS V 113 57.08 -48.59 78.46
N ALA V 114 57.17 -49.90 78.82
CA ALA V 114 56.58 -50.97 78.04
C ALA V 114 55.22 -51.40 78.62
N GLN V 115 54.78 -50.73 79.68
CA GLN V 115 53.59 -51.03 80.43
C GLN V 115 53.25 -49.82 81.34
N GLY W 1 89.48 -85.54 77.73
CA GLY W 1 88.16 -85.80 78.27
C GLY W 1 87.12 -86.20 77.24
N ALA W 2 87.45 -86.08 75.92
CA ALA W 2 86.57 -86.41 74.77
C ALA W 2 86.21 -87.89 74.78
N ARG W 3 87.17 -88.69 75.25
CA ARG W 3 87.09 -90.13 75.33
C ARG W 3 85.99 -90.61 76.23
N ALA W 4 85.46 -89.74 77.09
CA ALA W 4 84.44 -90.17 78.01
C ALA W 4 83.22 -90.76 77.30
N SER W 5 82.91 -90.27 76.08
CA SER W 5 81.73 -90.74 75.36
C SER W 5 81.92 -92.06 74.61
N VAL W 6 83.16 -92.59 74.53
CA VAL W 6 83.41 -93.80 73.74
C VAL W 6 83.82 -94.99 74.59
N LEU W 7 83.55 -94.87 75.87
CA LEU W 7 83.88 -95.91 76.84
C LEU W 7 82.86 -97.05 76.80
N SER W 8 83.32 -98.21 77.24
CA SER W 8 82.53 -99.45 77.30
C SER W 8 81.29 -99.30 78.19
N GLY W 9 80.11 -99.49 77.62
CA GLY W 9 78.89 -99.18 78.35
C GLY W 9 78.52 -97.67 78.38
N GLY W 10 79.28 -96.85 77.63
CA GLY W 10 79.11 -95.40 77.57
C GLY W 10 78.09 -94.95 76.58
N GLU W 11 78.00 -93.62 76.40
CA GLU W 11 77.04 -92.96 75.53
C GLU W 11 77.11 -93.34 74.06
N LEU W 12 78.32 -93.48 73.47
CA LEU W 12 78.37 -93.96 72.09
C LEU W 12 78.03 -95.45 72.00
N ASP W 13 78.40 -96.22 73.00
CA ASP W 13 78.17 -97.65 72.98
C ASP W 13 76.65 -97.89 73.03
N LYS W 14 75.92 -97.09 73.82
CA LYS W 14 74.47 -97.18 73.89
C LYS W 14 73.86 -96.70 72.57
N TRP W 15 74.44 -95.67 71.99
CA TRP W 15 73.96 -95.06 70.72
C TRP W 15 73.84 -96.07 69.58
N GLU W 16 74.85 -96.89 69.43
CA GLU W 16 74.87 -97.83 68.33
C GLU W 16 73.89 -99.00 68.53
N LYS W 17 73.24 -99.08 69.70
CA LYS W 17 72.32 -100.17 70.00
C LYS W 17 70.84 -99.78 69.80
N ILE W 18 70.56 -98.54 69.36
CA ILE W 18 69.17 -98.09 69.19
C ILE W 18 68.65 -98.18 67.74
N ARG W 19 67.47 -98.79 67.55
CA ARG W 19 66.84 -98.94 66.24
C ARG W 19 66.43 -97.62 65.57
N LEU W 20 66.74 -97.46 64.28
CA LEU W 20 66.38 -96.23 63.56
C LEU W 20 64.88 -96.07 63.28
N ARG W 21 64.20 -97.16 62.96
CA ARG W 21 62.80 -97.13 62.54
C ARG W 21 62.24 -98.42 63.12
N PRO W 22 60.99 -98.47 63.65
CA PRO W 22 60.53 -99.50 64.57
C PRO W 22 60.39 -100.95 64.02
N GLY W 23 60.24 -101.11 62.71
CA GLY W 23 60.09 -102.45 62.13
C GLY W 23 61.34 -102.95 61.46
N GLY W 24 62.37 -102.09 61.33
CA GLY W 24 63.65 -102.43 60.71
C GLY W 24 64.64 -103.03 61.68
N LYS W 25 65.84 -103.39 61.18
CA LYS W 25 66.91 -103.91 62.02
C LYS W 25 68.02 -102.88 62.19
N LYS W 26 68.00 -101.82 61.35
CA LYS W 26 69.09 -100.82 61.28
C LYS W 26 69.17 -99.95 62.54
N GLN W 27 70.39 -99.53 62.89
CA GLN W 27 70.66 -98.82 64.14
C GLN W 27 71.55 -97.60 63.89
N TYR W 28 71.55 -96.63 64.84
CA TYR W 28 72.31 -95.38 64.74
C TYR W 28 73.83 -95.52 64.63
N LYS W 29 74.45 -94.61 63.86
CA LYS W 29 75.89 -94.57 63.65
C LYS W 29 76.49 -93.24 64.09
N LEU W 30 77.82 -93.18 64.28
CA LEU W 30 78.55 -91.98 64.69
C LEU W 30 78.42 -90.82 63.71
N LYS W 31 78.42 -91.12 62.39
CA LYS W 31 78.26 -90.14 61.31
C LYS W 31 77.07 -89.20 61.41
N HIS W 32 75.96 -89.63 62.05
CA HIS W 32 74.80 -88.79 62.34
C HIS W 32 75.14 -87.61 63.24
N ILE W 33 75.97 -87.84 64.28
CA ILE W 33 76.45 -86.83 65.22
C ILE W 33 77.34 -85.81 64.50
N VAL W 34 78.23 -86.28 63.61
CA VAL W 34 79.07 -85.46 62.75
C VAL W 34 78.24 -84.56 61.82
N TRP W 35 77.20 -85.13 61.18
CA TRP W 35 76.22 -84.40 60.40
C TRP W 35 75.47 -83.35 61.20
N ALA W 36 74.98 -83.71 62.40
CA ALA W 36 74.32 -82.79 63.31
C ALA W 36 75.21 -81.62 63.72
N SER W 37 76.49 -81.87 64.06
CA SER W 37 77.46 -80.81 64.34
C SER W 37 77.68 -79.87 63.17
N ARG W 38 77.79 -80.42 61.93
CA ARG W 38 77.96 -79.64 60.69
C ARG W 38 76.72 -78.83 60.30
N GLU W 39 75.54 -79.44 60.37
CA GLU W 39 74.29 -78.74 60.14
C GLU W 39 74.02 -77.62 61.15
N LEU W 40 74.30 -77.84 62.45
CA LEU W 40 74.29 -76.78 63.45
C LEU W 40 75.27 -75.65 63.14
N GLU W 41 76.52 -75.96 62.73
CA GLU W 41 77.49 -74.95 62.29
C GLU W 41 77.00 -74.13 61.09
N ARG W 42 76.34 -74.81 60.12
CA ARG W 42 75.75 -74.22 58.90
C ARG W 42 74.59 -73.25 59.16
N PHE W 43 73.81 -73.51 60.20
CA PHE W 43 72.75 -72.61 60.64
C PHE W 43 73.15 -71.75 61.84
N ALA W 44 74.49 -71.67 62.08
CA ALA W 44 75.19 -70.82 63.06
C ALA W 44 74.85 -71.05 64.55
N VAL W 45 74.73 -72.32 64.94
CA VAL W 45 74.44 -72.77 66.29
C VAL W 45 75.63 -73.52 66.83
N ASN W 46 76.00 -73.30 68.11
CA ASN W 46 77.12 -73.95 68.79
C ASN W 46 76.98 -75.49 68.88
N PRO W 47 77.87 -76.32 68.31
CA PRO W 47 77.78 -77.77 68.45
C PRO W 47 78.09 -78.27 69.85
N GLY W 48 78.73 -77.43 70.70
CA GLY W 48 79.05 -77.75 72.10
C GLY W 48 77.83 -77.97 72.97
N LEU W 49 76.66 -77.51 72.48
CA LEU W 49 75.37 -77.76 73.09
C LEU W 49 74.92 -79.22 72.93
N LEU W 50 75.52 -79.99 72.00
CA LEU W 50 75.26 -81.41 71.88
C LEU W 50 75.97 -82.24 72.95
N GLU W 51 76.98 -81.69 73.67
CA GLU W 51 77.62 -82.36 74.77
C GLU W 51 76.71 -82.67 75.95
N THR W 52 75.86 -81.72 76.38
CA THR W 52 75.04 -81.89 77.58
C THR W 52 73.58 -82.05 77.25
N SER W 53 72.83 -82.68 78.18
CA SER W 53 71.38 -82.73 78.16
C SER W 53 70.73 -81.36 78.20
N GLU W 54 71.29 -80.43 79.01
CA GLU W 54 70.86 -79.04 79.09
C GLU W 54 70.95 -78.26 77.78
N GLY W 55 72.06 -78.41 77.03
CA GLY W 55 72.21 -77.85 75.70
C GLY W 55 71.26 -78.44 74.68
N CYS W 56 71.14 -79.78 74.67
CA CYS W 56 70.18 -80.49 73.83
C CYS W 56 68.73 -80.10 74.09
N ARG W 57 68.31 -80.00 75.36
CA ARG W 57 66.99 -79.58 75.78
C ARG W 57 66.64 -78.16 75.35
N GLN W 58 67.60 -77.23 75.43
CA GLN W 58 67.48 -75.91 74.84
C GLN W 58 67.33 -75.90 73.31
N ILE W 59 68.13 -76.70 72.56
CA ILE W 59 67.96 -76.86 71.11
C ILE W 59 66.62 -77.46 70.71
N LEU W 60 66.16 -78.52 71.40
CA LEU W 60 64.87 -79.16 71.19
C LEU W 60 63.69 -78.22 71.40
N GLY W 61 63.79 -77.31 72.42
CA GLY W 61 62.83 -76.23 72.61
C GLY W 61 62.92 -75.13 71.58
N GLN W 62 64.14 -74.70 71.20
CA GLN W 62 64.39 -73.63 70.25
C GLN W 62 63.79 -73.90 68.87
N LEU W 63 63.93 -75.16 68.39
CA LEU W 63 63.49 -75.54 67.06
C LEU W 63 62.08 -76.12 67.09
N GLN W 64 61.39 -76.13 68.25
CA GLN W 64 60.06 -76.69 68.41
C GLN W 64 58.98 -76.03 67.54
N PRO W 65 58.83 -74.68 67.37
CA PRO W 65 57.92 -74.12 66.35
C PRO W 65 58.36 -74.24 64.87
N SER W 66 59.67 -74.30 64.65
CA SER W 66 60.32 -74.45 63.36
C SER W 66 60.08 -75.82 62.75
N LEU W 67 60.10 -76.87 63.61
CA LEU W 67 59.85 -78.26 63.30
C LEU W 67 58.49 -78.52 62.64
N GLN W 68 57.45 -77.79 63.08
CA GLN W 68 56.09 -77.93 62.59
C GLN W 68 55.95 -77.65 61.10
N THR W 69 56.65 -76.65 60.55
CA THR W 69 56.67 -76.35 59.12
C THR W 69 57.93 -76.84 58.44
N GLY W 70 58.89 -77.38 59.23
CA GLY W 70 60.17 -77.94 58.80
C GLY W 70 60.15 -79.08 57.82
N SER W 71 61.24 -79.23 57.04
CA SER W 71 61.49 -80.35 56.15
C SER W 71 61.62 -81.70 56.85
N GLU W 72 61.42 -82.81 56.10
CA GLU W 72 61.64 -84.18 56.59
C GLU W 72 63.09 -84.40 57.03
N GLU W 73 64.03 -83.80 56.28
CA GLU W 73 65.43 -83.67 56.63
C GLU W 73 65.72 -82.93 57.95
N LEU W 74 65.07 -81.76 58.19
CA LEU W 74 65.09 -81.09 59.48
C LEU W 74 64.47 -81.90 60.62
N ARG W 75 63.33 -82.57 60.36
CA ARG W 75 62.70 -83.51 61.27
C ARG W 75 63.60 -84.69 61.65
N SER W 76 64.34 -85.24 60.67
CA SER W 76 65.38 -86.26 60.88
C SER W 76 66.51 -85.78 61.80
N LEU W 77 66.96 -84.53 61.63
CA LEU W 77 67.92 -83.88 62.52
C LEU W 77 67.39 -83.72 63.94
N TYR W 78 66.14 -83.27 64.10
CA TYR W 78 65.46 -83.19 65.39
C TYR W 78 65.34 -84.54 66.10
N ASN W 79 64.95 -85.61 65.36
CA ASN W 79 64.90 -86.98 65.86
C ASN W 79 66.26 -87.47 66.34
N THR W 80 67.33 -87.16 65.58
CA THR W 80 68.71 -87.45 65.96
C THR W 80 69.11 -86.80 67.28
N ILE W 81 68.78 -85.51 67.44
CA ILE W 81 69.04 -84.77 68.69
C ILE W 81 68.21 -85.32 69.86
N ALA W 82 66.94 -85.67 69.62
CA ALA W 82 66.07 -86.27 70.60
C ALA W 82 66.62 -87.56 71.20
N VAL W 83 67.23 -88.40 70.36
CA VAL W 83 67.93 -89.57 70.88
C VAL W 83 69.15 -89.14 71.70
N LEU W 84 69.93 -88.13 71.23
CA LEU W 84 71.11 -87.73 72.03
C LEU W 84 70.69 -87.25 73.42
N TYR W 85 69.59 -86.52 73.50
CA TYR W 85 69.08 -86.14 74.80
C TYR W 85 68.81 -87.38 75.64
N CYS W 86 68.11 -88.37 75.08
CA CYS W 86 67.80 -89.57 75.83
C CYS W 86 69.05 -90.38 76.22
N VAL W 87 70.06 -90.43 75.35
CA VAL W 87 71.28 -91.17 75.69
C VAL W 87 72.02 -90.44 76.82
N HIS W 88 72.12 -89.11 76.71
CA HIS W 88 72.74 -88.28 77.75
C HIS W 88 72.08 -88.35 79.12
N GLN W 89 70.74 -88.37 79.17
CA GLN W 89 69.98 -88.57 80.40
C GLN W 89 70.08 -89.99 80.94
N ARG W 90 70.59 -90.93 80.13
CA ARG W 90 70.57 -92.37 80.36
C ARG W 90 69.19 -92.99 80.45
N ILE W 91 68.31 -92.61 79.51
CA ILE W 91 67.00 -93.21 79.39
C ILE W 91 67.24 -94.53 78.66
N ASP W 92 66.66 -95.61 79.15
CA ASP W 92 66.91 -96.92 78.54
C ASP W 92 66.07 -97.12 77.27
N VAL W 93 66.54 -96.47 76.21
CA VAL W 93 65.91 -96.46 74.89
C VAL W 93 66.43 -97.59 74.00
N LYS W 94 65.53 -98.35 73.39
CA LYS W 94 65.88 -99.39 72.43
C LYS W 94 65.44 -98.98 71.02
N ASP W 95 64.55 -97.99 70.96
CA ASP W 95 63.90 -97.56 69.72
C ASP W 95 63.77 -96.03 69.64
N THR W 96 63.72 -95.51 68.40
CA THR W 96 63.48 -94.09 68.18
C THR W 96 62.15 -93.57 68.70
N LYS W 97 61.05 -94.34 68.52
CA LYS W 97 59.72 -93.96 68.97
C LYS W 97 59.61 -93.88 70.48
N GLU W 98 60.30 -94.80 71.17
CA GLU W 98 60.40 -94.72 72.62
C GLU W 98 61.08 -93.44 73.05
N ALA W 99 62.16 -93.02 72.37
CA ALA W 99 62.81 -91.76 72.75
C ALA W 99 61.86 -90.58 72.58
N LEU W 100 61.09 -90.59 71.49
CA LEU W 100 60.19 -89.46 71.22
C LEU W 100 59.00 -89.42 72.19
N ASP W 101 58.41 -90.57 72.51
CA ASP W 101 57.32 -90.65 73.47
C ASP W 101 57.74 -90.21 74.87
N LYS W 102 58.92 -90.65 75.34
CA LYS W 102 59.53 -90.20 76.58
C LYS W 102 59.84 -88.71 76.66
N ILE W 103 60.36 -88.10 75.58
CA ILE W 103 60.47 -86.65 75.46
C ILE W 103 59.12 -85.93 75.52
N GLU W 104 58.08 -86.42 74.82
CA GLU W 104 56.72 -85.92 74.96
C GLU W 104 56.15 -86.06 76.38
N GLU W 105 56.40 -87.21 77.04
CA GLU W 105 56.05 -87.45 78.44
C GLU W 105 56.71 -86.47 79.42
N GLU W 106 58.03 -86.20 79.27
CA GLU W 106 58.70 -85.13 80.01
C GLU W 106 58.16 -83.73 79.70
N GLN W 107 57.85 -83.42 78.43
CA GLN W 107 57.15 -82.18 78.07
C GLN W 107 55.77 -82.01 78.69
N ASN W 108 54.94 -83.08 78.73
CA ASN W 108 53.63 -83.08 79.38
C ASN W 108 53.73 -82.77 80.88
N LYS W 109 54.68 -83.42 81.59
CA LYS W 109 55.04 -83.09 82.95
C LYS W 109 55.58 -81.67 83.15
N SER W 110 56.47 -81.23 82.24
CA SER W 110 57.05 -79.89 82.21
C SER W 110 56.03 -78.77 82.06
N LYS W 111 55.02 -78.95 81.19
CA LYS W 111 53.97 -77.99 80.90
C LYS W 111 53.19 -77.56 82.14
N LYS W 112 52.79 -78.53 82.97
CA LYS W 112 52.09 -78.32 84.23
C LYS W 112 52.84 -77.46 85.24
N LYS W 113 54.16 -77.66 85.35
CA LYS W 113 54.99 -77.06 86.38
C LYS W 113 55.77 -75.85 85.86
N ALA W 114 55.34 -75.27 84.72
CA ALA W 114 55.96 -74.07 84.16
C ALA W 114 54.97 -72.91 84.03
N GLN W 115 53.78 -73.04 84.62
CA GLN W 115 52.67 -72.12 84.44
C GLN W 115 52.72 -70.90 85.38
N GLY X 1 45.71 -86.55 37.25
CA GLY X 1 44.82 -85.40 37.52
C GLY X 1 45.48 -84.06 37.43
N ALA X 2 46.83 -84.00 37.50
CA ALA X 2 47.63 -82.79 37.54
C ALA X 2 47.39 -81.85 36.36
N ARG X 3 47.12 -82.40 35.16
CA ARG X 3 46.76 -81.70 33.94
C ARG X 3 45.58 -80.75 34.08
N ALA X 4 44.60 -81.07 34.96
CA ALA X 4 43.45 -80.24 35.23
C ALA X 4 43.80 -78.85 35.76
N SER X 5 44.85 -78.74 36.60
CA SER X 5 45.34 -77.47 37.13
C SER X 5 45.82 -76.48 36.07
N VAL X 6 46.47 -76.97 34.99
CA VAL X 6 47.00 -76.12 33.93
C VAL X 6 45.99 -75.96 32.80
N LEU X 7 44.83 -76.65 32.88
CA LEU X 7 43.73 -76.50 31.95
C LEU X 7 43.04 -75.15 32.09
N SER X 8 42.52 -74.63 30.98
CA SER X 8 41.71 -73.44 31.08
C SER X 8 40.60 -73.69 32.11
N GLY X 9 40.46 -72.74 33.04
CA GLY X 9 39.52 -72.77 34.16
C GLY X 9 40.17 -73.16 35.47
N GLY X 10 41.40 -73.68 35.46
CA GLY X 10 42.10 -74.14 36.67
C GLY X 10 43.05 -73.12 37.27
N GLU X 11 43.79 -73.52 38.33
CA GLU X 11 44.75 -72.70 39.05
C GLU X 11 45.87 -72.10 38.19
N LEU X 12 46.49 -72.91 37.32
CA LEU X 12 47.72 -72.55 36.64
C LEU X 12 47.47 -72.06 35.24
N ASP X 13 46.20 -71.98 34.81
CA ASP X 13 45.73 -71.07 33.77
C ASP X 13 46.01 -69.62 34.19
N LYS X 14 45.67 -69.30 35.46
CA LYS X 14 45.76 -67.95 35.99
C LYS X 14 47.19 -67.43 36.08
N TRP X 15 48.14 -68.29 36.53
CA TRP X 15 49.46 -67.87 36.98
C TRP X 15 50.30 -67.05 36.00
N GLU X 16 50.40 -67.46 34.72
CA GLU X 16 51.33 -66.82 33.80
C GLU X 16 50.69 -65.64 33.05
N LYS X 17 49.47 -65.24 33.43
CA LYS X 17 48.87 -64.02 32.90
C LYS X 17 49.04 -62.81 33.82
N ILE X 18 49.40 -63.05 35.09
CA ILE X 18 49.31 -61.99 36.10
C ILE X 18 50.44 -60.96 35.92
N ARG X 19 50.10 -59.68 35.98
CA ARG X 19 51.13 -58.65 35.86
C ARG X 19 51.95 -58.50 37.15
N LEU X 20 53.28 -58.47 36.97
CA LEU X 20 54.25 -58.31 38.06
C LEU X 20 54.25 -56.91 38.65
N ARG X 21 53.99 -55.90 37.83
CA ARG X 21 53.95 -54.54 38.32
C ARG X 21 52.81 -53.81 37.61
N PRO X 22 52.07 -52.92 38.29
CA PRO X 22 51.17 -51.99 37.65
C PRO X 22 52.04 -51.13 36.74
N GLY X 23 51.61 -50.81 35.53
CA GLY X 23 52.43 -49.95 34.66
C GLY X 23 53.55 -50.74 33.96
N GLY X 24 54.42 -51.31 34.79
CA GLY X 24 55.55 -52.14 34.36
C GLY X 24 55.11 -53.55 33.97
N LYS X 25 54.36 -53.62 32.86
CA LYS X 25 53.64 -54.78 32.23
C LYS X 25 54.21 -56.23 32.20
N LYS X 26 55.32 -56.50 32.86
CA LYS X 26 55.92 -57.83 32.87
C LYS X 26 54.96 -58.79 33.54
N GLN X 27 55.04 -60.08 33.21
CA GLN X 27 54.11 -61.06 33.73
C GLN X 27 54.81 -62.16 34.50
N TYR X 28 54.07 -62.83 35.39
CA TYR X 28 54.55 -63.98 36.20
C TYR X 28 54.95 -65.18 35.34
N LYS X 29 55.95 -65.93 35.83
CA LYS X 29 56.52 -67.08 35.17
C LYS X 29 56.71 -68.18 36.18
N LEU X 30 56.85 -69.44 35.74
CA LEU X 30 56.94 -70.61 36.61
C LEU X 30 58.28 -70.71 37.33
N LYS X 31 59.33 -70.02 36.82
CA LYS X 31 60.65 -69.94 37.44
C LYS X 31 60.61 -69.38 38.87
N HIS X 32 59.68 -68.44 39.15
CA HIS X 32 59.42 -67.91 40.47
C HIS X 32 58.93 -68.94 41.48
N ILE X 33 58.05 -69.88 41.09
CA ILE X 33 57.63 -70.98 41.96
C ILE X 33 58.81 -71.91 42.30
N VAL X 34 59.67 -72.21 41.30
CA VAL X 34 60.90 -72.97 41.49
C VAL X 34 61.88 -72.27 42.44
N TRP X 35 62.05 -70.95 42.27
CA TRP X 35 62.77 -70.09 43.22
C TRP X 35 62.23 -70.13 44.63
N ALA X 36 60.93 -69.97 44.78
CA ALA X 36 60.27 -70.04 46.07
C ALA X 36 60.48 -71.36 46.78
N SER X 37 60.33 -72.50 46.06
CA SER X 37 60.64 -73.81 46.62
C SER X 37 62.09 -73.97 47.02
N ARG X 38 63.05 -73.57 46.15
CA ARG X 38 64.47 -73.64 46.45
C ARG X 38 64.94 -72.78 47.61
N GLU X 39 64.38 -71.54 47.75
CA GLU X 39 64.62 -70.66 48.92
C GLU X 39 64.00 -71.19 50.19
N LEU X 40 62.79 -71.66 50.11
CA LEU X 40 62.16 -72.27 51.27
C LEU X 40 62.90 -73.47 51.81
N GLU X 41 63.38 -74.37 50.93
CA GLU X 41 64.28 -75.46 51.29
C GLU X 41 65.62 -75.00 51.87
N ARG X 42 66.17 -73.90 51.32
CA ARG X 42 67.37 -73.22 51.84
C ARG X 42 67.17 -72.73 53.28
N PHE X 43 65.94 -72.34 53.62
CA PHE X 43 65.59 -71.85 54.96
C PHE X 43 65.02 -72.98 55.83
N ALA X 44 65.17 -74.23 55.35
CA ALA X 44 64.78 -75.52 55.96
C ALA X 44 63.27 -75.73 56.18
N VAL X 45 62.44 -75.10 55.34
CA VAL X 45 61.00 -75.19 55.37
C VAL X 45 60.53 -76.26 54.39
N ASN X 46 59.46 -77.00 54.72
CA ASN X 46 58.87 -77.97 53.81
C ASN X 46 58.09 -77.29 52.66
N PRO X 47 58.45 -77.42 51.37
CA PRO X 47 57.69 -76.81 50.28
C PRO X 47 56.41 -77.59 49.99
N GLY X 48 56.12 -78.68 50.73
CA GLY X 48 54.85 -79.40 50.69
C GLY X 48 53.67 -78.55 51.11
N LEU X 49 53.93 -77.51 51.93
CA LEU X 49 52.94 -76.54 52.37
C LEU X 49 52.44 -75.63 51.24
N LEU X 50 53.11 -75.65 50.08
CA LEU X 50 52.72 -74.81 48.96
C LEU X 50 51.59 -75.44 48.16
N GLU X 51 51.17 -76.64 48.55
CA GLU X 51 50.11 -77.39 47.92
C GLU X 51 48.70 -76.78 48.01
N THR X 52 48.35 -76.24 49.18
CA THR X 52 47.01 -75.71 49.46
C THR X 52 47.01 -74.36 50.15
N SER X 53 45.82 -73.73 50.22
CA SER X 53 45.62 -72.48 50.92
C SER X 53 45.91 -72.56 52.42
N GLU X 54 45.52 -73.68 53.06
CA GLU X 54 45.78 -73.98 54.46
C GLU X 54 47.27 -74.05 54.77
N GLY X 55 48.08 -74.63 53.86
CA GLY X 55 49.54 -74.67 53.97
C GLY X 55 50.19 -73.35 53.67
N CYS X 56 49.72 -72.65 52.62
CA CYS X 56 50.18 -71.31 52.26
C CYS X 56 49.96 -70.30 53.38
N ARG X 57 48.80 -70.37 54.06
CA ARG X 57 48.48 -69.60 55.24
C ARG X 57 49.42 -69.83 56.41
N GLN X 58 49.87 -71.08 56.64
CA GLN X 58 50.98 -71.37 57.56
C GLN X 58 52.30 -70.71 57.18
N ILE X 59 52.68 -70.73 55.87
CA ILE X 59 53.85 -70.01 55.37
C ILE X 59 53.76 -68.50 55.58
N LEU X 60 52.57 -67.92 55.33
CA LEU X 60 52.33 -66.49 55.63
C LEU X 60 52.45 -66.23 57.18
N GLY X 61 51.88 -67.12 58.02
CA GLY X 61 52.01 -67.07 59.46
C GLY X 61 53.43 -67.14 59.97
N GLN X 62 54.23 -68.04 59.41
CA GLN X 62 55.66 -68.17 59.66
C GLN X 62 56.51 -66.96 59.32
N LEU X 63 56.29 -66.33 58.15
CA LEU X 63 57.23 -65.35 57.64
C LEU X 63 56.79 -63.90 57.84
N GLN X 64 55.53 -63.65 58.25
CA GLN X 64 54.98 -62.31 58.39
C GLN X 64 55.70 -61.32 59.31
N PRO X 65 56.19 -61.64 60.51
CA PRO X 65 56.98 -60.69 61.30
C PRO X 65 58.35 -60.48 60.70
N SER X 66 58.82 -61.41 59.85
CA SER X 66 60.19 -61.35 59.37
C SER X 66 60.30 -60.35 58.26
N LEU X 67 59.16 -59.80 57.84
CA LEU X 67 59.14 -58.82 56.79
C LEU X 67 59.72 -57.50 57.24
N GLN X 68 59.68 -57.18 58.54
CA GLN X 68 60.25 -55.88 58.92
C GLN X 68 61.76 -55.93 58.73
N THR X 69 62.33 -57.06 59.13
CA THR X 69 63.77 -57.32 59.03
C THR X 69 64.24 -57.68 57.63
N GLY X 70 63.46 -58.53 56.94
CA GLY X 70 63.70 -59.10 55.62
C GLY X 70 64.03 -58.19 54.48
N SER X 71 64.81 -58.74 53.57
CA SER X 71 65.13 -58.15 52.28
C SER X 71 63.93 -58.13 51.34
N GLU X 72 64.07 -57.40 50.24
CA GLU X 72 63.10 -57.28 49.18
C GLU X 72 62.69 -58.61 48.56
N GLU X 73 63.66 -59.53 48.36
CA GLU X 73 63.38 -60.92 48.02
C GLU X 73 62.53 -61.68 49.03
N LEU X 74 62.71 -61.47 50.35
CA LEU X 74 61.73 -62.06 51.28
C LEU X 74 60.34 -61.48 51.08
N ARG X 75 60.24 -60.17 50.86
CA ARG X 75 58.91 -59.61 50.65
C ARG X 75 58.31 -60.16 49.35
N SER X 76 59.14 -60.33 48.32
CA SER X 76 58.70 -60.89 47.05
C SER X 76 58.22 -62.31 47.28
N LEU X 77 58.93 -63.10 48.12
CA LEU X 77 58.48 -64.45 48.46
C LEU X 77 57.14 -64.42 49.16
N TYR X 78 56.96 -63.52 50.10
CA TYR X 78 55.71 -63.40 50.82
C TYR X 78 54.59 -63.06 49.83
N ASN X 79 54.86 -62.11 48.91
CA ASN X 79 53.89 -61.69 47.91
C ASN X 79 53.58 -62.86 46.98
N THR X 80 54.61 -63.67 46.66
CA THR X 80 54.45 -64.86 45.83
C THR X 80 53.54 -65.90 46.48
N ILE X 81 53.71 -66.12 47.80
CA ILE X 81 52.81 -67.00 48.60
C ILE X 81 51.38 -66.43 48.65
N ALA X 82 51.24 -65.10 48.85
CA ALA X 82 49.92 -64.45 48.80
C ALA X 82 49.23 -64.68 47.47
N VAL X 83 49.98 -64.63 46.36
CA VAL X 83 49.37 -64.92 45.07
C VAL X 83 48.99 -66.40 45.07
N LEU X 84 49.86 -67.31 45.54
CA LEU X 84 49.49 -68.72 45.52
C LEU X 84 48.23 -69.00 46.35
N TYR X 85 48.06 -68.37 47.52
CA TYR X 85 46.82 -68.50 48.28
C TYR X 85 45.59 -68.07 47.47
N CYS X 86 45.69 -66.90 46.83
CA CYS X 86 44.61 -66.40 46.00
C CYS X 86 44.36 -67.30 44.78
N VAL X 87 45.43 -67.85 44.20
CA VAL X 87 45.35 -68.77 43.08
C VAL X 87 44.68 -70.07 43.54
N HIS X 88 44.98 -70.55 44.75
CA HIS X 88 44.38 -71.76 45.31
C HIS X 88 42.89 -71.54 45.60
N GLN X 89 42.49 -70.28 45.79
CA GLN X 89 41.06 -69.99 45.87
C GLN X 89 40.47 -69.77 44.49
N ARG X 90 41.29 -69.85 43.44
CA ARG X 90 40.93 -69.62 42.04
C ARG X 90 40.38 -68.22 41.79
N ILE X 91 41.01 -67.23 42.43
CA ILE X 91 40.67 -65.82 42.28
C ILE X 91 41.26 -65.28 41.00
N ASP X 92 40.45 -64.54 40.25
CA ASP X 92 40.91 -63.99 38.99
C ASP X 92 41.73 -62.73 39.25
N VAL X 93 42.98 -62.98 39.68
CA VAL X 93 43.96 -61.95 40.01
C VAL X 93 44.52 -61.43 38.69
N LYS X 94 44.57 -60.11 38.50
CA LYS X 94 45.11 -59.56 37.28
C LYS X 94 46.53 -59.06 37.49
N ASP X 95 46.85 -58.63 38.72
CA ASP X 95 48.21 -58.18 38.99
C ASP X 95 48.66 -58.61 40.39
N THR X 96 49.89 -58.27 40.70
CA THR X 96 50.56 -58.61 41.95
C THR X 96 50.00 -57.95 43.21
N LYS X 97 49.26 -56.85 43.07
CA LYS X 97 48.78 -56.12 44.25
C LYS X 97 47.41 -56.61 44.72
N GLU X 98 46.63 -57.18 43.81
CA GLU X 98 45.29 -57.63 44.14
C GLU X 98 45.30 -58.77 45.13
N ALA X 99 46.28 -59.67 45.03
CA ALA X 99 46.35 -60.78 45.96
C ALA X 99 46.56 -60.24 47.37
N LEU X 100 47.32 -59.16 47.48
CA LEU X 100 47.64 -58.51 48.74
C LEU X 100 46.41 -57.90 49.42
N ASP X 101 45.53 -57.22 48.65
CA ASP X 101 44.24 -56.73 49.11
C ASP X 101 43.32 -57.85 49.61
N LYS X 102 43.24 -58.96 48.87
CA LYS X 102 42.51 -60.15 49.29
C LYS X 102 43.07 -60.79 50.56
N ILE X 103 44.40 -60.88 50.71
CA ILE X 103 45.05 -61.29 51.94
C ILE X 103 44.76 -60.37 53.12
N GLU X 104 44.75 -59.03 52.95
CA GLU X 104 44.33 -58.09 53.97
C GLU X 104 42.89 -58.29 54.42
N GLU X 105 41.94 -58.50 53.46
CA GLU X 105 40.56 -58.85 53.75
C GLU X 105 40.42 -60.15 54.52
N GLU X 106 41.12 -61.22 54.06
CA GLU X 106 41.18 -62.51 54.71
C GLU X 106 41.78 -62.50 56.11
N GLN X 107 42.94 -61.82 56.31
CA GLN X 107 43.54 -61.65 57.62
C GLN X 107 42.72 -60.87 58.61
N ASN X 108 42.14 -59.71 58.22
CA ASN X 108 41.31 -58.91 59.10
C ASN X 108 40.06 -59.64 59.55
N LYS X 109 39.38 -60.33 58.61
CA LYS X 109 38.28 -61.23 58.88
C LYS X 109 38.65 -62.43 59.76
N SER X 110 39.79 -63.10 59.48
CA SER X 110 40.34 -64.18 60.29
C SER X 110 40.71 -63.78 61.71
N LYS X 111 41.40 -62.65 61.90
CA LYS X 111 41.86 -62.23 63.21
C LYS X 111 40.75 -61.65 64.08
N LYS X 112 39.61 -61.26 63.48
CA LYS X 112 38.40 -60.95 64.22
C LYS X 112 37.76 -62.18 64.88
N LYS X 113 38.14 -63.39 64.43
CA LYS X 113 37.74 -64.66 65.01
C LYS X 113 38.93 -65.32 65.73
N ALA X 114 39.99 -64.54 66.04
CA ALA X 114 41.12 -64.96 66.85
C ALA X 114 41.10 -64.24 68.19
N GLN X 115 39.97 -63.56 68.47
CA GLN X 115 39.62 -62.92 69.71
C GLN X 115 38.20 -63.41 70.08
N GLY Y 1 53.22 -76.52 43.46
CA GLY Y 1 52.70 -77.12 44.68
C GLY Y 1 52.29 -78.56 44.55
N ALA Y 2 52.21 -79.07 43.31
CA ALA Y 2 51.89 -80.42 42.98
C ALA Y 2 52.99 -81.41 43.38
N ARG Y 3 54.24 -80.94 43.64
CA ARG Y 3 55.32 -81.80 44.14
C ARG Y 3 54.98 -82.40 45.51
N ALA Y 4 54.13 -81.71 46.30
CA ALA Y 4 53.62 -82.19 47.57
C ALA Y 4 52.85 -83.50 47.46
N SER Y 5 52.04 -83.66 46.38
CA SER Y 5 51.37 -84.91 46.06
C SER Y 5 52.33 -86.05 45.74
N VAL Y 6 53.38 -85.77 44.96
CA VAL Y 6 54.44 -86.71 44.57
C VAL Y 6 55.30 -87.17 45.75
N LEU Y 7 55.69 -86.23 46.62
CA LEU Y 7 56.57 -86.40 47.76
C LEU Y 7 56.11 -87.47 48.76
N SER Y 8 57.04 -88.20 49.40
CA SER Y 8 56.66 -89.21 50.38
C SER Y 8 55.94 -88.64 51.60
N GLY Y 9 54.77 -89.21 51.92
CA GLY Y 9 53.77 -88.69 52.84
C GLY Y 9 52.65 -87.97 52.12
N GLY Y 10 52.83 -87.70 50.81
CA GLY Y 10 51.85 -87.06 49.95
C GLY Y 10 50.89 -88.01 49.31
N GLU Y 11 49.94 -87.46 48.52
CA GLU Y 11 48.80 -88.23 47.97
C GLU Y 11 49.16 -89.38 47.03
N LEU Y 12 50.15 -89.20 46.18
CA LEU Y 12 50.56 -90.27 45.29
C LEU Y 12 51.35 -91.35 46.00
N ASP Y 13 52.02 -90.99 47.10
CA ASP Y 13 52.66 -91.99 47.96
C ASP Y 13 51.59 -92.85 48.65
N LYS Y 14 50.54 -92.21 49.17
CA LYS Y 14 49.39 -92.92 49.68
C LYS Y 14 48.70 -93.80 48.64
N TRP Y 15 48.48 -93.28 47.41
CA TRP Y 15 47.70 -93.94 46.31
C TRP Y 15 48.19 -95.33 45.93
N GLU Y 16 49.49 -95.50 45.81
CA GLU Y 16 50.03 -96.75 45.29
C GLU Y 16 50.22 -97.79 46.38
N LYS Y 17 49.75 -97.45 47.62
CA LYS Y 17 49.70 -98.37 48.76
C LYS Y 17 48.27 -98.84 49.13
N ILE Y 18 47.30 -98.53 48.28
CA ILE Y 18 45.89 -98.86 48.47
C ILE Y 18 45.54 -100.06 47.59
N ARG Y 19 45.00 -101.17 48.16
CA ARG Y 19 44.61 -102.34 47.37
C ARG Y 19 43.43 -102.12 46.42
N LEU Y 20 43.50 -102.75 45.22
CA LEU Y 20 42.41 -102.75 44.23
C LEU Y 20 41.10 -103.36 44.72
N ARG Y 21 41.18 -104.49 45.44
CA ARG Y 21 40.07 -105.22 46.00
C ARG Y 21 40.44 -105.54 47.43
N PRO Y 22 39.56 -105.89 48.38
CA PRO Y 22 39.92 -105.85 49.80
C PRO Y 22 40.94 -106.90 50.19
N GLY Y 23 40.91 -108.10 49.58
CA GLY Y 23 41.94 -109.12 49.74
C GLY Y 23 42.75 -109.26 48.48
N GLY Y 24 42.78 -108.20 47.64
CA GLY Y 24 43.59 -108.12 46.43
C GLY Y 24 45.08 -108.30 46.63
N LYS Y 25 45.77 -108.70 45.56
CA LYS Y 25 47.19 -109.00 45.58
C LYS Y 25 47.99 -107.90 44.89
N LYS Y 26 47.35 -106.75 44.63
CA LYS Y 26 47.93 -105.62 43.93
C LYS Y 26 47.36 -104.34 44.49
N GLN Y 27 48.16 -103.25 44.45
CA GLN Y 27 47.76 -101.92 44.80
C GLN Y 27 47.56 -101.06 43.55
N TYR Y 28 46.85 -99.91 43.68
CA TYR Y 28 46.63 -98.93 42.62
C TYR Y 28 47.87 -98.36 41.94
N LYS Y 29 47.72 -97.97 40.66
CA LYS Y 29 48.77 -97.31 39.89
C LYS Y 29 48.25 -96.05 39.22
N LEU Y 30 49.13 -95.19 38.69
CA LEU Y 30 48.73 -93.90 38.13
C LEU Y 30 47.96 -93.99 36.81
N LYS Y 31 48.09 -95.12 36.07
CA LYS Y 31 47.42 -95.37 34.80
C LYS Y 31 45.89 -95.30 34.87
N HIS Y 32 45.32 -95.62 36.08
CA HIS Y 32 43.86 -95.64 36.30
C HIS Y 32 43.28 -94.23 36.25
N ILE Y 33 44.04 -93.30 36.76
CA ILE Y 33 43.72 -91.88 36.76
C ILE Y 33 43.67 -91.29 35.35
N VAL Y 34 44.64 -91.69 34.50
CA VAL Y 34 44.69 -91.30 33.09
C VAL Y 34 43.49 -91.80 32.31
N TRP Y 35 43.12 -93.06 32.57
CA TRP Y 35 41.87 -93.63 32.10
C TRP Y 35 40.61 -92.89 32.58
N ALA Y 36 40.53 -92.56 33.87
CA ALA Y 36 39.35 -91.84 34.33
C ALA Y 36 39.18 -90.50 33.61
N SER Y 37 40.30 -89.80 33.34
CA SER Y 37 40.25 -88.52 32.62
C SER Y 37 39.71 -88.71 31.20
N ARG Y 38 40.17 -89.77 30.53
CA ARG Y 38 39.67 -90.09 29.19
C ARG Y 38 38.18 -90.37 29.14
N GLU Y 39 37.67 -91.09 30.14
CA GLU Y 39 36.25 -91.35 30.17
C GLU Y 39 35.52 -90.02 30.37
N LEU Y 40 36.04 -89.10 31.18
CA LEU Y 40 35.26 -87.89 31.30
C LEU Y 40 35.19 -87.16 29.95
N GLU Y 41 36.29 -87.12 29.18
CA GLU Y 41 36.21 -86.44 27.88
C GLU Y 41 35.27 -87.17 26.90
N ARG Y 42 35.32 -88.51 26.94
CA ARG Y 42 34.53 -89.40 26.12
C ARG Y 42 33.03 -89.22 26.30
N PHE Y 43 32.57 -89.02 27.56
CA PHE Y 43 31.18 -88.82 27.88
C PHE Y 43 30.78 -87.35 28.06
N ALA Y 44 31.62 -86.43 27.53
CA ALA Y 44 31.42 -84.97 27.49
C ALA Y 44 31.33 -84.25 28.85
N VAL Y 45 32.20 -84.65 29.78
CA VAL Y 45 32.39 -84.10 31.12
C VAL Y 45 33.77 -83.38 31.21
N ASN Y 46 33.80 -82.22 31.83
CA ASN Y 46 35.00 -81.38 31.89
C ASN Y 46 36.10 -81.98 32.80
N PRO Y 47 37.29 -82.39 32.30
CA PRO Y 47 38.34 -83.00 33.12
C PRO Y 47 39.01 -81.97 34.02
N GLY Y 48 38.69 -80.70 33.88
CA GLY Y 48 39.16 -79.68 34.81
C GLY Y 48 38.61 -79.92 36.21
N LEU Y 49 37.57 -80.74 36.32
CA LEU Y 49 36.93 -81.07 37.56
C LEU Y 49 37.79 -82.02 38.38
N LEU Y 50 38.81 -82.62 37.75
CA LEU Y 50 39.66 -83.53 38.49
C LEU Y 50 40.63 -82.76 39.38
N GLU Y 51 40.78 -81.44 39.14
CA GLU Y 51 41.65 -80.64 39.96
C GLU Y 51 41.25 -80.55 41.43
N THR Y 52 39.95 -80.35 41.73
CA THR Y 52 39.46 -80.10 43.08
C THR Y 52 38.48 -81.15 43.56
N SER Y 53 38.41 -81.35 44.90
CA SER Y 53 37.45 -82.24 45.55
C SER Y 53 36.00 -81.90 45.28
N GLU Y 54 35.63 -80.61 45.30
CA GLU Y 54 34.30 -80.13 44.92
C GLU Y 54 33.89 -80.46 43.49
N GLY Y 55 34.82 -80.34 42.50
CA GLY Y 55 34.58 -80.78 41.14
C GLY Y 55 34.37 -82.27 41.02
N CYS Y 56 35.21 -83.07 41.71
CA CYS Y 56 35.06 -84.50 41.84
C CYS Y 56 33.74 -84.93 42.49
N ARG Y 57 33.35 -84.24 43.57
CA ARG Y 57 32.07 -84.41 44.25
C ARG Y 57 30.86 -84.13 43.37
N GLN Y 58 30.94 -83.08 42.53
CA GLN Y 58 29.89 -82.84 41.54
C GLN Y 58 29.79 -83.97 40.52
N ILE Y 59 30.93 -84.55 40.11
CA ILE Y 59 30.91 -85.69 39.21
C ILE Y 59 30.27 -86.89 39.91
N LEU Y 60 30.63 -87.14 41.17
CA LEU Y 60 30.05 -88.26 41.90
C LEU Y 60 28.53 -88.06 42.06
N GLY Y 61 28.09 -86.81 42.31
CA GLY Y 61 26.68 -86.49 42.42
C GLY Y 61 25.88 -86.72 41.15
N GLN Y 62 26.49 -86.45 39.99
CA GLN Y 62 25.92 -86.81 38.71
C GLN Y 62 25.88 -88.32 38.44
N LEU Y 63 26.94 -89.03 38.83
CA LEU Y 63 27.02 -90.48 38.60
C LEU Y 63 26.12 -91.37 39.47
N GLN Y 64 25.83 -90.96 40.70
CA GLN Y 64 25.17 -91.83 41.67
C GLN Y 64 23.84 -92.51 41.35
N PRO Y 65 22.80 -91.95 40.73
CA PRO Y 65 21.50 -92.61 40.65
C PRO Y 65 21.48 -93.87 39.81
N SER Y 66 22.37 -93.95 38.80
CA SER Y 66 22.38 -95.05 37.84
C SER Y 66 23.25 -96.21 38.27
N LEU Y 67 23.96 -96.09 39.42
CA LEU Y 67 24.94 -97.08 39.85
C LEU Y 67 24.34 -98.35 40.43
N GLN Y 68 23.05 -98.32 40.81
CA GLN Y 68 22.30 -99.49 41.23
C GLN Y 68 22.22 -100.57 40.15
N THR Y 69 22.00 -100.15 38.88
CA THR Y 69 21.83 -101.00 37.72
C THR Y 69 22.99 -100.92 36.74
N GLY Y 70 23.99 -100.06 37.03
CA GLY Y 70 25.14 -99.76 36.16
C GLY Y 70 25.98 -100.92 35.67
N SER Y 71 26.64 -100.74 34.51
CA SER Y 71 27.63 -101.68 33.97
C SER Y 71 28.85 -101.85 34.86
N GLU Y 72 29.55 -103.00 34.81
CA GLU Y 72 30.71 -103.23 35.66
C GLU Y 72 31.88 -102.28 35.41
N GLU Y 73 32.11 -101.88 34.14
CA GLU Y 73 33.05 -100.82 33.80
C GLU Y 73 32.70 -99.46 34.44
N LEU Y 74 31.42 -99.04 34.39
CA LEU Y 74 30.93 -97.83 35.06
C LEU Y 74 31.10 -97.88 36.58
N ARG Y 75 30.75 -99.01 37.19
CA ARG Y 75 30.94 -99.26 38.61
C ARG Y 75 32.39 -99.20 39.04
N SER Y 76 33.29 -99.83 38.26
CA SER Y 76 34.74 -99.78 38.45
C SER Y 76 35.33 -98.38 38.31
N LEU Y 77 34.85 -97.59 37.34
CA LEU Y 77 35.18 -96.18 37.22
C LEU Y 77 34.78 -95.37 38.45
N TYR Y 78 33.54 -95.56 38.96
CA TYR Y 78 33.06 -94.95 40.19
C TYR Y 78 33.89 -95.33 41.43
N ASN Y 79 34.22 -96.64 41.58
CA ASN Y 79 35.08 -97.15 42.64
C ASN Y 79 36.45 -96.49 42.64
N THR Y 80 37.05 -96.33 41.44
CA THR Y 80 38.32 -95.62 41.25
C THR Y 80 38.25 -94.15 41.67
N ILE Y 81 37.18 -93.42 41.28
CA ILE Y 81 36.91 -92.05 41.68
C ILE Y 81 36.68 -91.91 43.20
N ALA Y 82 35.98 -92.86 43.82
CA ALA Y 82 35.76 -92.91 45.26
C ALA Y 82 37.05 -92.97 46.08
N VAL Y 83 38.05 -93.74 45.58
CA VAL Y 83 39.36 -93.79 46.22
C VAL Y 83 40.06 -92.43 46.06
N LEU Y 84 39.99 -91.82 44.87
CA LEU Y 84 40.53 -90.49 44.61
C LEU Y 84 39.95 -89.39 45.51
N TYR Y 85 38.62 -89.40 45.74
CA TYR Y 85 37.98 -88.49 46.70
C TYR Y 85 38.49 -88.71 48.13
N CYS Y 86 38.61 -89.98 48.58
CA CYS Y 86 39.19 -90.30 49.88
C CYS Y 86 40.63 -89.85 50.05
N VAL Y 87 41.44 -90.00 48.98
CA VAL Y 87 42.83 -89.51 48.93
C VAL Y 87 42.91 -87.98 49.00
N HIS Y 88 42.04 -87.29 48.27
CA HIS Y 88 41.98 -85.83 48.33
C HIS Y 88 41.34 -85.24 49.57
N GLN Y 89 40.61 -86.06 50.35
CA GLN Y 89 40.29 -85.74 51.73
C GLN Y 89 41.37 -86.16 52.73
N ARG Y 90 42.47 -86.75 52.24
CA ARG Y 90 43.59 -87.22 53.02
C ARG Y 90 43.20 -88.25 54.08
N ILE Y 91 42.35 -89.19 53.66
CA ILE Y 91 41.92 -90.28 54.52
C ILE Y 91 42.84 -91.46 54.27
N ASP Y 92 43.39 -92.01 55.34
CA ASP Y 92 44.33 -93.11 55.17
C ASP Y 92 43.60 -94.44 55.00
N VAL Y 93 43.02 -94.63 53.80
CA VAL Y 93 42.26 -95.83 53.46
C VAL Y 93 43.27 -96.89 53.04
N LYS Y 94 43.05 -98.17 53.35
CA LYS Y 94 44.03 -99.16 52.92
C LYS Y 94 43.60 -99.96 51.69
N ASP Y 95 42.33 -99.83 51.25
CA ASP Y 95 41.83 -100.51 50.08
C ASP Y 95 40.56 -99.84 49.57
N THR Y 96 40.09 -100.26 48.37
CA THR Y 96 38.85 -99.80 47.75
C THR Y 96 37.64 -99.98 48.63
N LYS Y 97 37.51 -101.13 49.33
CA LYS Y 97 36.38 -101.40 50.20
C LYS Y 97 36.29 -100.45 51.38
N GLU Y 98 37.42 -100.17 52.06
CA GLU Y 98 37.50 -99.14 53.07
C GLU Y 98 37.21 -97.73 52.56
N ALA Y 99 37.69 -97.39 51.35
CA ALA Y 99 37.32 -96.15 50.68
C ALA Y 99 35.82 -96.02 50.40
N LEU Y 100 35.16 -97.08 49.90
CA LEU Y 100 33.71 -97.14 49.76
C LEU Y 100 32.97 -97.01 51.09
N ASP Y 101 33.44 -97.70 52.15
CA ASP Y 101 32.94 -97.59 53.50
C ASP Y 101 33.07 -96.16 54.07
N LYS Y 102 34.21 -95.49 53.82
CA LYS Y 102 34.42 -94.07 54.06
C LYS Y 102 33.49 -93.13 53.31
N ILE Y 103 33.17 -93.46 52.01
CA ILE Y 103 32.13 -92.71 51.27
C ILE Y 103 30.79 -92.87 51.98
N GLU Y 104 30.43 -94.10 52.37
CA GLU Y 104 29.27 -94.30 53.23
C GLU Y 104 29.33 -93.54 54.57
N GLU Y 105 30.49 -93.51 55.26
CA GLU Y 105 30.70 -92.75 56.50
C GLU Y 105 30.45 -91.26 56.32
N GLU Y 106 31.03 -90.65 55.26
CA GLU Y 106 30.75 -89.27 54.86
C GLU Y 106 29.29 -89.03 54.50
N GLN Y 107 28.63 -89.99 53.81
CA GLN Y 107 27.19 -89.86 53.50
C GLN Y 107 26.30 -89.91 54.74
N ASN Y 108 26.56 -90.82 55.69
CA ASN Y 108 25.84 -90.84 56.96
C ASN Y 108 26.01 -89.55 57.76
N LYS Y 109 27.27 -89.11 57.89
CA LYS Y 109 27.70 -87.91 58.59
C LYS Y 109 27.12 -86.63 58.01
N SER Y 110 27.20 -86.50 56.67
CA SER Y 110 26.58 -85.42 55.91
C SER Y 110 25.07 -85.46 55.94
N LYS Y 111 24.43 -86.65 55.83
CA LYS Y 111 22.99 -86.80 55.86
C LYS Y 111 22.34 -86.32 57.15
N LYS Y 112 22.96 -86.54 58.31
CA LYS Y 112 22.54 -85.96 59.56
C LYS Y 112 22.53 -84.43 59.58
N LYS Y 113 23.56 -83.77 58.99
CA LYS Y 113 23.72 -82.33 59.03
C LYS Y 113 23.26 -81.55 57.81
N ALA Y 114 22.80 -82.22 56.73
CA ALA Y 114 22.32 -81.56 55.53
C ALA Y 114 20.80 -81.43 55.49
N GLN Y 115 20.13 -81.84 56.58
CA GLN Y 115 18.70 -81.68 56.78
C GLN Y 115 18.44 -80.90 58.09
N GLY Z 1 19.83 -124.31 31.11
CA GLY Z 1 19.16 -123.04 30.86
C GLY Z 1 18.59 -122.96 29.43
N ALA Z 2 19.43 -123.27 28.41
CA ALA Z 2 19.08 -123.22 26.98
C ALA Z 2 17.93 -124.14 26.61
N ARG Z 3 17.84 -125.30 27.26
CA ARG Z 3 16.78 -126.22 26.92
C ARG Z 3 15.44 -125.64 27.32
N ALA Z 4 15.40 -125.02 28.50
CA ALA Z 4 14.21 -124.39 29.04
C ALA Z 4 13.66 -123.26 28.16
N SER Z 5 14.59 -122.50 27.58
CA SER Z 5 14.29 -121.40 26.67
C SER Z 5 13.68 -121.87 25.35
N VAL Z 6 14.07 -123.08 24.92
CA VAL Z 6 13.57 -123.58 23.64
C VAL Z 6 12.53 -124.68 23.80
N LEU Z 7 12.01 -124.87 25.00
CA LEU Z 7 10.97 -125.89 25.15
C LEU Z 7 9.73 -125.42 24.47
N SER Z 8 8.92 -126.36 24.07
CA SER Z 8 7.58 -126.02 23.55
C SER Z 8 6.80 -125.30 24.67
N GLY Z 9 6.33 -124.09 24.36
CA GLY Z 9 5.73 -123.18 25.32
C GLY Z 9 6.73 -122.51 26.25
N GLY Z 10 8.04 -122.63 25.94
CA GLY Z 10 9.12 -121.94 26.61
C GLY Z 10 9.21 -120.48 26.24
N GLU Z 11 10.19 -119.74 26.79
CA GLU Z 11 10.32 -118.31 26.58
C GLU Z 11 10.52 -117.89 25.13
N LEU Z 12 11.34 -118.63 24.36
CA LEU Z 12 11.54 -118.22 22.96
C LEU Z 12 10.37 -118.63 22.09
N ASP Z 13 9.75 -119.75 22.40
CA ASP Z 13 8.54 -120.18 21.72
C ASP Z 13 7.39 -119.19 21.91
N LYS Z 14 7.13 -118.71 23.15
CA LYS Z 14 6.19 -117.63 23.39
C LYS Z 14 6.59 -116.30 22.74
N TRP Z 15 7.89 -115.92 22.81
CA TRP Z 15 8.46 -114.66 22.27
C TRP Z 15 8.21 -114.47 20.78
N GLU Z 16 8.36 -115.54 20.02
CA GLU Z 16 8.22 -115.53 18.56
C GLU Z 16 6.78 -115.50 18.07
N LYS Z 17 5.80 -115.44 18.99
CA LYS Z 17 4.40 -115.30 18.64
C LYS Z 17 3.93 -113.86 18.75
N ILE Z 18 4.75 -112.95 19.32
CA ILE Z 18 4.27 -111.65 19.78
C ILE Z 18 4.54 -110.57 18.74
N ARG Z 19 3.47 -109.91 18.24
CA ARG Z 19 3.58 -108.89 17.20
C ARG Z 19 4.23 -107.55 17.54
N LEU Z 20 5.15 -107.09 16.66
CA LEU Z 20 5.87 -105.82 16.78
C LEU Z 20 4.97 -104.59 16.76
N ARG Z 21 4.05 -104.54 15.78
CA ARG Z 21 3.09 -103.47 15.60
C ARG Z 21 1.84 -104.21 15.15
N PRO Z 22 0.62 -103.88 15.56
CA PRO Z 22 -0.51 -104.82 15.48
C PRO Z 22 -1.06 -104.99 14.07
N GLY Z 23 -0.76 -104.09 13.12
CA GLY Z 23 -1.21 -104.21 11.73
C GLY Z 23 -0.30 -105.06 10.89
N GLY Z 24 0.96 -105.26 11.33
CA GLY Z 24 1.93 -106.08 10.62
C GLY Z 24 1.93 -107.49 11.13
N LYS Z 25 2.25 -108.48 10.28
CA LYS Z 25 2.25 -109.87 10.70
C LYS Z 25 3.49 -110.30 11.49
N LYS Z 26 4.63 -109.62 11.29
CA LYS Z 26 5.89 -109.96 11.93
C LYS Z 26 5.98 -109.78 13.45
N GLN Z 27 6.78 -110.68 14.01
CA GLN Z 27 6.90 -111.00 15.44
C GLN Z 27 8.35 -110.82 15.92
N TYR Z 28 8.54 -110.68 17.24
CA TYR Z 28 9.87 -110.51 17.85
C TYR Z 28 10.80 -111.72 17.64
N LYS Z 29 12.09 -111.44 17.40
CA LYS Z 29 13.12 -112.46 17.16
C LYS Z 29 14.21 -112.43 18.24
N LEU Z 30 15.06 -113.46 18.29
CA LEU Z 30 16.13 -113.51 19.27
C LEU Z 30 17.14 -112.36 19.20
N LYS Z 31 17.51 -111.96 17.97
CA LYS Z 31 18.41 -110.84 17.68
C LYS Z 31 18.03 -109.49 18.31
N HIS Z 32 16.72 -109.26 18.58
CA HIS Z 32 16.25 -108.10 19.33
C HIS Z 32 16.80 -108.05 20.75
N ILE Z 33 16.86 -109.21 21.45
CA ILE Z 33 17.44 -109.34 22.79
C ILE Z 33 18.94 -109.08 22.79
N VAL Z 34 19.65 -109.61 21.77
CA VAL Z 34 21.07 -109.38 21.56
C VAL Z 34 21.40 -107.90 21.33
N TRP Z 35 20.57 -107.21 20.50
CA TRP Z 35 20.62 -105.77 20.34
C TRP Z 35 20.38 -105.00 21.64
N ALA Z 36 19.33 -105.39 22.41
CA ALA Z 36 18.96 -104.79 23.68
C ALA Z 36 20.07 -104.84 24.72
N SER Z 37 20.85 -105.95 24.75
CA SER Z 37 22.04 -106.09 25.58
C SER Z 37 23.07 -104.99 25.34
N ARG Z 38 23.32 -104.63 24.07
CA ARG Z 38 24.28 -103.59 23.72
C ARG Z 38 23.71 -102.19 23.86
N GLU Z 39 22.41 -102.00 23.62
CA GLU Z 39 21.70 -100.75 23.91
C GLU Z 39 21.72 -100.38 25.39
N LEU Z 40 21.60 -101.40 26.27
CA LEU Z 40 21.77 -101.15 27.70
C LEU Z 40 23.20 -100.71 28.03
N GLU Z 41 24.21 -101.33 27.43
CA GLU Z 41 25.58 -100.86 27.55
C GLU Z 41 25.83 -99.45 27.00
N ARG Z 42 25.17 -99.03 25.90
CA ARG Z 42 25.13 -97.64 25.44
C ARG Z 42 24.59 -96.66 26.49
N PHE Z 43 23.61 -97.11 27.28
CA PHE Z 43 22.98 -96.36 28.36
C PHE Z 43 23.70 -96.59 29.70
N ALA Z 44 24.78 -97.40 29.66
CA ALA Z 44 25.61 -97.89 30.77
C ALA Z 44 24.83 -98.65 31.86
N VAL Z 45 23.90 -99.49 31.43
CA VAL Z 45 23.05 -100.35 32.26
C VAL Z 45 23.47 -101.80 32.03
N ASN Z 46 23.59 -102.56 33.11
CA ASN Z 46 24.05 -103.93 33.08
C ASN Z 46 23.08 -104.92 32.39
N PRO Z 47 23.43 -105.56 31.26
CA PRO Z 47 22.62 -106.50 30.49
C PRO Z 47 22.17 -107.76 31.23
N GLY Z 48 22.86 -108.10 32.33
CA GLY Z 48 22.55 -109.30 33.11
C GLY Z 48 21.21 -109.17 33.81
N LEU Z 49 20.74 -107.94 33.88
CA LEU Z 49 19.44 -107.64 34.50
C LEU Z 49 18.26 -108.25 33.74
N LEU Z 50 18.43 -108.44 32.45
CA LEU Z 50 17.40 -109.02 31.58
C LEU Z 50 17.10 -110.50 31.83
N GLU Z 51 17.94 -111.14 32.66
CA GLU Z 51 17.66 -112.50 33.08
C GLU Z 51 16.40 -112.61 33.94
N THR Z 52 15.96 -111.50 34.59
CA THR Z 52 14.76 -111.60 35.42
C THR Z 52 13.74 -110.52 35.09
N SER Z 53 12.50 -110.73 35.57
CA SER Z 53 11.46 -109.73 35.40
C SER Z 53 11.70 -108.50 36.25
N GLU Z 54 12.38 -108.67 37.39
CA GLU Z 54 12.64 -107.53 38.26
C GLU Z 54 13.66 -106.61 37.62
N GLY Z 55 14.66 -107.21 36.95
CA GLY Z 55 15.66 -106.42 36.27
C GLY Z 55 15.00 -105.64 35.14
N CYS Z 56 14.14 -106.31 34.37
CA CYS Z 56 13.45 -105.67 33.25
C CYS Z 56 12.57 -104.53 33.77
N ARG Z 57 11.87 -104.75 34.87
CA ARG Z 57 11.00 -103.74 35.47
C ARG Z 57 11.69 -102.45 35.91
N GLN Z 58 12.85 -102.55 36.59
CA GLN Z 58 13.67 -101.39 36.89
C GLN Z 58 14.22 -100.65 35.68
N ILE Z 59 14.58 -101.40 34.61
CA ILE Z 59 14.97 -100.83 33.32
C ILE Z 59 13.82 -100.05 32.68
N LEU Z 60 12.63 -100.63 32.67
CA LEU Z 60 11.40 -99.98 32.22
C LEU Z 60 11.05 -98.74 33.02
N GLY Z 61 11.30 -98.76 34.35
CA GLY Z 61 11.24 -97.60 35.22
C GLY Z 61 12.13 -96.45 34.82
N GLN Z 62 13.42 -96.71 34.50
CA GLN Z 62 14.33 -95.72 33.95
C GLN Z 62 13.95 -95.21 32.54
N LEU Z 63 13.56 -96.13 31.64
CA LEU Z 63 13.16 -95.81 30.27
C LEU Z 63 11.92 -94.94 30.13
N GLN Z 64 10.85 -95.19 30.92
CA GLN Z 64 9.59 -94.45 30.80
C GLN Z 64 9.65 -92.92 30.93
N PRO Z 65 10.32 -92.25 31.87
CA PRO Z 65 10.40 -90.80 31.86
C PRO Z 65 11.38 -90.27 30.82
N SER Z 66 12.11 -91.15 30.11
CA SER Z 66 13.03 -90.76 29.05
C SER Z 66 12.41 -90.99 27.68
N LEU Z 67 11.26 -91.69 27.65
CA LEU Z 67 10.57 -92.19 26.49
C LEU Z 67 10.11 -91.10 25.53
N GLN Z 68 9.62 -89.99 26.10
CA GLN Z 68 9.08 -88.82 25.42
C GLN Z 68 10.07 -88.14 24.48
N THR Z 69 11.32 -87.95 24.94
CA THR Z 69 12.37 -87.29 24.18
C THR Z 69 13.04 -88.18 23.16
N GLY Z 70 12.92 -89.51 23.32
CA GLY Z 70 13.59 -90.52 22.52
C GLY Z 70 13.27 -90.58 21.05
N SER Z 71 14.01 -91.44 20.33
CA SER Z 71 13.71 -91.87 18.98
C SER Z 71 12.77 -93.08 18.97
N GLU Z 72 12.31 -93.48 17.76
CA GLU Z 72 11.59 -94.73 17.53
C GLU Z 72 12.36 -95.97 17.95
N GLU Z 73 13.70 -95.98 17.80
CA GLU Z 73 14.55 -97.03 18.33
C GLU Z 73 14.47 -97.15 19.85
N LEU Z 74 14.51 -96.01 20.58
CA LEU Z 74 14.33 -95.96 22.03
C LEU Z 74 12.96 -96.44 22.47
N ARG Z 75 11.89 -96.02 21.77
CA ARG Z 75 10.55 -96.56 21.94
C ARG Z 75 10.43 -98.06 21.63
N SER Z 76 11.06 -98.54 20.55
CA SER Z 76 11.17 -99.95 20.20
C SER Z 76 11.92 -100.78 21.22
N LEU Z 77 13.01 -100.26 21.81
CA LEU Z 77 13.70 -100.85 22.95
C LEU Z 77 12.83 -100.98 24.19
N TYR Z 78 12.05 -99.93 24.53
CA TYR Z 78 11.07 -99.96 25.61
C TYR Z 78 9.99 -101.02 25.38
N ASN Z 79 9.46 -101.08 24.16
CA ASN Z 79 8.50 -102.10 23.79
C ASN Z 79 9.10 -103.52 23.86
N THR Z 80 10.35 -103.70 23.43
CA THR Z 80 11.06 -104.98 23.48
C THR Z 80 11.20 -105.46 24.92
N ILE Z 81 11.62 -104.56 25.81
CA ILE Z 81 11.81 -104.92 27.20
C ILE Z 81 10.46 -105.17 27.87
N ALA Z 82 9.43 -104.36 27.56
CA ALA Z 82 8.08 -104.57 28.09
C ALA Z 82 7.57 -105.96 27.71
N VAL Z 83 7.86 -106.40 26.49
CA VAL Z 83 7.45 -107.73 26.11
C VAL Z 83 8.33 -108.75 26.86
N LEU Z 84 9.65 -108.51 27.01
CA LEU Z 84 10.48 -109.48 27.77
C LEU Z 84 9.96 -109.59 29.18
N TYR Z 85 9.57 -108.47 29.79
CA TYR Z 85 8.94 -108.51 31.09
C TYR Z 85 7.67 -109.35 31.13
N CYS Z 86 6.77 -109.18 30.12
CA CYS Z 86 5.56 -109.99 30.00
C CYS Z 86 5.84 -111.48 29.84
N VAL Z 87 6.85 -111.82 29.03
CA VAL Z 87 7.28 -113.21 28.87
C VAL Z 87 7.86 -113.74 30.18
N HIS Z 88 8.69 -112.98 30.89
CA HIS Z 88 9.22 -113.46 32.17
C HIS Z 88 8.13 -113.73 33.21
N GLN Z 89 7.10 -112.90 33.21
CA GLN Z 89 5.98 -113.01 34.14
C GLN Z 89 4.91 -113.99 33.63
N ARG Z 90 5.17 -114.58 32.45
CA ARG Z 90 4.30 -115.51 31.73
C ARG Z 90 2.91 -114.96 31.43
N ILE Z 91 2.86 -113.69 31.02
CA ILE Z 91 1.63 -113.02 30.65
C ILE Z 91 1.43 -113.27 29.17
N ASP Z 92 0.25 -113.74 28.81
CA ASP Z 92 0.04 -114.24 27.48
C ASP Z 92 -0.37 -113.15 26.50
N VAL Z 93 0.51 -112.18 26.32
CA VAL Z 93 0.35 -111.11 25.34
C VAL Z 93 0.48 -111.59 23.89
N LYS Z 94 -0.37 -111.07 23.01
CA LYS Z 94 -0.27 -111.43 21.60
C LYS Z 94 0.46 -110.37 20.80
N ASP Z 95 0.47 -109.15 21.30
CA ASP Z 95 1.14 -108.08 20.61
C ASP Z 95 1.70 -107.05 21.56
N THR Z 96 2.39 -106.09 20.97
CA THR Z 96 3.06 -105.04 21.74
C THR Z 96 2.10 -104.09 22.44
N LYS Z 97 1.00 -103.74 21.76
CA LYS Z 97 0.03 -102.87 22.39
C LYS Z 97 -0.52 -103.55 23.63
N GLU Z 98 -0.81 -104.86 23.54
CA GLU Z 98 -1.28 -105.54 24.71
C GLU Z 98 -0.21 -105.52 25.78
N ALA Z 99 1.06 -105.75 25.42
CA ALA Z 99 2.11 -105.73 26.45
C ALA Z 99 2.16 -104.35 27.12
N LEU Z 100 1.99 -103.27 26.35
CA LEU Z 100 1.99 -101.92 26.90
C LEU Z 100 0.80 -101.62 27.81
N ASP Z 101 -0.38 -102.15 27.42
CA ASP Z 101 -1.55 -102.11 28.28
C ASP Z 101 -1.34 -102.94 29.53
N LYS Z 102 -0.63 -104.08 29.44
CA LYS Z 102 -0.41 -104.91 30.62
C LYS Z 102 0.54 -104.22 31.57
N ILE Z 103 1.54 -103.50 31.04
CA ILE Z 103 2.44 -102.79 31.93
C ILE Z 103 1.64 -101.70 32.64
N GLU Z 104 0.80 -100.97 31.90
CA GLU Z 104 0.04 -99.88 32.54
C GLU Z 104 -1.03 -100.38 33.51
N GLU Z 105 -1.67 -101.49 33.18
CA GLU Z 105 -2.59 -102.21 34.05
C GLU Z 105 -1.94 -102.61 35.37
N GLU Z 106 -0.68 -103.14 35.32
CA GLU Z 106 0.05 -103.36 36.58
C GLU Z 106 0.40 -102.06 37.29
N GLN Z 107 0.79 -101.02 36.55
CA GLN Z 107 1.06 -99.73 37.22
C GLN Z 107 -0.16 -99.11 37.88
N ASN Z 108 -1.32 -99.14 37.22
CA ASN Z 108 -2.55 -98.65 37.81
C ASN Z 108 -2.97 -99.38 39.08
N LYS Z 109 -2.93 -100.73 39.11
CA LYS Z 109 -3.22 -101.46 40.34
C LYS Z 109 -2.17 -101.23 41.43
N SER Z 110 -0.86 -101.20 41.06
CA SER Z 110 0.25 -100.95 41.98
C SER Z 110 0.18 -99.60 42.66
N LYS Z 111 -0.22 -98.55 41.89
CA LYS Z 111 -0.40 -97.17 42.41
C LYS Z 111 -1.48 -97.02 43.49
N LYS Z 112 -2.40 -97.98 43.58
CA LYS Z 112 -3.44 -97.93 44.60
C LYS Z 112 -2.95 -98.56 45.91
N LYS Z 113 -1.71 -99.10 45.94
CA LYS Z 113 -1.12 -99.70 47.12
C LYS Z 113 0.16 -98.96 47.52
N ALA Z 114 0.33 -97.70 47.09
CA ALA Z 114 1.53 -96.91 47.27
C ALA Z 114 1.49 -95.98 48.48
N GLN Z 115 0.58 -96.23 49.44
CA GLN Z 115 0.36 -95.43 50.61
C GLN Z 115 0.64 -96.24 51.91
N GLY AA 1 8.29 -76.89 2.43
CA GLY AA 1 8.36 -76.83 3.90
C GLY AA 1 9.76 -76.90 4.45
N ALA AA 2 10.69 -77.49 3.64
CA ALA AA 2 12.10 -77.78 3.93
C ALA AA 2 12.93 -76.51 3.80
N ARG AA 3 12.25 -75.44 3.40
CA ARG AA 3 12.84 -74.13 3.29
C ARG AA 3 12.15 -73.14 4.26
N ALA AA 4 11.26 -73.61 5.13
CA ALA AA 4 10.39 -72.73 5.91
C ALA AA 4 11.13 -71.75 6.84
N SER AA 5 12.27 -72.14 7.40
CA SER AA 5 13.00 -71.29 8.35
C SER AA 5 14.24 -70.61 7.74
N VAL AA 6 14.41 -70.77 6.44
CA VAL AA 6 15.55 -70.23 5.72
C VAL AA 6 15.10 -69.25 4.65
N LEU AA 7 14.00 -68.58 4.94
CA LEU AA 7 13.46 -67.57 4.06
C LEU AA 7 14.44 -66.41 4.13
N SER AA 8 14.69 -65.75 3.02
CA SER AA 8 15.62 -64.63 3.02
C SER AA 8 15.20 -63.47 3.93
N GLY AA 9 16.13 -63.04 4.78
CA GLY AA 9 15.80 -62.09 5.83
C GLY AA 9 15.08 -62.73 7.05
N GLY AA 10 14.97 -64.07 7.06
CA GLY AA 10 14.25 -64.82 8.10
C GLY AA 10 15.08 -65.31 9.29
N GLU AA 11 14.57 -66.33 9.97
CA GLU AA 11 15.17 -66.82 11.21
C GLU AA 11 16.61 -67.28 11.11
N LEU AA 12 16.93 -68.04 10.07
CA LEU AA 12 18.30 -68.47 10.00
C LEU AA 12 19.17 -67.53 9.19
N ASP AA 13 18.59 -66.41 8.76
CA ASP AA 13 19.34 -65.38 8.08
C ASP AA 13 20.06 -64.68 9.22
N LYS AA 14 19.27 -64.43 10.29
CA LYS AA 14 19.73 -63.79 11.52
C LYS AA 14 20.73 -64.65 12.27
N TRP AA 15 20.54 -65.96 12.25
CA TRP AA 15 21.44 -66.88 12.95
C TRP AA 15 22.91 -66.57 12.66
N GLU AA 16 23.26 -66.37 11.39
CA GLU AA 16 24.67 -66.18 11.05
C GLU AA 16 25.15 -64.75 11.25
N LYS AA 17 24.29 -63.88 11.75
CA LYS AA 17 24.64 -62.50 12.05
C LYS AA 17 24.83 -62.32 13.56
N ILE AA 18 24.69 -63.41 14.34
CA ILE AA 18 24.86 -63.34 15.80
C ILE AA 18 26.24 -63.88 16.17
N ARG AA 19 26.96 -63.11 16.98
CA ARG AA 19 28.27 -63.45 17.51
C ARG AA 19 28.24 -64.46 18.64
N LEU AA 20 29.24 -65.35 18.70
CA LEU AA 20 29.33 -66.42 19.70
C LEU AA 20 29.42 -65.93 21.15
N ARG AA 21 30.17 -64.85 21.40
CA ARG AA 21 30.44 -64.32 22.71
C ARG AA 21 30.53 -62.80 22.57
N PRO AA 22 30.36 -61.92 23.57
CA PRO AA 22 29.91 -60.55 23.34
C PRO AA 22 30.92 -59.65 22.65
N GLY AA 23 32.22 -59.83 22.94
CA GLY AA 23 33.32 -59.15 22.25
C GLY AA 23 33.96 -60.05 21.22
N GLY AA 24 33.45 -61.29 21.09
CA GLY AA 24 33.97 -62.31 20.19
C GLY AA 24 33.63 -62.06 18.75
N LYS AA 25 34.65 -61.96 17.89
CA LYS AA 25 34.53 -61.68 16.47
C LYS AA 25 33.69 -62.68 15.67
N LYS AA 26 33.91 -63.98 15.94
CA LYS AA 26 33.29 -65.12 15.29
C LYS AA 26 31.76 -65.21 15.40
N GLN AA 27 31.09 -65.60 14.31
CA GLN AA 27 29.66 -65.75 14.24
C GLN AA 27 29.22 -67.18 14.51
N TYR AA 28 27.92 -67.32 14.82
CA TYR AA 28 27.19 -68.59 14.66
C TYR AA 28 27.09 -68.96 13.18
N LYS AA 29 27.14 -70.26 12.89
CA LYS AA 29 27.17 -70.78 11.51
C LYS AA 29 26.08 -71.85 11.32
N LEU AA 30 25.57 -72.07 10.09
CA LEU AA 30 24.59 -73.16 9.89
C LEU AA 30 25.22 -74.55 10.14
N LYS AA 31 26.53 -74.61 10.01
CA LYS AA 31 27.30 -75.83 10.25
C LYS AA 31 27.12 -76.26 11.70
N HIS AA 32 26.98 -75.27 12.59
CA HIS AA 32 26.79 -75.54 14.01
C HIS AA 32 25.48 -76.28 14.31
N ILE AA 33 24.36 -75.92 13.64
CA ILE AA 33 23.08 -76.61 13.76
C ILE AA 33 23.15 -78.06 13.29
N VAL AA 34 23.86 -78.33 12.18
CA VAL AA 34 24.10 -79.69 11.68
C VAL AA 34 24.87 -80.54 12.67
N TRP AA 35 25.92 -79.97 13.28
CA TRP AA 35 26.61 -80.59 14.43
C TRP AA 35 25.74 -80.84 15.65
N ALA AA 36 24.98 -79.83 16.05
CA ALA AA 36 24.09 -79.90 17.20
C ALA AA 36 23.01 -80.95 17.06
N SER AA 37 22.41 -81.07 15.86
CA SER AA 37 21.44 -82.10 15.51
C SER AA 37 22.02 -83.49 15.63
N ARG AA 38 23.25 -83.70 15.13
CA ARG AA 38 23.99 -84.94 15.28
C ARG AA 38 24.37 -85.31 16.70
N GLU AA 39 24.73 -84.31 17.56
CA GLU AA 39 24.99 -84.55 19.01
C GLU AA 39 23.71 -84.98 19.74
N LEU AA 40 22.62 -84.33 19.43
CA LEU AA 40 21.33 -84.74 19.93
C LEU AA 40 20.93 -86.16 19.50
N GLU AA 41 21.18 -86.52 18.22
CA GLU AA 41 21.02 -87.86 17.70
C GLU AA 41 21.94 -88.91 18.38
N ARG AA 42 23.20 -88.55 18.71
CA ARG AA 42 24.08 -89.34 19.57
C ARG AA 42 23.53 -89.60 20.97
N PHE AA 43 22.82 -88.62 21.54
CA PHE AA 43 22.23 -88.73 22.86
C PHE AA 43 20.80 -89.31 22.80
N ALA AA 44 20.40 -89.75 21.59
CA ALA AA 44 19.12 -90.37 21.24
C ALA AA 44 17.90 -89.46 21.46
N VAL AA 45 18.07 -88.16 21.24
CA VAL AA 45 17.02 -87.17 21.35
C VAL AA 45 16.46 -86.83 19.98
N ASN AA 46 15.11 -86.82 19.85
CA ASN AA 46 14.35 -86.50 18.65
C ASN AA 46 14.73 -85.16 17.97
N PRO AA 47 15.30 -85.10 16.75
CA PRO AA 47 15.71 -83.83 16.15
C PRO AA 47 14.55 -83.02 15.60
N GLY AA 48 13.30 -83.53 15.66
CA GLY AA 48 12.10 -82.81 15.21
C GLY AA 48 11.74 -81.65 16.10
N LEU AA 49 12.26 -81.65 17.34
CA LEU AA 49 11.97 -80.68 18.36
C LEU AA 49 12.58 -79.31 18.10
N LEU AA 50 13.57 -79.20 17.21
CA LEU AA 50 14.26 -77.96 16.84
C LEU AA 50 13.37 -76.86 16.27
N GLU AA 51 12.35 -77.24 15.53
CA GLU AA 51 11.44 -76.29 14.91
C GLU AA 51 10.21 -76.03 15.80
N THR AA 52 10.29 -76.48 17.05
CA THR AA 52 9.22 -76.35 18.04
C THR AA 52 9.73 -75.50 19.19
N SER AA 53 8.94 -74.49 19.63
CA SER AA 53 9.27 -73.67 20.80
C SER AA 53 9.34 -74.49 22.08
N GLU AA 54 8.29 -75.30 22.34
CA GLU AA 54 8.18 -76.13 23.52
C GLU AA 54 9.23 -77.22 23.64
N GLY AA 55 9.57 -77.91 22.53
CA GLY AA 55 10.60 -78.95 22.53
C GLY AA 55 11.98 -78.41 22.78
N CYS AA 56 12.29 -77.19 22.23
CA CYS AA 56 13.55 -76.49 22.55
C CYS AA 56 13.64 -76.14 24.03
N ARG AA 57 12.56 -75.61 24.60
CA ARG AA 57 12.48 -75.30 26.01
C ARG AA 57 12.68 -76.54 26.90
N GLN AA 58 12.03 -77.67 26.54
CA GLN AA 58 12.21 -78.95 27.19
C GLN AA 58 13.63 -79.50 27.10
N ILE AA 59 14.29 -79.35 25.92
CA ILE AA 59 15.69 -79.74 25.78
C ILE AA 59 16.57 -78.91 26.68
N LEU AA 60 16.36 -77.60 26.74
CA LEU AA 60 17.18 -76.76 27.59
C LEU AA 60 16.94 -77.19 29.06
N GLY AA 61 15.70 -77.50 29.44
CA GLY AA 61 15.40 -77.95 30.81
C GLY AA 61 16.12 -79.26 31.13
N GLN AA 62 16.05 -80.21 30.20
CA GLN AA 62 16.76 -81.48 30.28
C GLN AA 62 18.28 -81.40 30.36
N LEU AA 63 18.86 -80.55 29.51
CA LEU AA 63 20.28 -80.34 29.37
C LEU AA 63 20.93 -79.58 30.52
N GLN AA 64 20.26 -78.57 31.11
CA GLN AA 64 20.88 -77.81 32.19
C GLN AA 64 21.56 -78.65 33.30
N PRO AA 65 20.94 -79.72 33.88
CA PRO AA 65 21.55 -80.59 34.89
C PRO AA 65 22.84 -81.28 34.44
N SER AA 66 23.08 -81.39 33.13
CA SER AA 66 24.28 -82.05 32.61
C SER AA 66 25.38 -81.04 32.35
N LEU AA 67 25.08 -79.76 32.56
CA LEU AA 67 26.08 -78.75 32.27
C LEU AA 67 26.91 -78.45 33.47
N GLN AA 68 26.48 -78.82 34.69
CA GLN AA 68 27.27 -78.47 35.86
C GLN AA 68 28.68 -79.03 35.82
N THR AA 69 28.82 -80.21 35.25
CA THR AA 69 30.08 -80.89 35.13
C THR AA 69 30.53 -80.97 33.67
N GLY AA 70 29.79 -80.33 32.79
CA GLY AA 70 29.95 -80.47 31.34
C GLY AA 70 31.17 -79.83 30.73
N SER AA 71 31.60 -80.38 29.60
CA SER AA 71 32.73 -79.89 28.80
C SER AA 71 32.40 -78.59 28.05
N GLU AA 72 33.42 -77.94 27.47
CA GLU AA 72 33.22 -76.69 26.71
C GLU AA 72 32.35 -76.96 25.50
N GLU AA 73 32.54 -78.11 24.86
CA GLU AA 73 31.69 -78.50 23.76
C GLU AA 73 30.23 -78.67 24.17
N LEU AA 74 29.98 -79.32 25.32
CA LEU AA 74 28.61 -79.51 25.76
C LEU AA 74 27.96 -78.17 26.11
N ARG AA 75 28.73 -77.26 26.71
CA ARG AA 75 28.22 -75.94 27.03
C ARG AA 75 27.84 -75.22 25.73
N SER AA 76 28.65 -75.39 24.68
CA SER AA 76 28.36 -74.80 23.37
C SER AA 76 27.05 -75.38 22.84
N LEU AA 77 26.83 -76.70 22.98
CA LEU AA 77 25.58 -77.28 22.47
C LEU AA 77 24.39 -76.60 23.14
N TYR AA 78 24.45 -76.41 24.46
CA TYR AA 78 23.37 -75.73 25.17
C TYR AA 78 23.19 -74.31 24.68
N ASN AA 79 24.29 -73.56 24.56
CA ASN AA 79 24.24 -72.17 24.17
C ASN AA 79 23.72 -72.01 22.74
N THR AA 80 24.05 -72.98 21.89
CA THR AA 80 23.62 -73.00 20.50
C THR AA 80 22.10 -73.11 20.49
N ILE AA 81 21.58 -74.02 21.31
CA ILE AA 81 20.15 -74.23 21.41
C ILE AA 81 19.49 -73.00 22.05
N ALA AA 82 20.10 -72.41 23.10
CA ALA AA 82 19.54 -71.24 23.75
C ALA AA 82 19.37 -70.08 22.78
N VAL AA 83 20.35 -69.89 21.89
CA VAL AA 83 20.24 -68.85 20.90
C VAL AA 83 19.19 -69.26 19.87
N LEU AA 84 19.13 -70.54 19.45
CA LEU AA 84 18.12 -70.96 18.48
C LEU AA 84 16.72 -70.74 19.04
N TYR AA 85 16.52 -70.99 20.33
CA TYR AA 85 15.24 -70.78 20.99
C TYR AA 85 14.84 -69.32 20.77
N CYS AA 86 15.78 -68.40 21.05
CA CYS AA 86 15.54 -66.99 20.85
C CYS AA 86 15.27 -66.66 19.37
N VAL AA 87 15.98 -67.33 18.45
CA VAL AA 87 15.78 -67.13 17.01
C VAL AA 87 14.37 -67.56 16.60
N HIS AA 88 13.88 -68.67 17.14
CA HIS AA 88 12.55 -69.20 16.85
C HIS AA 88 11.45 -68.26 17.33
N GLN AA 89 11.77 -67.45 18.34
CA GLN AA 89 10.84 -66.43 18.81
C GLN AA 89 11.08 -65.10 18.12
N ARG AA 90 11.98 -65.08 17.12
CA ARG AA 90 12.35 -63.90 16.34
C ARG AA 90 12.87 -62.74 17.20
N ILE AA 91 13.69 -63.06 18.19
CA ILE AA 91 14.29 -62.08 19.08
C ILE AA 91 15.57 -61.49 18.51
N ASP AA 92 15.71 -60.16 18.56
CA ASP AA 92 16.91 -59.54 18.04
C ASP AA 92 18.01 -59.61 19.09
N VAL AA 93 18.61 -60.80 19.17
CA VAL AA 93 19.62 -61.19 20.14
C VAL AA 93 20.97 -60.53 19.84
N LYS AA 94 21.59 -59.87 20.86
CA LYS AA 94 22.88 -59.27 20.57
C LYS AA 94 24.04 -60.25 20.66
N ASP AA 95 23.96 -61.15 21.61
CA ASP AA 95 24.97 -62.15 21.90
C ASP AA 95 24.27 -63.36 22.55
N THR AA 96 25.09 -64.32 22.97
CA THR AA 96 24.70 -65.54 23.70
C THR AA 96 24.19 -65.30 25.12
N LYS AA 97 24.75 -64.31 25.82
CA LYS AA 97 24.43 -64.05 27.20
C LYS AA 97 22.98 -63.66 27.31
N GLU AA 98 22.53 -62.87 26.36
CA GLU AA 98 21.16 -62.41 26.37
C GLU AA 98 20.14 -63.53 26.33
N ALA AA 99 20.40 -64.57 25.52
CA ALA AA 99 19.65 -65.81 25.51
C ALA AA 99 19.67 -66.56 26.84
N LEU AA 100 20.86 -66.69 27.49
CA LEU AA 100 21.01 -67.30 28.79
C LEU AA 100 20.28 -66.57 29.92
N ASP AA 101 20.31 -65.23 29.89
CA ASP AA 101 19.59 -64.38 30.85
C ASP AA 101 18.09 -64.46 30.63
N LYS AA 102 17.66 -64.49 29.37
CA LYS AA 102 16.27 -64.76 29.03
C LYS AA 102 15.73 -66.09 29.51
N ILE AA 103 16.51 -67.18 29.37
CA ILE AA 103 16.17 -68.47 29.96
C ILE AA 103 16.05 -68.41 31.48
N GLU AA 104 16.99 -67.75 32.17
CA GLU AA 104 16.88 -67.49 33.61
C GLU AA 104 15.68 -66.64 34.00
N GLU AA 105 15.31 -65.60 33.24
CA GLU AA 105 14.09 -64.89 33.64
C GLU AA 105 12.80 -65.70 33.52
N GLU AA 106 12.55 -66.36 32.41
CA GLU AA 106 11.36 -67.17 32.24
C GLU AA 106 11.29 -68.32 33.25
N GLN AA 107 12.45 -68.93 33.60
CA GLN AA 107 12.52 -70.04 34.54
C GLN AA 107 12.65 -69.61 36.00
N ASN AA 108 12.51 -68.30 36.31
CA ASN AA 108 12.24 -67.81 37.65
C ASN AA 108 10.82 -67.26 37.70
N LYS AA 109 10.43 -66.49 36.67
CA LYS AA 109 9.13 -65.88 36.47
C LYS AA 109 7.96 -66.84 36.40
N SER AA 110 8.09 -67.95 35.64
CA SER AA 110 7.08 -69.02 35.62
C SER AA 110 7.16 -69.93 36.82
N LYS AA 111 8.35 -70.02 37.46
CA LYS AA 111 8.63 -70.89 38.59
C LYS AA 111 7.97 -70.40 39.88
N LYS AA 112 7.66 -69.09 39.97
CA LYS AA 112 6.90 -68.53 41.06
C LYS AA 112 5.41 -68.87 40.94
N LYS AA 113 4.93 -69.19 39.73
CA LYS AA 113 3.48 -69.21 39.50
C LYS AA 113 2.94 -70.55 39.94
N ALA AA 114 3.86 -71.44 40.23
CA ALA AA 114 3.62 -72.78 40.72
C ALA AA 114 3.52 -72.88 42.27
N GLN AA 115 3.67 -71.74 43.00
CA GLN AA 115 3.71 -71.67 44.47
C GLN AA 115 3.09 -70.36 44.95
N GLY BA 1 -117.21 -58.41 -68.65
CA GLY BA 1 -117.85 -58.06 -69.91
C GLY BA 1 -117.64 -56.61 -70.23
N ALA BA 2 -116.73 -56.29 -71.18
CA ALA BA 2 -116.31 -54.93 -71.44
C ALA BA 2 -117.35 -54.11 -72.22
N ARG BA 3 -118.34 -54.78 -72.82
CA ARG BA 3 -119.33 -54.22 -73.72
C ARG BA 3 -120.31 -53.23 -73.10
N ALA BA 4 -120.43 -53.20 -71.75
CA ALA BA 4 -121.25 -52.23 -71.05
C ALA BA 4 -120.64 -50.83 -71.00
N SER BA 5 -119.30 -50.72 -71.18
CA SER BA 5 -118.59 -49.45 -71.00
C SER BA 5 -118.84 -48.42 -72.09
N VAL BA 6 -119.25 -48.86 -73.29
CA VAL BA 6 -119.42 -48.03 -74.47
C VAL BA 6 -120.87 -47.58 -74.67
N LEU BA 7 -121.78 -47.93 -73.74
CA LEU BA 7 -123.14 -47.44 -73.71
C LEU BA 7 -123.22 -45.94 -73.41
N SER BA 8 -124.21 -45.22 -73.98
CA SER BA 8 -124.38 -43.80 -73.66
C SER BA 8 -124.87 -43.62 -72.23
N GLY BA 9 -124.29 -42.64 -71.50
CA GLY BA 9 -124.45 -42.51 -70.06
C GLY BA 9 -123.48 -43.36 -69.27
N GLY BA 10 -122.83 -44.34 -69.94
CA GLY BA 10 -121.67 -45.08 -69.49
C GLY BA 10 -120.46 -44.20 -69.27
N GLU BA 11 -119.45 -44.71 -68.54
CA GLU BA 11 -118.32 -43.90 -68.07
C GLU BA 11 -117.49 -43.28 -69.21
N LEU BA 12 -117.26 -44.02 -70.29
CA LEU BA 12 -116.60 -43.49 -71.47
C LEU BA 12 -117.35 -42.32 -72.12
N ASP BA 13 -118.69 -42.44 -72.26
CA ASP BA 13 -119.53 -41.36 -72.76
C ASP BA 13 -119.52 -40.13 -71.86
N LYS BA 14 -119.51 -40.32 -70.54
CA LYS BA 14 -119.36 -39.16 -69.63
C LYS BA 14 -117.96 -38.53 -69.66
N TRP BA 15 -116.93 -39.37 -69.71
CA TRP BA 15 -115.53 -38.95 -69.65
C TRP BA 15 -115.20 -37.93 -70.74
N GLU BA 16 -115.63 -38.19 -71.96
CA GLU BA 16 -115.23 -37.33 -73.07
C GLU BA 16 -116.09 -36.05 -73.34
N LYS BA 17 -117.02 -35.68 -72.43
CA LYS BA 17 -117.75 -34.42 -72.56
C LYS BA 17 -117.08 -33.32 -71.74
N ILE BA 18 -116.09 -33.70 -70.88
CA ILE BA 18 -115.58 -32.89 -69.74
C ILE BA 18 -114.26 -32.12 -70.05
N ARG BA 19 -114.26 -30.80 -69.80
CA ARG BA 19 -113.11 -29.90 -70.12
C ARG BA 19 -111.91 -29.98 -69.15
N LEU BA 20 -110.66 -29.96 -69.69
CA LEU BA 20 -109.43 -30.03 -68.86
C LEU BA 20 -109.13 -28.73 -68.10
N ARG BA 21 -109.34 -27.61 -68.78
CA ARG BA 21 -109.15 -26.23 -68.31
C ARG BA 21 -110.41 -25.66 -68.86
N PRO BA 22 -111.25 -24.98 -68.10
CA PRO BA 22 -112.63 -24.68 -68.54
C PRO BA 22 -112.70 -23.76 -69.74
N GLY BA 23 -111.82 -22.73 -69.82
CA GLY BA 23 -111.74 -21.85 -70.99
C GLY BA 23 -111.10 -22.51 -72.19
N GLY BA 24 -110.22 -23.49 -71.94
CA GLY BA 24 -109.54 -24.28 -72.96
C GLY BA 24 -110.46 -25.16 -73.78
N LYS BA 25 -110.03 -25.52 -74.99
CA LYS BA 25 -110.84 -26.26 -75.94
C LYS BA 25 -110.39 -27.70 -75.99
N LYS BA 26 -109.74 -28.15 -74.91
CA LYS BA 26 -109.26 -29.54 -74.81
C LYS BA 26 -110.01 -30.26 -73.70
N GLN BA 27 -110.37 -31.53 -73.94
CA GLN BA 27 -111.14 -32.32 -72.99
C GLN BA 27 -110.38 -33.52 -72.46
N TYR BA 28 -111.02 -34.26 -71.55
CA TYR BA 28 -110.50 -35.56 -71.10
C TYR BA 28 -110.70 -36.58 -72.17
N LYS BA 29 -109.67 -37.40 -72.36
CA LYS BA 29 -109.69 -38.46 -73.38
C LYS BA 29 -109.36 -39.80 -72.74
N LEU BA 30 -109.83 -40.91 -73.31
CA LEU BA 30 -109.47 -42.23 -72.74
C LEU BA 30 -107.96 -42.48 -72.60
N LYS BA 31 -107.17 -41.95 -73.52
CA LYS BA 31 -105.72 -42.15 -73.50
C LYS BA 31 -105.06 -41.59 -72.23
N HIS BA 32 -105.75 -40.71 -71.50
CA HIS BA 32 -105.24 -40.10 -70.28
C HIS BA 32 -105.23 -41.13 -69.16
N ILE BA 33 -106.11 -42.12 -69.24
CA ILE BA 33 -106.21 -43.18 -68.25
C ILE BA 33 -105.09 -44.16 -68.55
N VAL BA 34 -104.86 -44.42 -69.84
CA VAL BA 34 -103.79 -45.34 -70.26
C VAL BA 34 -102.43 -44.78 -69.78
N TRP BA 35 -102.24 -43.49 -69.99
CA TRP BA 35 -101.08 -42.78 -69.47
C TRP BA 35 -100.95 -42.82 -67.94
N ALA BA 36 -102.05 -42.63 -67.20
CA ALA BA 36 -102.07 -42.74 -65.75
C ALA BA 36 -101.65 -44.13 -65.25
N SER BA 37 -102.09 -45.19 -65.98
CA SER BA 37 -101.66 -46.57 -65.66
C SER BA 37 -100.14 -46.75 -65.81
N ARG BA 38 -99.59 -46.23 -66.91
CA ARG BA 38 -98.14 -46.23 -67.13
C ARG BA 38 -97.34 -45.51 -66.04
N GLU BA 39 -97.85 -44.37 -65.58
CA GLU BA 39 -97.21 -43.65 -64.46
C GLU BA 39 -97.34 -44.32 -63.09
N LEU BA 40 -98.50 -44.90 -62.78
CA LEU BA 40 -98.68 -45.49 -61.46
C LEU BA 40 -97.78 -46.68 -61.26
N GLU BA 41 -97.56 -47.47 -62.30
CA GLU BA 41 -96.68 -48.62 -62.23
C GLU BA 41 -95.24 -48.31 -61.87
N ARG BA 42 -94.72 -47.24 -62.53
CA ARG BA 42 -93.39 -46.66 -62.28
C ARG BA 42 -93.26 -46.04 -60.89
N PHE BA 43 -94.39 -45.59 -60.37
CA PHE BA 43 -94.53 -44.97 -59.05
C PHE BA 43 -94.80 -46.05 -57.97
N ALA BA 44 -94.74 -47.33 -58.39
CA ALA BA 44 -94.94 -48.52 -57.59
C ALA BA 44 -96.32 -48.64 -56.97
N VAL BA 45 -97.33 -48.26 -57.73
CA VAL BA 45 -98.73 -48.32 -57.38
C VAL BA 45 -99.50 -49.19 -58.33
N ASN BA 46 -100.36 -50.03 -57.80
CA ASN BA 46 -101.14 -50.90 -58.67
C ASN BA 46 -102.04 -50.12 -59.66
N PRO BA 47 -101.94 -50.29 -60.99
CA PRO BA 47 -102.83 -49.61 -61.94
C PRO BA 47 -104.26 -50.13 -61.87
N GLY BA 48 -104.47 -51.31 -61.29
CA GLY BA 48 -105.80 -51.88 -61.14
C GLY BA 48 -106.70 -51.03 -60.25
N LEU BA 49 -106.13 -50.09 -59.52
CA LEU BA 49 -106.87 -49.20 -58.66
C LEU BA 49 -107.68 -48.19 -59.48
N LEU BA 50 -107.40 -48.09 -60.78
CA LEU BA 50 -108.15 -47.18 -61.65
C LEU BA 50 -109.54 -47.75 -62.01
N GLU BA 51 -109.75 -49.08 -61.91
CA GLU BA 51 -111.03 -49.72 -62.16
C GLU BA 51 -112.13 -49.31 -61.17
N THR BA 52 -111.80 -49.18 -59.89
CA THR BA 52 -112.86 -48.82 -58.99
C THR BA 52 -112.70 -47.42 -58.46
N SER BA 53 -113.81 -46.92 -58.00
CA SER BA 53 -113.91 -45.59 -57.39
C SER BA 53 -113.13 -45.46 -56.11
N GLU BA 54 -113.16 -46.56 -55.32
CA GLU BA 54 -112.46 -46.68 -54.04
C GLU BA 54 -110.96 -46.76 -54.24
N GLY BA 55 -110.54 -47.49 -55.30
CA GLY BA 55 -109.14 -47.59 -55.73
C GLY BA 55 -108.59 -46.23 -56.12
N CYS BA 56 -109.37 -45.51 -56.92
CA CYS BA 56 -109.03 -44.14 -57.29
C CYS BA 56 -108.87 -43.22 -56.10
N ARG BA 57 -109.77 -43.31 -55.09
CA ARG BA 57 -109.63 -42.63 -53.81
C ARG BA 57 -108.37 -43.00 -53.04
N GLN BA 58 -108.01 -44.29 -53.03
CA GLN BA 58 -106.75 -44.71 -52.42
C GLN BA 58 -105.53 -44.11 -53.14
N ILE BA 59 -105.58 -43.99 -54.47
CA ILE BA 59 -104.48 -43.39 -55.21
C ILE BA 59 -104.38 -41.91 -54.86
N LEU BA 60 -105.51 -41.21 -54.82
CA LEU BA 60 -105.53 -39.79 -54.53
C LEU BA 60 -105.00 -39.59 -53.10
N GLY BA 61 -105.37 -40.48 -52.18
CA GLY BA 61 -104.84 -40.45 -50.83
C GLY BA 61 -103.33 -40.59 -50.73
N GLN BA 62 -102.73 -41.48 -51.53
CA GLN BA 62 -101.29 -41.55 -51.71
C GLN BA 62 -100.65 -40.32 -52.35
N LEU BA 63 -101.31 -39.73 -53.38
CA LEU BA 63 -100.76 -38.58 -54.15
C LEU BA 63 -100.87 -37.21 -53.49
N GLN BA 64 -101.95 -36.97 -52.74
CA GLN BA 64 -102.24 -35.66 -52.17
C GLN BA 64 -101.13 -34.93 -51.40
N PRO BA 65 -100.32 -35.56 -50.55
CA PRO BA 65 -99.28 -34.93 -49.75
C PRO BA 65 -98.20 -34.17 -50.55
N SER BA 66 -98.04 -34.47 -51.86
CA SER BA 66 -97.01 -33.79 -52.67
C SER BA 66 -97.58 -32.86 -53.75
N LEU BA 67 -98.89 -32.66 -53.79
CA LEU BA 67 -99.45 -31.88 -54.90
C LEU BA 67 -98.99 -30.44 -54.92
N GLN BA 68 -98.79 -29.87 -53.75
CA GLN BA 68 -98.41 -28.48 -53.60
C GLN BA 68 -96.95 -28.23 -53.95
N THR BA 69 -96.13 -29.29 -54.08
CA THR BA 69 -94.73 -29.09 -54.44
C THR BA 69 -94.41 -29.63 -55.82
N GLY BA 70 -95.29 -30.50 -56.35
CA GLY BA 70 -95.05 -31.21 -57.59
C GLY BA 70 -95.16 -30.45 -58.90
N SER BA 71 -94.73 -31.16 -59.94
CA SER BA 71 -94.66 -30.78 -61.34
C SER BA 71 -96.01 -30.76 -62.06
N GLU BA 72 -95.99 -30.21 -63.29
CA GLU BA 72 -97.18 -30.18 -64.14
C GLU BA 72 -97.73 -31.57 -64.45
N GLU BA 73 -96.82 -32.54 -64.60
CA GLU BA 73 -97.22 -33.94 -64.76
C GLU BA 73 -97.92 -34.50 -63.53
N LEU BA 74 -97.48 -34.12 -62.32
CA LEU BA 74 -98.16 -34.65 -61.13
C LEU BA 74 -99.56 -34.07 -61.07
N ARG BA 75 -99.69 -32.77 -61.38
CA ARG BA 75 -100.99 -32.13 -61.30
C ARG BA 75 -101.94 -32.78 -62.30
N SER BA 76 -101.45 -33.04 -63.51
CA SER BA 76 -102.25 -33.70 -64.55
C SER BA 76 -102.67 -35.12 -64.21
N LEU BA 77 -101.76 -35.92 -63.65
CA LEU BA 77 -102.05 -37.26 -63.15
C LEU BA 77 -103.10 -37.25 -62.04
N TYR BA 78 -102.93 -36.37 -61.04
CA TYR BA 78 -103.90 -36.20 -59.95
C TYR BA 78 -105.28 -35.81 -60.43
N ASN BA 79 -105.35 -34.80 -61.29
CA ASN BA 79 -106.59 -34.33 -61.88
C ASN BA 79 -107.31 -35.40 -62.70
N THR BA 80 -106.54 -36.20 -63.46
CA THR BA 80 -107.12 -37.27 -64.26
C THR BA 80 -107.85 -38.23 -63.35
N ILE BA 81 -107.21 -38.59 -62.25
CA ILE BA 81 -107.80 -39.53 -61.33
C ILE BA 81 -108.97 -38.86 -60.56
N ALA BA 82 -108.83 -37.60 -60.14
CA ALA BA 82 -109.93 -36.92 -59.44
C ALA BA 82 -111.21 -36.87 -60.29
N VAL BA 83 -111.07 -36.61 -61.60
CA VAL BA 83 -112.20 -36.65 -62.50
C VAL BA 83 -112.74 -38.07 -62.70
N LEU BA 84 -111.84 -39.08 -62.83
CA LEU BA 84 -112.20 -40.48 -62.94
C LEU BA 84 -112.98 -41.02 -61.75
N TYR BA 85 -112.60 -40.59 -60.53
CA TYR BA 85 -113.36 -40.87 -59.31
C TYR BA 85 -114.81 -40.36 -59.41
N CYS BA 86 -114.98 -39.08 -59.75
CA CYS BA 86 -116.31 -38.51 -60.00
C CYS BA 86 -117.10 -39.20 -61.11
N VAL BA 87 -116.46 -39.46 -62.27
CA VAL BA 87 -117.04 -40.14 -63.42
C VAL BA 87 -117.47 -41.56 -63.13
N HIS BA 88 -116.67 -42.34 -62.37
CA HIS BA 88 -117.06 -43.64 -61.85
C HIS BA 88 -118.33 -43.65 -61.00
N GLN BA 89 -118.53 -42.57 -60.25
CA GLN BA 89 -119.73 -42.35 -59.48
C GLN BA 89 -120.86 -41.70 -60.30
N ARG BA 90 -120.58 -41.41 -61.57
CA ARG BA 90 -121.47 -40.78 -62.54
C ARG BA 90 -122.03 -39.44 -62.06
N ILE BA 91 -121.15 -38.63 -61.48
CA ILE BA 91 -121.44 -37.31 -60.96
C ILE BA 91 -121.40 -36.21 -62.02
N ASP BA 92 -122.38 -35.31 -61.96
CA ASP BA 92 -122.43 -34.16 -62.84
C ASP BA 92 -121.26 -33.18 -62.63
N VAL BA 93 -120.41 -33.01 -63.68
CA VAL BA 93 -119.33 -32.03 -63.75
C VAL BA 93 -119.23 -31.64 -65.21
N LYS BA 94 -118.93 -30.37 -65.56
CA LYS BA 94 -118.69 -30.03 -66.96
C LYS BA 94 -117.19 -29.91 -67.23
N ASP BA 95 -116.38 -29.82 -66.17
CA ASP BA 95 -114.97 -29.50 -66.27
C ASP BA 95 -114.27 -30.00 -65.01
N THR BA 96 -112.91 -29.86 -65.03
CA THR BA 96 -112.00 -30.23 -63.94
C THR BA 96 -112.33 -29.48 -62.64
N LYS BA 97 -112.58 -28.17 -62.77
CA LYS BA 97 -112.91 -27.31 -61.65
C LYS BA 97 -114.20 -27.70 -60.94
N GLU BA 98 -115.26 -28.05 -61.70
CA GLU BA 98 -116.48 -28.61 -61.14
C GLU BA 98 -116.27 -29.91 -60.38
N ALA BA 99 -115.43 -30.83 -60.90
CA ALA BA 99 -115.02 -32.03 -60.18
C ALA BA 99 -114.28 -31.76 -58.88
N LEU BA 100 -113.31 -30.81 -58.89
CA LEU BA 100 -112.62 -30.34 -57.71
C LEU BA 100 -113.55 -29.70 -56.68
N ASP BA 101 -114.56 -28.93 -57.13
CA ASP BA 101 -115.60 -28.35 -56.30
C ASP BA 101 -116.41 -29.40 -55.54
N LYS BA 102 -116.77 -30.53 -56.20
CA LYS BA 102 -117.43 -31.66 -55.53
C LYS BA 102 -116.55 -32.27 -54.43
N ILE BA 103 -115.25 -32.47 -54.71
CA ILE BA 103 -114.27 -32.92 -53.74
C ILE BA 103 -114.10 -31.95 -52.58
N GLU BA 104 -114.05 -30.63 -52.85
CA GLU BA 104 -113.96 -29.57 -51.84
C GLU BA 104 -115.14 -29.60 -50.86
N GLU BA 105 -116.37 -29.77 -51.38
CA GLU BA 105 -117.56 -30.05 -50.58
C GLU BA 105 -117.54 -31.33 -49.76
N GLU BA 106 -117.23 -32.49 -50.37
CA GLU BA 106 -117.30 -33.76 -49.67
C GLU BA 106 -116.18 -33.93 -48.65
N GLN BA 107 -115.03 -33.27 -48.88
CA GLN BA 107 -113.91 -33.23 -47.95
C GLN BA 107 -114.01 -32.04 -47.00
N ASN BA 108 -115.16 -31.34 -46.99
CA ASN BA 108 -115.58 -30.50 -45.89
C ASN BA 108 -116.59 -31.30 -45.06
N LYS BA 109 -117.64 -31.81 -45.73
CA LYS BA 109 -118.75 -32.53 -45.13
C LYS BA 109 -118.37 -33.76 -44.31
N SER BA 110 -117.40 -34.57 -44.80
CA SER BA 110 -116.80 -35.69 -44.08
C SER BA 110 -116.04 -35.37 -42.81
N LYS BA 111 -115.21 -34.29 -42.80
CA LYS BA 111 -114.24 -34.00 -41.75
C LYS BA 111 -114.80 -33.87 -40.34
N LYS BA 112 -115.99 -33.25 -40.21
CA LYS BA 112 -116.63 -32.98 -38.93
C LYS BA 112 -117.17 -34.22 -38.23
N LYS BA 113 -117.22 -35.37 -38.93
CA LYS BA 113 -117.67 -36.67 -38.40
C LYS BA 113 -116.54 -37.69 -38.39
N ALA BA 114 -115.28 -37.23 -38.50
CA ALA BA 114 -114.13 -38.11 -38.57
C ALA BA 114 -113.41 -38.27 -37.23
N GLN BA 115 -113.99 -37.74 -36.15
CA GLN BA 115 -113.39 -37.72 -34.83
C GLN BA 115 -114.46 -37.95 -33.74
N GLY CA 1 -81.69 -6.40 -63.84
CA GLY CA 1 -81.81 -6.44 -62.39
C GLY CA 1 -81.40 -7.79 -61.80
N ALA CA 2 -81.72 -8.88 -62.52
CA ALA CA 2 -81.38 -10.26 -62.17
C ALA CA 2 -79.88 -10.52 -62.25
N ARG CA 3 -79.15 -9.59 -62.91
CA ARG CA 3 -77.70 -9.52 -62.97
C ARG CA 3 -77.04 -9.34 -61.61
N ALA CA 4 -77.80 -8.86 -60.59
CA ALA CA 4 -77.36 -8.72 -59.21
C ALA CA 4 -76.84 -10.03 -58.60
N SER CA 5 -77.50 -11.16 -58.91
CA SER CA 5 -77.12 -12.48 -58.43
C SER CA 5 -75.72 -12.92 -58.82
N VAL CA 6 -75.26 -12.57 -60.04
CA VAL CA 6 -73.94 -12.87 -60.56
C VAL CA 6 -72.98 -11.68 -60.48
N LEU CA 7 -73.45 -10.54 -59.92
CA LEU CA 7 -72.64 -9.37 -59.60
C LEU CA 7 -71.59 -9.70 -58.54
N SER CA 8 -70.41 -9.07 -58.55
CA SER CA 8 -69.55 -9.19 -57.37
C SER CA 8 -70.16 -8.53 -56.13
N GLY CA 9 -70.26 -9.30 -55.03
CA GLY CA 9 -71.05 -8.99 -53.84
C GLY CA 9 -72.44 -9.57 -53.88
N GLY CA 10 -72.81 -10.26 -54.98
CA GLY CA 10 -74.07 -10.99 -55.12
C GLY CA 10 -73.98 -12.41 -54.64
N GLU CA 11 -75.08 -13.16 -54.76
CA GLU CA 11 -75.17 -14.54 -54.24
C GLU CA 11 -74.22 -15.54 -54.89
N LEU CA 12 -74.01 -15.42 -56.18
CA LEU CA 12 -73.21 -16.41 -56.88
C LEU CA 12 -71.74 -16.01 -56.93
N ASP CA 13 -71.38 -14.76 -56.56
CA ASP CA 13 -70.03 -14.42 -56.16
C ASP CA 13 -69.65 -15.11 -54.84
N LYS CA 14 -70.64 -15.15 -53.91
CA LYS CA 14 -70.54 -15.88 -52.64
C LYS CA 14 -70.53 -17.43 -52.80
N TRP CA 15 -71.28 -17.96 -53.78
CA TRP CA 15 -71.37 -19.40 -54.04
C TRP CA 15 -69.99 -20.04 -54.18
N GLU CA 16 -69.08 -19.36 -54.87
CA GLU CA 16 -67.75 -19.91 -55.16
C GLU CA 16 -66.66 -19.66 -54.11
N LYS CA 17 -66.99 -19.08 -52.95
CA LYS CA 17 -66.03 -18.83 -51.89
C LYS CA 17 -65.99 -20.02 -50.93
N ILE CA 18 -66.88 -21.01 -51.14
CA ILE CA 18 -67.19 -22.07 -50.20
C ILE CA 18 -66.49 -23.35 -50.63
N ARG CA 19 -65.72 -24.00 -49.72
CA ARG CA 19 -65.07 -25.27 -50.00
C ARG CA 19 -66.05 -26.44 -49.81
N LEU CA 20 -65.94 -27.47 -50.63
CA LEU CA 20 -66.93 -28.54 -50.58
C LEU CA 20 -66.86 -29.33 -49.28
N ARG CA 21 -65.64 -29.57 -48.82
CA ARG CA 21 -65.38 -30.35 -47.61
C ARG CA 21 -64.28 -29.66 -46.82
N PRO CA 22 -64.26 -29.73 -45.48
CA PRO CA 22 -63.22 -29.15 -44.64
C PRO CA 22 -61.78 -29.46 -45.06
N GLY CA 23 -61.52 -30.67 -45.59
CA GLY CA 23 -60.16 -31.01 -46.01
C GLY CA 23 -59.94 -30.98 -47.53
N GLY CA 24 -60.96 -30.62 -48.28
CA GLY CA 24 -60.88 -30.59 -49.75
C GLY CA 24 -60.61 -29.20 -50.27
N LYS CA 25 -59.99 -29.10 -51.44
CA LYS CA 25 -59.66 -27.81 -52.01
C LYS CA 25 -60.62 -27.37 -53.09
N LYS CA 26 -61.38 -28.30 -53.68
CA LYS CA 26 -62.42 -27.98 -54.66
C LYS CA 26 -63.56 -27.17 -54.03
N GLN CA 27 -64.09 -26.20 -54.82
CA GLN CA 27 -65.12 -25.30 -54.33
C GLN CA 27 -66.51 -25.73 -54.78
N TYR CA 28 -67.56 -25.16 -54.19
CA TYR CA 28 -68.89 -25.22 -54.85
C TYR CA 28 -68.93 -24.51 -56.20
N LYS CA 29 -69.56 -25.16 -57.22
CA LYS CA 29 -69.66 -24.63 -58.58
C LYS CA 29 -71.13 -24.51 -58.99
N LEU CA 30 -71.43 -23.70 -59.99
CA LEU CA 30 -72.84 -23.45 -60.34
C LEU CA 30 -73.61 -24.67 -60.86
N LYS CA 31 -72.92 -25.68 -61.35
CA LYS CA 31 -73.60 -26.85 -61.86
C LYS CA 31 -74.30 -27.66 -60.77
N HIS CA 32 -73.96 -27.40 -59.49
CA HIS CA 32 -74.62 -28.08 -58.38
C HIS CA 32 -76.07 -27.65 -58.32
N ILE CA 33 -76.36 -26.42 -58.76
CA ILE CA 33 -77.68 -25.85 -58.75
C ILE CA 33 -78.44 -26.45 -59.94
N VAL CA 34 -77.76 -26.55 -61.10
CA VAL CA 34 -78.36 -27.13 -62.31
C VAL CA 34 -78.73 -28.59 -62.06
N TRP CA 35 -77.81 -29.30 -61.42
CA TRP CA 35 -78.04 -30.68 -61.00
C TRP CA 35 -79.23 -30.83 -60.08
N ALA CA 36 -79.36 -29.97 -59.04
CA ALA CA 36 -80.48 -29.97 -58.13
C ALA CA 36 -81.82 -29.72 -58.84
N SER CA 37 -81.82 -28.83 -59.84
CA SER CA 37 -83.00 -28.59 -60.68
C SER CA 37 -83.38 -29.88 -61.43
N ARG CA 38 -82.40 -30.53 -62.07
CA ARG CA 38 -82.62 -31.83 -62.68
C ARG CA 38 -83.10 -32.93 -61.73
N GLU CA 39 -82.53 -33.05 -60.51
CA GLU CA 39 -83.00 -34.00 -59.51
C GLU CA 39 -84.46 -33.76 -59.12
N LEU CA 40 -84.85 -32.49 -58.90
CA LEU CA 40 -86.23 -32.10 -58.70
C LEU CA 40 -87.13 -32.45 -59.89
N GLU CA 41 -86.69 -32.18 -61.13
CA GLU CA 41 -87.41 -32.59 -62.33
C GLU CA 41 -87.58 -34.10 -62.49
N ARG CA 42 -86.53 -34.89 -62.20
CA ARG CA 42 -86.52 -36.35 -62.23
C ARG CA 42 -87.54 -36.99 -61.29
N PHE CA 43 -87.67 -36.45 -60.07
CA PHE CA 43 -88.58 -36.97 -59.06
C PHE CA 43 -89.89 -36.19 -59.00
N ALA CA 44 -90.19 -35.41 -60.07
CA ALA CA 44 -91.44 -34.66 -60.33
C ALA CA 44 -91.82 -33.58 -59.30
N VAL CA 45 -90.85 -32.75 -58.93
CA VAL CA 45 -91.03 -31.64 -58.01
C VAL CA 45 -90.72 -30.32 -58.72
N ASN CA 46 -91.51 -29.29 -58.46
CA ASN CA 46 -91.38 -27.99 -59.13
C ASN CA 46 -90.10 -27.21 -58.72
N PRO CA 47 -89.17 -26.88 -59.66
CA PRO CA 47 -87.87 -26.26 -59.39
C PRO CA 47 -87.95 -24.80 -58.94
N GLY CA 48 -89.15 -24.19 -58.88
CA GLY CA 48 -89.37 -22.81 -58.46
C GLY CA 48 -88.89 -22.51 -57.05
N LEU CA 49 -88.87 -23.55 -56.19
CA LEU CA 49 -88.39 -23.50 -54.83
C LEU CA 49 -86.96 -23.00 -54.66
N LEU CA 50 -86.09 -23.22 -55.67
CA LEU CA 50 -84.72 -22.76 -55.71
C LEU CA 50 -84.54 -21.23 -55.67
N GLU CA 51 -85.47 -20.48 -56.25
CA GLU CA 51 -85.28 -19.03 -56.36
C GLU CA 51 -85.42 -18.33 -55.02
N THR CA 52 -85.92 -19.03 -54.00
CA THR CA 52 -86.21 -18.39 -52.75
C THR CA 52 -85.68 -19.06 -51.51
N SER CA 53 -85.36 -18.20 -50.54
CA SER CA 53 -84.82 -18.63 -49.27
C SER CA 53 -85.83 -19.51 -48.56
N GLU CA 54 -87.11 -19.12 -48.56
CA GLU CA 54 -88.11 -19.94 -47.90
C GLU CA 54 -88.33 -21.30 -48.52
N GLY CA 55 -88.34 -21.40 -49.88
CA GLY CA 55 -88.42 -22.69 -50.57
C GLY CA 55 -87.30 -23.63 -50.23
N CYS CA 56 -86.07 -23.11 -50.14
CA CYS CA 56 -84.96 -23.93 -49.62
C CYS CA 56 -85.14 -24.34 -48.15
N ARG CA 57 -85.60 -23.42 -47.30
CA ARG CA 57 -85.82 -23.77 -45.89
C ARG CA 57 -86.85 -24.90 -45.79
N GLN CA 58 -87.91 -24.80 -46.59
CA GLN CA 58 -88.94 -25.82 -46.64
C GLN CA 58 -88.47 -27.19 -47.14
N ILE CA 59 -87.60 -27.22 -48.17
CA ILE CA 59 -86.96 -28.43 -48.69
C ILE CA 59 -86.16 -29.18 -47.63
N LEU CA 60 -85.39 -28.45 -46.78
CA LEU CA 60 -84.66 -29.03 -45.66
C LEU CA 60 -85.57 -29.71 -44.63
N GLY CA 61 -86.75 -29.14 -44.34
CA GLY CA 61 -87.75 -29.81 -43.50
C GLY CA 61 -88.34 -31.04 -44.14
N GLN CA 62 -88.70 -30.95 -45.44
CA GLN CA 62 -89.22 -32.05 -46.23
C GLN CA 62 -88.27 -33.23 -46.42
N LEU CA 63 -86.97 -32.99 -46.65
CA LEU CA 63 -86.00 -34.05 -46.91
C LEU CA 63 -85.29 -34.51 -45.65
N GLN CA 64 -85.66 -33.96 -44.48
CA GLN CA 64 -85.17 -34.43 -43.19
C GLN CA 64 -85.49 -35.89 -42.87
N PRO CA 65 -86.68 -36.48 -43.10
CA PRO CA 65 -86.87 -37.92 -42.91
C PRO CA 65 -86.12 -38.74 -43.94
N SER CA 66 -85.82 -38.16 -45.11
CA SER CA 66 -85.04 -38.88 -46.13
C SER CA 66 -83.53 -38.98 -45.81
N LEU CA 67 -83.00 -38.06 -45.02
CA LEU CA 67 -81.57 -38.14 -44.72
C LEU CA 67 -81.09 -39.36 -44.00
N GLN CA 68 -81.87 -39.91 -43.10
CA GLN CA 68 -81.38 -41.02 -42.32
C GLN CA 68 -81.09 -42.25 -43.16
N THR CA 69 -81.89 -42.49 -44.20
CA THR CA 69 -81.71 -43.73 -44.95
C THR CA 69 -81.15 -43.50 -46.35
N GLY CA 70 -81.17 -42.25 -46.79
CA GLY CA 70 -80.80 -41.91 -48.15
C GLY CA 70 -79.34 -42.14 -48.48
N SER CA 71 -79.10 -42.15 -49.78
CA SER CA 71 -77.80 -42.36 -50.41
C SER CA 71 -76.86 -41.17 -50.23
N GLU CA 72 -75.61 -41.37 -50.62
CA GLU CA 72 -74.59 -40.34 -50.55
C GLU CA 72 -74.98 -39.14 -51.41
N GLU CA 73 -75.63 -39.42 -52.55
CA GLU CA 73 -76.10 -38.37 -53.44
C GLU CA 73 -77.18 -37.55 -52.75
N LEU CA 74 -78.03 -38.23 -51.96
CA LEU CA 74 -79.10 -37.55 -51.24
C LEU CA 74 -78.49 -36.64 -50.17
N ARG CA 75 -77.47 -37.11 -49.46
CA ARG CA 75 -76.83 -36.26 -48.45
C ARG CA 75 -76.15 -35.06 -49.12
N SER CA 76 -75.47 -35.29 -50.25
CA SER CA 76 -74.80 -34.23 -51.01
C SER CA 76 -75.81 -33.19 -51.45
N LEU CA 77 -76.96 -33.66 -51.92
CA LEU CA 77 -78.04 -32.77 -52.32
C LEU CA 77 -78.62 -31.96 -51.17
N TYR CA 78 -78.86 -32.59 -50.00
CA TYR CA 78 -79.31 -31.91 -48.78
C TYR CA 78 -78.33 -30.84 -48.30
N ASN CA 79 -77.04 -31.20 -48.32
CA ASN CA 79 -75.98 -30.26 -48.03
C ASN CA 79 -75.96 -29.09 -49.05
N THR CA 80 -76.22 -29.38 -50.35
CA THR CA 80 -76.25 -28.36 -51.41
C THR CA 80 -77.38 -27.36 -51.14
N ILE CA 81 -78.55 -27.88 -50.75
CA ILE CA 81 -79.70 -27.02 -50.38
C ILE CA 81 -79.40 -26.16 -49.14
N ALA CA 82 -78.74 -26.74 -48.12
CA ALA CA 82 -78.33 -25.98 -46.93
C ALA CA 82 -77.37 -24.85 -47.32
N VAL CA 83 -76.48 -25.11 -48.28
CA VAL CA 83 -75.59 -24.06 -48.75
C VAL CA 83 -76.43 -23.01 -49.48
N LEU CA 84 -77.41 -23.40 -50.32
CA LEU CA 84 -78.24 -22.38 -50.95
C LEU CA 84 -78.98 -21.55 -49.94
N TYR CA 85 -79.50 -22.15 -48.87
CA TYR CA 85 -80.17 -21.35 -47.86
C TYR CA 85 -79.21 -20.28 -47.31
N CYS CA 86 -78.00 -20.72 -46.97
CA CYS CA 86 -76.94 -19.85 -46.46
C CYS CA 86 -76.50 -18.76 -47.42
N VAL CA 87 -76.40 -19.11 -48.71
CA VAL CA 87 -76.12 -18.15 -49.76
C VAL CA 87 -77.28 -17.17 -49.96
N HIS CA 88 -78.55 -17.62 -49.88
CA HIS CA 88 -79.69 -16.72 -50.02
C HIS CA 88 -79.68 -15.69 -48.88
N GLN CA 89 -79.16 -16.09 -47.72
CA GLN CA 89 -78.98 -15.15 -46.62
C GLN CA 89 -77.61 -14.51 -46.58
N ARG CA 90 -76.87 -14.65 -47.70
CA ARG CA 90 -75.65 -13.94 -47.99
C ARG CA 90 -74.55 -14.17 -46.98
N ILE CA 91 -74.43 -15.42 -46.55
CA ILE CA 91 -73.44 -15.81 -45.57
C ILE CA 91 -72.21 -16.42 -46.23
N ASP CA 92 -71.01 -15.90 -45.88
CA ASP CA 92 -69.72 -16.45 -46.27
C ASP CA 92 -69.39 -17.70 -45.43
N VAL CA 93 -70.04 -18.79 -45.80
CA VAL CA 93 -69.81 -20.10 -45.20
C VAL CA 93 -68.43 -20.69 -45.54
N LYS CA 94 -67.65 -21.14 -44.55
CA LYS CA 94 -66.37 -21.73 -44.86
C LYS CA 94 -66.43 -23.01 -45.70
N ASP CA 95 -67.37 -23.86 -45.31
CA ASP CA 95 -67.58 -25.20 -45.84
C ASP CA 95 -68.95 -25.80 -45.47
N THR CA 96 -69.17 -27.02 -45.90
CA THR CA 96 -70.37 -27.80 -45.58
C THR CA 96 -70.62 -27.98 -44.09
N LYS CA 97 -69.58 -28.22 -43.24
CA LYS CA 97 -69.77 -28.41 -41.80
C LYS CA 97 -70.37 -27.20 -41.13
N GLU CA 98 -69.88 -26.02 -41.54
CA GLU CA 98 -70.53 -24.76 -41.16
C GLU CA 98 -71.94 -24.57 -41.71
N ALA CA 99 -72.19 -24.89 -43.00
CA ALA CA 99 -73.55 -24.67 -43.50
C ALA CA 99 -74.54 -25.50 -42.68
N LEU CA 100 -74.15 -26.71 -42.32
CA LEU CA 100 -75.00 -27.58 -41.53
C LEU CA 100 -75.25 -27.09 -40.11
N ASP CA 101 -74.20 -26.57 -39.42
CA ASP CA 101 -74.34 -25.90 -38.13
C ASP CA 101 -75.26 -24.67 -38.19
N LYS CA 102 -75.19 -23.93 -39.28
CA LYS CA 102 -76.03 -22.75 -39.44
C LYS CA 102 -77.50 -23.13 -39.51
N ILE CA 103 -77.81 -24.28 -40.14
CA ILE CA 103 -79.20 -24.69 -40.23
C ILE CA 103 -79.68 -25.11 -38.83
N GLU CA 104 -78.89 -25.92 -38.10
CA GLU CA 104 -79.32 -26.36 -36.76
C GLU CA 104 -79.54 -25.18 -35.80
N GLU CA 105 -78.65 -24.20 -35.90
CA GLU CA 105 -78.64 -22.98 -35.10
C GLU CA 105 -79.89 -22.13 -35.24
N GLU CA 106 -80.35 -21.96 -36.48
CA GLU CA 106 -81.66 -21.38 -36.69
C GLU CA 106 -82.81 -22.32 -36.32
N GLN CA 107 -82.65 -23.64 -36.52
CA GLN CA 107 -83.74 -24.53 -36.16
C GLN CA 107 -84.02 -24.59 -34.67
N ASN CA 108 -83.03 -24.56 -33.79
CA ASN CA 108 -83.41 -24.66 -32.38
C ASN CA 108 -84.27 -23.46 -32.00
N LYS CA 109 -83.87 -22.32 -32.53
CA LYS CA 109 -84.57 -21.05 -32.38
C LYS CA 109 -85.95 -21.01 -32.99
N SER CA 110 -86.10 -21.51 -34.23
CA SER CA 110 -87.37 -21.64 -34.92
C SER CA 110 -88.32 -22.62 -34.27
N LYS CA 111 -87.81 -23.82 -33.86
CA LYS CA 111 -88.63 -24.92 -33.31
C LYS CA 111 -89.35 -24.54 -32.01
N LYS CA 112 -88.68 -23.79 -31.14
CA LYS CA 112 -89.34 -23.20 -30.00
C LYS CA 112 -90.54 -22.30 -30.36
N LYS CA 113 -90.43 -21.49 -31.43
CA LYS CA 113 -91.36 -20.42 -31.74
C LYS CA 113 -92.41 -20.75 -32.81
N ALA CA 114 -92.23 -21.86 -33.55
CA ALA CA 114 -93.05 -22.21 -34.71
C ALA CA 114 -93.95 -23.40 -34.42
N GLN CA 115 -94.28 -23.62 -33.15
CA GLN CA 115 -95.08 -24.71 -32.62
C GLN CA 115 -96.51 -24.80 -33.19
N GLY DA 1 -67.00 -62.66 -42.94
CA GLY DA 1 -67.91 -63.80 -42.86
C GLY DA 1 -68.21 -64.52 -44.14
N ALA DA 2 -67.51 -64.23 -45.26
CA ALA DA 2 -67.61 -65.01 -46.49
C ALA DA 2 -67.17 -66.47 -46.30
N ARG DA 3 -66.06 -66.68 -45.55
CA ARG DA 3 -65.65 -67.99 -45.07
C ARG DA 3 -66.64 -68.65 -44.11
N ALA DA 4 -67.16 -67.86 -43.15
CA ALA DA 4 -68.10 -68.30 -42.15
C ALA DA 4 -69.47 -68.74 -42.65
N SER DA 5 -70.08 -67.94 -43.55
CA SER DA 5 -71.50 -67.99 -43.90
C SER DA 5 -71.89 -69.12 -44.83
N VAL DA 6 -70.90 -69.73 -45.52
CA VAL DA 6 -71.10 -70.90 -46.36
C VAL DA 6 -71.21 -72.19 -45.55
N LEU DA 7 -70.77 -72.17 -44.28
CA LEU DA 7 -70.83 -73.32 -43.40
C LEU DA 7 -72.19 -73.39 -42.74
N SER DA 8 -72.74 -74.61 -42.55
CA SER DA 8 -74.13 -74.75 -42.19
C SER DA 8 -74.55 -74.16 -40.85
N GLY DA 9 -75.63 -73.37 -40.90
CA GLY DA 9 -76.05 -72.43 -39.85
C GLY DA 9 -75.86 -70.92 -40.20
N GLY DA 10 -74.91 -70.61 -41.10
CA GLY DA 10 -74.68 -69.29 -41.66
C GLY DA 10 -75.69 -68.76 -42.64
N GLU DA 11 -75.59 -67.46 -42.97
CA GLU DA 11 -76.64 -66.79 -43.80
C GLU DA 11 -76.78 -67.32 -45.24
N LEU DA 12 -75.66 -67.63 -45.91
CA LEU DA 12 -75.71 -68.25 -47.22
C LEU DA 12 -76.33 -69.65 -47.22
N ASP DA 13 -76.04 -70.47 -46.19
CA ASP DA 13 -76.69 -71.76 -45.99
C ASP DA 13 -78.21 -71.62 -45.77
N LYS DA 14 -78.66 -70.60 -45.03
CA LYS DA 14 -80.11 -70.46 -44.82
C LYS DA 14 -80.94 -69.74 -45.93
N TRP DA 15 -80.39 -68.75 -46.61
CA TRP DA 15 -81.18 -67.97 -47.59
C TRP DA 15 -81.88 -68.76 -48.70
N GLU DA 16 -81.22 -69.75 -49.28
CA GLU DA 16 -81.79 -70.44 -50.46
C GLU DA 16 -82.62 -71.72 -50.17
N LYS DA 17 -82.94 -71.96 -48.91
CA LYS DA 17 -83.72 -73.11 -48.46
C LYS DA 17 -85.18 -72.77 -48.18
N ILE DA 18 -85.63 -71.56 -48.55
CA ILE DA 18 -86.88 -70.98 -48.11
C ILE DA 18 -87.82 -70.86 -49.31
N ARG DA 19 -89.07 -71.37 -49.22
CA ARG DA 19 -90.04 -71.27 -50.31
C ARG DA 19 -90.45 -69.84 -50.65
N LEU DA 20 -90.64 -69.54 -51.95
CA LEU DA 20 -91.24 -68.29 -52.40
C LEU DA 20 -92.68 -68.09 -51.91
N ARG DA 21 -93.48 -69.17 -51.87
CA ARG DA 21 -94.89 -69.11 -51.51
C ARG DA 21 -95.19 -70.41 -50.77
N PRO DA 22 -96.22 -70.56 -49.93
CA PRO DA 22 -96.29 -71.66 -48.96
C PRO DA 22 -96.50 -73.03 -49.58
N GLY DA 23 -97.25 -73.10 -50.70
CA GLY DA 23 -97.41 -74.33 -51.49
C GLY DA 23 -96.44 -74.40 -52.63
N GLY DA 24 -95.58 -73.37 -52.78
CA GLY DA 24 -94.62 -73.21 -53.86
C GLY DA 24 -93.58 -74.30 -54.00
N LYS DA 25 -93.13 -74.52 -55.26
CA LYS DA 25 -92.11 -75.49 -55.62
C LYS DA 25 -90.83 -74.77 -56.03
N LYS DA 26 -90.77 -73.45 -55.77
CA LYS DA 26 -89.64 -72.60 -56.02
C LYS DA 26 -89.22 -71.94 -54.71
N GLN DA 27 -87.91 -71.70 -54.56
CA GLN DA 27 -87.30 -71.19 -53.34
C GLN DA 27 -86.52 -69.93 -53.67
N TYR DA 28 -86.20 -69.11 -52.66
CA TYR DA 28 -85.43 -67.84 -52.84
C TYR DA 28 -83.99 -68.05 -53.34
N LYS DA 29 -83.47 -67.09 -54.15
CA LYS DA 29 -82.12 -67.15 -54.72
C LYS DA 29 -81.26 -65.93 -54.37
N LEU DA 30 -79.92 -66.03 -54.44
CA LEU DA 30 -79.05 -64.84 -54.17
C LEU DA 30 -79.30 -63.70 -55.19
N LYS DA 31 -79.80 -64.07 -56.37
CA LYS DA 31 -80.21 -63.12 -57.38
C LYS DA 31 -81.21 -62.06 -56.93
N HIS DA 32 -82.13 -62.41 -56.00
CA HIS DA 32 -83.10 -61.49 -55.41
C HIS DA 32 -82.45 -60.32 -54.68
N ILE DA 33 -81.40 -60.61 -53.90
CA ILE DA 33 -80.65 -59.64 -53.10
C ILE DA 33 -79.97 -58.60 -54.00
N VAL DA 34 -79.39 -59.06 -55.12
CA VAL DA 34 -78.76 -58.20 -56.13
C VAL DA 34 -79.74 -57.20 -56.73
N TRP DA 35 -80.94 -57.68 -57.14
CA TRP DA 35 -82.01 -56.81 -57.61
C TRP DA 35 -82.49 -55.83 -56.56
N ALA DA 36 -82.76 -56.30 -55.32
CA ALA DA 36 -83.20 -55.46 -54.22
C ALA DA 36 -82.21 -54.37 -53.86
N SER DA 37 -80.91 -54.69 -53.78
CA SER DA 37 -79.84 -53.74 -53.53
C SER DA 37 -79.72 -52.68 -54.62
N ARG DA 38 -79.82 -53.08 -55.91
CA ARG DA 38 -79.95 -52.16 -57.04
C ARG DA 38 -81.20 -51.29 -57.04
N GLU DA 39 -82.37 -51.83 -56.66
CA GLU DA 39 -83.59 -51.07 -56.46
C GLU DA 39 -83.48 -49.96 -55.40
N LEU DA 40 -82.75 -50.19 -54.30
CA LEU DA 40 -82.39 -49.14 -53.36
C LEU DA 40 -81.58 -48.00 -54.00
N GLU DA 41 -80.59 -48.32 -54.87
CA GLU DA 41 -79.86 -47.33 -55.67
C GLU DA 41 -80.74 -46.53 -56.62
N ARG DA 42 -81.72 -47.20 -57.26
CA ARG DA 42 -82.78 -46.58 -58.05
C ARG DA 42 -83.68 -45.62 -57.28
N PHE DA 43 -83.86 -45.86 -55.96
CA PHE DA 43 -84.73 -45.10 -55.08
C PHE DA 43 -83.93 -44.07 -54.26
N ALA DA 44 -82.61 -43.95 -54.54
CA ALA DA 44 -81.67 -43.07 -53.83
C ALA DA 44 -81.55 -43.35 -52.31
N VAL DA 45 -81.55 -44.63 -51.94
CA VAL DA 45 -81.41 -45.12 -50.59
C VAL DA 45 -80.05 -45.80 -50.45
N ASN DA 46 -79.46 -45.89 -49.24
CA ASN DA 46 -78.24 -46.65 -49.00
C ASN DA 46 -78.42 -48.15 -49.33
N PRO DA 47 -77.73 -48.74 -50.32
CA PRO DA 47 -78.03 -50.08 -50.81
C PRO DA 47 -77.50 -51.18 -49.91
N GLY DA 48 -76.90 -50.84 -48.75
CA GLY DA 48 -76.38 -51.77 -47.76
C GLY DA 48 -77.36 -52.05 -46.65
N LEU DA 49 -78.51 -51.33 -46.61
CA LEU DA 49 -79.48 -51.42 -45.52
C LEU DA 49 -80.23 -52.74 -45.43
N LEU DA 50 -80.20 -53.56 -46.50
CA LEU DA 50 -80.63 -54.95 -46.48
C LEU DA 50 -79.84 -55.80 -45.48
N GLU DA 51 -78.55 -55.48 -45.31
CA GLU DA 51 -77.61 -56.36 -44.65
C GLU DA 51 -77.54 -56.12 -43.16
N THR DA 52 -78.46 -55.29 -42.70
CA THR DA 52 -78.63 -55.00 -41.30
C THR DA 52 -80.10 -55.16 -40.98
N SER DA 53 -80.42 -55.88 -39.88
CA SER DA 53 -81.78 -56.09 -39.40
C SER DA 53 -82.46 -54.78 -39.06
N GLU DA 54 -81.70 -53.83 -38.47
CA GLU DA 54 -82.12 -52.47 -38.17
C GLU DA 54 -82.53 -51.66 -39.40
N GLY DA 55 -81.76 -51.77 -40.52
CA GLY DA 55 -82.12 -51.16 -41.80
C GLY DA 55 -83.34 -51.77 -42.44
N CYS DA 56 -83.45 -53.11 -42.42
CA CYS DA 56 -84.65 -53.82 -42.85
C CYS DA 56 -85.90 -53.42 -42.07
N ARG DA 57 -85.77 -53.26 -40.74
CA ARG DA 57 -86.83 -52.82 -39.85
C ARG DA 57 -87.39 -51.45 -40.23
N GLN DA 58 -86.49 -50.52 -40.59
CA GLN DA 58 -86.90 -49.23 -41.13
C GLN DA 58 -87.59 -49.32 -42.49
N ILE DA 59 -87.07 -50.20 -43.37
CA ILE DA 59 -87.64 -50.34 -44.70
C ILE DA 59 -89.05 -50.97 -44.64
N LEU DA 60 -89.23 -52.02 -43.84
CA LEU DA 60 -90.54 -52.67 -43.74
C LEU DA 60 -91.55 -51.68 -43.16
N GLY DA 61 -91.11 -50.85 -42.22
CA GLY DA 61 -91.95 -49.79 -41.65
C GLY DA 61 -92.43 -48.76 -42.65
N GLN DA 62 -91.55 -48.29 -43.55
CA GLN DA 62 -91.91 -47.45 -44.68
C GLN DA 62 -92.85 -48.11 -45.69
N LEU DA 63 -92.62 -49.40 -45.97
CA LEU DA 63 -93.45 -50.13 -46.94
C LEU DA 63 -94.88 -50.44 -46.51
N GLN DA 64 -95.13 -50.64 -45.22
CA GLN DA 64 -96.45 -51.03 -44.74
C GLN DA 64 -97.67 -50.19 -45.16
N PRO DA 65 -97.71 -48.86 -45.18
CA PRO DA 65 -98.87 -48.12 -45.67
C PRO DA 65 -98.98 -48.20 -47.18
N SER DA 66 -97.84 -48.13 -47.90
CA SER DA 66 -97.83 -48.12 -49.37
C SER DA 66 -98.06 -49.50 -49.97
N LEU DA 67 -97.85 -50.56 -49.16
CA LEU DA 67 -98.07 -51.96 -49.47
C LEU DA 67 -99.51 -52.25 -49.87
N GLN DA 68 -100.48 -51.57 -49.21
CA GLN DA 68 -101.90 -51.65 -49.47
C GLN DA 68 -102.26 -51.29 -50.91
N THR DA 69 -101.52 -50.37 -51.52
CA THR DA 69 -101.76 -50.00 -52.91
C THR DA 69 -100.60 -50.44 -53.81
N GLY DA 70 -99.75 -51.31 -53.28
CA GLY DA 70 -98.49 -51.71 -53.89
C GLY DA 70 -98.51 -52.38 -55.24
N SER DA 71 -97.53 -52.02 -56.07
CA SER DA 71 -97.24 -52.71 -57.32
C SER DA 71 -96.62 -54.08 -57.07
N GLU DA 72 -96.53 -54.90 -58.13
CA GLU DA 72 -95.94 -56.23 -58.05
C GLU DA 72 -94.47 -56.18 -57.60
N GLU DA 73 -93.70 -55.19 -58.10
CA GLU DA 73 -92.33 -54.93 -57.68
C GLU DA 73 -92.23 -54.59 -56.19
N LEU DA 74 -93.13 -53.71 -55.69
CA LEU DA 74 -93.14 -53.32 -54.27
C LEU DA 74 -93.47 -54.50 -53.37
N ARG DA 75 -94.53 -55.24 -53.71
CA ARG DA 75 -94.90 -56.44 -52.99
C ARG DA 75 -93.84 -57.54 -53.00
N SER DA 76 -93.20 -57.79 -54.15
CA SER DA 76 -92.08 -58.73 -54.29
C SER DA 76 -90.88 -58.34 -53.45
N LEU DA 77 -90.55 -57.02 -53.41
CA LEU DA 77 -89.48 -56.50 -52.54
C LEU DA 77 -89.83 -56.61 -51.06
N TYR DA 78 -91.07 -56.29 -50.67
CA TYR DA 78 -91.52 -56.42 -49.27
C TYR DA 78 -91.36 -57.85 -48.73
N ASN DA 79 -91.82 -58.84 -49.51
CA ASN DA 79 -91.67 -60.25 -49.19
C ASN DA 79 -90.21 -60.67 -49.05
N THR DA 80 -89.37 -60.18 -49.97
CA THR DA 80 -87.95 -60.50 -49.96
C THR DA 80 -87.31 -59.98 -48.68
N ILE DA 81 -87.63 -58.74 -48.30
CA ILE DA 81 -87.07 -58.16 -47.10
C ILE DA 81 -87.57 -58.88 -45.86
N ALA DA 82 -88.86 -59.22 -45.78
CA ALA DA 82 -89.34 -59.93 -44.59
C ALA DA 82 -88.55 -61.22 -44.37
N VAL DA 83 -88.24 -61.93 -45.46
CA VAL DA 83 -87.45 -63.15 -45.34
C VAL DA 83 -86.01 -62.78 -44.96
N LEU DA 84 -85.42 -61.71 -45.55
CA LEU DA 84 -84.06 -61.32 -45.18
C LEU DA 84 -83.95 -60.91 -43.71
N TYR DA 85 -84.94 -60.22 -43.16
CA TYR DA 85 -84.93 -59.84 -41.75
C TYR DA 85 -84.78 -61.10 -40.90
N CYS DA 86 -85.62 -62.10 -41.21
CA CYS DA 86 -85.60 -63.40 -40.56
C CYS DA 86 -84.27 -64.14 -40.70
N VAL DA 87 -83.70 -64.13 -41.91
CA VAL DA 87 -82.38 -64.73 -42.13
C VAL DA 87 -81.25 -63.98 -41.41
N HIS DA 88 -81.25 -62.64 -41.41
CA HIS DA 88 -80.19 -61.88 -40.76
C HIS DA 88 -80.22 -62.10 -39.25
N GLN DA 89 -81.40 -62.29 -38.69
CA GLN DA 89 -81.47 -62.69 -37.28
C GLN DA 89 -81.14 -64.14 -36.98
N ARG DA 90 -81.03 -64.98 -38.03
CA ARG DA 90 -80.92 -66.45 -38.03
C ARG DA 90 -82.17 -67.20 -37.51
N ILE DA 91 -83.34 -66.83 -38.05
CA ILE DA 91 -84.63 -67.44 -37.75
C ILE DA 91 -85.07 -68.23 -38.98
N ASP DA 92 -85.15 -69.54 -38.80
CA ASP DA 92 -85.28 -70.44 -39.93
C ASP DA 92 -86.71 -70.67 -40.40
N VAL DA 93 -87.31 -69.59 -40.91
CA VAL DA 93 -88.58 -69.57 -41.61
C VAL DA 93 -88.52 -70.34 -42.92
N LYS DA 94 -89.59 -71.09 -43.27
CA LYS DA 94 -89.52 -72.00 -44.40
C LYS DA 94 -90.36 -71.57 -45.59
N ASP DA 95 -91.17 -70.50 -45.44
CA ASP DA 95 -91.96 -69.99 -46.53
C ASP DA 95 -92.22 -68.51 -46.27
N THR DA 96 -92.57 -67.75 -47.33
CA THR DA 96 -92.91 -66.33 -47.25
C THR DA 96 -94.06 -65.99 -46.32
N LYS DA 97 -95.15 -66.78 -46.32
CA LYS DA 97 -96.27 -66.55 -45.41
C LYS DA 97 -95.87 -66.74 -43.96
N GLU DA 98 -95.05 -67.76 -43.67
CA GLU DA 98 -94.42 -67.91 -42.37
C GLU DA 98 -93.52 -66.75 -41.97
N ALA DA 99 -92.68 -66.23 -42.90
CA ALA DA 99 -91.89 -65.04 -42.69
C ALA DA 99 -92.72 -63.78 -42.39
N LEU DA 100 -93.80 -63.54 -43.15
CA LEU DA 100 -94.77 -62.49 -42.90
C LEU DA 100 -95.48 -62.64 -41.57
N ASP DA 101 -95.88 -63.88 -41.20
CA ASP DA 101 -96.43 -64.26 -39.92
C ASP DA 101 -95.46 -63.94 -38.76
N LYS DA 102 -94.14 -64.23 -38.91
CA LYS DA 102 -93.11 -63.76 -37.99
C LYS DA 102 -92.97 -62.24 -37.92
N ILE DA 103 -93.03 -61.51 -39.06
CA ILE DA 103 -92.92 -60.03 -39.01
C ILE DA 103 -94.13 -59.42 -38.31
N GLU DA 104 -95.34 -59.87 -38.64
CA GLU DA 104 -96.55 -59.44 -37.96
C GLU DA 104 -96.55 -59.71 -36.46
N GLU DA 105 -96.08 -60.91 -36.05
CA GLU DA 105 -95.82 -61.28 -34.67
C GLU DA 105 -94.77 -60.44 -33.94
N GLU DA 106 -93.69 -60.07 -34.66
CA GLU DA 106 -92.74 -59.07 -34.14
C GLU DA 106 -93.40 -57.71 -33.97
N GLN DA 107 -94.29 -57.33 -34.91
CA GLN DA 107 -94.97 -56.05 -34.79
C GLN DA 107 -95.91 -56.06 -33.58
N ASN DA 108 -96.56 -57.21 -33.31
CA ASN DA 108 -97.44 -57.29 -32.14
C ASN DA 108 -96.65 -57.29 -30.82
N LYS DA 109 -95.52 -58.01 -30.78
CA LYS DA 109 -94.63 -58.03 -29.62
C LYS DA 109 -94.08 -56.63 -29.32
N SER DA 110 -93.80 -55.89 -30.39
CA SER DA 110 -93.30 -54.53 -30.31
C SER DA 110 -94.33 -53.52 -29.78
N LYS DA 111 -95.62 -53.88 -29.73
CA LYS DA 111 -96.62 -52.95 -29.26
C LYS DA 111 -96.41 -52.68 -27.79
N LYS DA 112 -95.79 -53.63 -27.08
CA LYS DA 112 -95.56 -53.54 -25.66
C LYS DA 112 -94.65 -52.38 -25.29
N LYS DA 113 -93.87 -51.87 -26.25
CA LYS DA 113 -92.94 -50.79 -25.96
C LYS DA 113 -93.12 -49.65 -26.98
N ALA DA 114 -94.30 -49.58 -27.63
CA ALA DA 114 -94.62 -48.56 -28.63
C ALA DA 114 -95.77 -47.68 -28.14
N GLN DA 115 -95.94 -47.62 -26.82
CA GLN DA 115 -96.94 -46.87 -26.12
C GLN DA 115 -96.21 -46.17 -24.95
N GLY EA 1 -49.75 27.82 -49.45
CA GLY EA 1 -49.67 26.70 -48.50
C GLY EA 1 -49.56 25.38 -49.22
N ALA EA 2 -50.11 25.32 -50.48
CA ALA EA 2 -50.04 24.20 -51.43
C ALA EA 2 -48.58 23.89 -51.77
N ARG EA 3 -47.74 24.92 -51.74
CA ARG EA 3 -46.32 24.76 -51.98
C ARG EA 3 -45.63 24.00 -50.84
N ALA EA 4 -46.21 24.05 -49.61
CA ALA EA 4 -45.66 23.35 -48.46
C ALA EA 4 -46.23 21.94 -48.36
N SER EA 5 -47.45 21.77 -48.90
CA SER EA 5 -48.19 20.52 -48.84
C SER EA 5 -47.52 19.42 -49.63
N VAL EA 6 -46.60 19.81 -50.49
CA VAL EA 6 -45.88 18.93 -51.40
C VAL EA 6 -44.46 18.66 -50.94
N LEU EA 7 -44.11 19.10 -49.75
CA LEU EA 7 -42.78 18.87 -49.23
C LEU EA 7 -42.75 17.59 -48.42
N SER EA 8 -41.57 16.99 -48.31
CA SER EA 8 -41.41 15.70 -47.65
C SER EA 8 -41.52 15.73 -46.14
N GLY EA 9 -42.74 15.90 -45.66
CA GLY EA 9 -43.06 15.98 -44.25
C GLY EA 9 -44.46 16.55 -44.13
N GLY EA 10 -44.99 16.97 -45.27
CA GLY EA 10 -46.32 17.57 -45.35
C GLY EA 10 -47.45 16.55 -45.58
N GLU EA 11 -48.65 17.10 -45.79
CA GLU EA 11 -49.86 16.28 -45.98
C GLU EA 11 -49.85 15.39 -47.23
N LEU EA 12 -49.30 15.86 -48.34
CA LEU EA 12 -49.33 15.02 -49.53
C LEU EA 12 -48.20 14.00 -49.61
N ASP EA 13 -47.14 14.18 -48.78
CA ASP EA 13 -46.20 13.11 -48.47
C ASP EA 13 -46.85 11.96 -47.71
N LYS EA 14 -47.67 12.28 -46.67
CA LYS EA 14 -48.44 11.33 -45.89
C LYS EA 14 -49.47 10.56 -46.70
N TRP EA 15 -50.15 11.25 -47.64
CA TRP EA 15 -51.23 10.74 -48.47
C TRP EA 15 -50.91 9.44 -49.22
N GLU EA 16 -49.70 9.33 -49.81
CA GLU EA 16 -49.39 8.23 -50.69
C GLU EA 16 -48.79 7.03 -49.96
N LYS EA 17 -48.73 7.11 -48.64
CA LYS EA 17 -48.28 5.99 -47.84
C LYS EA 17 -49.43 5.11 -47.32
N ILE EA 18 -50.69 5.48 -47.62
CA ILE EA 18 -51.87 4.79 -47.07
C ILE EA 18 -52.42 3.67 -47.98
N ARG EA 19 -52.62 2.49 -47.38
CA ARG EA 19 -53.08 1.23 -48.01
C ARG EA 19 -54.60 1.10 -48.30
N LEU EA 20 -54.90 0.35 -49.36
CA LEU EA 20 -56.28 0.02 -49.69
C LEU EA 20 -56.58 -1.42 -49.21
N ARG EA 21 -57.49 -1.56 -48.22
CA ARG EA 21 -57.84 -2.82 -47.51
C ARG EA 21 -56.69 -3.24 -46.57
N PRO EA 22 -56.93 -3.70 -45.32
CA PRO EA 22 -55.88 -4.03 -44.34
C PRO EA 22 -54.88 -5.11 -44.80
N GLY EA 23 -55.34 -6.02 -45.64
CA GLY EA 23 -54.46 -7.03 -46.23
C GLY EA 23 -53.78 -6.56 -47.50
N GLY EA 24 -54.21 -5.43 -48.04
CA GLY EA 24 -53.97 -5.09 -49.44
C GLY EA 24 -52.56 -4.63 -49.75
N LYS EA 25 -52.31 -4.53 -51.06
CA LYS EA 25 -51.00 -4.17 -51.57
C LYS EA 25 -51.01 -2.89 -52.41
N LYS EA 26 -52.20 -2.29 -52.65
CA LYS EA 26 -52.31 -0.99 -53.31
C LYS EA 26 -52.30 0.17 -52.32
N GLN EA 27 -51.96 1.38 -52.81
CA GLN EA 27 -51.86 2.59 -52.02
C GLN EA 27 -52.56 3.73 -52.75
N TYR EA 28 -52.97 4.79 -52.02
CA TYR EA 28 -53.43 6.04 -52.59
C TYR EA 28 -52.36 6.79 -53.41
N LYS EA 29 -52.79 7.50 -54.47
CA LYS EA 29 -51.94 8.40 -55.24
C LYS EA 29 -52.60 9.77 -55.35
N LEU EA 30 -51.85 10.86 -55.72
CA LEU EA 30 -52.38 12.23 -55.74
C LEU EA 30 -53.66 12.42 -56.57
N LYS EA 31 -53.74 11.76 -57.74
CA LYS EA 31 -54.86 11.90 -58.66
C LYS EA 31 -56.21 11.41 -58.13
N HIS EA 32 -56.23 10.66 -57.00
CA HIS EA 32 -57.44 10.27 -56.32
C HIS EA 32 -58.25 11.47 -55.84
N ILE EA 33 -57.55 12.51 -55.38
CA ILE EA 33 -58.23 13.72 -54.94
C ILE EA 33 -58.66 14.49 -56.19
N VAL EA 34 -57.83 14.46 -57.26
CA VAL EA 34 -58.22 15.18 -58.49
C VAL EA 34 -59.55 14.61 -58.98
N TRP EA 35 -59.63 13.29 -58.98
CA TRP EA 35 -60.85 12.58 -59.30
C TRP EA 35 -62.02 12.92 -58.38
N ALA EA 36 -61.78 13.04 -57.06
CA ALA EA 36 -62.77 13.51 -56.11
C ALA EA 36 -63.30 14.91 -56.42
N SER EA 37 -62.43 15.88 -56.79
CA SER EA 37 -62.88 17.18 -57.31
C SER EA 37 -63.71 17.10 -58.57
N ARG EA 38 -63.36 16.20 -59.52
CA ARG EA 38 -64.16 15.93 -60.71
C ARG EA 38 -65.56 15.42 -60.39
N GLU EA 39 -65.69 14.48 -59.44
CA GLU EA 39 -66.98 14.05 -58.93
C GLU EA 39 -67.76 15.16 -58.23
N LEU EA 40 -67.08 16.04 -57.45
CA LEU EA 40 -67.77 17.19 -56.82
C LEU EA 40 -68.30 18.18 -57.88
N GLU EA 41 -67.52 18.45 -58.93
CA GLU EA 41 -68.02 19.22 -60.07
C GLU EA 41 -69.22 18.58 -60.75
N ARG EA 42 -69.21 17.24 -60.95
CA ARG EA 42 -70.35 16.48 -61.44
C ARG EA 42 -71.61 16.57 -60.59
N PHE EA 43 -71.49 16.59 -59.26
CA PHE EA 43 -72.63 16.67 -58.36
C PHE EA 43 -72.98 18.09 -57.90
N ALA EA 44 -72.29 19.10 -58.50
CA ALA EA 44 -72.36 20.58 -58.29
C ALA EA 44 -72.01 21.10 -56.88
N VAL EA 45 -70.91 20.59 -56.31
CA VAL EA 45 -70.41 20.92 -54.98
C VAL EA 45 -69.09 21.66 -55.11
N ASN EA 46 -68.84 22.67 -54.25
CA ASN EA 46 -67.60 23.43 -54.22
C ASN EA 46 -66.36 22.54 -53.95
N PRO EA 47 -65.36 22.40 -54.86
CA PRO EA 47 -64.16 21.56 -54.68
C PRO EA 47 -63.22 22.07 -53.58
N GLY EA 48 -63.36 23.34 -53.19
CA GLY EA 48 -62.57 23.98 -52.15
C GLY EA 48 -62.83 23.42 -50.78
N LEU EA 49 -63.96 22.71 -50.61
CA LEU EA 49 -64.29 22.00 -49.40
C LEU EA 49 -63.35 20.82 -49.12
N LEU EA 50 -62.64 20.30 -50.15
CA LEU EA 50 -61.61 19.29 -49.97
C LEU EA 50 -60.34 19.85 -49.31
N GLU EA 51 -60.16 21.17 -49.38
CA GLU EA 51 -58.97 21.85 -48.89
C GLU EA 51 -59.05 22.16 -47.39
N THR EA 52 -60.24 22.01 -46.83
CA THR EA 52 -60.50 22.34 -45.43
C THR EA 52 -61.01 21.12 -44.67
N SER EA 53 -60.68 21.01 -43.37
CA SER EA 53 -61.29 20.05 -42.45
C SER EA 53 -62.78 20.21 -42.29
N GLU EA 54 -63.28 21.45 -42.11
CA GLU EA 54 -64.71 21.73 -42.04
C GLU EA 54 -65.48 21.36 -43.30
N GLY EA 55 -64.93 21.65 -44.49
CA GLY EA 55 -65.50 21.24 -45.78
C GLY EA 55 -65.56 19.75 -45.96
N CYS EA 56 -64.47 19.03 -45.61
CA CYS EA 56 -64.45 17.58 -45.60
C CYS EA 56 -65.47 16.96 -44.65
N ARG EA 57 -65.63 17.53 -43.40
CA ARG EA 57 -66.64 17.00 -42.44
C ARG EA 57 -68.06 17.04 -42.94
N GLN EA 58 -68.45 18.19 -43.46
CA GLN EA 58 -69.78 18.30 -44.02
C GLN EA 58 -70.04 17.42 -45.24
N ILE EA 59 -69.08 17.29 -46.18
CA ILE EA 59 -69.20 16.37 -47.32
C ILE EA 59 -69.36 14.91 -46.90
N LEU EA 60 -68.58 14.45 -45.90
CA LEU EA 60 -68.77 13.14 -45.29
C LEU EA 60 -70.16 12.94 -44.70
N GLY EA 61 -70.70 13.99 -44.03
CA GLY EA 61 -72.08 14.02 -43.56
C GLY EA 61 -73.14 13.98 -44.65
N GLN EA 62 -72.93 14.66 -45.78
CA GLN EA 62 -73.77 14.55 -46.97
C GLN EA 62 -73.77 13.16 -47.61
N LEU EA 63 -72.59 12.54 -47.77
CA LEU EA 63 -72.42 11.21 -48.32
C LEU EA 63 -73.01 10.07 -47.49
N GLN EA 64 -72.91 10.19 -46.16
CA GLN EA 64 -73.24 9.13 -45.23
C GLN EA 64 -74.54 8.30 -45.45
N PRO EA 65 -75.79 8.85 -45.60
CA PRO EA 65 -76.98 7.99 -45.66
C PRO EA 65 -77.12 7.27 -46.99
N SER EA 66 -76.24 7.55 -47.99
CA SER EA 66 -76.45 7.06 -49.35
C SER EA 66 -75.39 6.04 -49.73
N LEU EA 67 -74.48 5.67 -48.82
CA LEU EA 67 -73.36 4.78 -49.10
C LEU EA 67 -73.70 3.34 -49.51
N GLN EA 68 -74.61 2.66 -48.78
CA GLN EA 68 -75.07 1.32 -49.11
C GLN EA 68 -75.87 1.21 -50.40
N THR EA 69 -76.74 2.25 -50.60
CA THR EA 69 -77.59 2.47 -51.78
C THR EA 69 -76.76 2.71 -53.02
N GLY EA 70 -75.75 3.56 -52.87
CA GLY EA 70 -74.71 3.79 -53.86
C GLY EA 70 -73.83 2.60 -54.15
N SER EA 71 -73.17 2.60 -55.32
CA SER EA 71 -72.20 1.57 -55.68
C SER EA 71 -70.87 1.76 -54.95
N GLU EA 72 -69.91 0.83 -55.12
CA GLU EA 72 -68.65 0.88 -54.42
C GLU EA 72 -67.75 2.02 -54.93
N GLU EA 73 -68.01 2.55 -56.15
CA GLU EA 73 -67.47 3.82 -56.61
C GLU EA 73 -67.82 5.02 -55.73
N LEU EA 74 -69.07 5.06 -55.24
CA LEU EA 74 -69.45 6.11 -54.28
C LEU EA 74 -68.70 5.90 -52.98
N ARG EA 75 -68.59 4.64 -52.58
CA ARG EA 75 -67.89 4.34 -51.35
C ARG EA 75 -66.40 4.70 -51.48
N SER EA 76 -65.81 4.50 -52.67
CA SER EA 76 -64.41 4.85 -52.95
C SER EA 76 -64.24 6.37 -52.81
N LEU EA 77 -65.19 7.15 -53.36
CA LEU EA 77 -65.20 8.59 -53.17
C LEU EA 77 -65.28 9.01 -51.70
N TYR EA 78 -66.19 8.39 -50.91
CA TYR EA 78 -66.31 8.60 -49.48
C TYR EA 78 -65.05 8.25 -48.69
N ASN EA 79 -64.46 7.09 -49.01
CA ASN EA 79 -63.22 6.64 -48.38
C ASN EA 79 -62.07 7.60 -48.67
N THR EA 80 -61.99 8.13 -49.90
CA THR EA 80 -60.98 9.11 -50.30
C THR EA 80 -61.05 10.38 -49.43
N ILE EA 81 -62.26 10.91 -49.23
CA ILE EA 81 -62.51 12.05 -48.37
C ILE EA 81 -62.30 11.72 -46.88
N ALA EA 82 -62.73 10.55 -46.42
CA ALA EA 82 -62.46 10.14 -45.02
C ALA EA 82 -60.96 10.06 -44.71
N VAL EA 83 -60.16 9.54 -45.66
CA VAL EA 83 -58.72 9.47 -45.49
C VAL EA 83 -58.15 10.87 -45.49
N LEU EA 84 -58.63 11.75 -46.37
CA LEU EA 84 -58.15 13.11 -46.44
C LEU EA 84 -58.42 13.85 -45.11
N TYR EA 85 -59.62 13.63 -44.51
CA TYR EA 85 -59.96 14.24 -43.22
C TYR EA 85 -58.95 13.81 -42.16
N CYS EA 86 -58.64 12.51 -42.10
CA CYS EA 86 -57.62 11.99 -41.21
C CYS EA 86 -56.24 12.62 -41.39
N VAL EA 87 -55.85 12.86 -42.64
CA VAL EA 87 -54.65 13.63 -42.93
C VAL EA 87 -54.75 15.10 -42.44
N HIS EA 88 -55.90 15.74 -42.64
CA HIS EA 88 -56.09 17.13 -42.18
C HIS EA 88 -56.07 17.26 -40.66
N GLN EA 89 -56.44 16.20 -39.96
CA GLN EA 89 -56.44 16.17 -38.51
C GLN EA 89 -55.08 15.80 -37.97
N ARG EA 90 -54.10 15.66 -38.88
CA ARG EA 90 -52.73 15.34 -38.60
C ARG EA 90 -52.55 13.99 -37.95
N ILE EA 91 -53.33 12.99 -38.37
CA ILE EA 91 -53.14 11.67 -37.80
C ILE EA 91 -52.76 10.70 -38.91
N ASP EA 92 -51.86 9.79 -38.59
CA ASP EA 92 -51.42 8.81 -39.56
C ASP EA 92 -52.35 7.61 -39.49
N VAL EA 93 -52.61 6.99 -40.64
CA VAL EA 93 -53.39 5.75 -40.70
C VAL EA 93 -52.62 4.79 -41.59
N LYS EA 94 -52.79 3.47 -41.42
CA LYS EA 94 -52.13 2.51 -42.32
C LYS EA 94 -52.95 2.17 -43.55
N ASP EA 95 -54.27 2.21 -43.44
CA ASP EA 95 -55.16 1.78 -44.48
C ASP EA 95 -56.45 2.58 -44.39
N THR EA 96 -57.32 2.32 -45.36
CA THR EA 96 -58.66 2.91 -45.41
C THR EA 96 -59.55 2.45 -44.26
N LYS EA 97 -59.55 1.16 -43.92
CA LYS EA 97 -60.34 0.66 -42.81
C LYS EA 97 -59.96 1.39 -41.51
N GLU EA 98 -58.64 1.58 -41.24
CA GLU EA 98 -58.18 2.37 -40.11
C GLU EA 98 -58.67 3.82 -40.14
N ALA EA 99 -58.64 4.46 -41.32
CA ALA EA 99 -59.22 5.81 -41.47
C ALA EA 99 -60.72 5.83 -41.19
N LEU EA 100 -61.43 4.78 -41.57
CA LEU EA 100 -62.84 4.74 -41.30
C LEU EA 100 -63.07 4.58 -39.78
N ASP EA 101 -62.19 3.84 -39.08
CA ASP EA 101 -62.30 3.70 -37.63
C ASP EA 101 -62.12 5.07 -36.97
N LYS EA 102 -61.23 5.90 -37.52
CA LYS EA 102 -61.03 7.27 -37.04
C LYS EA 102 -62.25 8.17 -37.21
N ILE EA 103 -62.97 8.09 -38.35
CA ILE EA 103 -64.26 8.77 -38.51
C ILE EA 103 -65.29 8.26 -37.51
N GLU EA 104 -65.34 6.92 -37.30
CA GLU EA 104 -66.27 6.33 -36.29
C GLU EA 104 -66.00 6.79 -34.86
N GLU EA 105 -64.73 6.78 -34.38
CA GLU EA 105 -64.45 7.34 -33.07
C GLU EA 105 -64.85 8.80 -32.91
N GLU EA 106 -64.56 9.67 -33.91
CA GLU EA 106 -65.01 11.05 -33.93
C GLU EA 106 -66.54 11.21 -33.91
N GLN EA 107 -67.27 10.38 -34.70
CA GLN EA 107 -68.71 10.28 -34.60
C GLN EA 107 -69.23 9.84 -33.24
N ASN EA 108 -68.57 8.87 -32.56
CA ASN EA 108 -68.91 8.51 -31.19
C ASN EA 108 -68.78 9.68 -30.21
N LYS EA 109 -67.68 10.47 -30.28
CA LYS EA 109 -67.52 11.70 -29.51
C LYS EA 109 -68.56 12.77 -29.83
N SER EA 110 -68.75 13.05 -31.14
CA SER EA 110 -69.66 14.08 -31.65
C SER EA 110 -71.11 13.84 -31.29
N LYS EA 111 -71.56 12.57 -31.39
CA LYS EA 111 -72.92 12.11 -31.14
C LYS EA 111 -73.44 12.43 -29.75
N LYS EA 112 -72.56 12.33 -28.73
CA LYS EA 112 -72.85 12.67 -27.35
C LYS EA 112 -73.28 14.12 -27.12
N LYS EA 113 -72.69 15.07 -27.90
CA LYS EA 113 -72.81 16.49 -27.66
C LYS EA 113 -73.61 17.18 -28.75
N ALA EA 114 -74.35 16.43 -29.59
CA ALA EA 114 -75.06 16.95 -30.74
C ALA EA 114 -76.54 17.22 -30.48
N GLN EA 115 -76.92 17.36 -29.19
CA GLN EA 115 -78.30 17.48 -28.75
C GLN EA 115 -78.51 18.84 -28.03
N GLY FA 1 -80.35 -19.79 -58.64
CA GLY FA 1 -81.73 -19.63 -58.18
C GLY FA 1 -82.54 -18.65 -59.00
N ALA FA 2 -81.88 -17.61 -59.52
CA ALA FA 2 -82.41 -16.66 -60.47
C ALA FA 2 -82.98 -17.32 -61.74
N ARG FA 3 -82.37 -18.44 -62.16
CA ARG FA 3 -82.83 -19.23 -63.29
C ARG FA 3 -84.17 -19.92 -63.09
N ALA FA 4 -84.63 -20.07 -61.86
CA ALA FA 4 -85.90 -20.69 -61.54
C ALA FA 4 -87.04 -19.66 -61.52
N SER FA 5 -86.71 -18.36 -61.76
CA SER FA 5 -87.71 -17.29 -61.82
C SER FA 5 -88.22 -17.08 -63.23
N VAL FA 6 -87.66 -17.87 -64.17
CA VAL FA 6 -87.98 -17.87 -65.62
C VAL FA 6 -89.28 -18.63 -65.90
N LEU FA 7 -89.59 -19.53 -64.97
CA LEU FA 7 -90.76 -20.38 -64.94
C LEU FA 7 -92.06 -19.62 -64.81
N SER FA 8 -93.18 -20.17 -65.35
CA SER FA 8 -94.49 -19.55 -65.17
C SER FA 8 -94.87 -19.41 -63.70
N GLY FA 9 -95.42 -18.25 -63.35
CA GLY FA 9 -95.66 -17.89 -61.97
C GLY FA 9 -94.46 -17.19 -61.31
N GLY FA 10 -93.29 -17.20 -61.97
CA GLY FA 10 -92.08 -16.60 -61.43
C GLY FA 10 -92.00 -15.11 -61.75
N GLU FA 11 -90.89 -14.49 -61.40
CA GLU FA 11 -90.77 -13.04 -61.57
C GLU FA 11 -90.83 -12.54 -63.01
N LEU FA 12 -90.24 -13.28 -63.95
CA LEU FA 12 -90.21 -12.79 -65.33
C LEU FA 12 -91.60 -12.82 -65.91
N ASP FA 13 -92.34 -13.86 -65.52
CA ASP FA 13 -93.68 -14.10 -65.98
C ASP FA 13 -94.63 -13.05 -65.43
N LYS FA 14 -94.49 -12.70 -64.14
CA LYS FA 14 -95.39 -11.70 -63.63
C LYS FA 14 -95.07 -10.34 -64.25
N TRP FA 15 -93.79 -10.02 -64.42
CA TRP FA 15 -93.43 -8.71 -64.98
C TRP FA 15 -94.09 -8.45 -66.31
N GLU FA 16 -94.03 -9.41 -67.23
CA GLU FA 16 -94.48 -9.10 -68.58
C GLU FA 16 -95.99 -9.21 -68.77
N LYS FA 17 -96.74 -9.52 -67.70
CA LYS FA 17 -98.19 -9.60 -67.78
C LYS FA 17 -98.88 -8.34 -67.25
N ILE FA 18 -98.11 -7.33 -66.85
CA ILE FA 18 -98.63 -6.08 -66.28
C ILE FA 18 -98.74 -4.95 -67.34
N ARG FA 19 -99.92 -4.30 -67.44
CA ARG FA 19 -100.15 -3.21 -68.41
C ARG FA 19 -99.37 -1.94 -68.01
N LEU FA 20 -98.84 -1.20 -69.01
CA LEU FA 20 -98.07 -0.01 -68.63
C LEU FA 20 -98.93 1.09 -68.00
N ARG FA 21 -100.19 1.22 -68.48
CA ARG FA 21 -101.09 2.28 -68.09
C ARG FA 21 -102.46 1.67 -67.85
N PRO FA 22 -103.36 2.33 -67.11
CA PRO FA 22 -104.77 1.98 -67.02
C PRO FA 22 -105.53 2.42 -68.28
N GLY FA 23 -105.17 1.76 -69.38
CA GLY FA 23 -105.70 1.99 -70.72
C GLY FA 23 -104.58 1.85 -71.76
N GLY FA 24 -104.92 1.42 -72.97
CA GLY FA 24 -103.93 1.22 -74.03
C GLY FA 24 -103.59 -0.25 -74.05
N LYS FA 25 -103.04 -0.78 -75.16
CA LYS FA 25 -102.76 -2.20 -75.20
C LYS FA 25 -101.32 -2.54 -74.83
N LYS FA 26 -100.51 -1.56 -74.50
CA LYS FA 26 -99.10 -1.88 -74.23
C LYS FA 26 -98.84 -2.39 -72.81
N GLN FA 27 -98.11 -3.52 -72.76
CA GLN FA 27 -97.66 -4.22 -71.55
C GLN FA 27 -96.20 -3.97 -71.27
N TYR FA 28 -95.75 -4.20 -70.01
CA TYR FA 28 -94.31 -4.11 -69.64
C TYR FA 28 -93.47 -5.22 -70.25
N LYS FA 29 -92.24 -4.88 -70.64
CA LYS FA 29 -91.29 -5.86 -71.20
C LYS FA 29 -90.02 -5.88 -70.33
N LEU FA 30 -89.23 -6.97 -70.36
CA LEU FA 30 -88.00 -7.00 -69.54
C LEU FA 30 -86.98 -5.90 -69.92
N LYS FA 31 -86.98 -5.49 -71.18
CA LYS FA 31 -86.12 -4.40 -71.62
C LYS FA 31 -86.33 -3.06 -70.88
N HIS FA 32 -87.54 -2.79 -70.34
CA HIS FA 32 -87.78 -1.65 -69.45
C HIS FA 32 -86.92 -1.67 -68.19
N ILE FA 33 -86.63 -2.88 -67.67
CA ILE FA 33 -85.78 -3.08 -66.50
C ILE FA 33 -84.35 -2.64 -66.82
N VAL FA 34 -83.86 -2.97 -68.03
CA VAL FA 34 -82.55 -2.54 -68.49
C VAL FA 34 -82.41 -1.02 -68.51
N TRP FA 35 -83.41 -0.28 -69.04
CA TRP FA 35 -83.43 1.17 -68.97
C TRP FA 35 -83.44 1.71 -67.55
N ALA FA 36 -84.29 1.13 -66.67
CA ALA FA 36 -84.32 1.52 -65.25
C ALA FA 36 -83.00 1.26 -64.53
N SER FA 37 -82.37 0.12 -64.76
CA SER FA 37 -81.04 -0.16 -64.23
C SER FA 37 -80.01 0.82 -64.75
N ARG FA 38 -79.99 1.12 -66.06
CA ARG FA 38 -79.08 2.08 -66.65
C ARG FA 38 -79.18 3.50 -66.11
N GLU FA 39 -80.42 3.94 -65.83
CA GLU FA 39 -80.64 5.16 -65.05
C GLU FA 39 -80.18 5.02 -63.60
N LEU FA 40 -80.43 3.89 -62.95
CA LEU FA 40 -79.94 3.79 -61.59
C LEU FA 40 -78.41 3.79 -61.56
N GLU FA 41 -77.74 3.13 -62.52
CA GLU FA 41 -76.28 3.15 -62.57
C GLU FA 41 -75.82 4.58 -62.86
N ARG FA 42 -76.51 5.30 -63.76
CA ARG FA 42 -76.16 6.69 -64.02
C ARG FA 42 -76.26 7.61 -62.80
N PHE FA 43 -77.29 7.42 -61.94
CA PHE FA 43 -77.43 8.10 -60.66
C PHE FA 43 -76.45 7.61 -59.59
N ALA FA 44 -75.62 6.60 -59.93
CA ALA FA 44 -74.64 5.86 -59.10
C ALA FA 44 -75.22 4.96 -58.00
N VAL FA 45 -76.34 4.31 -58.30
CA VAL FA 45 -77.05 3.36 -57.44
C VAL FA 45 -76.62 1.90 -57.74
N ASN FA 46 -76.41 1.15 -56.65
CA ASN FA 46 -75.94 -0.24 -56.58
C ASN FA 46 -76.91 -1.31 -57.16
N PRO FA 47 -76.60 -2.03 -58.27
CA PRO FA 47 -77.46 -3.05 -58.87
C PRO FA 47 -77.79 -4.19 -57.92
N GLY FA 48 -76.97 -4.40 -56.86
CA GLY FA 48 -77.12 -5.47 -55.87
C GLY FA 48 -78.40 -5.41 -55.07
N LEU FA 49 -79.07 -4.25 -55.12
CA LEU FA 49 -80.33 -3.95 -54.44
C LEU FA 49 -81.53 -4.43 -55.22
N LEU FA 50 -81.35 -4.69 -56.51
CA LEU FA 50 -82.46 -4.96 -57.41
C LEU FA 50 -83.07 -6.35 -57.24
N GLU FA 51 -82.34 -7.28 -56.66
CA GLU FA 51 -82.89 -8.59 -56.37
C GLU FA 51 -83.57 -8.70 -55.00
N THR FA 52 -83.50 -7.63 -54.21
CA THR FA 52 -84.01 -7.61 -52.85
C THR FA 52 -85.11 -6.61 -52.62
N SER FA 53 -86.20 -7.08 -52.03
CA SER FA 53 -87.34 -6.23 -51.73
C SER FA 53 -86.99 -5.13 -50.76
N GLU FA 54 -86.06 -5.41 -49.83
CA GLU FA 54 -85.60 -4.41 -48.86
C GLU FA 54 -84.83 -3.33 -49.62
N GLY FA 55 -84.04 -3.77 -50.59
CA GLY FA 55 -83.26 -2.93 -51.51
C GLY FA 55 -84.18 -2.04 -52.33
N CYS FA 56 -85.24 -2.64 -52.91
CA CYS FA 56 -86.26 -1.90 -53.68
C CYS FA 56 -87.03 -0.91 -52.82
N ARG FA 57 -87.39 -1.30 -51.60
CA ARG FA 57 -88.02 -0.37 -50.66
C ARG FA 57 -87.14 0.84 -50.36
N GLN FA 58 -85.82 0.64 -50.18
CA GLN FA 58 -84.86 1.74 -50.14
C GLN FA 58 -84.80 2.60 -51.41
N ILE FA 59 -84.77 1.99 -52.61
CA ILE FA 59 -84.77 2.70 -53.89
C ILE FA 59 -86.02 3.57 -54.09
N LEU FA 60 -87.20 3.07 -53.68
CA LEU FA 60 -88.43 3.86 -53.60
C LEU FA 60 -88.31 5.07 -52.66
N GLY FA 61 -87.62 4.91 -51.51
CA GLY FA 61 -87.28 6.00 -50.59
C GLY FA 61 -86.30 7.01 -51.14
N GLN FA 62 -85.32 6.55 -51.92
CA GLN FA 62 -84.34 7.44 -52.59
C GLN FA 62 -84.96 8.39 -53.62
N LEU FA 63 -85.91 7.90 -54.39
CA LEU FA 63 -86.58 8.69 -55.41
C LEU FA 63 -87.66 9.63 -54.85
N GLN FA 64 -88.20 9.31 -53.67
CA GLN FA 64 -89.35 9.96 -53.06
C GLN FA 64 -89.31 11.48 -52.83
N PRO FA 65 -88.24 12.13 -52.35
CA PRO FA 65 -88.26 13.56 -52.07
C PRO FA 65 -88.34 14.43 -53.32
N SER FA 66 -87.86 13.92 -54.47
CA SER FA 66 -87.81 14.69 -55.71
C SER FA 66 -88.99 14.43 -56.64
N LEU FA 67 -89.98 13.60 -56.25
CA LEU FA 67 -91.15 13.31 -57.07
C LEU FA 67 -91.98 14.54 -57.44
N GLN FA 68 -92.14 15.48 -56.49
CA GLN FA 68 -92.90 16.70 -56.63
C GLN FA 68 -92.48 17.59 -57.78
N THR FA 69 -91.16 17.78 -57.97
CA THR FA 69 -90.59 18.60 -59.03
C THR FA 69 -90.11 17.74 -60.19
N GLY FA 70 -90.11 16.41 -60.01
CA GLY FA 70 -89.59 15.40 -60.90
C GLY FA 70 -90.02 15.43 -62.34
N SER FA 71 -89.10 15.07 -63.25
CA SER FA 71 -89.39 14.85 -64.66
C SER FA 71 -90.30 13.65 -64.89
N GLU FA 72 -90.96 13.59 -66.07
CA GLU FA 72 -91.79 12.46 -66.46
C GLU FA 72 -91.01 11.15 -66.54
N GLU FA 73 -89.75 11.20 -67.01
CA GLU FA 73 -88.81 10.09 -66.91
C GLU FA 73 -88.50 9.64 -65.49
N LEU FA 74 -88.23 10.56 -64.53
CA LEU FA 74 -88.04 10.20 -63.13
C LEU FA 74 -89.28 9.57 -62.50
N ARG FA 75 -90.47 10.12 -62.77
CA ARG FA 75 -91.73 9.53 -62.39
C ARG FA 75 -92.00 8.15 -63.02
N SER FA 76 -91.70 7.99 -64.32
CA SER FA 76 -91.75 6.72 -65.04
C SER FA 76 -90.80 5.68 -64.47
N LEU FA 77 -89.57 6.08 -64.11
CA LEU FA 77 -88.61 5.26 -63.38
C LEU FA 77 -89.14 4.81 -62.02
N TYR FA 78 -89.75 5.74 -61.24
CA TYR FA 78 -90.39 5.42 -59.95
C TYR FA 78 -91.50 4.38 -60.10
N ASN FA 79 -92.39 4.59 -61.07
CA ASN FA 79 -93.45 3.65 -61.42
C ASN FA 79 -92.89 2.27 -61.80
N THR FA 80 -91.80 2.23 -62.58
CA THR FA 80 -91.10 0.99 -62.95
C THR FA 80 -90.57 0.22 -61.74
N ILE FA 81 -89.97 0.94 -60.80
CA ILE FA 81 -89.49 0.33 -59.54
C ILE FA 81 -90.67 -0.16 -58.71
N ALA FA 82 -91.75 0.62 -58.63
CA ALA FA 82 -92.93 0.25 -57.86
C ALA FA 82 -93.54 -1.08 -58.35
N VAL FA 83 -93.56 -1.28 -59.68
CA VAL FA 83 -94.06 -2.53 -60.24
C VAL FA 83 -93.11 -3.67 -59.85
N LEU FA 84 -91.78 -3.45 -59.93
CA LEU FA 84 -90.81 -4.49 -59.49
C LEU FA 84 -90.98 -4.90 -58.02
N TYR FA 85 -91.22 -3.96 -57.11
CA TYR FA 85 -91.53 -4.32 -55.73
C TYR FA 85 -92.73 -5.26 -55.62
N CYS FA 86 -93.82 -4.96 -56.35
CA CYS FA 86 -95.01 -5.80 -56.42
C CYS FA 86 -94.74 -7.18 -56.99
N VAL FA 87 -93.94 -7.26 -58.08
CA VAL FA 87 -93.46 -8.51 -58.64
C VAL FA 87 -92.59 -9.33 -57.68
N HIS FA 88 -91.65 -8.70 -56.94
CA HIS FA 88 -90.86 -9.41 -55.93
C HIS FA 88 -91.64 -10.07 -54.81
N GLN FA 89 -92.65 -9.36 -54.27
CA GLN FA 89 -93.49 -9.88 -53.19
C GLN FA 89 -94.72 -10.62 -53.70
N ARG FA 90 -94.73 -10.90 -55.03
CA ARG FA 90 -95.68 -11.75 -55.74
C ARG FA 90 -97.13 -11.34 -55.67
N ILE FA 91 -97.38 -10.05 -55.85
CA ILE FA 91 -98.70 -9.45 -55.85
C ILE FA 91 -99.31 -9.56 -57.25
N ASP FA 92 -100.55 -10.02 -57.34
CA ASP FA 92 -101.17 -10.19 -58.64
C ASP FA 92 -101.74 -8.90 -59.21
N VAL FA 93 -100.81 -8.07 -59.67
CA VAL FA 93 -101.04 -6.77 -60.28
C VAL FA 93 -101.38 -6.92 -61.76
N LYS FA 94 -102.42 -6.21 -62.24
CA LYS FA 94 -102.74 -6.26 -63.67
C LYS FA 94 -102.15 -5.07 -64.44
N ASP FA 95 -101.91 -3.96 -63.74
CA ASP FA 95 -101.37 -2.73 -64.33
C ASP FA 95 -100.68 -1.83 -63.30
N THR FA 96 -100.12 -0.72 -63.78
CA THR FA 96 -99.45 0.27 -62.93
C THR FA 96 -100.40 0.84 -61.85
N LYS FA 97 -101.66 1.13 -62.22
CA LYS FA 97 -102.67 1.61 -61.29
C LYS FA 97 -102.99 0.67 -60.14
N GLU FA 98 -103.09 -0.63 -60.41
CA GLU FA 98 -103.17 -1.56 -59.29
C GLU FA 98 -101.90 -1.60 -58.45
N ALA FA 99 -100.71 -1.52 -59.07
CA ALA FA 99 -99.49 -1.53 -58.25
C ALA FA 99 -99.47 -0.33 -57.32
N LEU FA 100 -99.92 0.81 -57.81
CA LEU FA 100 -99.90 2.04 -57.04
C LEU FA 100 -101.07 2.19 -56.07
N ASP FA 101 -102.23 1.54 -56.30
CA ASP FA 101 -103.27 1.37 -55.30
C ASP FA 101 -102.75 0.57 -54.11
N LYS FA 102 -102.07 -0.55 -54.43
CA LYS FA 102 -101.52 -1.47 -53.44
C LYS FA 102 -100.43 -0.83 -52.63
N ILE FA 103 -99.60 -0.01 -53.26
CA ILE FA 103 -98.55 0.66 -52.52
C ILE FA 103 -99.13 1.72 -51.60
N GLU FA 104 -100.08 2.54 -52.04
CA GLU FA 104 -100.65 3.51 -51.11
C GLU FA 104 -101.29 2.77 -49.94
N GLU FA 105 -102.00 1.67 -50.24
CA GLU FA 105 -102.68 0.87 -49.24
C GLU FA 105 -101.72 0.23 -48.22
N GLU FA 106 -100.61 -0.38 -48.70
CA GLU FA 106 -99.52 -0.90 -47.89
C GLU FA 106 -98.83 0.17 -47.06
N GLN FA 107 -98.66 1.40 -47.62
CA GLN FA 107 -98.14 2.55 -46.84
C GLN FA 107 -99.05 2.99 -45.69
N ASN FA 108 -100.38 3.03 -45.90
CA ASN FA 108 -101.35 3.31 -44.86
C ASN FA 108 -101.33 2.25 -43.75
N LYS FA 109 -101.29 0.96 -44.15
CA LYS FA 109 -101.08 -0.19 -43.29
C LYS FA 109 -99.77 -0.21 -42.50
N SER FA 110 -98.64 0.10 -43.17
CA SER FA 110 -97.31 0.25 -42.59
C SER FA 110 -97.20 1.39 -41.60
N LYS FA 111 -97.82 2.55 -41.91
CA LYS FA 111 -97.86 3.73 -41.05
C LYS FA 111 -98.53 3.47 -39.72
N LYS FA 112 -99.56 2.61 -39.71
CA LYS FA 112 -100.25 2.17 -38.51
C LYS FA 112 -99.44 1.24 -37.61
N LYS FA 113 -98.24 0.79 -38.05
CA LYS FA 113 -97.28 0.12 -37.19
C LYS FA 113 -96.07 0.99 -36.90
N ALA FA 114 -95.55 1.74 -37.89
CA ALA FA 114 -94.34 2.52 -37.75
C ALA FA 114 -94.64 4.01 -37.87
N GLN FA 115 -94.46 4.75 -36.77
CA GLN FA 115 -94.68 6.17 -36.69
C GLN FA 115 -93.96 6.69 -35.43
N GLY GA 1 -102.90 33.82 -75.42
CA GLY GA 1 -102.13 32.58 -75.39
C GLY GA 1 -100.66 32.90 -75.46
N ALA GA 2 -99.90 32.15 -76.27
CA ALA GA 2 -98.46 32.29 -76.44
C ALA GA 2 -98.01 33.68 -76.91
N ARG GA 3 -98.81 34.34 -77.80
CA ARG GA 3 -98.55 35.67 -78.32
C ARG GA 3 -98.38 36.77 -77.28
N ALA GA 4 -99.05 36.63 -76.11
CA ALA GA 4 -99.02 37.62 -75.05
C ALA GA 4 -97.69 37.70 -74.31
N SER GA 5 -96.84 36.64 -74.42
CA SER GA 5 -95.56 36.54 -73.71
C SER GA 5 -94.57 37.66 -74.02
N VAL GA 6 -94.53 38.12 -75.28
CA VAL GA 6 -93.61 39.13 -75.76
C VAL GA 6 -94.22 40.53 -75.80
N LEU GA 7 -95.46 40.70 -75.28
CA LEU GA 7 -96.15 41.99 -75.20
C LEU GA 7 -95.37 43.03 -74.40
N SER GA 8 -95.37 44.32 -74.81
CA SER GA 8 -94.57 45.31 -74.09
C SER GA 8 -95.03 45.57 -72.67
N GLY GA 9 -94.06 45.72 -71.75
CA GLY GA 9 -94.28 45.78 -70.30
C GLY GA 9 -94.43 44.41 -69.67
N GLY GA 10 -94.57 43.36 -70.51
CA GLY GA 10 -94.62 41.97 -70.10
C GLY GA 10 -93.33 41.44 -69.52
N GLU GA 11 -93.39 40.22 -68.98
CA GLU GA 11 -92.30 39.58 -68.27
C GLU GA 11 -91.00 39.42 -69.06
N LEU GA 12 -91.08 38.99 -70.33
CA LEU GA 12 -89.95 38.97 -71.24
C LEU GA 12 -89.35 40.35 -71.56
N ASP GA 13 -90.21 41.38 -71.77
CA ASP GA 13 -89.77 42.75 -72.02
C ASP GA 13 -89.00 43.33 -70.82
N LYS GA 14 -89.47 43.01 -69.60
CA LYS GA 14 -88.75 43.39 -68.38
C LYS GA 14 -87.43 42.65 -68.13
N TRP GA 15 -87.36 41.34 -68.42
CA TRP GA 15 -86.17 40.54 -68.14
C TRP GA 15 -84.88 41.17 -68.66
N GLU GA 16 -84.89 41.66 -69.89
CA GLU GA 16 -83.68 42.23 -70.52
C GLU GA 16 -83.24 43.60 -69.97
N LYS GA 17 -84.08 44.26 -69.19
CA LYS GA 17 -83.70 45.56 -68.67
C LYS GA 17 -82.94 45.43 -67.35
N ILE GA 18 -82.93 44.22 -66.74
CA ILE GA 18 -82.43 43.94 -65.39
C ILE GA 18 -80.93 43.63 -65.41
N ARG GA 19 -80.16 44.23 -64.48
CA ARG GA 19 -78.75 43.90 -64.30
C ARG GA 19 -78.46 42.51 -63.74
N LEU GA 20 -77.52 41.78 -64.38
CA LEU GA 20 -76.97 40.53 -63.88
C LEU GA 20 -76.24 40.67 -62.56
N ARG GA 21 -75.44 41.75 -62.42
CA ARG GA 21 -74.71 42.08 -61.21
C ARG GA 21 -74.84 43.59 -60.97
N PRO GA 22 -75.07 44.07 -59.74
CA PRO GA 22 -75.39 45.47 -59.41
C PRO GA 22 -74.59 46.56 -60.12
N GLY GA 23 -73.24 46.49 -60.05
CA GLY GA 23 -72.35 47.51 -60.58
C GLY GA 23 -72.12 47.45 -62.06
N GLY GA 24 -72.43 46.30 -62.69
CA GLY GA 24 -72.01 46.00 -64.05
C GLY GA 24 -72.89 46.49 -65.16
N LYS GA 25 -72.41 46.30 -66.41
CA LYS GA 25 -73.11 46.62 -67.63
C LYS GA 25 -73.81 45.41 -68.22
N LYS GA 26 -73.64 44.23 -67.62
CA LYS GA 26 -74.23 42.99 -68.08
C LYS GA 26 -75.69 42.83 -67.68
N GLN GA 27 -76.56 42.70 -68.69
CA GLN GA 27 -78.00 42.56 -68.54
C GLN GA 27 -78.39 41.08 -68.56
N TYR GA 28 -79.51 40.72 -67.95
CA TYR GA 28 -80.03 39.36 -68.16
C TYR GA 28 -80.52 39.11 -69.61
N LYS GA 29 -80.22 37.91 -70.12
CA LYS GA 29 -80.60 37.46 -71.47
C LYS GA 29 -81.46 36.19 -71.41
N LEU GA 30 -82.19 35.88 -72.50
CA LEU GA 30 -83.05 34.68 -72.52
C LEU GA 30 -82.24 33.38 -72.61
N LYS GA 31 -81.01 33.49 -73.10
CA LYS GA 31 -80.06 32.39 -73.10
C LYS GA 31 -79.77 31.77 -71.72
N HIS GA 32 -79.80 32.59 -70.65
CA HIS GA 32 -79.68 32.13 -69.26
C HIS GA 32 -80.77 31.16 -68.88
N ILE GA 33 -82.03 31.49 -69.24
CA ILE GA 33 -83.22 30.69 -69.02
C ILE GA 33 -83.14 29.37 -69.78
N VAL GA 34 -82.71 29.42 -71.06
CA VAL GA 34 -82.51 28.25 -71.90
C VAL GA 34 -81.47 27.28 -71.32
N TRP GA 35 -80.31 27.80 -70.86
CA TRP GA 35 -79.31 27.03 -70.16
C TRP GA 35 -79.82 26.42 -68.85
N ALA GA 36 -80.52 27.21 -68.02
CA ALA GA 36 -81.13 26.76 -66.79
C ALA GA 36 -82.16 25.65 -67.00
N SER GA 37 -83.03 25.80 -68.02
CA SER GA 37 -84.01 24.82 -68.45
C SER GA 37 -83.40 23.50 -68.88
N ARG GA 38 -82.26 23.53 -69.62
CA ARG GA 38 -81.51 22.33 -69.98
C ARG GA 38 -81.04 21.60 -68.73
N GLU GA 39 -80.47 22.35 -67.77
CA GLU GA 39 -79.84 21.79 -66.60
C GLU GA 39 -80.82 21.20 -65.59
N LEU GA 40 -82.13 21.48 -65.75
CA LEU GA 40 -83.15 20.75 -65.01
C LEU GA 40 -83.11 19.22 -65.35
N GLU GA 41 -82.81 18.81 -66.60
CA GLU GA 41 -82.57 17.40 -66.91
C GLU GA 41 -81.50 16.76 -66.02
N ARG GA 42 -80.41 17.52 -65.78
CA ARG GA 42 -79.32 17.19 -64.88
C ARG GA 42 -79.73 17.03 -63.40
N PHE GA 43 -80.64 17.88 -62.91
CA PHE GA 43 -81.25 17.73 -61.59
C PHE GA 43 -82.38 16.69 -61.52
N ALA GA 44 -82.89 16.28 -62.72
CA ALA GA 44 -84.07 15.42 -63.03
C ALA GA 44 -85.39 16.05 -62.61
N VAL GA 45 -85.56 17.29 -63.05
CA VAL GA 45 -86.65 18.19 -62.73
C VAL GA 45 -87.43 18.55 -63.99
N ASN GA 46 -88.77 18.67 -63.87
CA ASN GA 46 -89.69 19.09 -64.93
C ASN GA 46 -89.44 20.54 -65.42
N PRO GA 47 -89.23 20.86 -66.71
CA PRO GA 47 -89.12 22.23 -67.22
C PRO GA 47 -90.41 23.09 -67.14
N GLY GA 48 -91.58 22.44 -67.05
CA GLY GA 48 -92.86 23.13 -66.99
C GLY GA 48 -93.06 24.01 -65.79
N LEU GA 49 -92.31 23.73 -64.71
CA LEU GA 49 -92.25 24.52 -63.49
C LEU GA 49 -91.86 25.98 -63.72
N LEU GA 50 -91.04 26.25 -64.76
CA LEU GA 50 -90.57 27.59 -65.08
C LEU GA 50 -91.68 28.53 -65.57
N GLU GA 51 -92.81 27.99 -66.07
CA GLU GA 51 -94.00 28.76 -66.41
C GLU GA 51 -94.59 29.52 -65.24
N THR GA 52 -94.61 28.90 -64.05
CA THR GA 52 -95.47 29.27 -62.94
C THR GA 52 -94.67 29.66 -61.73
N SER GA 53 -95.14 30.67 -60.95
CA SER GA 53 -94.47 31.15 -59.75
C SER GA 53 -94.27 30.09 -58.70
N GLU GA 54 -95.29 29.25 -58.46
CA GLU GA 54 -95.23 28.14 -57.52
C GLU GA 54 -94.17 27.10 -57.90
N GLY GA 55 -94.06 26.78 -59.20
CA GLY GA 55 -93.05 25.85 -59.71
C GLY GA 55 -91.64 26.37 -59.57
N CYS GA 56 -91.44 27.66 -59.87
CA CYS GA 56 -90.18 28.36 -59.62
C CYS GA 56 -89.79 28.36 -58.14
N ARG GA 57 -90.77 28.62 -57.25
CA ARG GA 57 -90.60 28.51 -55.81
C ARG GA 57 -90.23 27.12 -55.31
N GLN GA 58 -90.84 26.05 -55.86
CA GLN GA 58 -90.41 24.69 -55.61
C GLN GA 58 -88.97 24.39 -56.03
N ILE GA 59 -88.51 24.93 -57.17
CA ILE GA 59 -87.10 24.88 -57.58
C ILE GA 59 -86.18 25.57 -56.58
N LEU GA 60 -86.55 26.76 -56.04
CA LEU GA 60 -85.83 27.41 -54.94
C LEU GA 60 -85.77 26.56 -53.67
N GLY GA 61 -86.89 25.89 -53.30
CA GLY GA 61 -86.96 24.96 -52.16
C GLY GA 61 -86.11 23.73 -52.29
N GLN GA 62 -86.03 23.13 -53.50
CA GLN GA 62 -85.06 22.10 -53.81
C GLN GA 62 -83.60 22.54 -53.76
N LEU GA 63 -83.28 23.74 -54.31
CA LEU GA 63 -81.96 24.34 -54.23
C LEU GA 63 -81.48 24.68 -52.82
N GLN GA 64 -82.41 25.13 -51.96
CA GLN GA 64 -82.16 25.64 -50.61
C GLN GA 64 -81.19 24.81 -49.71
N PRO GA 65 -81.35 23.47 -49.45
CA PRO GA 65 -80.43 22.72 -48.60
C PRO GA 65 -79.12 22.35 -49.31
N SER GA 66 -78.85 22.86 -50.53
CA SER GA 66 -77.59 22.66 -51.22
C SER GA 66 -76.78 23.93 -51.35
N LEU GA 67 -77.34 25.12 -51.02
CA LEU GA 67 -76.73 26.40 -51.37
C LEU GA 67 -75.34 26.68 -50.82
N GLN GA 68 -75.10 26.38 -49.53
CA GLN GA 68 -73.86 26.72 -48.86
C GLN GA 68 -72.70 25.78 -49.18
N THR GA 69 -72.98 24.56 -49.70
CA THR GA 69 -71.92 23.66 -50.17
C THR GA 69 -71.79 23.67 -51.67
N GLY GA 70 -72.84 24.13 -52.39
CA GLY GA 70 -72.89 24.28 -53.84
C GLY GA 70 -71.80 25.10 -54.48
N SER GA 71 -71.45 24.76 -55.73
CA SER GA 71 -70.49 25.49 -56.53
C SER GA 71 -71.10 26.75 -57.12
N GLU GA 72 -70.30 27.62 -57.77
CA GLU GA 72 -70.77 28.90 -58.29
C GLU GA 72 -71.88 28.76 -59.34
N GLU GA 73 -71.86 27.67 -60.09
CA GLU GA 73 -72.95 27.31 -60.98
C GLU GA 73 -74.29 27.08 -60.26
N LEU GA 74 -74.27 26.53 -59.03
CA LEU GA 74 -75.53 26.28 -58.35
C LEU GA 74 -76.08 27.61 -57.88
N ARG GA 75 -75.17 28.47 -57.41
CA ARG GA 75 -75.58 29.77 -56.91
C ARG GA 75 -76.11 30.62 -58.04
N SER GA 76 -75.46 30.53 -59.20
CA SER GA 76 -75.85 31.28 -60.38
C SER GA 76 -77.25 30.92 -60.85
N LEU GA 77 -77.57 29.60 -60.88
CA LEU GA 77 -78.91 29.12 -61.11
C LEU GA 77 -79.94 29.58 -60.08
N TYR GA 78 -79.61 29.50 -58.77
CA TYR GA 78 -80.50 29.99 -57.69
C TYR GA 78 -80.84 31.46 -57.83
N ASN GA 79 -79.81 32.27 -58.03
CA ASN GA 79 -79.97 33.70 -58.25
C ASN GA 79 -80.85 34.00 -59.46
N THR GA 80 -80.65 33.26 -60.58
CA THR GA 80 -81.46 33.38 -61.79
C THR GA 80 -82.93 33.04 -61.56
N ILE GA 81 -83.22 31.94 -60.83
CA ILE GA 81 -84.56 31.54 -60.44
C ILE GA 81 -85.24 32.56 -59.53
N ALA GA 82 -84.50 33.17 -58.57
CA ALA GA 82 -85.00 34.24 -57.73
C ALA GA 82 -85.46 35.48 -58.50
N VAL GA 83 -84.68 35.94 -59.51
CA VAL GA 83 -85.10 36.99 -60.42
C VAL GA 83 -86.32 36.60 -61.24
N LEU GA 84 -86.38 35.35 -61.76
CA LEU GA 84 -87.56 34.81 -62.44
C LEU GA 84 -88.82 34.77 -61.59
N TYR GA 85 -88.72 34.39 -60.30
CA TYR GA 85 -89.81 34.48 -59.34
C TYR GA 85 -90.29 35.93 -59.15
N CYS GA 86 -89.36 36.90 -58.97
CA CYS GA 86 -89.69 38.31 -58.89
C CYS GA 86 -90.37 38.87 -60.11
N VAL GA 87 -89.86 38.56 -61.31
CA VAL GA 87 -90.48 38.92 -62.59
C VAL GA 87 -91.87 38.31 -62.77
N HIS GA 88 -92.04 37.01 -62.45
CA HIS GA 88 -93.35 36.35 -62.43
C HIS GA 88 -94.38 36.95 -61.48
N GLN GA 89 -93.95 37.37 -60.27
CA GLN GA 89 -94.83 37.98 -59.28
C GLN GA 89 -94.94 39.49 -59.48
N ARG GA 90 -94.34 40.00 -60.59
CA ARG GA 90 -94.38 41.40 -61.04
C ARG GA 90 -93.78 42.40 -60.05
N ILE GA 91 -92.58 42.06 -59.58
CA ILE GA 91 -91.85 42.87 -58.63
C ILE GA 91 -90.64 43.45 -59.35
N ASP GA 92 -90.55 44.77 -59.32
CA ASP GA 92 -89.47 45.47 -59.98
C ASP GA 92 -88.17 45.45 -59.13
N VAL GA 93 -87.21 44.63 -59.59
CA VAL GA 93 -85.92 44.45 -58.97
C VAL GA 93 -84.89 44.89 -60.00
N LYS GA 94 -83.92 45.76 -59.64
CA LYS GA 94 -83.10 46.39 -60.67
C LYS GA 94 -81.91 45.51 -61.01
N ASP GA 95 -81.59 44.58 -60.10
CA ASP GA 95 -80.48 43.68 -60.21
C ASP GA 95 -80.79 42.47 -59.34
N THR GA 96 -79.89 41.48 -59.37
CA THR GA 96 -79.92 40.23 -58.63
C THR GA 96 -80.08 40.37 -57.12
N LYS GA 97 -79.39 41.35 -56.48
CA LYS GA 97 -79.38 41.51 -55.03
C LYS GA 97 -80.76 41.82 -54.46
N GLU GA 98 -81.53 42.71 -55.11
CA GLU GA 98 -82.89 43.04 -54.69
C GLU GA 98 -83.81 41.82 -54.70
N ALA GA 99 -83.70 40.96 -55.73
CA ALA GA 99 -84.43 39.71 -55.80
C ALA GA 99 -84.11 38.74 -54.65
N LEU GA 100 -82.82 38.60 -54.29
CA LEU GA 100 -82.39 37.79 -53.16
C LEU GA 100 -82.95 38.26 -51.82
N ASP GA 101 -82.99 39.59 -51.58
CA ASP GA 101 -83.69 40.15 -50.43
C ASP GA 101 -85.18 39.85 -50.40
N LYS GA 102 -85.90 40.05 -51.54
CA LYS GA 102 -87.34 39.82 -51.62
C LYS GA 102 -87.78 38.37 -51.48
N ILE GA 103 -87.03 37.40 -52.05
CA ILE GA 103 -87.27 35.97 -51.83
C ILE GA 103 -87.16 35.61 -50.36
N GLU GA 104 -86.11 36.15 -49.69
CA GLU GA 104 -85.92 36.03 -48.26
C GLU GA 104 -87.03 36.63 -47.40
N GLU GA 105 -87.52 37.84 -47.74
CA GLU GA 105 -88.64 38.49 -47.07
C GLU GA 105 -89.94 37.68 -47.07
N GLU GA 106 -90.32 37.06 -48.20
CA GLU GA 106 -91.44 36.12 -48.24
C GLU GA 106 -91.27 34.93 -47.31
N GLN GA 107 -90.07 34.31 -47.32
CA GLN GA 107 -89.74 33.19 -46.47
C GLN GA 107 -89.78 33.55 -44.98
N ASN GA 108 -89.24 34.74 -44.62
CA ASN GA 108 -89.26 35.27 -43.26
C ASN GA 108 -90.69 35.52 -42.73
N LYS GA 109 -91.59 36.09 -43.56
CA LYS GA 109 -93.01 36.15 -43.24
C LYS GA 109 -93.69 34.79 -43.08
N SER GA 110 -93.38 33.84 -43.98
CA SER GA 110 -93.88 32.47 -43.97
C SER GA 110 -93.48 31.70 -42.72
N LYS GA 111 -92.24 31.91 -42.24
CA LYS GA 111 -91.64 31.35 -41.04
C LYS GA 111 -92.45 31.50 -39.75
N LYS GA 112 -93.24 32.59 -39.59
CA LYS GA 112 -94.11 32.79 -38.43
C LYS GA 112 -95.50 32.19 -38.63
N LYS GA 113 -95.74 31.48 -39.74
CA LYS GA 113 -96.97 30.76 -40.01
C LYS GA 113 -96.74 29.25 -40.17
N ALA GA 114 -95.52 28.75 -39.88
CA ALA GA 114 -95.10 27.45 -40.39
C ALA GA 114 -94.97 26.34 -39.34
N GLN GA 115 -95.47 26.52 -38.11
CA GLN GA 115 -95.30 25.53 -37.05
C GLN GA 115 -96.60 25.29 -36.25
N GLY HA 1 45.38 92.59 13.34
CA GLY HA 1 43.98 92.23 13.51
C GLY HA 1 43.29 91.95 12.15
N ALA HA 2 43.39 92.89 11.18
CA ALA HA 2 42.74 92.87 9.84
C ALA HA 2 43.10 91.64 9.00
N ARG HA 3 44.26 91.09 9.23
CA ARG HA 3 44.78 89.91 8.54
C ARG HA 3 43.99 88.65 8.88
N ALA HA 4 43.24 88.72 9.98
CA ALA HA 4 42.31 87.68 10.33
C ALA HA 4 41.29 87.51 9.22
N SER HA 5 40.99 88.59 8.49
CA SER HA 5 40.00 88.54 7.45
C SER HA 5 40.45 87.65 6.30
N VAL HA 6 41.75 87.34 6.20
CA VAL HA 6 42.23 86.50 5.13
C VAL HA 6 42.75 85.16 5.64
N LEU HA 7 42.49 84.85 6.92
CA LEU HA 7 42.89 83.57 7.44
C LEU HA 7 41.72 82.66 7.13
N SER HA 8 41.99 81.40 6.89
CA SER HA 8 40.90 80.48 6.55
C SER HA 8 40.08 80.12 7.79
N GLY HA 9 38.75 80.36 7.73
CA GLY HA 9 37.87 80.40 8.91
C GLY HA 9 37.61 81.81 9.40
N GLY HA 10 38.16 82.83 8.69
CA GLY HA 10 37.85 84.26 8.91
C GLY HA 10 36.73 84.88 8.01
N GLU HA 11 36.68 86.22 7.98
CA GLU HA 11 35.63 86.99 7.25
C GLU HA 11 35.64 86.86 5.71
N LEU HA 12 36.81 86.92 5.06
CA LEU HA 12 36.75 86.89 3.61
C LEU HA 12 36.78 85.47 3.12
N ASP HA 13 37.24 84.58 3.99
CA ASP HA 13 37.21 83.18 3.65
C ASP HA 13 35.74 82.85 3.62
N LYS HA 14 34.95 83.37 4.59
CA LYS HA 14 33.52 83.09 4.39
C LYS HA 14 32.87 83.83 3.22
N TRP HA 15 33.24 85.08 2.97
CA TRP HA 15 32.63 85.89 1.92
C TRP HA 15 32.57 85.22 0.55
N GLU HA 16 33.64 84.57 0.11
CA GLU HA 16 33.64 83.99 -1.25
C GLU HA 16 32.93 82.63 -1.39
N LYS HA 17 32.38 82.13 -0.29
CA LYS HA 17 31.66 80.86 -0.24
C LYS HA 17 30.14 81.07 -0.26
N ILE HA 18 29.71 82.33 -0.43
CA ILE HA 18 28.28 82.69 -0.28
C ILE HA 18 27.61 83.02 -1.63
N ARG HA 19 26.47 82.38 -1.92
CA ARG HA 19 25.73 82.63 -3.16
C ARG HA 19 25.10 84.02 -3.18
N LEU HA 20 25.11 84.72 -4.35
CA LEU HA 20 24.44 86.01 -4.54
C LEU HA 20 22.93 85.97 -4.34
N ARG HA 21 22.27 84.89 -4.77
CA ARG HA 21 20.84 84.80 -4.79
C ARG HA 21 20.49 83.33 -4.54
N PRO HA 22 19.37 82.99 -3.90
CA PRO HA 22 18.89 81.62 -3.75
C PRO HA 22 18.99 80.72 -4.98
N GLY HA 23 19.63 79.54 -4.85
CA GLY HA 23 19.87 78.58 -5.93
C GLY HA 23 20.86 78.99 -7.00
N GLY HA 24 21.50 80.17 -6.88
CA GLY HA 24 22.39 80.70 -7.89
C GLY HA 24 23.81 80.16 -7.84
N LYS HA 25 24.51 80.20 -8.99
CA LYS HA 25 25.90 79.79 -9.10
C LYS HA 25 26.87 80.96 -9.20
N LYS HA 26 26.37 82.19 -9.00
CA LYS HA 26 27.19 83.37 -8.79
C LYS HA 26 27.41 83.56 -7.30
N GLN HA 27 28.68 83.78 -6.89
CA GLN HA 27 29.08 83.96 -5.50
C GLN HA 27 29.49 85.39 -5.27
N TYR HA 28 29.42 85.83 -4.03
CA TYR HA 28 29.88 87.18 -3.69
C TYR HA 28 31.39 87.32 -3.86
N LYS HA 29 31.82 88.47 -4.40
CA LYS HA 29 33.22 88.75 -4.66
C LYS HA 29 33.65 90.04 -3.98
N LEU HA 30 34.96 90.25 -3.80
CA LEU HA 30 35.47 91.45 -3.12
C LEU HA 30 35.03 92.73 -3.81
N LYS HA 31 34.84 92.68 -5.12
CA LYS HA 31 34.39 93.86 -5.83
C LYS HA 31 33.08 94.48 -5.35
N HIS HA 32 32.17 93.65 -4.74
CA HIS HA 32 30.88 94.11 -4.22
C HIS HA 32 31.09 95.01 -3.01
N ILE HA 33 32.13 94.71 -2.25
CA ILE HA 33 32.55 95.48 -1.06
C ILE HA 33 33.09 96.82 -1.47
N VAL HA 34 33.95 96.77 -2.47
CA VAL HA 34 34.56 97.96 -3.06
C VAL HA 34 33.51 98.91 -3.65
N TRP HA 35 32.54 98.33 -4.35
CA TRP HA 35 31.33 99.03 -4.73
C TRP HA 35 30.52 99.57 -3.56
N ALA HA 36 30.24 98.77 -2.52
CA ALA HA 36 29.48 99.33 -1.42
C ALA HA 36 30.20 100.53 -0.79
N SER HA 37 31.54 100.48 -0.71
CA SER HA 37 32.34 101.59 -0.15
C SER HA 37 32.21 102.84 -1.02
N ARG HA 38 32.29 102.66 -2.35
CA ARG HA 38 32.08 103.74 -3.32
C ARG HA 38 30.66 104.36 -3.28
N GLU HA 39 29.64 103.52 -3.05
CA GLU HA 39 28.31 104.03 -2.84
C GLU HA 39 28.26 104.85 -1.56
N LEU HA 40 28.94 104.44 -0.49
CA LEU HA 40 28.84 105.30 0.67
C LEU HA 40 29.46 106.66 0.33
N GLU HA 41 30.56 106.69 -0.44
CA GLU HA 41 31.15 107.98 -0.81
C GLU HA 41 30.23 108.82 -1.73
N ARG HA 42 29.52 108.18 -2.66
CA ARG HA 42 28.63 108.84 -3.61
C ARG HA 42 27.49 109.56 -2.88
N PHE HA 43 27.08 109.01 -1.74
CA PHE HA 43 26.05 109.62 -0.92
C PHE HA 43 26.63 110.37 0.29
N ALA HA 44 27.97 110.61 0.27
CA ALA HA 44 28.75 111.35 1.29
C ALA HA 44 28.68 110.77 2.70
N VAL HA 45 28.58 109.44 2.80
CA VAL HA 45 28.50 108.72 4.06
C VAL HA 45 29.88 108.25 4.46
N ASN HA 46 30.18 108.39 5.74
CA ASN HA 46 31.46 108.03 6.29
C ASN HA 46 31.81 106.53 6.13
N PRO HA 47 32.81 106.10 5.36
CA PRO HA 47 33.16 104.69 5.24
C PRO HA 47 33.94 104.18 6.45
N GLY HA 48 34.19 105.01 7.48
CA GLY HA 48 34.87 104.64 8.72
C GLY HA 48 34.12 103.62 9.55
N LEU HA 49 32.83 103.46 9.28
CA LEU HA 49 31.95 102.49 9.91
C LEU HA 49 32.26 101.04 9.52
N LEU HA 50 33.02 100.82 8.43
CA LEU HA 50 33.18 99.50 7.84
C LEU HA 50 34.34 98.69 8.43
N GLU HA 51 34.97 99.18 9.49
CA GLU HA 51 35.86 98.32 10.27
C GLU HA 51 35.09 97.46 11.27
N THR HA 52 33.79 97.74 11.47
CA THR HA 52 33.05 97.00 12.47
C THR HA 52 31.62 96.60 12.13
N SER HA 53 31.18 95.50 12.76
CA SER HA 53 29.83 95.01 12.60
C SER HA 53 28.83 95.97 13.22
N GLU HA 54 29.24 96.76 14.23
CA GLU HA 54 28.32 97.72 14.85
C GLU HA 54 27.98 98.82 13.87
N GLY HA 55 28.97 99.21 13.08
CA GLY HA 55 28.84 100.25 12.08
C GLY HA 55 27.91 99.75 10.99
N CYS HA 56 28.10 98.47 10.61
CA CYS HA 56 27.27 97.85 9.61
C CYS HA 56 25.83 97.75 10.12
N ARG HA 57 25.65 97.46 11.41
CA ARG HA 57 24.31 97.39 12.02
C ARG HA 57 23.59 98.73 11.92
N GLN HA 58 24.30 99.85 12.20
CA GLN HA 58 23.79 101.19 12.00
C GLN HA 58 23.43 101.50 10.55
N ILE HA 59 24.28 101.05 9.59
CA ILE HA 59 24.02 101.21 8.13
C ILE HA 59 22.75 100.46 7.72
N LEU HA 60 22.59 99.25 8.21
CA LEU HA 60 21.38 98.46 8.03
C LEU HA 60 20.12 99.12 8.57
N GLY HA 61 20.20 99.79 9.73
CA GLY HA 61 19.11 100.65 10.23
C GLY HA 61 18.83 101.86 9.38
N GLN HA 62 19.87 102.65 9.04
CA GLN HA 62 19.75 103.87 8.25
C GLN HA 62 19.20 103.69 6.84
N LEU HA 63 19.61 102.62 6.12
CA LEU HA 63 19.13 102.38 4.77
C LEU HA 63 17.72 101.77 4.72
N GLN HA 64 17.21 101.20 5.83
CA GLN HA 64 15.94 100.50 5.85
C GLN HA 64 14.69 101.29 5.42
N PRO HA 65 14.44 102.55 5.80
CA PRO HA 65 13.23 103.26 5.36
C PRO HA 65 13.19 103.53 3.88
N SER HA 66 14.36 103.62 3.22
CA SER HA 66 14.47 103.90 1.79
C SER HA 66 14.15 102.71 0.93
N LEU HA 67 14.19 101.48 1.48
CA LEU HA 67 13.99 100.23 0.77
C LEU HA 67 12.64 100.08 0.09
N GLN HA 68 11.55 100.60 0.69
CA GLN HA 68 10.22 100.60 0.09
C GLN HA 68 10.16 101.41 -1.20
N THR HA 69 10.80 102.60 -1.23
CA THR HA 69 10.82 103.49 -2.39
C THR HA 69 11.89 103.09 -3.41
N GLY HA 70 13.02 102.54 -2.93
CA GLY HA 70 14.20 102.19 -3.71
C GLY HA 70 14.07 101.15 -4.81
N SER HA 71 15.05 101.12 -5.71
CA SER HA 71 15.19 100.16 -6.80
C SER HA 71 15.80 98.82 -6.36
N GLU HA 72 15.86 97.83 -7.27
CA GLU HA 72 16.46 96.52 -6.99
C GLU HA 72 17.96 96.59 -6.77
N GLU HA 73 18.64 97.59 -7.38
CA GLU HA 73 20.02 97.94 -7.11
C GLU HA 73 20.24 98.34 -5.66
N LEU HA 74 19.33 99.17 -5.07
CA LEU HA 74 19.33 99.49 -3.66
C LEU HA 74 19.09 98.26 -2.77
N ARG HA 75 18.14 97.38 -3.15
CA ARG HA 75 17.93 96.11 -2.48
C ARG HA 75 19.16 95.20 -2.52
N SER HA 76 19.84 95.15 -3.68
CA SER HA 76 21.11 94.42 -3.88
C SER HA 76 22.22 94.96 -2.99
N LEU HA 77 22.33 96.28 -2.92
CA LEU HA 77 23.26 96.93 -2.01
C LEU HA 77 22.96 96.60 -0.54
N TYR HA 78 21.68 96.64 -0.14
CA TYR HA 78 21.23 96.26 1.19
C TYR HA 78 21.51 94.79 1.51
N ASN HA 79 21.24 93.90 0.55
CA ASN HA 79 21.51 92.49 0.69
C ASN HA 79 23.01 92.22 0.78
N THR HA 80 23.82 92.98 0.03
CA THR HA 80 25.26 92.84 0.08
C THR HA 80 25.73 93.19 1.47
N ILE HA 81 25.21 94.30 2.01
CA ILE HA 81 25.57 94.78 3.34
C ILE HA 81 25.08 93.79 4.40
N ALA HA 82 23.85 93.26 4.26
CA ALA HA 82 23.27 92.30 5.20
C ALA HA 82 24.13 91.03 5.30
N VAL HA 83 24.63 90.56 4.15
CA VAL HA 83 25.49 89.40 4.16
C VAL HA 83 26.82 89.81 4.77
N LEU HA 84 27.37 90.98 4.41
CA LEU HA 84 28.64 91.40 4.98
C LEU HA 84 28.56 91.55 6.48
N TYR HA 85 27.45 92.05 6.99
CA TYR HA 85 27.26 92.17 8.43
C TYR HA 85 27.41 90.79 9.06
N CYS HA 86 26.69 89.81 8.50
CA CYS HA 86 26.77 88.45 9.01
C CYS HA 86 28.22 87.94 8.95
N VAL HA 87 28.91 88.25 7.85
CA VAL HA 87 30.31 87.87 7.64
C VAL HA 87 31.26 88.56 8.63
N HIS HA 88 31.04 89.84 8.96
CA HIS HA 88 31.87 90.57 9.93
C HIS HA 88 31.71 89.94 11.32
N GLN HA 89 30.57 89.28 11.53
CA GLN HA 89 30.27 88.54 12.75
C GLN HA 89 30.76 87.07 12.61
N ARG HA 90 31.45 86.77 11.49
CA ARG HA 90 31.98 85.47 11.07
C ARG HA 90 30.94 84.39 10.88
N ILE HA 91 29.81 84.81 10.34
CA ILE HA 91 28.68 83.94 10.09
C ILE HA 91 28.61 83.62 8.61
N ASP HA 92 28.71 82.34 8.32
CA ASP HA 92 28.74 81.80 6.97
C ASP HA 92 27.35 81.57 6.40
N VAL HA 93 26.68 82.64 6.01
CA VAL HA 93 25.31 82.47 5.48
C VAL HA 93 25.41 81.74 4.15
N LYS HA 94 24.47 80.87 3.86
CA LYS HA 94 24.52 80.06 2.65
C LYS HA 94 24.01 80.79 1.42
N ASP HA 95 23.13 81.79 1.64
CA ASP HA 95 22.60 82.64 0.59
C ASP HA 95 22.12 83.94 1.23
N THR HA 96 21.71 84.91 0.38
CA THR HA 96 21.11 86.18 0.79
C THR HA 96 19.88 86.02 1.65
N LYS HA 97 18.99 85.05 1.33
CA LYS HA 97 17.78 84.78 2.09
C LYS HA 97 18.06 84.41 3.54
N GLU HA 98 19.06 83.56 3.80
CA GLU HA 98 19.48 83.24 5.15
C GLU HA 98 19.96 84.43 5.96
N ALA HA 99 20.74 85.35 5.35
CA ALA HA 99 21.13 86.60 5.98
C ALA HA 99 19.94 87.47 6.39
N LEU HA 100 18.94 87.61 5.49
CA LEU HA 100 17.68 88.26 5.78
C LEU HA 100 16.87 87.59 6.89
N ASP HA 101 16.80 86.23 6.92
CA ASP HA 101 16.13 85.47 7.97
C ASP HA 101 16.75 85.68 9.36
N LYS HA 102 18.09 85.60 9.47
CA LYS HA 102 18.80 85.87 10.71
C LYS HA 102 18.68 87.32 11.18
N ILE HA 103 18.77 88.29 10.26
CA ILE HA 103 18.51 89.70 10.54
C ILE HA 103 17.08 89.99 11.00
N GLU HA 104 16.05 89.34 10.41
CA GLU HA 104 14.67 89.42 10.86
C GLU HA 104 14.48 88.88 12.29
N GLU HA 105 15.09 87.73 12.62
CA GLU HA 105 15.12 87.16 13.96
C GLU HA 105 15.79 88.08 15.00
N GLU HA 106 16.95 88.66 14.64
CA GLU HA 106 17.63 89.69 15.40
C GLU HA 106 16.80 90.94 15.63
N GLN HA 107 16.09 91.43 14.59
CA GLN HA 107 15.15 92.52 14.71
C GLN HA 107 13.98 92.29 15.65
N ASN HA 108 13.29 91.12 15.58
CA ASN HA 108 12.21 90.75 16.51
C ASN HA 108 12.68 90.75 17.97
N LYS HA 109 13.83 90.11 18.21
CA LYS HA 109 14.54 90.13 19.47
C LYS HA 109 14.93 91.50 19.96
N SER HA 110 15.49 92.34 19.06
CA SER HA 110 15.86 93.72 19.35
C SER HA 110 14.70 94.64 19.70
N LYS HA 111 13.55 94.62 18.97
CA LYS HA 111 12.44 95.54 19.24
C LYS HA 111 11.90 95.43 20.66
N LYS HA 112 11.81 94.18 21.15
CA LYS HA 112 11.40 93.81 22.48
C LYS HA 112 12.26 94.36 23.62
N LYS HA 113 13.60 94.47 23.43
CA LYS HA 113 14.52 94.97 24.44
C LYS HA 113 15.22 96.29 24.08
N ALA HA 114 14.73 97.02 23.06
CA ALA HA 114 15.24 98.34 22.70
C ALA HA 114 14.32 99.45 23.21
N GLN HA 115 13.27 99.08 23.95
CA GLN HA 115 12.33 99.95 24.62
C GLN HA 115 12.67 99.95 26.13
N GLY IA 1 -2.45 96.57 -24.39
CA GLY IA 1 -3.59 97.11 -23.64
C GLY IA 1 -3.36 98.49 -23.09
N ALA IA 2 -2.08 98.91 -22.95
CA ALA IA 2 -1.71 100.20 -22.41
C ALA IA 2 -2.09 101.38 -23.30
N ARG IA 3 -2.44 101.08 -24.57
CA ARG IA 3 -2.96 102.00 -25.56
C ARG IA 3 -4.29 102.63 -25.15
N ALA IA 4 -4.99 102.04 -24.16
CA ALA IA 4 -6.17 102.57 -23.53
C ALA IA 4 -5.99 103.99 -23.00
N SER IA 5 -4.79 104.28 -22.44
CA SER IA 5 -4.44 105.56 -21.85
C SER IA 5 -4.22 106.69 -22.86
N VAL IA 6 -4.00 106.36 -24.15
CA VAL IA 6 -3.81 107.35 -25.20
C VAL IA 6 -5.00 107.40 -26.14
N LEU IA 7 -6.12 106.75 -25.78
CA LEU IA 7 -7.42 107.03 -26.38
C LEU IA 7 -7.92 108.40 -25.97
N SER IA 8 -8.76 109.03 -26.80
CA SER IA 8 -9.21 110.38 -26.47
C SER IA 8 -9.87 110.39 -25.08
N GLY IA 9 -9.36 111.28 -24.25
CA GLY IA 9 -9.71 111.49 -22.86
C GLY IA 9 -9.23 110.45 -21.87
N GLY IA 10 -8.30 109.56 -22.26
CA GLY IA 10 -7.58 108.66 -21.35
C GLY IA 10 -6.54 109.36 -20.52
N GLU IA 11 -5.83 108.61 -19.64
CA GLU IA 11 -4.83 109.18 -18.73
C GLU IA 11 -3.69 109.97 -19.37
N LEU IA 12 -3.07 109.44 -20.45
CA LEU IA 12 -1.98 110.12 -21.11
C LEU IA 12 -2.46 111.18 -22.09
N ASP IA 13 -3.68 111.04 -22.67
CA ASP IA 13 -4.31 112.13 -23.41
C ASP IA 13 -4.62 113.32 -22.50
N LYS IA 14 -5.21 113.09 -21.31
CA LYS IA 14 -5.46 114.12 -20.31
C LYS IA 14 -4.21 114.82 -19.81
N TRP IA 15 -3.13 114.06 -19.60
CA TRP IA 15 -1.84 114.56 -19.10
C TRP IA 15 -1.27 115.78 -19.81
N GLU IA 16 -1.27 115.80 -21.13
CA GLU IA 16 -0.60 116.86 -21.86
C GLU IA 16 -1.47 118.10 -22.04
N LYS IA 17 -2.70 118.11 -21.47
CA LYS IA 17 -3.58 119.26 -21.60
C LYS IA 17 -3.47 120.14 -20.36
N ILE IA 18 -2.71 119.69 -19.34
CA ILE IA 18 -2.61 120.30 -18.02
C ILE IA 18 -1.60 121.45 -18.03
N ARG IA 19 -2.00 122.66 -17.58
CA ARG IA 19 -1.09 123.80 -17.45
C ARG IA 19 -0.01 123.63 -16.37
N LEU IA 20 1.23 124.05 -16.65
CA LEU IA 20 2.34 124.04 -15.70
C LEU IA 20 2.14 124.94 -14.47
N ARG IA 21 1.51 126.11 -14.65
CA ARG IA 21 1.18 127.02 -13.56
C ARG IA 21 -0.22 127.54 -13.83
N PRO IA 22 -1.00 128.06 -12.88
CA PRO IA 22 -2.41 128.37 -13.11
C PRO IA 22 -2.60 129.55 -14.05
N GLY IA 23 -1.63 130.49 -14.07
CA GLY IA 23 -1.57 131.60 -14.99
C GLY IA 23 -0.50 131.41 -16.03
N GLY IA 24 0.09 130.20 -16.14
CA GLY IA 24 1.15 129.89 -17.08
C GLY IA 24 0.60 129.16 -18.28
N LYS IA 25 0.85 129.68 -19.50
CA LYS IA 25 0.33 129.12 -20.73
C LYS IA 25 0.78 127.70 -21.04
N LYS IA 26 2.08 127.41 -20.87
CA LYS IA 26 2.70 126.14 -21.21
C LYS IA 26 2.23 124.94 -20.42
N GLN IA 27 2.18 123.76 -21.06
CA GLN IA 27 1.54 122.55 -20.55
C GLN IA 27 2.52 121.42 -20.30
N TYR IA 28 2.04 120.41 -19.55
CA TYR IA 28 2.73 119.13 -19.33
C TYR IA 28 2.87 118.34 -20.63
N LYS IA 29 3.91 117.50 -20.74
CA LYS IA 29 4.21 116.80 -21.96
C LYS IA 29 4.65 115.40 -21.59
N LEU IA 30 4.53 114.41 -22.51
CA LEU IA 30 5.02 113.05 -22.30
C LEU IA 30 6.50 113.00 -21.97
N LYS IA 31 7.33 113.87 -22.59
CA LYS IA 31 8.73 114.02 -22.23
C LYS IA 31 8.98 114.46 -20.78
N HIS IA 32 7.99 115.07 -20.11
CA HIS IA 32 8.09 115.41 -18.69
C HIS IA 32 8.07 114.11 -17.84
N ILE IA 33 7.28 113.10 -18.26
CA ILE IA 33 7.29 111.76 -17.69
C ILE IA 33 8.64 111.07 -17.90
N VAL IA 34 9.23 111.22 -19.11
CA VAL IA 34 10.58 110.74 -19.41
C VAL IA 34 11.64 111.39 -18.53
N TRP IA 35 11.52 112.71 -18.32
CA TRP IA 35 12.30 113.38 -17.29
C TRP IA 35 12.07 112.82 -15.90
N ALA IA 36 10.82 112.62 -15.47
CA ALA IA 36 10.60 112.10 -14.12
C ALA IA 36 11.24 110.71 -13.96
N SER IA 37 11.20 109.90 -15.03
CA SER IA 37 11.79 108.56 -15.04
C SER IA 37 13.30 108.66 -14.83
N ARG IA 38 13.94 109.65 -15.45
CA ARG IA 38 15.35 109.88 -15.30
C ARG IA 38 15.72 110.53 -13.96
N GLU IA 39 14.81 111.30 -13.37
CA GLU IA 39 15.02 111.78 -11.99
C GLU IA 39 15.07 110.62 -11.01
N LEU IA 40 14.34 109.55 -11.28
CA LEU IA 40 14.35 108.41 -10.36
C LEU IA 40 15.78 107.86 -10.26
N GLU IA 41 16.54 107.92 -11.37
CA GLU IA 41 17.93 107.41 -11.45
C GLU IA 41 18.85 108.20 -10.52
N ARG IA 42 18.57 109.50 -10.34
CA ARG IA 42 19.33 110.34 -9.42
C ARG IA 42 19.29 109.80 -7.99
N PHE IA 43 18.10 109.37 -7.53
CA PHE IA 43 17.85 109.08 -6.12
C PHE IA 43 17.77 107.59 -5.82
N ALA IA 44 17.87 106.77 -6.88
CA ALA IA 44 17.70 105.29 -6.91
C ALA IA 44 16.31 104.78 -6.51
N VAL IA 45 15.28 105.45 -7.05
CA VAL IA 45 13.85 105.13 -6.86
C VAL IA 45 13.35 104.13 -7.92
N ASN IA 46 12.56 103.14 -7.50
CA ASN IA 46 12.06 102.11 -8.41
C ASN IA 46 10.94 102.61 -9.36
N PRO IA 47 11.10 102.56 -10.70
CA PRO IA 47 10.12 103.02 -11.70
C PRO IA 47 8.87 102.16 -11.73
N GLY IA 48 8.86 100.97 -11.08
CA GLY IA 48 7.68 100.13 -10.90
C GLY IA 48 6.62 100.78 -10.03
N LEU IA 49 7.00 101.81 -9.25
CA LEU IA 49 6.06 102.58 -8.46
C LEU IA 49 5.19 103.49 -9.32
N LEU IA 50 5.59 103.75 -10.58
CA LEU IA 50 4.85 104.58 -11.51
C LEU IA 50 3.62 103.87 -12.09
N GLU IA 51 3.54 102.52 -11.97
CA GLU IA 51 2.35 101.74 -12.30
C GLU IA 51 1.12 102.14 -11.46
N THR IA 52 1.35 102.46 -10.17
CA THR IA 52 0.32 102.57 -9.14
C THR IA 52 0.23 103.97 -8.54
N SER IA 53 -1.03 104.33 -8.13
CA SER IA 53 -1.38 105.58 -7.42
C SER IA 53 -0.73 105.59 -6.05
N GLU IA 54 -0.77 104.44 -5.40
CA GLU IA 54 -0.14 104.24 -4.12
C GLU IA 54 1.37 104.38 -4.15
N GLY IA 55 2.03 103.84 -5.20
CA GLY IA 55 3.47 104.02 -5.41
C GLY IA 55 3.87 105.46 -5.60
N CYS IA 56 3.09 106.22 -6.38
CA CYS IA 56 3.22 107.66 -6.51
C CYS IA 56 3.03 108.40 -5.18
N ARG IA 57 2.00 108.03 -4.39
CA ARG IA 57 1.76 108.55 -3.05
C ARG IA 57 2.88 108.25 -2.06
N GLN IA 58 3.47 107.04 -2.10
CA GLN IA 58 4.67 106.66 -1.39
C GLN IA 58 5.90 107.49 -1.76
N ILE IA 59 6.11 107.77 -3.07
CA ILE IA 59 7.12 108.73 -3.53
C ILE IA 59 6.91 110.15 -2.99
N LEU IA 60 5.66 110.67 -2.98
CA LEU IA 60 5.32 111.94 -2.34
C LEU IA 60 5.64 111.97 -0.85
N GLY IA 61 5.35 110.87 -0.12
CA GLY IA 61 5.67 110.70 1.28
C GLY IA 61 7.15 110.66 1.57
N GLN IA 62 7.95 110.00 0.72
CA GLN IA 62 9.40 109.99 0.80
C GLN IA 62 10.02 111.38 0.60
N LEU IA 63 9.49 112.13 -0.38
CA LEU IA 63 9.96 113.47 -0.71
C LEU IA 63 9.60 114.51 0.34
N GLN IA 64 8.42 114.35 0.94
CA GLN IA 64 7.81 115.34 1.80
C GLN IA 64 8.71 116.04 2.86
N PRO IA 65 9.50 115.36 3.74
CA PRO IA 65 10.19 116.04 4.83
C PRO IA 65 11.26 117.03 4.39
N SER IA 66 11.81 116.89 3.17
CA SER IA 66 12.93 117.74 2.74
C SER IA 66 12.50 118.92 1.89
N LEU IA 67 11.19 119.07 1.62
CA LEU IA 67 10.65 120.09 0.73
C LEU IA 67 10.90 121.53 1.14
N GLN IA 68 10.86 121.87 2.45
CA GLN IA 68 11.03 123.23 2.94
C GLN IA 68 12.36 123.88 2.58
N THR IA 69 13.45 123.10 2.62
CA THR IA 69 14.78 123.54 2.23
C THR IA 69 15.08 123.21 0.78
N GLY IA 70 14.15 122.61 0.08
CA GLY IA 70 14.46 121.99 -1.19
C GLY IA 70 14.65 122.96 -2.35
N SER IA 71 15.26 122.43 -3.40
CA SER IA 71 15.50 123.13 -4.65
C SER IA 71 14.25 123.22 -5.52
N GLU IA 72 14.33 124.06 -6.58
CA GLU IA 72 13.30 124.17 -7.60
C GLU IA 72 13.03 122.86 -8.34
N GLU IA 73 14.10 122.08 -8.63
CA GLU IA 73 14.00 120.73 -9.17
C GLU IA 73 13.25 119.78 -8.25
N LEU IA 74 13.51 119.85 -6.91
CA LEU IA 74 12.80 118.96 -5.97
C LEU IA 74 11.31 119.29 -5.88
N ARG IA 75 10.97 120.59 -5.78
CA ARG IA 75 9.57 121.01 -5.84
C ARG IA 75 8.91 120.65 -7.17
N SER IA 76 9.62 120.82 -8.31
CA SER IA 76 9.15 120.42 -9.63
C SER IA 76 8.86 118.94 -9.77
N LEU IA 77 9.76 118.08 -9.26
CA LEU IA 77 9.56 116.64 -9.18
C LEU IA 77 8.37 116.27 -8.32
N TYR IA 78 8.23 116.88 -7.11
CA TYR IA 78 7.09 116.69 -6.23
C TYR IA 78 5.76 117.08 -6.88
N ASN IA 79 5.73 118.26 -7.55
CA ASN IA 79 4.59 118.73 -8.32
C ASN IA 79 4.23 117.78 -9.46
N THR IA 80 5.24 117.27 -10.19
CA THR IA 80 5.07 116.30 -11.29
C THR IA 80 4.46 114.98 -10.83
N ILE IA 81 4.93 114.45 -9.69
CA ILE IA 81 4.36 113.22 -9.09
C ILE IA 81 2.92 113.47 -8.61
N ALA IA 82 2.65 114.63 -8.00
CA ALA IA 82 1.32 115.03 -7.58
C ALA IA 82 0.28 115.04 -8.71
N VAL IA 83 0.71 115.52 -9.88
CA VAL IA 83 -0.14 115.45 -11.05
C VAL IA 83 -0.30 113.98 -11.48
N LEU IA 84 0.77 113.17 -11.48
CA LEU IA 84 0.60 111.78 -11.89
C LEU IA 84 -0.38 111.03 -10.97
N TYR IA 85 -0.36 111.28 -9.64
CA TYR IA 85 -1.38 110.73 -8.75
C TYR IA 85 -2.81 111.12 -9.16
N CYS IA 86 -3.03 112.43 -9.48
CA CYS IA 86 -4.31 112.92 -9.94
C CYS IA 86 -4.77 112.29 -11.25
N VAL IA 87 -3.85 112.15 -12.22
CA VAL IA 87 -4.07 111.42 -13.45
C VAL IA 87 -4.36 109.93 -13.26
N HIS IA 88 -3.62 109.24 -12.33
CA HIS IA 88 -3.85 107.80 -12.00
C HIS IA 88 -5.21 107.56 -11.32
N GLN IA 89 -5.68 108.50 -10.50
CA GLN IA 89 -7.04 108.48 -9.98
C GLN IA 89 -8.08 108.88 -11.02
N ARG IA 90 -7.65 109.39 -12.20
CA ARG IA 90 -8.46 109.96 -13.29
C ARG IA 90 -9.29 111.21 -12.92
N ILE IA 91 -8.66 112.13 -12.21
CA ILE IA 91 -9.25 113.39 -11.80
C ILE IA 91 -8.94 114.42 -12.86
N ASP IA 92 -9.97 115.16 -13.25
CA ASP IA 92 -9.83 116.09 -14.36
C ASP IA 92 -9.27 117.45 -13.93
N VAL IA 93 -8.03 117.44 -13.43
CA VAL IA 93 -7.27 118.63 -13.07
C VAL IA 93 -6.81 119.43 -14.30
N LYS IA 94 -6.89 120.76 -14.27
CA LYS IA 94 -6.47 121.56 -15.43
C LYS IA 94 -5.10 122.20 -15.28
N ASP IA 95 -4.59 122.24 -14.06
CA ASP IA 95 -3.31 122.86 -13.82
C ASP IA 95 -2.66 122.26 -12.57
N THR IA 96 -1.37 122.60 -12.39
CA THR IA 96 -0.56 122.11 -11.26
C THR IA 96 -1.10 122.53 -9.89
N LYS IA 97 -1.48 123.81 -9.76
CA LYS IA 97 -1.97 124.36 -8.51
C LYS IA 97 -3.27 123.72 -8.06
N GLU IA 98 -4.20 123.53 -9.02
CA GLU IA 98 -5.43 122.81 -8.83
C GLU IA 98 -5.24 121.36 -8.39
N ALA IA 99 -4.25 120.65 -9.02
CA ALA IA 99 -3.81 119.29 -8.60
C ALA IA 99 -3.17 119.27 -7.19
N LEU IA 100 -2.33 120.24 -6.86
CA LEU IA 100 -1.74 120.36 -5.54
C LEU IA 100 -2.73 120.61 -4.42
N ASP IA 101 -3.71 121.51 -4.63
CA ASP IA 101 -4.81 121.74 -3.70
C ASP IA 101 -5.63 120.49 -3.46
N LYS IA 102 -5.83 119.68 -4.55
CA LYS IA 102 -6.42 118.34 -4.42
C LYS IA 102 -5.54 117.42 -3.59
N ILE IA 103 -4.21 117.51 -3.72
CA ILE IA 103 -3.40 116.64 -2.87
C ILE IA 103 -3.60 117.03 -1.41
N GLU IA 104 -3.59 118.33 -1.10
CA GLU IA 104 -3.76 118.71 0.31
C GLU IA 104 -5.16 118.33 0.81
N GLU IA 105 -6.17 118.48 -0.03
CA GLU IA 105 -7.53 118.08 0.32
C GLU IA 105 -7.68 116.57 0.57
N GLU IA 106 -7.03 115.77 -0.29
CA GLU IA 106 -6.93 114.33 -0.10
C GLU IA 106 -6.13 114.00 1.16
N GLN IA 107 -5.10 114.78 1.49
CA GLN IA 107 -4.36 114.52 2.72
C GLN IA 107 -5.26 114.75 3.93
N ASN IA 108 -6.11 115.79 3.90
CA ASN IA 108 -7.00 116.02 5.04
C ASN IA 108 -8.03 114.89 5.14
N LYS IA 109 -8.57 114.44 4.00
CA LYS IA 109 -9.46 113.31 3.95
C LYS IA 109 -8.85 112.00 4.46
N SER IA 110 -7.62 111.68 4.04
CA SER IA 110 -6.82 110.55 4.52
C SER IA 110 -6.50 110.64 6.00
N LYS IA 111 -6.09 111.81 6.50
CA LYS IA 111 -5.84 111.98 7.93
C LYS IA 111 -7.07 111.88 8.86
N LYS IA 112 -8.24 112.27 8.36
CA LYS IA 112 -9.45 112.37 9.17
C LYS IA 112 -9.92 111.09 9.84
N LYS IA 113 -9.74 109.92 9.18
CA LYS IA 113 -9.97 108.63 9.83
C LYS IA 113 -8.72 107.77 9.94
N ALA IA 114 -7.53 108.36 9.77
CA ALA IA 114 -6.30 107.74 10.23
C ALA IA 114 -6.11 107.97 11.73
N GLN IA 115 -6.77 109.02 12.26
CA GLN IA 115 -6.83 109.35 13.67
C GLN IA 115 -8.03 108.71 14.41
N GLY JA 1 23.62 147.07 -1.39
CA GLY JA 1 23.70 146.02 -0.36
C GLY JA 1 24.93 145.15 -0.41
N ALA JA 2 25.50 144.97 -1.62
CA ALA JA 2 26.74 144.28 -1.85
C ALA JA 2 27.95 144.92 -1.14
N ARG JA 3 28.03 146.27 -1.14
CA ARG JA 3 29.16 147.02 -0.62
C ARG JA 3 29.37 146.81 0.87
N ALA JA 4 28.26 146.66 1.63
CA ALA JA 4 28.22 146.40 3.05
C ALA JA 4 28.96 145.14 3.49
N SER JA 5 28.97 144.08 2.66
CA SER JA 5 29.63 142.81 2.96
C SER JA 5 31.15 142.94 3.19
N VAL JA 6 31.84 143.74 2.35
CA VAL JA 6 33.28 143.93 2.38
C VAL JA 6 33.70 145.20 3.09
N LEU JA 7 32.73 145.97 3.61
CA LEU JA 7 32.92 147.17 4.40
C LEU JA 7 33.63 146.90 5.73
N SER JA 8 34.44 147.85 6.22
CA SER JA 8 35.06 147.59 7.51
C SER JA 8 33.94 147.39 8.56
N GLY JA 9 34.03 146.25 9.23
CA GLY JA 9 33.12 145.74 10.24
C GLY JA 9 31.97 144.95 9.68
N GLY JA 10 31.99 144.67 8.36
CA GLY JA 10 31.02 143.82 7.65
C GLY JA 10 31.24 142.34 7.81
N GLU JA 11 30.41 141.53 7.12
CA GLU JA 11 30.47 140.08 7.14
C GLU JA 11 31.78 139.47 6.65
N LEU JA 12 32.39 140.03 5.59
CA LEU JA 12 33.60 139.49 5.02
C LEU JA 12 34.86 140.11 5.59
N ASP JA 13 34.73 141.17 6.44
CA ASP JA 13 35.77 141.55 7.38
C ASP JA 13 36.00 140.43 8.40
N LYS JA 14 34.91 139.89 8.96
CA LYS JA 14 34.93 138.74 9.84
C LYS JA 14 35.38 137.43 9.24
N TRP JA 15 34.88 137.07 8.04
CA TRP JA 15 34.98 135.72 7.49
C TRP JA 15 36.40 135.14 7.39
N GLU JA 16 37.37 135.95 6.92
CA GLU JA 16 38.71 135.43 6.67
C GLU JA 16 39.62 135.52 7.89
N LYS JA 17 39.06 135.84 9.07
CA LYS JA 17 39.76 135.83 10.33
C LYS JA 17 39.44 134.57 11.16
N ILE JA 18 38.52 133.73 10.68
CA ILE JA 18 38.06 132.58 11.47
C ILE JA 18 38.88 131.29 11.20
N ARG JA 19 39.38 130.63 12.28
CA ARG JA 19 40.19 129.39 12.13
C ARG JA 19 39.34 128.11 11.84
N LEU JA 20 39.82 127.30 10.89
CA LEU JA 20 39.17 126.04 10.43
C LEU JA 20 39.11 124.90 11.48
N ARG JA 21 40.18 124.75 12.24
CA ARG JA 21 40.30 123.83 13.36
C ARG JA 21 41.00 124.65 14.44
N PRO JA 22 40.99 124.26 15.74
CA PRO JA 22 41.76 124.89 16.82
C PRO JA 22 43.27 124.97 16.54
N GLY JA 23 43.90 126.05 17.04
CA GLY JA 23 45.31 126.36 16.89
C GLY JA 23 45.78 126.68 15.48
N GLY JA 24 46.97 126.17 15.11
CA GLY JA 24 47.48 126.18 13.73
C GLY JA 24 47.68 127.58 13.12
N LYS JA 25 47.68 127.62 11.78
CA LYS JA 25 47.70 128.85 11.00
C LYS JA 25 46.56 128.91 9.99
N LYS JA 26 45.61 127.95 10.04
CA LYS JA 26 44.59 127.72 8.98
C LYS JA 26 43.25 128.46 9.20
N GLN JA 27 42.84 129.28 8.23
CA GLN JA 27 41.65 130.12 8.32
C GLN JA 27 40.74 130.01 7.11
N TYR JA 28 39.45 130.34 7.30
CA TYR JA 28 38.43 130.30 6.23
C TYR JA 28 38.67 131.39 5.16
N LYS JA 29 38.32 131.10 3.90
CA LYS JA 29 38.46 132.02 2.78
C LYS JA 29 37.19 132.01 1.93
N LEU JA 30 37.01 133.01 1.04
CA LEU JA 30 35.79 133.23 0.27
C LEU JA 30 35.26 132.04 -0.53
N LYS JA 31 36.13 131.25 -1.20
CA LYS JA 31 35.70 130.11 -2.01
C LYS JA 31 34.99 129.03 -1.20
N HIS JA 32 35.24 128.97 0.12
CA HIS JA 32 34.61 128.05 1.05
C HIS JA 32 33.09 128.23 1.11
N ILE JA 33 32.61 129.49 1.05
CA ILE JA 33 31.19 129.84 0.92
C ILE JA 33 30.62 129.34 -0.40
N VAL JA 34 31.35 129.56 -1.51
CA VAL JA 34 30.96 129.14 -2.86
C VAL JA 34 30.87 127.61 -2.98
N TRP JA 35 31.85 126.88 -2.40
CA TRP JA 35 31.81 125.44 -2.26
C TRP JA 35 30.60 124.95 -1.48
N ALA JA 36 30.27 125.59 -0.34
CA ALA JA 36 29.11 125.24 0.46
C ALA JA 36 27.79 125.40 -0.30
N SER JA 37 27.67 126.46 -1.12
CA SER JA 37 26.56 126.65 -2.03
C SER JA 37 26.42 125.52 -3.06
N ARG JA 38 27.54 125.08 -3.67
CA ARG JA 38 27.54 123.96 -4.59
C ARG JA 38 27.09 122.64 -3.98
N GLU JA 39 27.61 122.26 -2.79
CA GLU JA 39 27.26 121.00 -2.15
C GLU JA 39 25.80 120.90 -1.73
N LEU JA 40 25.22 121.98 -1.19
CA LEU JA 40 23.80 122.05 -0.91
C LEU JA 40 22.94 121.88 -2.16
N GLU JA 41 23.32 122.57 -3.26
CA GLU JA 41 22.70 122.45 -4.56
C GLU JA 41 22.76 121.03 -5.14
N ARG JA 42 23.91 120.33 -5.01
CA ARG JA 42 24.07 118.93 -5.37
C ARG JA 42 23.11 117.97 -4.67
N PHE JA 43 22.86 118.18 -3.36
CA PHE JA 43 22.00 117.32 -2.57
C PHE JA 43 20.55 117.80 -2.56
N ALA JA 44 20.19 118.70 -3.50
CA ALA JA 44 18.83 119.22 -3.78
C ALA JA 44 18.24 120.18 -2.72
N VAL JA 45 19.12 120.83 -1.96
CA VAL JA 45 18.78 121.91 -1.07
C VAL JA 45 18.97 123.22 -1.82
N ASN JA 46 18.18 124.27 -1.53
CA ASN JA 46 18.38 125.58 -2.10
C ASN JA 46 19.43 126.38 -1.30
N PRO JA 47 20.64 126.69 -1.79
CA PRO JA 47 21.59 127.52 -1.06
C PRO JA 47 21.23 129.00 -1.13
N GLY JA 48 20.20 129.39 -1.89
CA GLY JA 48 19.71 130.76 -2.00
C GLY JA 48 19.08 131.25 -0.73
N LEU JA 49 18.77 130.35 0.20
CA LEU JA 49 18.26 130.65 1.51
C LEU JA 49 19.33 131.24 2.44
N LEU JA 50 20.63 131.08 2.10
CA LEU JA 50 21.77 131.53 2.89
C LEU JA 50 21.95 133.04 2.99
N GLU JA 51 21.06 133.84 2.35
CA GLU JA 51 20.89 135.25 2.62
C GLU JA 51 20.54 135.53 4.08
N THR JA 52 19.65 134.68 4.65
CA THR JA 52 18.98 134.97 5.90
C THR JA 52 19.44 134.03 6.99
N SER JA 53 19.38 134.49 8.24
CA SER JA 53 19.50 133.67 9.43
C SER JA 53 18.44 132.61 9.51
N GLU JA 54 17.19 132.94 9.10
CA GLU JA 54 16.07 131.99 9.00
C GLU JA 54 16.39 130.80 8.10
N GLY JA 55 16.94 131.08 6.89
CA GLY JA 55 17.35 130.06 5.94
C GLY JA 55 18.53 129.24 6.38
N CYS JA 56 19.56 129.90 6.95
CA CYS JA 56 20.72 129.21 7.50
C CYS JA 56 20.38 128.25 8.64
N ARG JA 57 19.53 128.69 9.59
CA ARG JA 57 19.08 127.87 10.71
C ARG JA 57 18.29 126.65 10.25
N GLN JA 58 17.39 126.83 9.27
CA GLN JA 58 16.69 125.72 8.63
C GLN JA 58 17.57 124.74 7.85
N ILE JA 59 18.58 125.24 7.11
CA ILE JA 59 19.60 124.40 6.48
C ILE JA 59 20.40 123.59 7.48
N LEU JA 60 20.80 124.19 8.62
CA LEU JA 60 21.43 123.42 9.70
C LEU JA 60 20.49 122.35 10.28
N GLY JA 61 19.19 122.65 10.46
CA GLY JA 61 18.18 121.68 10.85
C GLY JA 61 17.99 120.53 9.91
N GLN JA 62 17.98 120.77 8.59
CA GLN JA 62 17.99 119.75 7.56
C GLN JA 62 19.23 118.85 7.58
N LEU JA 63 20.42 119.48 7.79
CA LEU JA 63 21.71 118.78 7.84
C LEU JA 63 22.00 118.06 9.16
N GLN JA 64 21.51 118.60 10.26
CA GLN JA 64 21.76 118.09 11.61
C GLN JA 64 21.61 116.57 11.77
N PRO JA 65 20.50 115.90 11.33
CA PRO JA 65 20.31 114.46 11.48
C PRO JA 65 21.27 113.62 10.64
N SER JA 66 21.96 114.23 9.67
CA SER JA 66 22.86 113.49 8.79
C SER JA 66 24.28 113.52 9.32
N LEU JA 67 24.52 114.21 10.43
CA LEU JA 67 25.87 114.31 10.94
C LEU JA 67 26.46 112.98 11.40
N GLN JA 68 25.63 112.07 11.92
CA GLN JA 68 26.20 110.79 12.37
C GLN JA 68 26.72 109.97 11.18
N THR JA 69 25.96 110.02 10.08
CA THR JA 69 26.30 109.31 8.86
C THR JA 69 27.40 109.98 8.04
N GLY JA 70 27.32 111.30 7.89
CA GLY JA 70 28.22 112.15 7.09
C GLY JA 70 29.71 111.99 7.26
N SER JA 71 30.44 112.13 6.14
CA SER JA 71 31.90 112.22 6.09
C SER JA 71 32.44 113.52 6.68
N GLU JA 72 33.79 113.69 6.71
CA GLU JA 72 34.42 114.93 7.14
C GLU JA 72 33.97 116.15 6.34
N GLU JA 73 33.82 116.01 5.02
CA GLU JA 73 33.28 117.00 4.11
C GLU JA 73 31.85 117.41 4.44
N LEU JA 74 30.93 116.46 4.70
CA LEU JA 74 29.56 116.78 5.11
C LEU JA 74 29.47 117.47 6.47
N ARG JA 75 30.27 116.99 7.46
CA ARG JA 75 30.43 117.67 8.74
C ARG JA 75 31.03 119.08 8.61
N SER JA 76 32.03 119.25 7.72
CA SER JA 76 32.60 120.54 7.33
C SER JA 76 31.60 121.49 6.70
N LEU JA 77 30.71 120.96 5.84
CA LEU JA 77 29.63 121.78 5.29
C LEU JA 77 28.74 122.32 6.39
N TYR JA 78 28.38 121.47 7.35
CA TYR JA 78 27.58 121.93 8.48
C TYR JA 78 28.30 123.05 9.21
N ASN JA 79 29.62 122.86 9.48
CA ASN JA 79 30.40 123.87 10.21
C ASN JA 79 30.49 125.19 9.42
N THR JA 80 30.59 125.10 8.09
CA THR JA 80 30.60 126.26 7.20
C THR JA 80 29.31 127.07 7.29
N ILE JA 81 28.14 126.38 7.25
CA ILE JA 81 26.84 127.01 7.45
C ILE JA 81 26.68 127.57 8.86
N ALA JA 82 27.19 126.84 9.90
CA ALA JA 82 27.18 127.31 11.32
C ALA JA 82 27.97 128.62 11.52
N VAL JA 83 29.15 128.76 10.90
CA VAL JA 83 29.89 130.01 10.88
C VAL JA 83 29.15 131.12 10.15
N LEU JA 84 28.53 130.85 8.98
CA LEU JA 84 27.67 131.79 8.27
C LEU JA 84 26.45 132.24 9.07
N TYR JA 85 25.80 131.30 9.78
CA TYR JA 85 24.75 131.57 10.73
C TYR JA 85 25.20 132.47 11.88
N CYS JA 86 26.38 132.18 12.49
CA CYS JA 86 26.98 133.03 13.51
C CYS JA 86 27.30 134.44 13.03
N VAL JA 87 27.91 134.58 11.84
CA VAL JA 87 28.17 135.86 11.20
C VAL JA 87 26.90 136.66 10.89
N HIS JA 88 25.87 136.01 10.31
CA HIS JA 88 24.56 136.62 10.09
C HIS JA 88 23.82 137.06 11.35
N GLN JA 89 23.88 136.26 12.42
CA GLN JA 89 23.31 136.60 13.72
C GLN JA 89 24.13 137.64 14.48
N ARG JA 90 25.35 137.97 13.99
CA ARG JA 90 26.37 138.78 14.65
C ARG JA 90 26.93 138.22 15.95
N ILE JA 91 27.29 136.95 15.91
CA ILE JA 91 27.92 136.24 17.00
C ILE JA 91 29.42 136.18 16.62
N ASP JA 92 30.26 136.85 17.39
CA ASP JA 92 31.66 137.00 17.00
C ASP JA 92 32.57 135.84 17.40
N VAL JA 93 32.48 134.74 16.64
CA VAL JA 93 33.27 133.51 16.83
C VAL JA 93 34.64 133.58 16.16
N LYS JA 94 35.71 133.06 16.77
CA LYS JA 94 37.02 133.11 16.13
C LYS JA 94 37.47 131.82 15.43
N ASP JA 95 36.82 130.71 15.74
CA ASP JA 95 37.16 129.43 15.13
C ASP JA 95 35.96 128.47 15.11
N THR JA 96 36.16 127.28 14.50
CA THR JA 96 35.12 126.25 14.42
C THR JA 96 34.66 125.79 15.81
N LYS JA 97 35.60 125.55 16.74
CA LYS JA 97 35.25 125.18 18.11
C LYS JA 97 34.41 126.21 18.86
N GLU JA 98 34.75 127.49 18.73
CA GLU JA 98 33.89 128.51 19.32
C GLU JA 98 32.52 128.53 18.65
N ALA JA 99 32.44 128.36 17.32
CA ALA JA 99 31.12 128.35 16.70
C ALA JA 99 30.32 127.18 17.25
N LEU JA 100 30.96 126.03 17.44
CA LEU JA 100 30.31 124.87 18.02
C LEU JA 100 29.86 125.06 19.46
N ASP JA 101 30.67 125.75 20.29
CA ASP JA 101 30.30 126.18 21.62
C ASP JA 101 29.05 127.07 21.63
N LYS JA 102 28.89 127.95 20.63
CA LYS JA 102 27.67 128.73 20.45
C LYS JA 102 26.48 127.91 19.94
N ILE JA 103 26.70 126.89 19.08
CA ILE JA 103 25.66 125.96 18.63
C ILE JA 103 25.04 125.16 19.77
N GLU JA 104 25.84 124.60 20.71
CA GLU JA 104 25.32 123.95 21.91
C GLU JA 104 24.52 124.90 22.81
N GLU JA 105 24.98 126.16 22.95
CA GLU JA 105 24.25 127.22 23.62
C GLU JA 105 22.90 127.54 23.00
N GLU JA 106 22.83 127.65 21.64
CA GLU JA 106 21.57 127.82 20.91
C GLU JA 106 20.64 126.63 21.11
N GLN JA 107 21.17 125.38 21.09
CA GLN JA 107 20.39 124.18 21.31
C GLN JA 107 19.74 124.15 22.69
N ASN JA 108 20.48 124.54 23.75
CA ASN JA 108 19.85 124.58 25.08
C ASN JA 108 18.82 125.70 25.21
N LYS JA 109 19.15 126.88 24.69
CA LYS JA 109 18.20 127.98 24.69
C LYS JA 109 16.92 127.75 23.90
N SER JA 110 17.03 127.15 22.71
CA SER JA 110 15.89 126.77 21.87
C SER JA 110 15.06 125.61 22.44
N LYS JA 111 15.74 124.52 22.85
CA LYS JA 111 15.11 123.26 23.24
C LYS JA 111 14.18 123.33 24.45
N LYS JA 112 14.56 124.11 25.47
CA LYS JA 112 13.83 124.14 26.74
C LYS JA 112 12.36 124.61 26.67
N LYS JA 113 12.01 125.43 25.67
CA LYS JA 113 10.67 125.97 25.54
C LYS JA 113 9.78 125.18 24.58
N ALA JA 114 10.29 124.07 24.01
CA ALA JA 114 9.72 123.47 22.83
C ALA JA 114 8.89 122.20 23.03
N GLN JA 115 8.69 121.71 24.26
CA GLN JA 115 7.99 120.45 24.49
C GLN JA 115 6.82 120.55 25.49
N GLY KA 1 81.82 93.72 43.61
CA GLY KA 1 81.39 92.50 44.29
C GLY KA 1 81.50 91.25 43.48
N ALA KA 2 81.50 91.37 42.13
CA ALA KA 2 81.59 90.28 41.18
C ALA KA 2 82.84 89.42 41.36
N ARG KA 3 83.98 90.05 41.70
CA ARG KA 3 85.27 89.45 41.94
C ARG KA 3 85.25 88.37 43.03
N ALA KA 4 84.41 88.55 44.06
CA ALA KA 4 84.33 87.67 45.21
C ALA KA 4 83.62 86.35 44.94
N SER KA 5 82.89 86.23 43.81
CA SER KA 5 82.14 85.03 43.43
C SER KA 5 82.98 83.76 43.30
N VAL KA 6 84.22 83.91 42.79
CA VAL KA 6 85.19 82.84 42.60
C VAL KA 6 86.23 82.78 43.70
N LEU KA 7 86.06 83.54 44.81
CA LEU KA 7 86.86 83.40 46.01
C LEU KA 7 86.64 82.04 46.66
N SER KA 8 87.67 81.41 47.27
CA SER KA 8 87.48 80.07 47.84
C SER KA 8 86.45 80.00 48.95
N GLY KA 9 85.64 78.92 48.95
CA GLY KA 9 84.47 78.76 49.81
C GLY KA 9 83.24 79.44 49.26
N GLY KA 10 83.42 80.45 48.38
CA GLY KA 10 82.38 81.16 47.65
C GLY KA 10 81.59 80.33 46.67
N GLU KA 11 80.50 80.90 46.15
CA GLU KA 11 79.48 80.20 45.39
C GLU KA 11 79.99 79.47 44.14
N LEU KA 12 80.88 80.08 43.34
CA LEU KA 12 81.45 79.41 42.18
C LEU KA 12 82.58 78.45 42.53
N ASP KA 13 83.32 78.66 43.64
CA ASP KA 13 84.28 77.68 44.15
C ASP KA 13 83.59 76.39 44.61
N LYS KA 14 82.42 76.51 45.22
CA LYS KA 14 81.61 75.33 45.54
C LYS KA 14 80.95 74.61 44.35
N TRP KA 15 80.48 75.36 43.36
CA TRP KA 15 79.78 74.75 42.23
C TRP KA 15 80.52 73.57 41.58
N GLU KA 16 81.82 73.68 41.33
CA GLU KA 16 82.49 72.62 40.57
C GLU KA 16 83.02 71.43 41.40
N LYS KA 17 82.70 71.42 42.68
CA LYS KA 17 83.02 70.34 43.59
C LYS KA 17 81.81 69.46 43.87
N ILE KA 18 80.63 69.77 43.30
CA ILE KA 18 79.38 69.07 43.57
C ILE KA 18 79.15 68.01 42.52
N ARG KA 19 78.93 66.74 42.93
CA ARG KA 19 78.73 65.62 42.01
C ARG KA 19 77.37 65.68 41.25
N LEU KA 20 77.40 65.31 39.95
CA LEU KA 20 76.22 65.31 39.07
C LEU KA 20 75.08 64.42 39.55
N ARG KA 21 75.40 63.21 40.03
CA ARG KA 21 74.45 62.24 40.53
C ARG KA 21 75.23 61.46 41.58
N PRO KA 22 74.64 60.86 42.60
CA PRO KA 22 75.36 60.48 43.82
C PRO KA 22 76.33 59.33 43.61
N GLY KA 23 76.08 58.44 42.62
CA GLY KA 23 76.95 57.33 42.27
C GLY KA 23 77.94 57.67 41.17
N GLY KA 24 77.91 58.93 40.69
CA GLY KA 24 78.82 59.45 39.69
C GLY KA 24 79.97 60.20 40.32
N LYS KA 25 81.22 59.92 39.91
CA LYS KA 25 82.38 60.69 40.32
C LYS KA 25 82.35 62.13 39.81
N LYS KA 26 81.84 62.33 38.58
CA LYS KA 26 81.81 63.59 37.87
C LYS KA 26 81.06 64.71 38.58
N GLN KA 27 81.63 65.90 38.48
CA GLN KA 27 81.12 67.12 39.10
C GLN KA 27 80.56 68.11 38.06
N TYR KA 28 79.72 69.03 38.55
CA TYR KA 28 79.13 70.11 37.75
C TYR KA 28 80.20 71.07 37.26
N LYS KA 29 79.94 71.68 36.11
CA LYS KA 29 80.80 72.67 35.51
C LYS KA 29 80.03 73.94 35.22
N LEU KA 30 80.73 75.09 35.12
CA LEU KA 30 80.18 76.41 34.85
C LEU KA 30 79.33 76.47 33.58
N LYS KA 31 79.66 75.65 32.55
CA LYS KA 31 78.89 75.46 31.33
C LYS KA 31 77.42 75.10 31.59
N HIS KA 32 77.11 74.37 32.69
CA HIS KA 32 75.75 74.06 33.10
C HIS KA 32 74.91 75.28 33.41
N ILE KA 33 75.48 76.31 34.07
CA ILE KA 33 74.80 77.57 34.35
C ILE KA 33 74.48 78.33 33.05
N VAL KA 34 75.44 78.38 32.12
CA VAL KA 34 75.28 78.97 30.78
C VAL KA 34 74.21 78.24 29.98
N TRP KA 35 74.23 76.90 29.99
CA TRP KA 35 73.21 76.04 29.41
C TRP KA 35 71.81 76.28 29.98
N ALA KA 36 71.71 76.37 31.33
CA ALA KA 36 70.43 76.66 32.02
C ALA KA 36 69.81 77.99 31.59
N SER KA 37 70.63 79.03 31.39
CA SER KA 37 70.15 80.31 30.87
C SER KA 37 69.44 80.17 29.53
N ARG KA 38 70.04 79.42 28.58
CA ARG KA 38 69.51 79.35 27.23
C ARG KA 38 68.31 78.41 27.13
N GLU KA 39 68.26 77.42 28.04
CA GLU KA 39 67.02 76.67 28.30
C GLU KA 39 65.90 77.55 28.88
N LEU KA 40 66.23 78.48 29.78
CA LEU KA 40 65.18 79.35 30.30
C LEU KA 40 64.65 80.23 29.20
N GLU KA 41 65.53 80.71 28.30
CA GLU KA 41 65.05 81.55 27.19
C GLU KA 41 64.08 80.77 26.31
N ARG KA 42 64.35 79.48 26.09
CA ARG KA 42 63.44 78.64 25.32
C ARG KA 42 62.03 78.51 25.89
N PHE KA 43 61.90 78.49 27.24
CA PHE KA 43 60.61 78.54 27.92
C PHE KA 43 60.14 79.98 28.19
N ALA KA 44 60.89 80.97 27.65
CA ALA KA 44 60.72 82.43 27.74
C ALA KA 44 60.79 83.03 29.15
N VAL KA 45 61.69 82.48 29.97
CA VAL KA 45 61.98 82.92 31.32
C VAL KA 45 63.21 83.82 31.36
N ASN KA 46 63.11 84.89 32.15
CA ASN KA 46 64.16 85.88 32.30
C ASN KA 46 65.38 85.28 33.05
N PRO KA 47 66.56 85.14 32.41
CA PRO KA 47 67.74 84.46 32.93
C PRO KA 47 68.37 85.22 34.09
N GLY KA 48 67.98 86.48 34.34
CA GLY KA 48 68.45 87.28 35.47
C GLY KA 48 67.97 86.76 36.80
N LEU KA 49 66.97 85.88 36.78
CA LEU KA 49 66.46 85.18 37.93
C LEU KA 49 67.38 84.06 38.42
N LEU KA 50 68.38 83.65 37.59
CA LEU KA 50 69.38 82.67 38.05
C LEU KA 50 70.42 83.24 39.02
N GLU KA 51 70.52 84.58 39.09
CA GLU KA 51 71.41 85.21 40.05
C GLU KA 51 70.87 85.24 41.48
N THR KA 52 69.55 85.06 41.66
CA THR KA 52 68.84 85.27 42.91
C THR KA 52 68.25 83.97 43.40
N SER KA 53 68.36 83.67 44.72
CA SER KA 53 67.74 82.50 45.35
C SER KA 53 66.23 82.47 45.16
N GLU KA 54 65.60 83.65 45.32
CA GLU KA 54 64.17 83.84 45.16
C GLU KA 54 63.70 83.55 43.75
N GLY KA 55 64.46 84.01 42.73
CA GLY KA 55 64.19 83.70 41.33
C GLY KA 55 64.37 82.25 41.01
N CYS KA 56 65.43 81.61 41.54
CA CYS KA 56 65.65 80.17 41.42
C CYS KA 56 64.52 79.34 42.03
N ARG KA 57 64.00 79.73 43.22
CA ARG KA 57 62.82 79.13 43.82
C ARG KA 57 61.56 79.21 42.96
N GLN KA 58 61.30 80.39 42.34
CA GLN KA 58 60.24 80.57 41.36
C GLN KA 58 60.40 79.72 40.10
N ILE KA 59 61.62 79.64 39.54
CA ILE KA 59 61.94 78.79 38.40
C ILE KA 59 61.67 77.32 38.68
N LEU KA 60 62.08 76.82 39.87
CA LEU KA 60 61.76 75.47 40.33
C LEU KA 60 60.26 75.22 40.45
N GLY KA 61 59.51 76.21 40.99
CA GLY KA 61 58.05 76.18 41.06
C GLY KA 61 57.36 76.10 39.71
N GLN KA 62 57.75 76.95 38.75
CA GLN KA 62 57.25 76.91 37.38
C GLN KA 62 57.57 75.60 36.64
N LEU KA 63 58.80 75.06 36.79
CA LEU KA 63 59.19 73.76 36.25
C LEU KA 63 58.43 72.56 36.81
N GLN KA 64 58.19 72.55 38.13
CA GLN KA 64 57.62 71.45 38.90
C GLN KA 64 56.48 70.62 38.28
N PRO KA 65 55.33 71.14 37.84
CA PRO KA 65 54.24 70.30 37.32
C PRO KA 65 54.50 69.78 35.90
N SER KA 66 55.69 69.97 35.31
CA SER KA 66 56.02 69.36 34.02
C SER KA 66 57.09 68.31 34.13
N LEU KA 67 57.65 68.06 35.33
CA LEU KA 67 58.72 67.10 35.51
C LEU KA 67 58.37 65.64 35.23
N GLN KA 68 57.20 65.20 35.69
CA GLN KA 68 56.77 63.80 35.69
C GLN KA 68 56.35 63.34 34.30
N THR KA 69 55.96 64.30 33.45
CA THR KA 69 55.58 64.08 32.06
C THR KA 69 56.68 64.54 31.12
N GLY KA 70 57.81 65.03 31.65
CA GLY KA 70 58.83 65.62 30.81
C GLY KA 70 60.05 64.74 30.60
N SER KA 71 61.00 65.25 29.82
CA SER KA 71 62.25 64.57 29.46
C SER KA 71 63.22 64.44 30.64
N GLU KA 72 64.21 63.55 30.50
CA GLU KA 72 65.19 63.34 31.53
C GLU KA 72 66.17 64.51 31.58
N GLU KA 73 66.34 65.19 30.44
CA GLU KA 73 66.96 66.51 30.34
C GLU KA 73 66.27 67.59 31.14
N LEU KA 74 64.90 67.62 31.14
CA LEU KA 74 64.13 68.61 31.93
C LEU KA 74 64.32 68.37 33.41
N ARG KA 75 64.25 67.10 33.82
CA ARG KA 75 64.59 66.68 35.17
C ARG KA 75 66.02 67.01 35.59
N SER KA 76 67.01 66.78 34.70
CA SER KA 76 68.41 67.15 34.89
C SER KA 76 68.63 68.64 35.02
N LEU KA 77 67.95 69.46 34.20
CA LEU KA 77 67.90 70.91 34.30
C LEU KA 77 67.32 71.39 35.62
N TYR KA 78 66.20 70.78 36.08
CA TYR KA 78 65.61 71.04 37.38
C TYR KA 78 66.56 70.71 38.53
N ASN KA 79 67.24 69.55 38.48
CA ASN KA 79 68.27 69.22 39.47
C ASN KA 79 69.47 70.19 39.45
N THR KA 80 69.90 70.64 38.27
CA THR KA 80 70.95 71.64 38.13
C THR KA 80 70.59 72.96 38.79
N ILE KA 81 69.36 73.45 38.55
CA ILE KA 81 68.79 74.64 39.19
C ILE KA 81 68.59 74.46 40.69
N ALA KA 82 68.10 73.29 41.11
CA ALA KA 82 67.98 72.97 42.54
C ALA KA 82 69.33 73.05 43.25
N VAL KA 83 70.40 72.60 42.59
CA VAL KA 83 71.72 72.73 43.20
C VAL KA 83 72.10 74.21 43.24
N LEU KA 84 71.85 75.00 42.17
CA LEU KA 84 72.20 76.43 42.20
C LEU KA 84 71.44 77.14 43.31
N TYR KA 85 70.18 76.79 43.50
CA TYR KA 85 69.38 77.31 44.59
C TYR KA 85 70.00 77.00 45.96
N CYS KA 86 70.44 75.74 46.17
CA CYS KA 86 71.17 75.34 47.39
C CYS KA 86 72.52 76.07 47.59
N VAL KA 87 73.27 76.30 46.49
CA VAL KA 87 74.52 77.08 46.52
C VAL KA 87 74.25 78.55 46.89
N HIS KA 88 73.23 79.15 46.29
CA HIS KA 88 72.84 80.53 46.61
C HIS KA 88 72.25 80.69 48.01
N GLN KA 89 71.75 79.60 48.61
CA GLN KA 89 71.26 79.55 49.97
C GLN KA 89 72.28 79.02 50.97
N ARG KA 90 73.53 78.84 50.52
CA ARG KA 90 74.66 78.43 51.33
C ARG KA 90 74.47 77.09 52.03
N ILE KA 91 73.93 76.12 51.29
CA ILE KA 91 73.72 74.78 51.79
C ILE KA 91 74.90 73.93 51.34
N ASP KA 92 75.54 73.27 52.29
CA ASP KA 92 76.73 72.50 51.96
C ASP KA 92 76.38 71.12 51.41
N VAL KA 93 76.38 71.02 50.08
CA VAL KA 93 76.05 69.76 49.40
C VAL KA 93 77.27 69.29 48.62
N LYS KA 94 77.48 67.97 48.60
CA LYS KA 94 78.57 67.33 47.87
C LYS KA 94 78.06 66.67 46.59
N ASP KA 95 76.74 66.45 46.51
CA ASP KA 95 76.13 65.90 45.32
C ASP KA 95 74.68 66.35 45.23
N THR KA 96 74.05 66.07 44.06
CA THR KA 96 72.66 66.39 43.76
C THR KA 96 71.64 65.83 44.73
N LYS KA 97 71.82 64.59 45.23
CA LYS KA 97 70.89 63.94 46.15
C LYS KA 97 70.73 64.70 47.45
N GLU KA 98 71.85 65.18 48.01
CA GLU KA 98 71.89 66.01 49.20
C GLU KA 98 71.12 67.31 49.08
N ALA KA 99 71.24 67.99 47.91
CA ALA KA 99 70.45 69.16 47.59
C ALA KA 99 68.95 68.92 47.57
N LEU KA 100 68.50 67.80 46.95
CA LEU KA 100 67.12 67.36 46.97
C LEU KA 100 66.59 67.05 48.37
N ASP KA 101 67.38 66.35 49.21
CA ASP KA 101 67.05 66.06 50.59
C ASP KA 101 66.83 67.32 51.43
N LYS KA 102 67.72 68.30 51.22
CA LYS KA 102 67.65 69.58 51.92
C LYS KA 102 66.42 70.34 51.50
N ILE KA 103 66.06 70.28 50.22
CA ILE KA 103 64.87 70.95 49.75
C ILE KA 103 63.63 70.29 50.36
N GLU KA 104 63.54 68.94 50.39
CA GLU KA 104 62.35 68.34 51.00
C GLU KA 104 62.26 68.67 52.49
N GLU KA 105 63.41 68.71 53.17
CA GLU KA 105 63.46 69.10 54.57
C GLU KA 105 62.98 70.52 54.87
N GLU KA 106 63.36 71.49 54.02
CA GLU KA 106 62.77 72.82 54.08
C GLU KA 106 61.28 72.87 53.71
N GLN KA 107 60.87 72.11 52.69
CA GLN KA 107 59.47 72.14 52.27
C GLN KA 107 58.54 71.62 53.33
N ASN KA 108 58.96 70.57 54.04
CA ASN KA 108 58.08 70.00 55.04
C ASN KA 108 57.74 71.03 56.10
N LYS KA 109 58.72 71.85 56.50
CA LYS KA 109 58.45 72.93 57.46
C LYS KA 109 57.68 74.11 56.86
N SER KA 110 57.99 74.50 55.60
CA SER KA 110 57.39 75.61 54.87
C SER KA 110 55.87 75.50 54.76
N LYS KA 111 55.39 74.27 54.63
CA LYS KA 111 53.94 73.96 54.59
C LYS KA 111 53.14 74.51 55.80
N LYS KA 112 53.79 74.73 56.94
CA LYS KA 112 53.14 75.25 58.13
C LYS KA 112 53.22 76.78 58.24
N LYS KA 113 53.84 77.44 57.23
CA LYS KA 113 53.74 78.87 57.01
C LYS KA 113 53.01 79.15 55.70
N ALA KA 114 52.36 78.11 55.14
CA ALA KA 114 51.65 78.19 53.88
C ALA KA 114 50.13 78.27 54.11
N GLN KA 115 49.70 78.36 55.38
CA GLN KA 115 48.33 78.48 55.77
C GLN KA 115 48.31 79.00 57.23
N GLY LA 1 57.04 43.39 23.62
CA GLY LA 1 55.78 44.02 23.97
C GLY LA 1 55.27 44.89 22.81
N ALA LA 2 56.05 45.91 22.41
CA ALA LA 2 55.73 46.88 21.35
C ALA LA 2 55.72 46.24 19.97
N ARG LA 3 56.26 45.03 19.87
CA ARG LA 3 56.23 44.27 18.62
C ARG LA 3 54.79 43.94 18.30
N ALA LA 4 53.94 43.99 19.32
CA ALA LA 4 52.53 43.71 19.19
C ALA LA 4 51.88 44.71 18.25
N SER LA 5 52.38 45.94 18.19
CA SER LA 5 51.79 46.97 17.36
C SER LA 5 51.97 46.66 15.89
N VAL LA 6 52.89 45.75 15.59
CA VAL LA 6 53.23 45.41 14.23
C VAL LA 6 52.39 44.21 13.78
N LEU LA 7 51.58 43.66 14.68
CA LEU LA 7 50.72 42.55 14.30
C LEU LA 7 49.69 42.92 13.23
N SER LA 8 49.40 42.02 12.27
CA SER LA 8 48.33 42.27 11.31
C SER LA 8 46.97 42.18 12.00
N GLY LA 9 46.05 43.13 11.72
CA GLY LA 9 44.86 43.33 12.54
C GLY LA 9 45.15 43.90 13.90
N GLY LA 10 46.34 44.50 14.08
CA GLY LA 10 46.76 45.24 15.27
C GLY LA 10 46.88 46.71 14.96
N GLU LA 11 47.62 47.39 15.84
CA GLU LA 11 47.56 48.85 15.97
C GLU LA 11 47.98 49.57 14.71
N LEU LA 12 49.00 49.07 14.04
CA LEU LA 12 49.48 49.81 12.88
C LEU LA 12 48.70 49.44 11.60
N ASP LA 13 48.06 48.28 11.58
CA ASP LA 13 47.26 47.85 10.43
C ASP LA 13 46.00 48.71 10.48
N LYS LA 14 45.44 48.84 11.68
CA LYS LA 14 44.37 49.79 11.93
C LYS LA 14 44.71 51.26 11.67
N TRP LA 15 45.90 51.70 12.13
CA TRP LA 15 46.35 53.10 12.05
C TRP LA 15 46.33 53.66 10.65
N GLU LA 16 46.78 52.88 9.68
CA GLU LA 16 46.90 53.38 8.32
C GLU LA 16 45.58 53.28 7.54
N LYS LA 17 44.51 52.79 8.19
CA LYS LA 17 43.17 52.71 7.65
C LYS LA 17 42.23 53.78 8.18
N ILE LA 18 42.50 54.38 9.37
CA ILE LA 18 41.67 55.42 10.00
C ILE LA 18 41.66 56.73 9.22
N ARG LA 19 40.48 57.38 9.09
CA ARG LA 19 40.29 58.60 8.33
C ARG LA 19 40.72 59.89 9.02
N LEU LA 20 40.94 60.92 8.25
CA LEU LA 20 41.08 62.21 8.90
C LEU LA 20 39.70 62.86 9.16
N ARG LA 21 38.69 62.53 8.32
CA ARG LA 21 37.32 63.04 8.45
C ARG LA 21 36.32 61.88 8.13
N PRO LA 22 35.12 61.76 8.78
CA PRO LA 22 34.19 60.64 8.60
C PRO LA 22 33.80 60.42 7.15
N GLY LA 23 34.06 59.21 6.66
CA GLY LA 23 33.76 58.84 5.27
C GLY LA 23 34.57 59.56 4.20
N GLY LA 24 35.58 60.38 4.59
CA GLY LA 24 36.37 61.21 3.69
C GLY LA 24 37.43 60.47 2.91
N LYS LA 25 38.39 61.22 2.36
CA LYS LA 25 39.40 60.59 1.49
C LYS LA 25 40.81 60.35 2.09
N LYS LA 26 41.24 61.15 3.07
CA LYS LA 26 42.62 61.02 3.61
C LYS LA 26 42.65 60.15 4.87
N GLN LA 27 43.81 59.50 5.16
CA GLN LA 27 43.88 58.62 6.30
C GLN LA 27 45.15 58.93 7.05
N TYR LA 28 45.22 58.55 8.35
CA TYR LA 28 46.46 58.56 9.12
C TYR LA 28 47.51 57.63 8.52
N LYS LA 29 48.81 57.95 8.69
CA LYS LA 29 49.91 57.15 8.19
C LYS LA 29 51.02 57.11 9.22
N LEU LA 30 51.98 56.16 9.17
CA LEU LA 30 52.91 55.96 10.32
C LEU LA 30 53.88 57.14 10.59
N LYS LA 31 54.18 57.91 9.54
CA LYS LA 31 54.89 59.17 9.69
C LYS LA 31 54.29 60.13 10.72
N HIS LA 32 52.95 60.14 10.87
CA HIS LA 32 52.24 60.96 11.84
C HIS LA 32 52.63 60.66 13.29
N ILE LA 33 52.83 59.38 13.66
CA ILE LA 33 53.31 59.00 14.99
C ILE LA 33 54.70 59.55 15.27
N VAL LA 34 55.62 59.43 14.29
CA VAL LA 34 56.98 59.97 14.35
C VAL LA 34 57.00 61.48 14.48
N TRP LA 35 56.16 62.18 13.68
CA TRP LA 35 55.92 63.61 13.78
C TRP LA 35 55.38 64.03 15.14
N ALA LA 36 54.37 63.32 15.66
CA ALA LA 36 53.75 63.60 16.94
C ALA LA 36 54.72 63.51 18.10
N SER LA 37 55.60 62.48 18.11
CA SER LA 37 56.67 62.37 19.08
C SER LA 37 57.63 63.54 19.02
N ARG LA 38 58.09 63.92 17.81
CA ARG LA 38 58.98 65.06 17.63
C ARG LA 38 58.42 66.42 18.00
N GLU LA 39 57.14 66.69 17.69
CA GLU LA 39 56.42 67.86 18.18
C GLU LA 39 56.32 67.91 19.72
N LEU LA 40 56.01 66.76 20.37
CA LEU LA 40 56.07 66.63 21.82
C LEU LA 40 57.45 66.87 22.42
N GLU LA 41 58.51 66.35 21.76
CA GLU LA 41 59.91 66.58 22.08
C GLU LA 41 60.32 68.05 22.07
N ARG LA 42 59.73 68.88 21.16
CA ARG LA 42 59.92 70.34 21.17
C ARG LA 42 59.52 71.01 22.48
N PHE LA 43 58.41 70.58 23.09
CA PHE LA 43 57.87 71.18 24.30
C PHE LA 43 58.39 70.47 25.55
N ALA LA 44 59.38 69.57 25.37
CA ALA LA 44 60.06 68.76 26.40
C ALA LA 44 59.22 67.66 27.06
N VAL LA 45 58.14 67.24 26.40
CA VAL LA 45 57.33 66.10 26.82
C VAL LA 45 58.04 64.78 26.58
N ASN LA 46 57.90 63.82 27.52
CA ASN LA 46 58.56 62.53 27.48
C ASN LA 46 57.96 61.56 26.43
N PRO LA 47 58.66 61.08 25.41
CA PRO LA 47 58.11 60.13 24.45
C PRO LA 47 57.99 58.73 25.04
N GLY LA 48 58.59 58.45 26.21
CA GLY LA 48 58.47 57.18 26.93
C GLY LA 48 57.06 56.92 27.42
N LEU LA 49 56.27 58.00 27.63
CA LEU LA 49 54.87 57.93 27.98
C LEU LA 49 54.03 57.17 26.96
N LEU LA 50 54.40 57.28 25.66
CA LEU LA 50 53.67 56.79 24.52
C LEU LA 50 53.67 55.26 24.39
N GLU LA 51 54.54 54.56 25.13
CA GLU LA 51 54.42 53.12 25.34
C GLU LA 51 53.09 52.73 26.00
N THR LA 52 52.63 53.56 26.95
CA THR LA 52 51.57 53.20 27.90
C THR LA 52 50.31 54.00 27.64
N SER LA 53 49.13 53.36 27.77
CA SER LA 53 47.84 54.04 27.66
C SER LA 53 47.65 55.12 28.72
N GLU LA 54 48.03 54.81 29.99
CA GLU LA 54 47.98 55.74 31.11
C GLU LA 54 48.86 56.98 30.90
N GLY LA 55 50.08 56.80 30.33
CA GLY LA 55 50.96 57.91 29.95
C GLY LA 55 50.40 58.80 28.86
N CYS LA 56 49.76 58.20 27.84
CA CYS LA 56 49.02 58.95 26.81
C CYS LA 56 47.87 59.76 27.42
N ARG LA 57 47.14 59.18 28.38
CA ARG LA 57 46.12 59.86 29.18
C ARG LA 57 46.62 61.09 29.93
N GLN LA 58 47.84 61.03 30.52
CA GLN LA 58 48.45 62.19 31.15
C GLN LA 58 48.71 63.35 30.20
N ILE LA 59 49.21 63.08 28.99
CA ILE LA 59 49.39 64.08 27.94
C ILE LA 59 48.05 64.69 27.49
N LEU LA 60 47.03 63.84 27.27
CA LEU LA 60 45.68 64.27 26.92
C LEU LA 60 45.01 65.15 27.97
N GLY LA 61 45.15 64.80 29.27
CA GLY LA 61 44.65 65.61 30.38
C GLY LA 61 45.32 66.94 30.53
N GLN LA 62 46.68 66.97 30.46
CA GLN LA 62 47.45 68.20 30.49
C GLN LA 62 47.23 69.17 29.35
N LEU LA 63 47.10 68.69 28.09
CA LEU LA 63 47.03 69.56 26.93
C LEU LA 63 45.62 69.91 26.50
N GLN LA 64 44.57 69.43 27.21
CA GLN LA 64 43.21 69.90 27.00
C GLN LA 64 43.01 71.41 27.22
N PRO LA 65 43.54 72.06 28.27
CA PRO LA 65 43.70 73.50 28.36
C PRO LA 65 44.33 74.23 27.19
N SER LA 66 45.23 73.61 26.42
CA SER LA 66 45.96 74.25 25.34
C SER LA 66 45.13 74.44 24.08
N LEU LA 67 44.04 73.68 23.92
CA LEU LA 67 43.32 73.62 22.65
C LEU LA 67 42.49 74.85 22.34
N GLN LA 68 42.13 75.64 23.37
CA GLN LA 68 41.46 76.91 23.19
C GLN LA 68 42.28 77.95 22.42
N THR LA 69 43.59 78.04 22.69
CA THR LA 69 44.47 79.02 22.09
C THR LA 69 45.36 78.41 21.01
N GLY LA 70 45.54 77.11 21.02
CA GLY LA 70 46.54 76.47 20.19
C GLY LA 70 46.33 76.57 18.69
N SER LA 71 47.44 76.43 17.96
CA SER LA 71 47.49 76.46 16.51
C SER LA 71 46.86 75.20 15.90
N GLU LA 72 46.63 75.20 14.57
CA GLU LA 72 46.05 74.04 13.91
C GLU LA 72 46.94 72.80 14.04
N GLU LA 73 48.26 73.00 13.97
CA GLU LA 73 49.20 71.93 14.21
C GLU LA 73 49.09 71.35 15.61
N LEU LA 74 48.81 72.20 16.62
CA LEU LA 74 48.67 71.69 17.98
C LEU LA 74 47.34 70.91 18.10
N ARG LA 75 46.28 71.42 17.45
CA ARG LA 75 45.00 70.72 17.46
C ARG LA 75 45.13 69.35 16.77
N SER LA 76 45.86 69.32 15.64
CA SER LA 76 46.20 68.10 14.93
C SER LA 76 47.04 67.13 15.74
N LEU LA 77 48.05 67.64 16.48
CA LEU LA 77 48.86 66.85 17.40
C LEU LA 77 48.05 66.18 18.49
N TYR LA 78 47.14 66.92 19.16
CA TYR LA 78 46.26 66.40 20.18
C TYR LA 78 45.34 65.31 19.66
N ASN LA 79 44.73 65.54 18.47
CA ASN LA 79 43.87 64.51 17.84
C ASN LA 79 44.66 63.26 17.41
N THR LA 80 45.89 63.43 16.93
CA THR LA 80 46.79 62.31 16.64
C THR LA 80 47.09 61.47 17.88
N ILE LA 81 47.38 62.11 19.03
CA ILE LA 81 47.53 61.46 20.33
C ILE LA 81 46.24 60.78 20.81
N ALA LA 82 45.10 61.46 20.66
CA ALA LA 82 43.80 60.94 21.04
C ALA LA 82 43.46 59.66 20.30
N VAL LA 83 43.78 59.62 19.00
CA VAL LA 83 43.52 58.40 18.26
C VAL LA 83 44.51 57.34 18.75
N LEU LA 84 45.80 57.67 18.95
CA LEU LA 84 46.76 56.63 19.41
C LEU LA 84 46.34 56.04 20.74
N TYR LA 85 45.84 56.86 21.64
CA TYR LA 85 45.27 56.37 22.88
C TYR LA 85 44.13 55.36 22.67
N CYS LA 86 43.17 55.72 21.80
CA CYS LA 86 42.06 54.82 21.48
C CYS LA 86 42.56 53.56 20.77
N VAL LA 87 43.60 53.70 19.97
CA VAL LA 87 44.23 52.57 19.28
C VAL LA 87 44.92 51.65 20.32
N HIS LA 88 45.61 52.23 21.32
CA HIS LA 88 46.28 51.43 22.36
C HIS LA 88 45.22 50.66 23.16
N GLN LA 89 44.05 51.26 23.36
CA GLN LA 89 42.92 50.59 23.97
C GLN LA 89 42.27 49.54 23.08
N ARG LA 90 42.62 49.53 21.79
CA ARG LA 90 42.03 48.72 20.72
C ARG LA 90 40.55 49.01 20.50
N ILE LA 91 40.20 50.29 20.47
CA ILE LA 91 38.83 50.68 20.18
C ILE LA 91 38.72 50.78 18.67
N ASP LA 92 37.74 50.10 18.09
CA ASP LA 92 37.62 50.11 16.64
C ASP LA 92 36.89 51.36 16.18
N VAL LA 93 37.59 52.49 16.23
CA VAL LA 93 37.04 53.78 15.86
C VAL LA 93 37.13 53.89 14.35
N LYS LA 94 36.12 54.46 13.71
CA LYS LA 94 36.16 54.65 12.27
C LYS LA 94 36.56 56.08 11.94
N ASP LA 95 36.58 56.96 12.95
CA ASP LA 95 37.01 58.32 12.69
C ASP LA 95 37.59 58.94 13.98
N THR LA 96 38.33 60.07 13.84
CA THR LA 96 38.82 60.90 14.93
C THR LA 96 37.71 61.45 15.80
N LYS LA 97 36.58 61.90 15.20
CA LYS LA 97 35.44 62.43 15.96
C LYS LA 97 34.85 61.36 16.87
N GLU LA 98 34.71 60.13 16.35
CA GLU LA 98 34.30 58.98 17.12
C GLU LA 98 35.23 58.63 18.28
N ALA LA 99 36.56 58.70 18.06
CA ALA LA 99 37.55 58.59 19.11
C ALA LA 99 37.44 59.67 20.20
N LEU LA 100 37.24 60.94 19.82
CA LEU LA 100 36.96 62.04 20.74
C LEU LA 100 35.67 61.86 21.53
N ASP LA 101 34.57 61.41 20.89
CA ASP LA 101 33.32 61.06 21.55
C ASP LA 101 33.48 59.95 22.59
N LYS LA 102 34.26 58.89 22.28
CA LYS LA 102 34.64 57.87 23.26
C LYS LA 102 35.43 58.39 24.44
N ILE LA 103 36.39 59.31 24.22
CA ILE LA 103 37.11 59.99 25.27
C ILE LA 103 36.22 60.86 26.16
N GLU LA 104 35.32 61.68 25.58
CA GLU LA 104 34.48 62.57 26.38
C GLU LA 104 33.31 61.87 27.06
N GLU LA 105 32.84 60.70 26.57
CA GLU LA 105 31.93 59.82 27.30
C GLU LA 105 32.48 59.38 28.64
N GLU LA 106 33.73 58.86 28.64
CA GLU LA 106 34.46 58.50 29.83
C GLU LA 106 34.79 59.67 30.73
N GLN LA 107 35.09 60.87 30.15
CA GLN LA 107 35.28 62.11 30.95
C GLN LA 107 33.99 62.62 31.62
N ASN LA 108 32.84 62.56 30.94
CA ASN LA 108 31.55 62.93 31.52
C ASN LA 108 31.18 62.04 32.71
N LYS LA 109 31.37 60.72 32.51
CA LYS LA 109 31.22 59.66 33.49
C LYS LA 109 32.16 59.81 34.69
N SER LA 110 33.43 60.16 34.43
CA SER LA 110 34.42 60.54 35.44
C SER LA 110 34.09 61.80 36.24
N LYS LA 111 33.69 62.92 35.57
CA LYS LA 111 33.40 64.22 36.25
C LYS LA 111 32.28 64.14 37.28
N LYS LA 112 31.24 63.39 36.98
CA LYS LA 112 30.18 63.12 37.96
C LYS LA 112 30.70 62.55 39.28
N LYS LA 113 31.74 61.72 39.22
CA LYS LA 113 32.27 61.09 40.42
C LYS LA 113 33.39 61.91 41.07
N ALA LA 114 33.77 63.01 40.42
CA ALA LA 114 34.88 63.84 40.87
C ALA LA 114 34.71 65.32 40.51
N GLN LA 115 33.58 65.94 40.93
CA GLN LA 115 33.22 67.35 40.65
C GLN LA 115 31.89 67.65 41.33
N GLY MA 1 36.39 97.65 2.64
CA GLY MA 1 35.77 97.67 3.95
C GLY MA 1 36.82 97.74 5.05
N ALA MA 2 37.81 96.80 5.02
CA ALA MA 2 38.91 96.63 6.00
C ALA MA 2 39.80 97.86 6.06
N ARG MA 3 39.76 98.66 4.98
CA ARG MA 3 40.52 99.90 4.83
C ARG MA 3 40.07 100.92 5.86
N ALA MA 4 38.90 100.69 6.43
CA ALA MA 4 38.37 101.54 7.45
C ALA MA 4 39.32 101.56 8.64
N SER MA 5 40.11 100.48 8.83
CA SER MA 5 41.06 100.37 9.92
C SER MA 5 42.22 101.36 9.83
N VAL MA 6 42.47 101.91 8.63
CA VAL MA 6 43.55 102.87 8.43
C VAL MA 6 43.03 104.28 8.13
N LEU MA 7 41.72 104.42 7.96
CA LEU MA 7 41.12 105.72 7.76
C LEU MA 7 41.17 106.39 9.12
N SER MA 8 41.21 107.72 9.14
CA SER MA 8 41.37 108.40 10.41
C SER MA 8 40.39 107.91 11.47
N GLY MA 9 40.94 107.60 12.65
CA GLY MA 9 40.19 107.12 13.80
C GLY MA 9 40.09 105.59 13.92
N GLY MA 10 40.49 104.87 12.87
CA GLY MA 10 40.41 103.41 12.87
C GLY MA 10 41.50 102.73 13.66
N GLU MA 11 41.44 101.39 13.81
CA GLU MA 11 42.35 100.63 14.67
C GLU MA 11 43.84 100.82 14.40
N LEU MA 12 44.21 100.86 13.12
CA LEU MA 12 45.64 100.88 12.78
C LEU MA 12 46.12 102.32 12.69
N ASP MA 13 45.18 103.23 12.43
CA ASP MA 13 45.47 104.66 12.42
C ASP MA 13 45.86 105.05 13.85
N LYS MA 14 45.14 104.49 14.83
CA LYS MA 14 45.46 104.73 16.23
C LYS MA 14 46.71 104.00 16.65
N TRP MA 15 46.93 102.80 16.12
CA TRP MA 15 48.06 101.98 16.54
C TRP MA 15 49.42 102.67 16.40
N GLU MA 16 49.69 103.36 15.26
CA GLU MA 16 50.97 103.99 15.05
C GLU MA 16 51.04 105.40 15.64
N LYS MA 17 50.14 105.73 16.59
CA LYS MA 17 50.22 106.95 17.38
C LYS MA 17 50.49 106.68 18.85
N ILE MA 18 50.55 105.41 19.30
CA ILE MA 18 50.60 105.05 20.72
C ILE MA 18 52.05 104.98 21.20
N ARG MA 19 52.39 105.71 22.26
CA ARG MA 19 53.78 105.73 22.74
C ARG MA 19 54.20 104.49 23.54
N LEU MA 20 55.48 104.16 23.44
CA LEU MA 20 56.05 103.08 24.25
C LEU MA 20 56.03 103.36 25.76
N ARG MA 21 56.33 104.65 26.10
CA ARG MA 21 56.29 105.27 27.42
C ARG MA 21 55.71 106.69 27.20
N PRO MA 22 54.97 107.32 28.14
CA PRO MA 22 54.24 108.60 27.95
C PRO MA 22 54.97 109.82 27.34
N GLY MA 23 56.25 109.99 27.60
CA GLY MA 23 57.00 111.09 27.01
C GLY MA 23 58.11 110.62 26.11
N GLY MA 24 58.24 109.29 25.91
CA GLY MA 24 59.27 108.68 25.06
C GLY MA 24 59.17 109.08 23.60
N LYS MA 25 60.32 109.05 22.89
CA LYS MA 25 60.35 109.36 21.44
C LYS MA 25 59.64 108.32 20.54
N LYS MA 26 59.80 107.03 20.85
CA LYS MA 26 59.12 105.96 20.16
C LYS MA 26 57.61 105.85 20.36
N GLN MA 27 56.96 105.48 19.26
CA GLN MA 27 55.58 105.05 19.19
C GLN MA 27 55.54 103.68 18.55
N TYR MA 28 54.45 102.96 18.79
CA TYR MA 28 54.26 101.64 18.20
C TYR MA 28 54.20 101.61 16.68
N LYS MA 29 54.62 100.48 16.08
CA LYS MA 29 54.54 100.29 14.65
C LYS MA 29 54.00 98.93 14.28
N LEU MA 30 53.50 98.80 13.03
CA LEU MA 30 52.91 97.61 12.47
C LEU MA 30 53.81 96.37 12.46
N LYS MA 31 55.15 96.56 12.35
CA LYS MA 31 56.15 95.50 12.40
C LYS MA 31 56.07 94.65 13.68
N HIS MA 32 55.74 95.28 14.83
CA HIS MA 32 55.51 94.58 16.08
C HIS MA 32 54.35 93.60 16.03
N ILE MA 33 53.24 93.94 15.35
CA ILE MA 33 52.14 93.01 15.10
C ILE MA 33 52.56 91.81 14.23
N VAL MA 34 53.36 92.07 13.17
CA VAL MA 34 53.93 91.03 12.31
C VAL MA 34 54.85 90.07 13.08
N TRP MA 35 55.75 90.62 13.92
CA TRP MA 35 56.58 89.88 14.85
C TRP MA 35 55.78 89.05 15.86
N ALA MA 36 54.78 89.66 16.51
CA ALA MA 36 53.91 89.00 17.47
C ALA MA 36 53.15 87.83 16.87
N SER MA 37 52.66 87.99 15.62
CA SER MA 37 52.00 86.95 14.86
C SER MA 37 52.87 85.71 14.62
N ARG MA 38 54.17 85.90 14.25
CA ARG MA 38 55.15 84.84 14.19
C ARG MA 38 55.44 84.19 15.54
N GLU MA 39 55.61 85.02 16.59
CA GLU MA 39 55.86 84.59 17.95
C GLU MA 39 54.78 83.73 18.56
N LEU MA 40 53.49 84.03 18.28
CA LEU MA 40 52.38 83.15 18.66
C LEU MA 40 52.53 81.74 18.07
N GLU MA 41 52.86 81.60 16.78
CA GLU MA 41 53.17 80.30 16.20
C GLU MA 41 54.38 79.59 16.81
N ARG MA 42 55.43 80.35 17.20
CA ARG MA 42 56.56 79.89 18.01
C ARG MA 42 56.19 79.32 19.38
N PHE MA 43 55.14 79.87 20.03
CA PHE MA 43 54.57 79.32 21.25
C PHE MA 43 53.42 78.35 21.01
N ALA MA 44 53.16 78.02 19.71
CA ALA MA 44 52.10 77.18 19.12
C ALA MA 44 50.68 77.60 19.43
N VAL MA 45 50.46 78.88 19.33
CA VAL MA 45 49.19 79.57 19.54
C VAL MA 45 48.67 80.12 18.22
N ASN MA 46 47.34 80.05 18.00
CA ASN MA 46 46.64 80.53 16.82
C ASN MA 46 46.68 82.07 16.64
N PRO MA 47 47.17 82.65 15.53
CA PRO MA 47 47.10 84.10 15.32
C PRO MA 47 45.69 84.59 14.99
N GLY MA 48 44.70 83.68 14.82
CA GLY MA 48 43.31 84.02 14.59
C GLY MA 48 42.62 84.65 15.77
N LEU MA 49 43.24 84.57 16.97
CA LEU MA 49 42.71 85.16 18.16
C LEU MA 49 43.18 86.60 18.36
N LEU MA 50 43.97 87.16 17.42
CA LEU MA 50 44.30 88.58 17.41
C LEU MA 50 43.11 89.44 16.97
N GLU MA 51 42.13 88.81 16.30
CA GLU MA 51 40.95 89.43 15.75
C GLU MA 51 40.02 90.10 16.76
N THR MA 52 39.72 89.43 17.89
CA THR MA 52 38.64 89.84 18.79
C THR MA 52 39.17 90.17 20.16
N SER MA 53 38.39 90.95 20.94
CA SER MA 53 38.68 91.27 22.34
C SER MA 53 38.77 90.05 23.23
N GLU MA 54 37.83 89.08 23.11
CA GLU MA 54 37.95 87.81 23.82
C GLU MA 54 39.17 87.00 23.43
N GLY MA 55 39.52 86.90 22.13
CA GLY MA 55 40.73 86.21 21.68
C GLY MA 55 42.01 86.82 22.21
N CYS MA 56 42.12 88.15 22.20
CA CYS MA 56 43.21 88.87 22.82
C CYS MA 56 43.30 88.62 24.32
N ARG MA 57 42.14 88.64 25.01
CA ARG MA 57 42.01 88.33 26.43
C ARG MA 57 42.42 86.89 26.76
N GLN MA 58 42.08 85.91 25.91
CA GLN MA 58 42.58 84.54 25.98
C GLN MA 58 44.10 84.41 25.87
N ILE MA 59 44.73 85.12 24.90
CA ILE MA 59 46.18 85.19 24.75
C ILE MA 59 46.87 85.79 25.97
N LEU MA 60 46.31 86.91 26.51
CA LEU MA 60 46.82 87.50 27.75
C LEU MA 60 46.67 86.53 28.93
N GLY MA 61 45.54 85.80 28.98
CA GLY MA 61 45.28 84.77 29.98
C GLY MA 61 46.24 83.62 29.98
N GLN MA 62 46.67 83.11 28.80
CA GLN MA 62 47.71 82.10 28.71
C GLN MA 62 49.07 82.58 29.21
N LEU MA 63 49.42 83.83 28.86
CA LEU MA 63 50.65 84.47 29.32
C LEU MA 63 50.64 84.81 30.81
N GLN MA 64 49.48 85.22 31.33
CA GLN MA 64 49.33 85.72 32.68
C GLN MA 64 50.12 84.97 33.81
N PRO MA 65 50.04 83.64 33.99
CA PRO MA 65 50.73 82.93 35.07
C PRO MA 65 52.26 82.93 35.02
N SER MA 66 52.87 83.25 33.87
CA SER MA 66 54.32 83.24 33.75
C SER MA 66 54.89 84.65 33.66
N LEU MA 67 54.06 85.65 33.90
CA LEU MA 67 54.56 87.02 33.72
C LEU MA 67 55.72 87.43 34.62
N GLN MA 68 55.69 87.08 35.92
CA GLN MA 68 56.72 87.44 36.88
C GLN MA 68 58.07 86.84 36.50
N THR MA 69 58.05 85.58 36.01
CA THR MA 69 59.22 84.90 35.47
C THR MA 69 59.60 85.29 34.05
N GLY MA 70 58.67 85.85 33.26
CA GLY MA 70 58.84 86.13 31.83
C GLY MA 70 59.89 87.15 31.43
N SER MA 71 60.54 86.93 30.27
CA SER MA 71 61.54 87.82 29.68
C SER MA 71 60.98 89.12 29.11
N GLU MA 72 61.84 90.10 28.75
CA GLU MA 72 61.42 91.33 28.08
C GLU MA 72 60.73 91.09 26.73
N GLU MA 73 61.15 90.07 25.96
CA GLU MA 73 60.43 89.58 24.80
C GLU MA 73 59.01 89.11 25.08
N LEU MA 74 58.80 88.31 26.14
CA LEU MA 74 57.47 87.92 26.60
C LEU MA 74 56.62 89.10 27.05
N ARG MA 75 57.22 90.01 27.84
CA ARG MA 75 56.60 91.25 28.28
C ARG MA 75 56.20 92.17 27.14
N SER MA 76 57.07 92.33 26.13
CA SER MA 76 56.80 93.06 24.90
C SER MA 76 55.66 92.48 24.09
N LEU MA 77 55.60 91.13 23.97
CA LEU MA 77 54.46 90.43 23.39
C LEU MA 77 53.17 90.65 24.17
N TYR MA 78 53.21 90.56 25.52
CA TYR MA 78 52.03 90.82 26.39
C TYR MA 78 51.50 92.25 26.22
N ASN MA 79 52.41 93.24 26.25
CA ASN MA 79 52.09 94.64 26.01
C ASN MA 79 51.46 94.89 24.65
N THR MA 80 51.97 94.22 23.60
CA THR MA 80 51.42 94.29 22.23
C THR MA 80 49.97 93.84 22.17
N ILE MA 81 49.63 92.70 22.81
CA ILE MA 81 48.26 92.22 22.96
C ILE MA 81 47.38 93.14 23.82
N ALA MA 82 47.92 93.66 24.95
CA ALA MA 82 47.21 94.56 25.84
C ALA MA 82 46.76 95.87 25.20
N VAL MA 83 47.65 96.51 24.41
CA VAL MA 83 47.31 97.66 23.58
C VAL MA 83 46.27 97.33 22.52
N LEU MA 84 46.41 96.16 21.85
CA LEU MA 84 45.47 95.67 20.85
C LEU MA 84 44.05 95.43 21.38
N TYR MA 85 43.92 94.91 22.62
CA TYR MA 85 42.65 94.82 23.32
C TYR MA 85 41.98 96.18 23.55
N CYS MA 86 42.75 97.19 23.99
CA CYS MA 86 42.27 98.55 24.19
C CYS MA 86 41.78 99.21 22.91
N VAL MA 87 42.54 99.04 21.81
CA VAL MA 87 42.17 99.45 20.47
C VAL MA 87 40.90 98.77 19.97
N HIS MA 88 40.78 97.43 20.16
CA HIS MA 88 39.57 96.68 19.86
C HIS MA 88 38.32 97.15 20.59
N GLN MA 89 38.46 97.52 21.87
CA GLN MA 89 37.41 98.09 22.70
C GLN MA 89 37.04 99.54 22.39
N ARG MA 90 37.81 100.24 21.55
CA ARG MA 90 37.69 101.68 21.26
C ARG MA 90 38.03 102.63 22.42
N ILE MA 91 39.04 102.28 23.19
CA ILE MA 91 39.59 103.10 24.26
C ILE MA 91 40.75 103.89 23.70
N ASP MA 92 40.74 105.23 23.85
CA ASP MA 92 41.78 106.07 23.30
C ASP MA 92 42.93 106.19 24.31
N VAL MA 93 44.03 105.43 24.10
CA VAL MA 93 45.16 105.31 25.02
C VAL MA 93 46.41 105.87 24.37
N LYS MA 94 47.21 106.66 25.11
CA LYS MA 94 48.30 107.41 24.47
C LYS MA 94 49.63 106.67 24.66
N ASP MA 95 49.65 105.68 25.53
CA ASP MA 95 50.83 104.87 25.71
C ASP MA 95 50.54 103.48 26.32
N THR MA 96 51.60 102.69 26.46
CA THR MA 96 51.54 101.36 27.06
C THR MA 96 51.06 101.39 28.50
N LYS MA 97 51.55 102.32 29.35
CA LYS MA 97 51.12 102.41 30.73
C LYS MA 97 49.65 102.79 30.89
N GLU MA 98 49.13 103.75 30.10
CA GLU MA 98 47.70 104.04 30.05
C GLU MA 98 46.88 102.82 29.63
N ALA MA 99 47.33 102.07 28.60
CA ALA MA 99 46.71 100.82 28.20
C ALA MA 99 46.71 99.76 29.30
N LEU MA 100 47.84 99.57 30.02
CA LEU MA 100 47.92 98.71 31.19
C LEU MA 100 47.01 99.13 32.35
N ASP MA 101 46.92 100.44 32.66
CA ASP MA 101 46.00 100.99 33.64
C ASP MA 101 44.54 100.73 33.29
N LYS MA 102 44.17 100.89 32.01
CA LYS MA 102 42.87 100.50 31.49
C LYS MA 102 42.60 99.00 31.57
N ILE MA 103 43.59 98.13 31.26
CA ILE MA 103 43.52 96.69 31.46
C ILE MA 103 43.29 96.31 32.92
N GLU MA 104 44.05 96.92 33.86
CA GLU MA 104 43.84 96.78 35.29
C GLU MA 104 42.48 97.28 35.79
N GLU MA 105 42.00 98.45 35.28
CA GLU MA 105 40.67 98.96 35.59
C GLU MA 105 39.56 98.02 35.15
N GLU MA 106 39.63 97.50 33.91
CA GLU MA 106 38.73 96.49 33.37
C GLU MA 106 38.81 95.15 34.09
N GLN MA 107 40.03 94.66 34.41
CA GLN MA 107 40.23 93.51 35.27
C GLN MA 107 39.70 93.66 36.69
N ASN MA 108 39.90 94.81 37.35
CA ASN MA 108 39.32 95.12 38.65
C ASN MA 108 37.78 95.13 38.62
N LYS MA 109 37.19 95.74 37.57
CA LYS MA 109 35.77 95.67 37.26
C LYS MA 109 35.25 94.26 37.04
N SER MA 110 35.98 93.45 36.24
CA SER MA 110 35.72 92.03 36.03
C SER MA 110 35.85 91.21 37.31
N LYS MA 111 36.87 91.49 38.14
CA LYS MA 111 37.13 90.90 39.45
C LYS MA 111 36.01 91.12 40.45
N LYS MA 112 35.43 92.33 40.49
CA LYS MA 112 34.24 92.63 41.27
C LYS MA 112 33.04 91.77 40.88
N LYS MA 113 32.88 91.44 39.58
CA LYS MA 113 31.83 90.58 39.09
C LYS MA 113 32.23 89.10 39.00
N ALA MA 114 33.38 88.71 39.59
CA ALA MA 114 33.84 87.34 39.59
C ALA MA 114 33.63 86.65 40.93
N GLN MA 115 33.02 87.33 41.92
CA GLN MA 115 32.70 86.75 43.21
C GLN MA 115 31.25 87.09 43.63
C1 MYR NA . 6.96 -37.81 -13.43
O1 MYR NA . 5.95 -37.67 -14.11
C2 MYR NA . 8.28 -38.18 -14.08
C3 MYR NA . 8.16 -38.33 -15.61
C4 MYR NA . 9.42 -38.94 -16.25
C5 MYR NA . 9.53 -40.46 -16.03
C6 MYR NA . 10.68 -41.10 -16.83
C7 MYR NA . 10.60 -42.64 -16.89
C8 MYR NA . 10.88 -43.33 -15.55
C9 MYR NA . 10.83 -44.86 -15.70
C10 MYR NA . 11.33 -45.64 -14.47
C11 MYR NA . 10.42 -45.51 -13.23
C12 MYR NA . 10.93 -46.31 -12.03
C13 MYR NA . 10.77 -47.83 -12.15
C14 MYR NA . 11.39 -48.60 -10.99
C1 MYR OA . -12.99 14.91 -34.03
O1 MYR OA . -14.13 14.65 -33.66
C2 MYR OA . -12.39 14.12 -35.15
C3 MYR OA . -13.02 14.44 -36.51
C4 MYR OA . -12.69 13.38 -37.58
C5 MYR OA . -13.29 13.70 -38.96
C6 MYR OA . -12.44 14.68 -39.77
C7 MYR OA . -13.02 14.98 -41.15
C8 MYR OA . -14.10 16.08 -41.14
C9 MYR OA . -14.71 16.30 -42.54
C10 MYR OA . -15.48 17.63 -42.67
C11 MYR OA . -16.67 17.76 -41.72
C12 MYR OA . -17.34 19.14 -41.78
C13 MYR OA . -18.06 19.47 -43.10
C14 MYR OA . -19.17 18.49 -43.49
C1 MYR PA . 33.39 13.51 6.21
O1 MYR PA . 34.33 12.99 6.81
C2 MYR PA . 33.57 14.74 5.47
C3 MYR PA . 34.37 14.29 4.25
C4 MYR PA . 34.12 12.99 3.39
C5 MYR PA . 34.54 13.03 1.85
C6 MYR PA . 35.33 12.15 0.81
C7 MYR PA . 34.85 10.70 0.58
C8 MYR PA . 35.58 10.04 -0.59
C9 MYR PA . 35.39 8.52 -0.67
C10 MYR PA . 33.94 8.06 -0.48
C11 MYR PA . 33.76 6.57 -0.80
C12 MYR PA . 32.46 6.00 -0.22
C13 MYR PA . 32.35 4.47 -0.28
C14 MYR PA . 32.56 3.86 -1.67
C1 MYR QA . -24.85 68.01 -39.68
O1 MYR QA . -23.65 68.18 -39.49
C2 MYR QA . -25.39 68.18 -41.08
C3 MYR QA . -24.81 67.13 -42.05
C4 MYR QA . -25.27 67.38 -43.50
C5 MYR QA . -24.74 66.34 -44.52
C6 MYR QA . -23.21 66.21 -44.51
C7 MYR QA . -22.67 65.35 -45.66
C8 MYR QA . -21.15 65.16 -45.57
C9 MYR QA . -20.55 64.38 -46.74
C10 MYR QA . -19.05 64.13 -46.58
C11 MYR QA . -18.44 63.32 -47.74
C12 MYR QA . -16.97 62.99 -47.51
C13 MYR QA . -16.37 62.16 -48.65
C14 MYR QA . -14.89 61.80 -48.43
C1 MYR RA . -5.68 16.22 -23.95
O1 MYR RA . -5.78 15.01 -24.14
C2 MYR RA . -4.49 16.97 -24.45
C3 MYR RA . -3.17 16.60 -23.73
C4 MYR RA . -2.15 15.85 -24.61
C5 MYR RA . -2.42 14.36 -24.79
C6 MYR RA . -1.26 13.65 -25.50
C7 MYR RA . -1.38 12.12 -25.54
C8 MYR RA . -2.58 11.60 -26.34
C9 MYR RA . -2.49 10.08 -26.57
C10 MYR RA . -3.67 9.53 -27.40
C11 MYR RA . -3.44 8.06 -27.79
C12 MYR RA . -4.61 7.45 -28.58
C13 MYR RA . -4.31 6.02 -29.05
C14 MYR RA . -5.49 5.36 -29.77
C1 MYR SA . -54.50 17.58 -53.40
O1 MYR SA . -53.70 18.39 -52.95
C2 MYR SA . -53.98 16.57 -54.38
C3 MYR SA . -52.80 17.15 -55.21
C4 MYR SA . -52.72 16.69 -56.67
C5 MYR SA . -53.20 17.74 -57.68
C6 MYR SA . -52.76 17.43 -59.12
C7 MYR SA . -53.36 18.42 -60.12
C8 MYR SA . -52.92 18.15 -61.57
C9 MYR SA . -53.54 19.14 -62.56
C10 MYR SA . -53.07 18.90 -64.01
C11 MYR SA . -53.77 19.82 -65.04
C12 MYR SA . -53.58 21.32 -64.81
C13 MYR SA . -52.12 21.81 -64.77
C14 MYR SA . -51.32 21.55 -66.04
C1 MYR TA . 27.67 2.98 -1.01
O1 MYR TA . 27.10 3.87 -1.63
C2 MYR TA . 28.68 2.15 -1.73
C3 MYR TA . 28.33 2.07 -3.25
C4 MYR TA . 29.39 1.37 -4.12
C5 MYR TA . 30.39 2.36 -4.74
C6 MYR TA . 31.65 1.69 -5.33
C7 MYR TA . 31.37 0.47 -6.21
C8 MYR TA . 32.65 -0.17 -6.80
C9 MYR TA . 32.43 -1.62 -7.27
C10 MYR TA . 31.59 -1.75 -8.54
C11 MYR TA . 30.94 -3.13 -8.68
C12 MYR TA . 30.03 -3.24 -9.92
C13 MYR TA . 29.15 -4.48 -9.90
C14 MYR TA . 28.19 -4.57 -11.09
C1 MYR UA . 55.69 53.30 17.79
O1 MYR UA . 56.71 53.82 18.22
C2 MYR UA . 55.32 53.47 16.35
C3 MYR UA . 56.17 52.54 15.44
C4 MYR UA . 55.83 52.71 13.95
C5 MYR UA . 56.81 51.99 13.01
C6 MYR UA . 56.96 50.48 13.28
C7 MYR UA . 57.65 49.72 12.15
C8 MYR UA . 59.05 50.21 11.79
C9 MYR UA . 60.06 50.13 12.93
C10 MYR UA . 61.48 50.55 12.51
C11 MYR UA . 62.54 50.35 13.61
C12 MYR UA . 62.32 51.23 14.84
C13 MYR UA . 63.46 51.17 15.86
C14 MYR UA . 63.69 49.78 16.47
C1 MYR VA . 74.71 0.14 39.02
O1 MYR VA . 74.71 1.31 38.63
C2 MYR VA . 75.87 -0.75 38.69
C3 MYR VA . 76.50 -0.50 37.30
C4 MYR VA . 77.30 0.80 37.09
C5 MYR VA . 78.05 0.75 35.76
C6 MYR VA . 78.59 2.12 35.32
C7 MYR VA . 79.42 2.07 34.02
C8 MYR VA . 80.69 1.21 34.10
C9 MYR VA . 81.68 1.67 35.18
C10 MYR VA . 82.92 0.77 35.29
C11 MYR VA . 83.88 1.28 36.38
C12 MYR VA . 85.08 0.35 36.66
C13 MYR VA . 84.68 -0.94 37.39
C14 MYR VA . 85.88 -1.80 37.77
C1 MYR WA . 18.04 -76.85 9.25
O1 MYR WA . 17.43 -77.47 8.40
C2 MYR WA . 19.42 -76.33 8.89
C3 MYR WA . 19.69 -76.24 7.37
C4 MYR WA . 18.86 -75.19 6.60
C5 MYR WA . 17.73 -75.76 5.71
C6 MYR WA . 18.14 -76.29 4.32
C7 MYR WA . 18.84 -77.66 4.35
C8 MYR WA . 18.76 -78.41 3.02
C9 MYR WA . 19.34 -79.83 3.14
C10 MYR WA . 19.18 -80.65 1.85
C11 MYR WA . 19.71 -82.09 2.01
C12 MYR WA . 19.52 -82.92 0.73
C13 MYR WA . 20.03 -84.37 0.89
C14 MYR WA . 19.84 -85.21 -0.37
C1 MYR XA . -31.17 -73.80 -24.04
O1 MYR XA . -30.19 -74.04 -23.33
C2 MYR XA . -31.13 -74.22 -25.48
C3 MYR XA . -30.36 -75.54 -25.67
C4 MYR XA . -30.13 -75.95 -27.13
C5 MYR XA . -29.47 -77.33 -27.21
C6 MYR XA . -29.02 -77.74 -28.62
C7 MYR XA . -28.60 -79.22 -28.66
C8 MYR XA . -28.30 -79.72 -30.09
C9 MYR XA . -27.89 -81.19 -30.11
C10 MYR XA . -27.78 -81.79 -31.53
C11 MYR XA . -26.67 -81.17 -32.38
C12 MYR XA . -26.58 -81.75 -33.81
C13 MYR XA . -26.30 -83.26 -33.89
C14 MYR XA . -25.00 -83.71 -33.21
C1 MYR YA . 1.09 -25.04 -12.83
O1 MYR YA . 2.07 -24.36 -12.58
C2 MYR YA . 0.43 -24.88 -14.16
C3 MYR YA . 1.38 -25.34 -15.30
C4 MYR YA . 0.64 -25.59 -16.62
C5 MYR YA . 1.42 -26.49 -17.60
C6 MYR YA . 2.53 -25.79 -18.38
C7 MYR YA . 3.08 -26.56 -19.59
C8 MYR YA . 4.33 -27.41 -19.28
C9 MYR YA . 5.62 -26.59 -19.17
C10 MYR YA . 6.90 -27.42 -18.97
C11 MYR YA . 7.08 -27.94 -17.53
C12 MYR YA . 7.20 -29.47 -17.47
C13 MYR YA . 5.90 -30.20 -17.79
C14 MYR YA . 4.84 -30.10 -16.69
C1 MYR ZA . -75.33 -59.83 -52.01
O1 MYR ZA . -75.11 -58.70 -52.42
C2 MYR ZA . -75.62 -60.95 -52.98
C3 MYR ZA . -74.60 -61.02 -54.12
C4 MYR ZA . -74.77 -62.28 -54.98
C5 MYR ZA . -73.97 -62.26 -56.29
C6 MYR ZA . -72.48 -61.89 -56.11
C7 MYR ZA . -71.67 -62.06 -57.41
C8 MYR ZA . -70.26 -61.47 -57.31
C9 MYR ZA . -70.24 -59.94 -57.43
C10 MYR ZA . -68.82 -59.33 -57.39
C11 MYR ZA . -68.11 -59.43 -56.04
C12 MYR ZA . -68.77 -58.61 -54.92
C13 MYR ZA . -68.03 -58.66 -53.58
C14 MYR ZA . -66.61 -58.10 -53.60
C1 MYR AB . -22.49 -64.98 -21.01
O1 MYR AB . -21.84 -65.92 -20.55
C2 MYR AB . -21.98 -64.15 -22.15
C3 MYR AB . -23.00 -63.07 -22.59
C4 MYR AB . -22.63 -62.34 -23.90
C5 MYR AB . -23.04 -63.14 -25.15
C6 MYR AB . -22.72 -62.39 -26.45
C7 MYR AB . -23.30 -63.03 -27.73
C8 MYR AB . -22.84 -64.48 -27.98
C9 MYR AB . -22.91 -64.88 -29.47
C10 MYR AB . -24.31 -64.79 -30.11
C11 MYR AB . -25.28 -65.89 -29.65
C12 MYR AB . -26.68 -65.78 -30.27
C13 MYR AB . -26.72 -65.91 -31.80
C14 MYR AB . -28.15 -65.88 -32.37
C1 MYR BB . -57.63 -112.78 -26.40
O1 MYR BB . -56.80 -112.45 -27.24
C2 MYR BB . -57.69 -114.20 -25.94
C3 MYR BB . -59.04 -114.56 -25.22
C4 MYR BB . -60.28 -114.45 -26.12
C5 MYR BB . -61.55 -115.05 -25.50
C6 MYR BB . -62.05 -114.27 -24.27
C7 MYR BB . -63.42 -114.76 -23.79
C8 MYR BB . -63.95 -114.00 -22.55
C9 MYR BB . -64.29 -112.54 -22.84
C10 MYR BB . -64.89 -111.82 -21.62
C11 MYR BB . -65.26 -110.36 -21.90
C12 MYR BB . -65.85 -109.64 -20.68
C13 MYR BB . -66.22 -108.18 -20.96
C14 MYR BB . -66.81 -107.46 -19.74
C1 MYR CB . -46.68 108.89 -51.38
O1 MYR CB . -46.47 109.42 -52.48
C2 MYR CB . -46.84 107.41 -51.28
C3 MYR CB . -45.53 106.66 -51.62
C4 MYR CB . -44.44 106.87 -50.55
C5 MYR CB . -43.11 106.21 -50.94
C6 MYR CB . -42.05 106.19 -49.81
C7 MYR CB . -41.69 107.58 -49.26
C8 MYR CB . -42.45 107.96 -47.98
C9 MYR CB . -41.97 109.28 -47.37
C10 MYR CB . -42.63 109.59 -46.02
C11 MYR CB . -42.16 110.91 -45.38
C12 MYR CB . -40.66 110.94 -45.04
C13 MYR CB . -40.26 112.22 -44.29
C14 MYR CB . -38.74 112.33 -44.06
C1 MYR DB . 5.01 107.39 -20.90
O1 MYR DB . 6.13 106.91 -20.73
C2 MYR DB . 4.64 108.16 -22.12
C3 MYR DB . 5.06 107.66 -23.54
C4 MYR DB . 4.85 106.17 -23.83
C5 MYR DB . 5.57 105.78 -25.13
C6 MYR DB . 5.13 104.42 -25.70
C7 MYR DB . 6.04 103.95 -26.85
C8 MYR DB . 7.39 103.37 -26.40
C9 MYR DB . 7.29 102.06 -25.57
C10 MYR DB . 6.77 100.87 -26.38
C11 MYR DB . 6.31 99.68 -25.52
C12 MYR DB . 5.03 99.99 -24.71
C13 MYR DB . 4.31 98.73 -24.23
C14 MYR DB . 2.95 99.03 -23.60
C1 MYR EB . -22.65 55.48 -39.17
O1 MYR EB . -23.49 55.48 -40.07
C2 MYR EB . -21.36 54.75 -39.37
C3 MYR EB . -20.79 54.84 -40.81
C4 MYR EB . -20.23 56.23 -41.14
C5 MYR EB . -19.62 56.31 -42.54
C6 MYR EB . -19.26 57.74 -42.94
C7 MYR EB . -18.98 57.92 -44.43
C8 MYR EB . -18.52 59.33 -44.82
C9 MYR EB . -19.42 60.48 -44.30
C10 MYR EB . -20.89 60.41 -44.73
C11 MYR EB . -21.09 60.39 -46.25
C12 MYR EB . -22.57 60.56 -46.64
C13 MYR EB . -22.82 60.54 -48.16
C14 MYR EB . -22.17 61.68 -48.94
C1 MYR FB . 65.69 3.42 32.10
O1 MYR FB . 66.47 4.22 31.62
C2 MYR FB . 64.99 2.47 31.13
C3 MYR FB . 65.87 1.95 29.92
C4 MYR FB . 65.96 2.84 28.64
C5 MYR FB . 66.67 2.19 27.39
C6 MYR FB . 66.18 2.81 26.00
C7 MYR FB . 66.16 2.22 24.43
C8 MYR FB . 66.95 1.78 22.98
C9 MYR FB . 67.61 2.38 21.66
C10 MYR FB . 68.45 1.30 20.90
C11 MYR FB . 69.07 1.81 19.60
C12 MYR FB . 70.23 2.80 19.81
C13 MYR FB . 70.91 3.21 18.48
C14 MYR FB . 72.06 4.20 18.68
C1 MYR GB . 104.13 3.37 70.76
O1 MYR GB . 104.96 4.24 70.48
C2 MYR GB . 102.75 3.45 70.17
C3 MYR GB . 102.19 2.05 69.78
C4 MYR GB . 103.01 1.33 68.69
C5 MYR GB . 102.51 -0.09 68.39
C6 MYR GB . 102.86 -1.11 69.48
C7 MYR GB . 102.36 -2.54 69.18
C8 MYR GB . 103.01 -3.19 67.95
C9 MYR GB . 102.48 -4.60 67.65
C10 MYR GB . 102.95 -5.67 68.65
C11 MYR GB . 102.42 -7.07 68.27
C12 MYR GB . 102.96 -8.18 69.20
C13 MYR GB . 102.35 -9.56 68.93
C14 MYR GB . 102.57 -10.09 67.50
C1 MYR HB . 80.17 -48.80 56.27
O1 MYR HB . 80.86 -49.38 55.43
C2 MYR HB . 80.84 -48.08 57.40
C3 MYR HB . 81.55 -46.79 56.95
C4 MYR HB . 80.61 -45.74 56.34
C5 MYR HB . 81.25 -44.35 56.16
C6 MYR HB . 81.96 -44.12 54.81
C7 MYR HB . 83.22 -44.97 54.60
C8 MYR HB . 84.06 -44.52 53.38
C9 MYR HB . 83.34 -44.68 52.04
C10 MYR HB . 84.21 -44.28 50.84
C11 MYR HB . 83.49 -44.45 49.50
C12 MYR HB . 84.36 -44.05 48.30
C13 MYR HB . 83.63 -44.22 46.95
C14 MYR HB . 84.49 -43.83 45.75
C1 MYR IB . 77.03 -36.62 51.46
O1 MYR IB . 77.73 -35.80 52.05
C2 MYR IB . 77.34 -37.01 50.03
C3 MYR IB . 78.77 -36.60 49.58
C4 MYR IB . 79.89 -37.34 50.33
C5 MYR IB . 81.29 -36.85 49.95
C6 MYR IB . 82.39 -37.47 50.82
C7 MYR IB . 83.81 -37.01 50.44
C8 MYR IB . 84.91 -37.54 51.37
C9 MYR IB . 84.98 -39.07 51.45
C10 MYR IB . 86.15 -39.57 52.30
C11 MYR IB . 86.10 -41.10 52.51
C12 MYR IB . 87.11 -41.61 53.56
C13 MYR IB . 88.57 -41.41 53.17
C14 MYR IB . 89.55 -42.00 54.20
C1 MYR JB . 90.29 -86.30 76.94
O1 MYR JB . 89.95 -87.45 76.66
C2 MYR JB . 91.57 -85.73 76.40
C3 MYR JB . 92.17 -86.54 75.22
C4 MYR JB . 91.27 -86.57 73.97
C5 MYR JB . 91.95 -87.28 72.78
C6 MYR JB . 90.99 -87.53 71.61
C7 MYR JB . 90.00 -88.68 71.86
C8 MYR JB . 88.99 -88.84 70.72
C9 MYR JB . 88.04 -90.03 70.95
C10 MYR JB . 87.07 -90.27 69.78
C11 MYR JB . 86.08 -89.12 69.51
C12 MYR JB . 85.20 -88.76 70.71
C13 MYR JB . 84.14 -87.69 70.41
C14 MYR JB . 83.05 -88.12 69.43
C1 MYR KB . 46.24 -86.89 36.05
O1 MYR KB . 45.98 -86.23 35.04
C2 MYR KB . 47.14 -88.10 35.95
C3 MYR KB . 48.54 -87.79 35.40
C4 MYR KB . 49.47 -87.04 36.36
C5 MYR KB . 50.84 -86.79 35.71
C6 MYR KB . 51.81 -85.94 36.53
C7 MYR KB . 52.22 -86.58 37.87
C8 MYR KB . 53.46 -85.91 38.48
C9 MYR KB . 53.23 -84.46 38.93
C10 MYR KB . 54.54 -83.67 39.01
C11 MYR KB . 54.34 -82.25 39.56
C12 MYR KB . 55.63 -81.42 39.61
C13 MYR KB . 56.27 -81.19 38.24
C14 MYR KB . 57.44 -80.21 38.28
C1 MYR LB . 54.37 -76.87 42.86
O1 MYR LB . 55.07 -77.76 43.35
C2 MYR LB . 54.84 -76.18 41.63
C3 MYR LB . 55.01 -77.11 40.40
C4 MYR LB . 53.73 -77.36 39.61
C5 MYR LB . 54.05 -78.01 38.26
C6 MYR LB . 52.85 -78.17 37.31
C7 MYR LB . 51.77 -79.13 37.83
C8 MYR LB . 51.01 -79.81 36.68
C9 MYR LB . 51.80 -80.96 36.05
C10 MYR LB . 51.16 -81.51 34.76
C11 MYR LB . 52.00 -82.62 34.13
C12 MYR LB . 51.49 -83.10 32.76
C13 MYR LB . 51.60 -82.04 31.66
C14 MYR LB . 51.17 -82.53 30.27
C1 MYR MB . 19.45 -125.55 30.73
O1 MYR MB . 18.37 -125.72 30.18
C2 MYR MB . 20.34 -126.75 30.98
C3 MYR MB . 20.39 -127.65 29.72
C4 MYR MB . 21.36 -128.83 29.86
C5 MYR MB . 21.31 -129.78 28.65
C6 MYR MB . 21.68 -129.11 27.32
C7 MYR MB . 21.61 -130.07 26.11
C8 MYR MB . 22.02 -129.42 24.77
C9 MYR MB . 21.25 -128.14 24.40
C10 MYR MB . 19.73 -128.32 24.26
C11 MYR MB . 18.96 -127.00 24.11
C12 MYR MB . 19.33 -126.15 22.89
C13 MYR MB . 19.01 -126.83 21.54
C14 MYR MB . 19.28 -125.92 20.34
C1 MYR NB . 8.70 -75.93 1.59
O1 MYR NB . 9.20 -74.91 2.06
C2 MYR NB . 8.59 -76.09 0.10
C3 MYR NB . 9.01 -77.50 -0.35
C4 MYR NB . 9.23 -77.64 -1.87
C5 MYR NB . 10.31 -76.69 -2.39
C6 MYR NB . 10.82 -77.03 -3.80
C7 MYR NB . 11.83 -76.00 -4.35
C8 MYR NB . 13.05 -75.79 -3.45
C9 MYR NB . 14.08 -74.81 -4.04
C10 MYR NB . 15.25 -74.53 -3.09
C11 MYR NB . 16.26 -73.50 -3.61
C12 MYR NB . 17.04 -73.98 -4.84
C13 MYR NB . 18.11 -72.96 -5.30
C14 MYR NB . 18.89 -73.41 -6.53
C1 MYR OB . -115.96 -58.90 -68.52
O1 MYR OB . -115.38 -59.36 -69.50
C2 MYR OB . -115.28 -58.88 -67.18
C3 MYR OB . -113.84 -58.29 -67.25
C4 MYR OB . -113.73 -56.89 -67.89
C5 MYR OB . -114.67 -55.83 -67.28
C6 MYR OB . -114.43 -54.43 -67.88
C7 MYR OB . -115.48 -53.41 -67.43
C8 MYR OB . -115.29 -52.01 -68.05
C9 MYR OB . -114.06 -51.26 -67.54
C10 MYR OB . -113.96 -49.84 -68.12
C11 MYR OB . -112.72 -49.05 -67.64
C12 MYR OB . -112.74 -48.71 -66.13
C13 MYR OB . -111.62 -47.74 -65.71
C14 MYR OB . -110.20 -48.30 -65.88
C1 MYR PB . -81.71 -7.28 -64.86
O1 MYR PB . -80.64 -7.87 -65.07
C2 MYR PB . -82.89 -7.55 -65.74
C3 MYR PB . -82.54 -8.56 -66.87
C4 MYR PB . -83.58 -8.67 -67.99
C5 MYR PB . -83.09 -9.66 -69.08
C6 MYR PB . -83.89 -9.67 -70.38
C7 MYR PB . -83.92 -8.34 -71.17
C8 MYR PB . -82.54 -7.73 -71.48
C9 MYR PB . -81.56 -8.66 -72.19
C10 MYR PB . -80.24 -7.99 -72.62
C11 MYR PB . -79.49 -7.24 -71.51
C12 MYR PB . -79.12 -8.11 -70.29
C13 MYR PB . -78.34 -7.34 -69.22
C14 MYR PB . -78.02 -8.17 -67.99
C1 MYR QB . -65.65 -62.74 -42.95
O1 MYR QB . -65.11 -63.84 -43.11
C2 MYR QB . -64.81 -61.52 -42.70
C3 MYR QB . -63.91 -61.12 -43.89
C4 MYR QB . -64.61 -60.35 -45.03
C5 MYR QB . -65.58 -61.19 -45.88
C6 MYR QB . -66.04 -60.48 -47.17
C7 MYR QB . -64.95 -60.40 -48.25
C8 MYR QB . -65.40 -59.73 -49.55
C9 MYR QB . -66.46 -60.52 -50.34
C10 MYR QB . -65.96 -61.89 -50.85
C11 MYR QB . -66.89 -62.56 -51.87
C12 MYR QB . -68.26 -62.93 -51.30
C13 MYR QB . -69.16 -63.69 -52.29
C14 MYR QB . -69.49 -62.92 -53.57
C1 MYR RB . -48.82 28.42 -50.18
O1 MYR RB . -47.63 28.14 -49.99
C2 MYR RB . -49.24 29.43 -51.23
C3 MYR RB . -48.32 29.36 -52.46
C4 MYR RB . -48.93 29.48 -53.86
C5 MYR RB . -49.88 28.33 -54.30
C6 MYR RB . -49.20 27.14 -54.98
C7 MYR RB . -50.12 26.34 -55.91
C8 MYR RB . -49.47 25.04 -56.43
C9 MYR RB . -48.39 25.28 -57.49
C10 MYR RB . -47.68 23.98 -57.95
C11 MYR RB . -46.74 23.37 -56.90
C12 MYR RB . -45.47 24.22 -56.64
C13 MYR RB . -44.55 23.60 -55.59
C14 MYR RB . -43.30 24.44 -55.29
C1 MYR SB . -80.07 -19.81 -59.94
O1 MYR SB . -80.44 -20.75 -60.63
C2 MYR SB . -79.52 -18.53 -60.51
C3 MYR SB . -78.27 -18.60 -61.27
C4 MYR SB . -77.47 -19.71 -60.66
C5 MYR SB . -76.05 -19.74 -61.25
C6 MYR SB . -75.50 -18.57 -62.24
C7 MYR SB . -75.17 -18.69 -63.77
C8 MYR SB . -75.78 -17.62 -64.69
C9 MYR SB . -77.31 -17.41 -64.65
C10 MYR SB . -77.80 -16.23 -65.50
C11 MYR SB . -77.59 -16.42 -67.01
C12 MYR SB . -78.16 -15.26 -67.83
C13 MYR SB . -77.96 -15.45 -69.35
C14 MYR SB . -78.55 -14.29 -70.17
C1 MYR TB . -104.19 33.92 -75.76
O1 MYR TB . -104.84 32.89 -75.95
C2 MYR TB . -104.82 35.26 -75.97
C3 MYR TB . -105.44 35.82 -74.66
C4 MYR TB . -106.11 37.20 -74.84
C5 MYR TB . -105.20 38.30 -75.41
C6 MYR TB . -103.95 38.58 -74.56
C7 MYR TB . -103.05 39.70 -75.12
C8 MYR TB . -102.38 39.35 -76.45
C9 MYR TB . -101.40 40.44 -76.91
C10 MYR TB . -100.56 40.04 -78.14
C11 MYR TB . -101.37 39.60 -79.38
C12 MYR TB . -102.31 40.68 -79.92
C13 MYR TB . -103.04 40.23 -81.20
C14 MYR TB . -103.99 41.30 -81.76
C1 MYR UB . 46.14 92.74 12.21
O1 MYR UB . 46.29 91.76 11.48
C2 MYR UB . 46.80 94.04 11.81
C3 MYR UB . 46.60 94.40 10.31
C4 MYR UB . 47.61 95.42 9.71
C5 MYR UB . 47.22 95.97 8.31
C6 MYR UB . 47.88 95.32 7.09
C7 MYR UB . 47.25 93.99 6.66
C8 MYR UB . 47.95 93.34 5.46
C9 MYR UB . 47.62 94.00 4.11
C10 MYR UB . 46.63 93.20 3.24
C11 MYR UB . 45.24 93.02 3.87
C12 MYR UB . 44.30 92.20 2.98
C13 MYR UB . 42.92 91.92 3.61
C14 MYR UB . 42.06 93.17 3.82
C1 MYR VB . -1.86 97.05 -25.49
O1 MYR VB . -2.28 98.07 -26.01
C2 MYR VB . -0.62 96.41 -26.05
C3 MYR VB . 0.33 97.49 -26.61
C4 MYR VB . 1.63 96.94 -27.22
C5 MYR VB . 2.31 97.93 -28.18
C6 MYR VB . 2.41 99.36 -27.63
C7 MYR VB . 3.04 100.36 -28.60
C8 MYR VB . 2.94 101.83 -28.12
C9 MYR VB . 1.49 102.36 -28.08
C10 MYR VB . 1.38 103.83 -27.63
C11 MYR VB . 2.00 104.82 -28.63
C12 MYR VB . 1.69 106.29 -28.29
C13 MYR VB . 2.27 106.74 -26.94
C14 MYR VB . 2.00 108.21 -26.63
C1 MYR WB . 24.24 148.25 -1.42
O1 MYR WB . 25.16 148.48 -0.63
C2 MYR WB . 23.79 149.32 -2.38
C3 MYR WB . 22.57 148.88 -3.24
C4 MYR WB . 21.97 150.00 -4.13
C5 MYR WB . 22.95 150.69 -5.09
C6 MYR WB . 23.75 149.74 -5.99
C7 MYR WB . 24.58 150.49 -7.05
C8 MYR WB . 25.65 149.62 -7.71
C9 MYR WB . 26.55 150.41 -8.66
C10 MYR WB . 27.71 149.58 -9.22
C11 MYR WB . 28.63 150.40 -10.14
C12 MYR WB . 29.90 149.65 -10.59
C13 MYR WB . 29.61 148.43 -11.47
C14 MYR WB . 30.88 147.74 -11.98
C1 MYR XB . 83.09 94.14 43.44
O1 MYR XB . 84.01 93.41 43.79
C2 MYR XB . 83.34 95.49 42.86
C3 MYR XB . 82.69 95.70 41.47
C4 MYR XB . 83.10 94.64 40.43
C5 MYR XB . 82.98 95.16 38.98
C6 MYR XB . 83.20 94.08 37.91
C7 MYR XB . 84.46 93.24 38.11
C8 MYR XB . 84.78 92.37 36.89
C9 MYR XB . 85.80 91.26 37.16
C10 MYR XB . 85.15 90.01 37.81
C11 MYR XB . 86.13 88.84 37.94
C12 MYR XB . 85.46 87.51 38.33
C13 MYR XB . 84.52 86.94 37.25
C14 MYR XB . 84.01 85.54 37.57
C1 MYR YB . 58.28 43.67 23.15
O1 MYR YB . 59.04 42.74 23.33
C2 MYR YB . 58.83 44.93 22.51
C3 MYR YB . 60.35 44.91 22.16
C4 MYR YB . 60.70 44.52 20.71
C5 MYR YB . 60.41 43.05 20.35
C6 MYR YB . 60.57 42.72 18.85
C7 MYR YB . 61.98 42.37 18.38
C8 MYR YB . 62.05 41.87 16.94
C9 MYR YB . 63.49 41.45 16.55
C10 MYR YB . 63.58 40.80 15.17
C11 MYR YB . 65.03 40.43 14.76
C12 MYR YB . 65.71 39.41 15.66
C13 MYR YB . 65.08 38.00 15.61
C14 MYR YB . 65.74 37.00 16.56
C1 MYR ZB . 35.81 98.17 1.58
O1 MYR ZB . 34.66 98.56 1.67
C2 MYR ZB . 36.58 98.28 0.29
C3 MYR ZB . 37.70 97.21 0.15
C4 MYR ZB . 39.07 97.54 0.77
C5 MYR ZB . 40.11 96.44 0.45
C6 MYR ZB . 41.54 96.78 0.92
C7 MYR ZB . 41.70 96.77 2.44
C8 MYR ZB . 43.16 96.99 2.89
C9 MYR ZB . 43.31 97.01 4.42
C10 MYR ZB . 44.77 97.13 4.90
C11 MYR ZB . 45.45 98.45 4.49
C12 MYR ZB . 46.89 98.56 5.03
C13 MYR ZB . 47.60 99.87 4.64
C14 MYR ZB . 47.85 100.03 3.13
#